data_2YUF
#
_entry.id   2YUF
#
_entity_poly.entity_id   1
_entity_poly.type   'polypeptide(L)'
_entity_poly.pdbx_seq_one_letter_code
;GSSGSSGEALDAAAALSVAECVERMAPTLPKSDLNEVKELLKTNKKLAKMIGHIFEMNDDDPHKEEEIRKYSAIYGRFDS
KRKDGKHLTLHELTVNEAAAQLCVKDNALLTRRDELFALARQISREVTYKYTYRTTSGPSSG
;
_entity_poly.pdbx_strand_id   A
#
# COMPACT_ATOMS: atom_id res chain seq x y z
N GLY A 1 -6.52 24.24 7.18
CA GLY A 1 -6.21 22.79 7.22
C GLY A 1 -6.19 22.16 5.83
N SER A 2 -5.01 22.11 5.23
CA SER A 2 -4.86 21.53 3.89
C SER A 2 -5.70 22.30 2.88
N SER A 3 -5.44 22.05 1.60
CA SER A 3 -6.16 22.72 0.52
C SER A 3 -6.11 21.90 -0.77
N GLY A 4 -4.90 21.76 -1.31
CA GLY A 4 -4.72 21.00 -2.54
C GLY A 4 -3.73 19.88 -2.38
N SER A 5 -4.16 18.66 -2.69
CA SER A 5 -3.30 17.49 -2.59
C SER A 5 -2.32 17.44 -3.75
N SER A 6 -1.53 16.37 -3.81
CA SER A 6 -0.54 16.20 -4.87
C SER A 6 -1.19 15.57 -6.11
N GLY A 7 -0.38 15.33 -7.13
CA GLY A 7 -0.88 14.73 -8.35
C GLY A 7 -0.86 13.21 -8.32
N GLU A 8 -0.13 12.62 -9.26
CA GLU A 8 -0.03 11.16 -9.33
C GLU A 8 1.38 10.70 -8.96
N ALA A 9 1.47 9.48 -8.43
CA ALA A 9 2.76 8.92 -8.05
C ALA A 9 3.24 7.89 -9.06
N LEU A 10 2.59 6.73 -9.07
CA LEU A 10 2.95 5.66 -10.00
C LEU A 10 2.26 5.86 -11.34
N ASP A 11 2.67 5.06 -12.33
CA ASP A 11 2.10 5.14 -13.67
C ASP A 11 0.94 4.16 -13.82
N ALA A 12 0.19 4.30 -14.91
CA ALA A 12 -0.94 3.43 -15.17
C ALA A 12 -0.51 1.98 -15.40
N ALA A 13 0.70 1.83 -15.96
CA ALA A 13 1.24 0.51 -16.24
C ALA A 13 1.95 -0.06 -15.01
N ALA A 14 2.54 0.82 -14.21
CA ALA A 14 3.25 0.40 -13.01
C ALA A 14 2.27 -0.02 -11.92
N ALA A 15 1.13 0.65 -11.85
CA ALA A 15 0.12 0.35 -10.85
C ALA A 15 -0.51 -1.02 -11.10
N LEU A 16 -0.57 -1.41 -12.37
CA LEU A 16 -1.15 -2.69 -12.75
C LEU A 16 -0.33 -3.84 -12.18
N SER A 17 0.99 -3.68 -12.17
CA SER A 17 1.88 -4.71 -11.66
C SER A 17 1.71 -4.87 -10.15
N VAL A 18 1.33 -3.79 -9.47
CA VAL A 18 1.13 -3.81 -8.04
C VAL A 18 -0.20 -4.48 -7.68
N ALA A 19 -1.23 -4.20 -8.49
CA ALA A 19 -2.54 -4.77 -8.25
C ALA A 19 -2.61 -6.23 -8.70
N GLU A 20 -1.81 -6.57 -9.71
CA GLU A 20 -1.78 -7.93 -10.23
C GLU A 20 -0.94 -8.84 -9.33
N CYS A 21 0.08 -8.25 -8.70
CA CYS A 21 0.95 -9.01 -7.81
C CYS A 21 0.32 -9.21 -6.45
N VAL A 22 -0.36 -8.18 -5.96
CA VAL A 22 -1.03 -8.25 -4.66
C VAL A 22 -2.22 -9.20 -4.69
N GLU A 23 -2.85 -9.31 -5.87
CA GLU A 23 -4.00 -10.18 -6.03
C GLU A 23 -3.57 -11.63 -6.25
N ARG A 24 -2.32 -11.82 -6.68
CA ARG A 24 -1.79 -13.15 -6.94
C ARG A 24 -1.25 -13.78 -5.65
N MET A 25 -0.81 -12.94 -4.72
CA MET A 25 -0.26 -13.41 -3.47
C MET A 25 -1.36 -13.61 -2.43
N ALA A 26 -2.46 -12.88 -2.59
CA ALA A 26 -3.59 -12.98 -1.65
C ALA A 26 -4.09 -14.42 -1.55
N PRO A 27 -4.42 -15.05 -2.69
CA PRO A 27 -4.92 -16.43 -2.71
C PRO A 27 -4.02 -17.38 -1.92
N THR A 28 -2.72 -17.35 -2.21
CA THR A 28 -1.76 -18.21 -1.53
C THR A 28 -1.57 -17.77 -0.08
N LEU A 29 -1.70 -16.47 0.16
CA LEU A 29 -1.54 -15.92 1.51
C LEU A 29 -2.71 -16.32 2.40
N PRO A 30 -2.43 -16.67 3.67
CA PRO A 30 -3.46 -17.07 4.63
C PRO A 30 -4.27 -15.89 5.14
N LYS A 31 -5.39 -16.19 5.80
CA LYS A 31 -6.26 -15.15 6.34
C LYS A 31 -5.90 -14.84 7.79
N SER A 32 -6.43 -13.73 8.30
CA SER A 32 -6.17 -13.33 9.67
C SER A 32 -7.42 -13.48 10.54
N ASP A 33 -7.22 -13.93 11.77
CA ASP A 33 -8.33 -14.11 12.71
C ASP A 33 -8.94 -12.77 13.10
N LEU A 34 -10.12 -12.47 12.56
CA LEU A 34 -10.81 -11.23 12.86
C LEU A 34 -11.43 -11.26 14.24
N ASN A 35 -11.83 -12.46 14.68
CA ASN A 35 -12.44 -12.63 15.99
C ASN A 35 -11.40 -12.46 17.10
N GLU A 36 -10.18 -12.87 16.81
CA GLU A 36 -9.08 -12.77 17.78
C GLU A 36 -8.68 -11.32 17.99
N VAL A 37 -8.34 -10.64 16.89
CA VAL A 37 -7.92 -9.25 16.96
C VAL A 37 -9.02 -8.38 17.55
N LYS A 38 -10.27 -8.81 17.39
CA LYS A 38 -11.41 -8.06 17.92
C LYS A 38 -11.27 -7.82 19.42
N GLU A 39 -11.12 -8.91 20.18
CA GLU A 39 -10.98 -8.83 21.63
C GLU A 39 -9.76 -7.98 22.00
N LEU A 40 -8.75 -8.02 21.16
CA LEU A 40 -7.52 -7.26 21.41
C LEU A 40 -7.79 -5.76 21.41
N LEU A 41 -8.79 -5.35 20.62
CA LEU A 41 -9.15 -3.94 20.53
C LEU A 41 -9.77 -3.45 21.83
N LYS A 42 -10.78 -4.18 22.31
CA LYS A 42 -11.45 -3.81 23.56
C LYS A 42 -10.47 -3.79 24.73
N THR A 43 -9.39 -4.55 24.61
CA THR A 43 -8.38 -4.62 25.67
C THR A 43 -7.41 -3.44 25.55
N ASN A 44 -7.15 -3.02 24.32
CA ASN A 44 -6.23 -1.90 24.08
C ASN A 44 -7.00 -0.62 23.77
N LYS A 45 -6.27 0.48 23.63
CA LYS A 45 -6.88 1.78 23.35
C LYS A 45 -6.21 2.44 22.15
N LYS A 46 -4.88 2.50 22.20
CA LYS A 46 -4.12 3.11 21.11
C LYS A 46 -4.37 2.40 19.79
N LEU A 47 -4.48 1.08 19.85
CA LEU A 47 -4.72 0.27 18.65
C LEU A 47 -6.18 0.36 18.23
N ALA A 48 -7.07 0.54 19.22
CA ALA A 48 -8.50 0.65 18.95
C ALA A 48 -8.84 1.98 18.28
N LYS A 49 -8.15 3.04 18.71
CA LYS A 49 -8.39 4.36 18.16
C LYS A 49 -7.59 4.56 16.87
N MET A 50 -6.44 3.91 16.78
CA MET A 50 -5.60 4.02 15.59
C MET A 50 -6.27 3.38 14.38
N ILE A 51 -6.43 2.06 14.42
CA ILE A 51 -7.07 1.33 13.32
C ILE A 51 -8.07 0.31 13.84
N GLY A 52 -8.74 0.65 14.94
CA GLY A 52 -9.71 -0.25 15.52
C GLY A 52 -11.07 -0.12 14.88
N HIS A 53 -11.50 1.11 14.62
CA HIS A 53 -12.80 1.37 14.01
C HIS A 53 -12.89 0.70 12.64
N ILE A 54 -11.74 0.53 11.99
CA ILE A 54 -11.70 -0.10 10.67
C ILE A 54 -12.03 -1.58 10.76
N PHE A 55 -11.63 -2.21 11.86
CA PHE A 55 -11.89 -3.63 12.08
C PHE A 55 -13.37 -3.89 12.30
N GLU A 56 -14.00 -3.02 13.09
CA GLU A 56 -15.43 -3.16 13.39
C GLU A 56 -16.27 -2.77 12.18
N MET A 57 -15.77 -1.83 11.39
CA MET A 57 -16.49 -1.38 10.20
C MET A 57 -16.71 -2.53 9.23
N ASN A 58 -17.39 -2.24 8.13
CA ASN A 58 -17.68 -3.25 7.11
C ASN A 58 -16.56 -3.31 6.07
N ASP A 59 -16.75 -4.14 5.06
CA ASP A 59 -15.75 -4.30 4.00
C ASP A 59 -16.15 -3.48 2.77
N ASP A 60 -17.43 -3.49 2.44
CA ASP A 60 -17.93 -2.75 1.30
C ASP A 60 -18.29 -1.31 1.69
N ASP A 61 -17.32 -0.59 2.22
CA ASP A 61 -17.54 0.79 2.64
C ASP A 61 -16.44 1.70 2.10
N PRO A 62 -16.81 2.69 1.25
CA PRO A 62 -15.83 3.62 0.68
C PRO A 62 -14.95 4.28 1.73
N HIS A 63 -15.49 4.40 2.94
CA HIS A 63 -14.76 5.01 4.04
C HIS A 63 -13.60 4.11 4.48
N LYS A 64 -13.77 2.80 4.34
CA LYS A 64 -12.75 1.85 4.72
C LYS A 64 -11.46 2.08 3.94
N GLU A 65 -11.57 2.09 2.62
CA GLU A 65 -10.42 2.29 1.76
C GLU A 65 -9.77 3.65 2.03
N GLU A 66 -10.59 4.62 2.43
CA GLU A 66 -10.09 5.96 2.73
C GLU A 66 -9.32 5.97 4.04
N GLU A 67 -9.69 5.09 4.95
CA GLU A 67 -9.02 5.00 6.26
C GLU A 67 -7.75 4.17 6.16
N ILE A 68 -7.79 3.14 5.31
CA ILE A 68 -6.64 2.26 5.14
C ILE A 68 -5.59 2.91 4.24
N ARG A 69 -6.05 3.50 3.13
CA ARG A 69 -5.16 4.15 2.19
C ARG A 69 -4.38 5.28 2.86
N LYS A 70 -5.01 5.93 3.84
CA LYS A 70 -4.38 7.02 4.56
C LYS A 70 -3.41 6.50 5.61
N TYR A 71 -3.83 5.45 6.33
CA TYR A 71 -2.99 4.85 7.36
C TYR A 71 -1.85 4.07 6.75
N SER A 72 -2.09 3.50 5.57
CA SER A 72 -1.07 2.71 4.88
C SER A 72 0.04 3.61 4.35
N ALA A 73 0.92 4.04 5.24
CA ALA A 73 2.04 4.91 4.85
C ALA A 73 3.31 4.51 5.59
N ILE A 74 4.34 4.16 4.82
CA ILE A 74 5.63 3.76 5.39
C ILE A 74 6.71 4.80 5.10
N TYR A 75 6.60 5.46 3.95
CA TYR A 75 7.56 6.47 3.55
C TYR A 75 6.89 7.83 3.38
N GLY A 76 5.99 7.91 2.40
CA GLY A 76 5.30 9.16 2.15
C GLY A 76 4.52 9.66 3.35
N ARG A 77 4.01 10.87 3.26
CA ARG A 77 3.24 11.46 4.35
C ARG A 77 1.80 11.73 3.93
N PHE A 78 1.05 12.42 4.79
CA PHE A 78 -0.34 12.75 4.51
C PHE A 78 -0.61 14.23 4.75
N ASP A 79 0.40 15.05 4.54
CA ASP A 79 0.26 16.49 4.74
C ASP A 79 1.39 17.25 4.05
N SER A 80 1.04 18.19 3.19
CA SER A 80 2.03 18.98 2.48
C SER A 80 2.20 20.35 3.13
N LYS A 81 3.39 20.58 3.70
CA LYS A 81 3.68 21.85 4.37
C LYS A 81 5.06 22.37 3.95
N ARG A 82 5.26 23.67 4.08
CA ARG A 82 6.53 24.29 3.72
C ARG A 82 6.84 24.07 2.25
N LYS A 83 8.04 24.49 1.83
CA LYS A 83 8.46 24.34 0.45
C LYS A 83 9.40 23.14 0.30
N ASP A 84 9.18 22.12 1.13
CA ASP A 84 10.00 20.92 1.09
C ASP A 84 9.35 19.85 0.20
N GLY A 85 10.05 18.73 0.04
CA GLY A 85 9.54 17.65 -0.79
C GLY A 85 10.51 16.50 -0.91
N LYS A 86 11.20 16.19 0.17
CA LYS A 86 12.17 15.10 0.18
C LYS A 86 11.65 13.90 0.97
N HIS A 87 10.90 13.05 0.29
CA HIS A 87 10.34 11.85 0.93
C HIS A 87 10.08 10.75 -0.10
N LEU A 88 9.48 11.13 -1.22
CA LEU A 88 9.18 10.18 -2.28
C LEU A 88 9.91 10.55 -3.57
N THR A 89 10.54 9.55 -4.19
CA THR A 89 11.28 9.77 -5.43
C THR A 89 10.77 8.86 -6.54
N LEU A 90 10.54 7.59 -6.20
CA LEU A 90 10.05 6.62 -7.17
C LEU A 90 9.79 5.27 -6.50
N HIS A 91 10.77 4.79 -5.75
CA HIS A 91 10.65 3.50 -5.06
C HIS A 91 9.64 3.60 -3.93
N GLU A 92 9.77 4.63 -3.10
CA GLU A 92 8.86 4.83 -1.97
C GLU A 92 7.43 5.00 -2.45
N LEU A 93 7.28 5.58 -3.64
CA LEU A 93 5.95 5.80 -4.21
C LEU A 93 5.24 4.47 -4.46
N THR A 94 6.02 3.45 -4.81
CA THR A 94 5.46 2.12 -5.08
C THR A 94 5.18 1.37 -3.78
N VAL A 95 6.09 1.51 -2.82
CA VAL A 95 5.94 0.84 -1.53
C VAL A 95 4.66 1.28 -0.83
N ASN A 96 4.25 2.52 -1.07
CA ASN A 96 3.04 3.06 -0.46
C ASN A 96 1.81 2.28 -0.91
N GLU A 97 1.60 2.24 -2.22
CA GLU A 97 0.46 1.52 -2.78
C GLU A 97 0.66 0.01 -2.69
N ALA A 98 1.91 -0.42 -2.75
CA ALA A 98 2.23 -1.83 -2.67
C ALA A 98 1.75 -2.44 -1.36
N ALA A 99 1.72 -1.62 -0.31
CA ALA A 99 1.27 -2.08 1.00
C ALA A 99 -0.19 -1.71 1.23
N ALA A 100 -0.61 -0.58 0.68
CA ALA A 100 -1.98 -0.11 0.81
C ALA A 100 -2.97 -1.13 0.25
N GLN A 101 -2.56 -1.80 -0.81
CA GLN A 101 -3.42 -2.80 -1.45
C GLN A 101 -3.49 -4.08 -0.61
N LEU A 102 -2.41 -4.38 0.09
CA LEU A 102 -2.34 -5.56 0.93
C LEU A 102 -3.19 -5.39 2.19
N CYS A 103 -3.17 -4.19 2.74
CA CYS A 103 -3.94 -3.88 3.95
C CYS A 103 -5.43 -4.11 3.72
N VAL A 104 -5.86 -3.89 2.48
CA VAL A 104 -7.27 -4.08 2.12
C VAL A 104 -7.71 -5.52 2.36
N LYS A 105 -7.13 -6.44 1.60
CA LYS A 105 -7.46 -7.85 1.73
C LYS A 105 -7.09 -8.38 3.11
N ASP A 106 -6.02 -7.83 3.68
CA ASP A 106 -5.55 -8.24 5.00
C ASP A 106 -5.60 -7.08 5.98
N ASN A 107 -6.74 -6.92 6.65
CA ASN A 107 -6.91 -5.85 7.62
C ASN A 107 -5.95 -6.01 8.80
N ALA A 108 -5.53 -7.24 9.05
CA ALA A 108 -4.60 -7.52 10.14
C ALA A 108 -3.21 -7.01 9.84
N LEU A 109 -2.86 -6.97 8.56
CA LEU A 109 -1.54 -6.49 8.13
C LEU A 109 -1.30 -5.05 8.60
N LEU A 110 -2.39 -4.32 8.82
CA LEU A 110 -2.30 -2.93 9.27
C LEU A 110 -1.51 -2.83 10.56
N THR A 111 -1.64 -3.84 11.41
CA THR A 111 -0.93 -3.86 12.69
C THR A 111 0.49 -4.36 12.52
N ARG A 112 0.67 -5.36 11.66
CA ARG A 112 1.99 -5.92 11.40
C ARG A 112 2.78 -5.03 10.45
N ARG A 113 3.71 -4.26 11.01
CA ARG A 113 4.54 -3.36 10.22
C ARG A 113 5.70 -4.11 9.58
N ASP A 114 6.36 -4.95 10.37
CA ASP A 114 7.50 -5.72 9.88
C ASP A 114 7.09 -6.60 8.70
N GLU A 115 5.98 -7.32 8.85
CA GLU A 115 5.49 -8.20 7.80
C GLU A 115 5.14 -7.41 6.55
N LEU A 116 4.33 -6.36 6.72
CA LEU A 116 3.93 -5.53 5.60
C LEU A 116 5.12 -4.80 4.99
N PHE A 117 6.11 -4.51 5.82
CA PHE A 117 7.31 -3.83 5.35
C PHE A 117 8.12 -4.71 4.41
N ALA A 118 8.04 -6.02 4.62
CA ALA A 118 8.76 -6.98 3.78
C ALA A 118 7.97 -7.34 2.54
N LEU A 119 6.64 -7.31 2.66
CA LEU A 119 5.77 -7.64 1.54
C LEU A 119 5.81 -6.54 0.48
N ALA A 120 5.66 -5.29 0.92
CA ALA A 120 5.67 -4.15 0.01
C ALA A 120 6.99 -4.08 -0.76
N ARG A 121 8.10 -4.32 -0.07
CA ARG A 121 9.42 -4.29 -0.69
C ARG A 121 9.54 -5.35 -1.78
N GLN A 122 8.82 -6.45 -1.61
CA GLN A 122 8.86 -7.54 -2.58
C GLN A 122 8.33 -7.08 -3.94
N ILE A 123 7.20 -6.38 -3.91
CA ILE A 123 6.59 -5.88 -5.14
C ILE A 123 7.29 -4.62 -5.64
N SER A 124 7.81 -3.82 -4.70
CA SER A 124 8.50 -2.59 -5.04
C SER A 124 9.72 -2.88 -5.92
N ARG A 125 10.42 -3.97 -5.61
CA ARG A 125 11.61 -4.35 -6.37
C ARG A 125 11.22 -5.04 -7.67
N GLU A 126 10.09 -5.75 -7.65
CA GLU A 126 9.61 -6.46 -8.83
C GLU A 126 9.34 -5.49 -9.98
N VAL A 127 8.55 -4.46 -9.69
CA VAL A 127 8.21 -3.46 -10.71
C VAL A 127 9.46 -2.79 -11.25
N THR A 128 10.38 -2.45 -10.37
CA THR A 128 11.63 -1.80 -10.76
C THR A 128 12.49 -2.72 -11.62
N TYR A 129 12.32 -4.03 -11.43
CA TYR A 129 13.08 -5.02 -12.18
C TYR A 129 12.87 -4.84 -13.69
N LYS A 130 11.63 -5.01 -14.13
CA LYS A 130 11.29 -4.86 -15.54
C LYS A 130 10.63 -3.52 -15.80
N TYR A 131 10.52 -3.15 -17.08
CA TYR A 131 9.91 -1.89 -17.47
C TYR A 131 9.55 -1.89 -18.95
N THR A 132 8.27 -1.70 -19.25
CA THR A 132 7.80 -1.68 -20.64
C THR A 132 8.09 -3.01 -21.33
N TYR A 133 7.55 -3.17 -22.53
CA TYR A 133 7.75 -4.39 -23.30
C TYR A 133 8.81 -4.19 -24.36
N ARG A 134 9.68 -5.21 -24.53
CA ARG A 134 10.75 -5.14 -25.52
C ARG A 134 10.26 -5.63 -26.88
N THR A 135 9.96 -6.92 -26.96
CA THR A 135 9.48 -7.51 -28.21
C THR A 135 8.04 -7.99 -28.07
N THR A 136 7.51 -8.59 -29.13
CA THR A 136 6.14 -9.08 -29.12
C THR A 136 5.88 -9.97 -30.34
N SER A 137 5.77 -11.27 -30.09
CA SER A 137 5.51 -12.23 -31.16
C SER A 137 6.64 -12.20 -32.19
N GLY A 138 7.85 -11.89 -31.74
CA GLY A 138 8.98 -11.83 -32.65
C GLY A 138 9.70 -10.50 -32.58
N PRO A 139 10.52 -10.18 -33.61
CA PRO A 139 11.25 -8.92 -33.67
C PRO A 139 10.35 -7.70 -33.49
N SER A 140 10.91 -6.51 -33.66
CA SER A 140 10.16 -5.27 -33.52
C SER A 140 10.82 -4.14 -34.29
N SER A 141 10.39 -3.93 -35.53
CA SER A 141 10.94 -2.87 -36.37
C SER A 141 10.05 -1.63 -36.33
N GLY A 142 10.64 -0.51 -35.95
CA GLY A 142 9.89 0.74 -35.89
C GLY A 142 10.58 1.78 -35.04
N GLY A 1 3.33 24.96 -15.54
CA GLY A 1 4.55 24.75 -16.38
C GLY A 1 4.96 23.31 -16.45
N SER A 2 4.91 22.61 -15.32
CA SER A 2 5.29 21.21 -15.26
C SER A 2 4.09 20.34 -14.87
N SER A 3 3.30 20.83 -13.92
CA SER A 3 2.13 20.09 -13.46
C SER A 3 0.95 20.28 -14.41
N GLY A 4 0.07 19.30 -14.46
CA GLY A 4 -1.10 19.38 -15.33
C GLY A 4 -1.60 18.02 -15.75
N SER A 5 -0.78 17.28 -16.49
CA SER A 5 -1.15 15.95 -16.96
C SER A 5 -0.54 14.87 -16.08
N SER A 6 -0.38 15.18 -14.80
CA SER A 6 0.21 14.25 -13.84
C SER A 6 -0.63 14.18 -12.57
N GLY A 7 -0.79 12.97 -12.04
CA GLY A 7 -1.56 12.79 -10.82
C GLY A 7 -1.07 11.63 -9.99
N GLU A 8 -0.88 10.48 -10.63
CA GLU A 8 -0.41 9.29 -9.94
C GLU A 8 1.07 9.41 -9.61
N ALA A 9 1.51 8.65 -8.60
CA ALA A 9 2.91 8.67 -8.19
C ALA A 9 3.72 7.65 -8.97
N LEU A 10 3.36 6.38 -8.83
CA LEU A 10 4.05 5.30 -9.52
C LEU A 10 3.87 5.42 -11.02
N ASP A 11 4.54 4.53 -11.77
CA ASP A 11 4.46 4.55 -13.22
C ASP A 11 3.21 3.81 -13.70
N ALA A 12 3.11 3.62 -15.01
CA ALA A 12 1.96 2.93 -15.60
C ALA A 12 2.05 1.43 -15.37
N ALA A 13 3.28 0.90 -15.41
CA ALA A 13 3.51 -0.53 -15.20
C ALA A 13 3.63 -0.86 -13.72
N ALA A 14 4.15 0.09 -12.95
CA ALA A 14 4.32 -0.10 -11.52
C ALA A 14 2.99 -0.34 -10.83
N ALA A 15 2.02 0.53 -11.10
CA ALA A 15 0.70 0.42 -10.51
C ALA A 15 0.04 -0.92 -10.89
N LEU A 16 0.20 -1.31 -12.14
CA LEU A 16 -0.38 -2.56 -12.63
C LEU A 16 0.33 -3.75 -12.01
N SER A 17 1.61 -3.60 -11.72
CA SER A 17 2.39 -4.67 -11.12
C SER A 17 1.89 -5.01 -9.72
N VAL A 18 1.36 -4.00 -9.03
CA VAL A 18 0.83 -4.19 -7.68
C VAL A 18 -0.46 -5.00 -7.71
N ALA A 19 -1.36 -4.65 -8.61
CA ALA A 19 -2.63 -5.35 -8.73
C ALA A 19 -2.42 -6.80 -9.14
N GLU A 20 -1.36 -7.04 -9.90
CA GLU A 20 -1.05 -8.40 -10.36
C GLU A 20 -0.36 -9.20 -9.26
N CYS A 21 0.41 -8.51 -8.43
CA CYS A 21 1.13 -9.16 -7.33
C CYS A 21 0.21 -9.37 -6.13
N VAL A 22 -0.55 -8.34 -5.79
CA VAL A 22 -1.45 -8.40 -4.66
C VAL A 22 -2.48 -9.52 -4.84
N GLU A 23 -2.82 -9.81 -6.09
CA GLU A 23 -3.78 -10.86 -6.39
C GLU A 23 -3.10 -12.23 -6.47
N ARG A 24 -1.79 -12.23 -6.65
CA ARG A 24 -1.03 -13.48 -6.74
C ARG A 24 -0.58 -13.94 -5.35
N MET A 25 -0.39 -12.98 -4.44
CA MET A 25 0.04 -13.29 -3.08
C MET A 25 -1.15 -13.58 -2.18
N ALA A 26 -2.30 -12.99 -2.50
CA ALA A 26 -3.50 -13.18 -1.71
C ALA A 26 -3.87 -14.66 -1.61
N PRO A 27 -3.97 -15.36 -2.75
CA PRO A 27 -4.31 -16.80 -2.78
C PRO A 27 -3.41 -17.62 -1.87
N THR A 28 -2.12 -17.35 -1.91
CA THR A 28 -1.14 -18.06 -1.09
C THR A 28 -1.11 -17.52 0.33
N LEU A 29 -1.47 -16.25 0.48
CA LEU A 29 -1.49 -15.61 1.80
C LEU A 29 -2.38 -16.39 2.77
N PRO A 30 -1.83 -16.81 3.92
CA PRO A 30 -2.58 -17.55 4.93
C PRO A 30 -3.87 -16.84 5.35
N LYS A 31 -4.66 -17.48 6.20
CA LYS A 31 -5.91 -16.90 6.67
C LYS A 31 -5.66 -15.97 7.86
N SER A 32 -6.64 -15.13 8.15
CA SER A 32 -6.53 -14.20 9.27
C SER A 32 -7.68 -14.37 10.24
N ASP A 33 -7.36 -14.42 11.53
CA ASP A 33 -8.38 -14.57 12.57
C ASP A 33 -8.79 -13.22 13.14
N LEU A 34 -9.94 -12.73 12.72
CA LEU A 34 -10.45 -11.44 13.18
C LEU A 34 -10.76 -11.49 14.68
N ASN A 35 -11.11 -12.66 15.17
CA ASN A 35 -11.44 -12.83 16.58
C ASN A 35 -10.18 -12.82 17.44
N GLU A 36 -9.07 -13.28 16.87
CA GLU A 36 -7.80 -13.32 17.58
C GLU A 36 -7.20 -11.93 17.70
N VAL A 37 -7.44 -11.10 16.69
CA VAL A 37 -6.91 -9.73 16.68
C VAL A 37 -7.85 -8.77 17.42
N LYS A 38 -9.13 -9.13 17.48
CA LYS A 38 -10.13 -8.30 18.15
C LYS A 38 -9.75 -8.06 19.61
N GLU A 39 -9.59 -9.14 20.36
CA GLU A 39 -9.22 -9.05 21.77
C GLU A 39 -7.94 -8.24 21.96
N LEU A 40 -7.04 -8.36 20.99
CA LEU A 40 -5.76 -7.64 21.05
C LEU A 40 -5.99 -6.14 21.06
N LEU A 41 -7.07 -5.70 20.43
CA LEU A 41 -7.40 -4.27 20.37
C LEU A 41 -8.05 -3.81 21.68
N LYS A 42 -8.89 -4.66 22.25
CA LYS A 42 -9.56 -4.35 23.50
C LYS A 42 -8.56 -4.03 24.62
N THR A 43 -7.38 -4.63 24.51
CA THR A 43 -6.33 -4.42 25.50
C THR A 43 -5.54 -3.15 25.21
N ASN A 44 -5.40 -2.84 23.93
CA ASN A 44 -4.68 -1.64 23.52
C ASN A 44 -5.59 -0.42 23.52
N LYS A 45 -5.02 0.75 23.23
CA LYS A 45 -5.78 1.99 23.21
C LYS A 45 -5.45 2.79 21.96
N LYS A 46 -4.16 2.93 21.66
CA LYS A 46 -3.72 3.68 20.49
C LYS A 46 -4.09 2.94 19.20
N LEU A 47 -3.69 1.68 19.12
CA LEU A 47 -3.98 0.87 17.94
C LEU A 47 -5.48 0.75 17.72
N ALA A 48 -6.24 0.76 18.81
CA ALA A 48 -7.69 0.65 18.74
C ALA A 48 -8.32 1.96 18.27
N LYS A 49 -7.63 3.06 18.54
CA LYS A 49 -8.11 4.39 18.15
C LYS A 49 -7.60 4.77 16.77
N MET A 50 -6.43 4.26 16.41
CA MET A 50 -5.83 4.56 15.11
C MET A 50 -6.46 3.71 14.01
N ILE A 51 -6.21 2.40 14.07
CA ILE A 51 -6.75 1.47 13.09
C ILE A 51 -7.62 0.39 13.74
N GLY A 52 -8.36 0.79 14.77
CA GLY A 52 -9.23 -0.15 15.46
C GLY A 52 -10.65 -0.10 14.96
N HIS A 53 -11.15 1.11 14.72
CA HIS A 53 -12.52 1.29 14.24
C HIS A 53 -12.71 0.61 12.88
N ILE A 54 -11.63 0.53 12.12
CA ILE A 54 -11.68 -0.11 10.80
C ILE A 54 -11.99 -1.59 10.91
N PHE A 55 -11.50 -2.21 11.99
CA PHE A 55 -11.73 -3.64 12.21
C PHE A 55 -13.20 -3.93 12.44
N GLU A 56 -13.80 -3.22 13.40
CA GLU A 56 -15.21 -3.39 13.71
C GLU A 56 -16.09 -2.97 12.55
N MET A 57 -15.60 -2.02 11.76
CA MET A 57 -16.35 -1.52 10.61
C MET A 57 -16.69 -2.65 9.64
N ASN A 58 -17.50 -2.34 8.63
CA ASN A 58 -17.91 -3.33 7.64
C ASN A 58 -16.72 -3.79 6.81
N ASP A 59 -16.78 -5.03 6.33
CA ASP A 59 -15.72 -5.59 5.51
C ASP A 59 -15.71 -4.96 4.13
N ASP A 60 -16.88 -4.59 3.63
CA ASP A 60 -17.01 -3.98 2.32
C ASP A 60 -17.74 -2.66 2.41
N ASP A 61 -17.12 -1.68 3.07
CA ASP A 61 -17.71 -0.36 3.23
C ASP A 61 -17.02 0.66 2.32
N PRO A 62 -17.77 1.66 1.82
CA PRO A 62 -17.23 2.68 0.94
C PRO A 62 -16.30 3.64 1.67
N HIS A 63 -16.58 3.87 2.95
CA HIS A 63 -15.77 4.76 3.77
C HIS A 63 -14.46 4.10 4.17
N LYS A 64 -14.47 2.77 4.24
CA LYS A 64 -13.28 2.01 4.60
C LYS A 64 -12.11 2.34 3.68
N GLU A 65 -12.41 2.56 2.41
CA GLU A 65 -11.38 2.89 1.44
C GLU A 65 -10.65 4.18 1.81
N GLU A 66 -11.37 5.08 2.47
CA GLU A 66 -10.79 6.35 2.90
C GLU A 66 -10.05 6.21 4.22
N GLU A 67 -10.55 5.31 5.08
CA GLU A 67 -9.93 5.08 6.38
C GLU A 67 -8.61 4.33 6.23
N ILE A 68 -8.54 3.45 5.24
CA ILE A 68 -7.34 2.66 4.99
C ILE A 68 -6.31 3.48 4.21
N ARG A 69 -6.77 4.15 3.17
CA ARG A 69 -5.90 4.97 2.33
C ARG A 69 -5.20 6.05 3.16
N LYS A 70 -5.88 6.51 4.21
CA LYS A 70 -5.34 7.54 5.08
C LYS A 70 -4.14 7.02 5.86
N TYR A 71 -4.29 5.85 6.46
CA TYR A 71 -3.23 5.24 7.25
C TYR A 71 -2.22 4.52 6.34
N SER A 72 -2.69 4.07 5.18
CA SER A 72 -1.83 3.36 4.24
C SER A 72 -0.63 4.22 3.85
N ALA A 73 0.46 4.08 4.59
CA ALA A 73 1.67 4.84 4.33
C ALA A 73 2.80 4.43 5.26
N ILE A 74 3.94 4.08 4.68
CA ILE A 74 5.10 3.66 5.47
C ILE A 74 6.22 4.70 5.41
N TYR A 75 6.33 5.36 4.26
CA TYR A 75 7.36 6.38 4.07
C TYR A 75 6.73 7.73 3.77
N GLY A 76 7.24 8.77 4.43
CA GLY A 76 6.71 10.11 4.22
C GLY A 76 5.32 10.28 4.80
N ARG A 77 4.75 11.46 4.61
CA ARG A 77 3.41 11.76 5.10
C ARG A 77 2.59 12.52 4.07
N PHE A 78 1.43 13.03 4.49
CA PHE A 78 0.56 13.78 3.60
C PHE A 78 0.68 15.28 3.87
N ASP A 79 0.93 15.63 5.13
CA ASP A 79 1.07 17.03 5.52
C ASP A 79 2.47 17.55 5.22
N SER A 80 2.55 18.57 4.37
CA SER A 80 3.83 19.16 4.00
C SER A 80 4.50 19.80 5.22
N LYS A 81 5.53 19.15 5.72
CA LYS A 81 6.26 19.65 6.88
C LYS A 81 7.77 19.52 6.68
N ARG A 82 8.54 19.94 7.68
CA ARG A 82 9.99 19.87 7.61
C ARG A 82 10.52 20.69 6.44
N LYS A 83 11.84 20.70 6.28
CA LYS A 83 12.47 21.45 5.21
C LYS A 83 12.00 20.96 3.84
N ASP A 84 11.25 21.80 3.14
CA ASP A 84 10.72 21.45 1.83
C ASP A 84 9.74 20.30 1.92
N GLY A 85 10.26 19.08 2.03
CA GLY A 85 9.42 17.91 2.13
C GLY A 85 9.60 16.97 0.95
N LYS A 86 10.84 16.70 0.60
CA LYS A 86 11.15 15.80 -0.51
C LYS A 86 12.20 14.77 -0.11
N HIS A 87 11.76 13.73 0.60
CA HIS A 87 12.66 12.68 1.06
C HIS A 87 12.56 11.46 0.14
N LEU A 88 11.35 11.16 -0.31
CA LEU A 88 11.12 10.02 -1.18
C LEU A 88 11.84 10.21 -2.52
N THR A 89 11.68 9.24 -3.42
CA THR A 89 12.32 9.31 -4.73
C THR A 89 11.52 8.52 -5.76
N LEU A 90 11.24 7.26 -5.46
CA LEU A 90 10.48 6.40 -6.36
C LEU A 90 10.22 5.04 -5.72
N HIS A 91 11.23 4.50 -5.04
CA HIS A 91 11.11 3.21 -4.39
C HIS A 91 10.13 3.28 -3.22
N GLU A 92 10.33 4.25 -2.35
CA GLU A 92 9.46 4.42 -1.18
C GLU A 92 8.01 4.63 -1.61
N LEU A 93 7.83 5.26 -2.76
CA LEU A 93 6.49 5.51 -3.28
C LEU A 93 5.72 4.22 -3.52
N THR A 94 6.38 3.27 -4.20
CA THR A 94 5.76 1.98 -4.48
C THR A 94 5.41 1.23 -3.20
N VAL A 95 6.36 1.20 -2.27
CA VAL A 95 6.16 0.51 -0.99
C VAL A 95 4.92 1.05 -0.27
N ASN A 96 4.59 2.31 -0.51
CA ASN A 96 3.44 2.93 0.12
C ASN A 96 2.14 2.45 -0.53
N GLU A 97 1.99 2.73 -1.82
CA GLU A 97 0.78 2.33 -2.55
C GLU A 97 0.67 0.81 -2.63
N ALA A 98 1.82 0.13 -2.64
CA ALA A 98 1.84 -1.33 -2.72
C ALA A 98 1.19 -1.95 -1.50
N ALA A 99 1.26 -1.26 -0.36
CA ALA A 99 0.68 -1.76 0.88
C ALA A 99 -0.77 -1.30 1.03
N ALA A 100 -1.08 -0.14 0.44
CA ALA A 100 -2.43 0.41 0.51
C ALA A 100 -3.46 -0.56 -0.06
N GLN A 101 -3.16 -1.11 -1.24
CA GLN A 101 -4.05 -2.04 -1.89
C GLN A 101 -4.17 -3.35 -1.10
N LEU A 102 -3.08 -3.72 -0.42
CA LEU A 102 -3.05 -4.94 0.38
C LEU A 102 -3.87 -4.76 1.66
N CYS A 103 -3.76 -3.59 2.27
CA CYS A 103 -4.49 -3.29 3.49
C CYS A 103 -5.99 -3.43 3.29
N VAL A 104 -6.44 -3.15 2.07
CA VAL A 104 -7.86 -3.23 1.74
C VAL A 104 -8.34 -4.69 1.77
N LYS A 105 -7.62 -5.55 1.07
CA LYS A 105 -7.97 -6.97 1.01
C LYS A 105 -7.92 -7.60 2.39
N ASP A 106 -6.89 -7.25 3.15
CA ASP A 106 -6.73 -7.79 4.50
C ASP A 106 -6.61 -6.67 5.53
N ASN A 107 -7.61 -6.56 6.40
CA ASN A 107 -7.61 -5.53 7.43
C ASN A 107 -6.55 -5.81 8.49
N ALA A 108 -6.27 -7.09 8.71
CA ALA A 108 -5.28 -7.50 9.70
C ALA A 108 -3.90 -6.96 9.36
N LEU A 109 -3.65 -6.80 8.06
CA LEU A 109 -2.36 -6.29 7.59
C LEU A 109 -2.09 -4.89 8.14
N LEU A 110 -3.16 -4.14 8.37
CA LEU A 110 -3.04 -2.78 8.89
C LEU A 110 -2.30 -2.77 10.23
N THR A 111 -2.48 -3.84 10.99
CA THR A 111 -1.82 -3.95 12.30
C THR A 111 -0.44 -4.56 12.16
N ARG A 112 -0.31 -5.53 11.26
CA ARG A 112 0.97 -6.19 11.04
C ARG A 112 1.87 -5.35 10.13
N ARG A 113 2.66 -4.46 10.73
CA ARG A 113 3.56 -3.60 9.98
C ARG A 113 4.70 -4.40 9.38
N ASP A 114 5.27 -5.31 10.17
CA ASP A 114 6.38 -6.14 9.71
C ASP A 114 5.95 -7.02 8.55
N GLU A 115 4.68 -7.41 8.55
CA GLU A 115 4.14 -8.27 7.50
C GLU A 115 3.75 -7.44 6.28
N LEU A 116 3.17 -6.27 6.52
CA LEU A 116 2.75 -5.38 5.44
C LEU A 116 3.95 -4.83 4.69
N PHE A 117 5.05 -4.63 5.41
CA PHE A 117 6.28 -4.11 4.81
C PHE A 117 6.92 -5.13 3.89
N ALA A 118 6.97 -6.38 4.36
CA ALA A 118 7.57 -7.46 3.57
C ALA A 118 6.83 -7.65 2.25
N LEU A 119 5.52 -7.39 2.26
CA LEU A 119 4.71 -7.52 1.07
C LEU A 119 4.93 -6.34 0.12
N ALA A 120 4.81 -5.14 0.65
CA ALA A 120 5.00 -3.93 -0.15
C ALA A 120 6.39 -3.89 -0.76
N ARG A 121 7.37 -4.38 -0.02
CA ARG A 121 8.75 -4.41 -0.49
C ARG A 121 8.94 -5.47 -1.57
N GLN A 122 8.17 -6.55 -1.48
CA GLN A 122 8.25 -7.64 -2.44
C GLN A 122 7.92 -7.14 -3.85
N ILE A 123 6.92 -6.29 -3.95
CA ILE A 123 6.49 -5.74 -5.23
C ILE A 123 7.46 -4.65 -5.70
N SER A 124 7.98 -3.89 -4.74
CA SER A 124 8.92 -2.81 -5.05
C SER A 124 10.15 -3.34 -5.76
N ARG A 125 10.77 -4.37 -5.18
CA ARG A 125 11.96 -4.98 -5.76
C ARG A 125 11.66 -5.58 -7.13
N GLU A 126 10.42 -6.06 -7.30
CA GLU A 126 10.00 -6.67 -8.55
C GLU A 126 9.93 -5.64 -9.66
N VAL A 127 9.36 -4.48 -9.35
CA VAL A 127 9.24 -3.39 -10.33
C VAL A 127 10.61 -2.84 -10.72
N THR A 128 11.53 -2.84 -9.76
CA THR A 128 12.88 -2.34 -10.00
C THR A 128 13.63 -3.23 -10.99
N TYR A 129 13.31 -4.53 -10.97
CA TYR A 129 13.95 -5.48 -11.86
C TYR A 129 13.67 -5.13 -13.32
N LYS A 130 12.39 -5.00 -13.66
CA LYS A 130 11.99 -4.67 -15.02
C LYS A 130 11.63 -3.19 -15.14
N TYR A 131 12.25 -2.51 -16.09
CA TYR A 131 11.99 -1.09 -16.31
C TYR A 131 12.22 -0.70 -17.77
N THR A 132 11.80 -1.58 -18.68
CA THR A 132 11.96 -1.34 -20.10
C THR A 132 10.66 -1.64 -20.86
N TYR A 133 10.46 -0.95 -21.98
CA TYR A 133 9.28 -1.14 -22.79
C TYR A 133 9.64 -1.57 -24.21
N ARG A 134 8.62 -1.73 -25.05
CA ARG A 134 8.84 -2.15 -26.44
C ARG A 134 8.97 -0.93 -27.35
N THR A 135 9.82 0.01 -26.95
CA THR A 135 10.05 1.22 -27.73
C THR A 135 11.39 1.85 -27.40
N THR A 136 11.86 2.74 -28.27
CA THR A 136 13.14 3.42 -28.07
C THR A 136 13.14 4.18 -26.74
N SER A 137 14.31 4.31 -26.15
CA SER A 137 14.46 5.02 -24.87
C SER A 137 14.35 6.53 -25.08
N GLY A 138 13.20 7.08 -24.72
CA GLY A 138 12.98 8.52 -24.87
C GLY A 138 11.59 8.95 -24.44
N PRO A 139 11.24 8.75 -23.16
CA PRO A 139 9.92 9.13 -22.63
C PRO A 139 9.58 10.58 -22.92
N SER A 140 8.33 10.96 -22.66
CA SER A 140 7.87 12.33 -22.89
C SER A 140 6.44 12.50 -22.44
N SER A 141 5.54 11.68 -22.98
CA SER A 141 4.12 11.74 -22.62
C SER A 141 3.55 13.11 -22.97
N GLY A 142 2.74 13.16 -24.03
CA GLY A 142 2.13 14.41 -24.44
C GLY A 142 2.06 14.54 -25.95
N GLY A 1 -1.64 7.11 -18.64
CA GLY A 1 -2.16 7.58 -17.33
C GLY A 1 -1.24 8.59 -16.67
N SER A 2 -1.83 9.58 -16.00
CA SER A 2 -1.06 10.60 -15.32
C SER A 2 -1.96 11.52 -14.50
N SER A 3 -1.37 12.27 -13.58
CA SER A 3 -2.12 13.19 -12.73
C SER A 3 -3.15 12.43 -11.90
N GLY A 4 -3.88 13.16 -11.06
CA GLY A 4 -4.88 12.54 -10.22
C GLY A 4 -5.97 13.51 -9.79
N SER A 5 -6.40 13.40 -8.54
CA SER A 5 -7.43 14.27 -8.01
C SER A 5 -7.61 14.07 -6.51
N SER A 6 -7.81 12.82 -6.11
CA SER A 6 -8.00 12.48 -4.71
C SER A 6 -6.67 12.48 -3.96
N GLY A 7 -5.61 12.13 -4.68
CA GLY A 7 -4.28 12.10 -4.07
C GLY A 7 -3.20 11.68 -5.05
N GLU A 8 -2.00 11.46 -4.54
CA GLU A 8 -0.88 11.05 -5.37
C GLU A 8 -0.76 9.53 -5.42
N ALA A 9 -0.26 9.01 -6.54
CA ALA A 9 -0.10 7.57 -6.71
C ALA A 9 0.89 7.26 -7.83
N LEU A 10 1.04 5.97 -8.13
CA LEU A 10 1.95 5.55 -9.19
C LEU A 10 1.29 5.65 -10.56
N ASP A 11 2.05 5.30 -11.59
CA ASP A 11 1.53 5.37 -12.96
C ASP A 11 0.63 4.18 -13.26
N ALA A 12 0.26 4.00 -14.52
CA ALA A 12 -0.59 2.90 -14.94
C ALA A 12 0.19 1.60 -15.05
N ALA A 13 1.38 1.67 -15.63
CA ALA A 13 2.23 0.50 -15.81
C ALA A 13 2.78 0.03 -14.47
N ALA A 14 2.99 0.98 -13.56
CA ALA A 14 3.52 0.65 -12.23
C ALA A 14 2.44 0.12 -11.31
N ALA A 15 1.32 0.84 -11.23
CA ALA A 15 0.21 0.43 -10.39
C ALA A 15 -0.32 -0.94 -10.81
N LEU A 16 -0.21 -1.25 -12.09
CA LEU A 16 -0.68 -2.53 -12.61
C LEU A 16 0.05 -3.69 -11.95
N SER A 17 1.38 -3.63 -11.95
CA SER A 17 2.19 -4.68 -11.35
C SER A 17 1.88 -4.82 -9.86
N VAL A 18 1.50 -3.71 -9.23
CA VAL A 18 1.19 -3.71 -7.81
C VAL A 18 -0.20 -4.30 -7.56
N ALA A 19 -1.09 -4.12 -8.53
CA ALA A 19 -2.46 -4.63 -8.41
C ALA A 19 -2.54 -6.09 -8.84
N GLU A 20 -1.62 -6.51 -9.70
CA GLU A 20 -1.59 -7.88 -10.19
C GLU A 20 -0.89 -8.80 -9.19
N CYS A 21 0.29 -8.39 -8.74
CA CYS A 21 1.06 -9.18 -7.79
C CYS A 21 0.27 -9.40 -6.50
N VAL A 22 -0.32 -8.34 -5.97
CA VAL A 22 -1.10 -8.42 -4.75
C VAL A 22 -2.20 -9.47 -4.85
N GLU A 23 -2.67 -9.70 -6.08
CA GLU A 23 -3.72 -10.69 -6.31
C GLU A 23 -3.14 -12.08 -6.53
N ARG A 24 -1.87 -12.14 -6.90
CA ARG A 24 -1.20 -13.41 -7.14
C ARG A 24 -0.54 -13.94 -5.87
N MET A 25 -0.20 -13.02 -4.96
CA MET A 25 0.44 -13.40 -3.71
C MET A 25 -0.60 -13.72 -2.63
N ALA A 26 -1.77 -13.09 -2.74
CA ALA A 26 -2.84 -13.31 -1.78
C ALA A 26 -3.24 -14.78 -1.71
N PRO A 27 -3.56 -15.39 -2.87
CA PRO A 27 -3.96 -16.79 -2.94
C PRO A 27 -3.01 -17.72 -2.19
N THR A 28 -1.70 -17.46 -2.34
CA THR A 28 -0.69 -18.27 -1.67
C THR A 28 -0.50 -17.82 -0.23
N LEU A 29 -0.71 -16.53 0.02
CA LEU A 29 -0.56 -15.97 1.36
C LEU A 29 -1.79 -16.27 2.22
N PRO A 30 -1.58 -16.65 3.49
CA PRO A 30 -2.68 -16.96 4.41
C PRO A 30 -3.39 -15.71 4.91
N LYS A 31 -4.45 -15.91 5.69
CA LYS A 31 -5.20 -14.80 6.25
C LYS A 31 -5.41 -14.97 7.75
N SER A 32 -5.85 -13.90 8.42
CA SER A 32 -6.09 -13.94 9.85
C SER A 32 -7.56 -13.74 10.17
N ASP A 33 -7.96 -14.14 11.37
CA ASP A 33 -9.35 -14.00 11.79
C ASP A 33 -9.61 -12.61 12.37
N LEU A 34 -10.88 -12.22 12.41
CA LEU A 34 -11.26 -10.92 12.94
C LEU A 34 -11.63 -11.01 14.42
N ASN A 35 -12.16 -12.17 14.82
CA ASN A 35 -12.54 -12.39 16.21
C ASN A 35 -11.34 -12.25 17.13
N GLU A 36 -10.17 -12.62 16.64
CA GLU A 36 -8.94 -12.54 17.42
C GLU A 36 -8.47 -11.09 17.56
N VAL A 37 -8.23 -10.44 16.43
CA VAL A 37 -7.78 -9.05 16.43
C VAL A 37 -8.79 -8.15 17.12
N LYS A 38 -10.06 -8.53 17.07
CA LYS A 38 -11.11 -7.74 17.71
C LYS A 38 -10.86 -7.59 19.21
N GLU A 39 -10.75 -8.71 19.90
CA GLU A 39 -10.51 -8.71 21.34
C GLU A 39 -9.22 -7.97 21.67
N LEU A 40 -8.25 -8.03 20.75
CA LEU A 40 -6.97 -7.36 20.94
C LEU A 40 -7.15 -5.85 21.02
N LEU A 41 -8.17 -5.34 20.33
CA LEU A 41 -8.44 -3.90 20.31
C LEU A 41 -9.02 -3.45 21.65
N LYS A 42 -9.93 -4.26 22.20
CA LYS A 42 -10.57 -3.94 23.47
C LYS A 42 -9.52 -3.79 24.57
N THR A 43 -8.41 -4.52 24.45
CA THR A 43 -7.35 -4.47 25.44
C THR A 43 -6.35 -3.36 25.11
N ASN A 44 -6.17 -3.09 23.83
CA ASN A 44 -5.26 -2.04 23.38
C ASN A 44 -5.98 -0.72 23.19
N LYS A 45 -5.22 0.34 22.99
CA LYS A 45 -5.79 1.67 22.79
C LYS A 45 -5.03 2.43 21.71
N LYS A 46 -3.71 2.40 21.78
CA LYS A 46 -2.88 3.09 20.79
C LYS A 46 -3.14 2.57 19.40
N LEU A 47 -3.50 1.28 19.30
CA LEU A 47 -3.79 0.66 18.01
C LEU A 47 -5.28 0.74 17.70
N ALA A 48 -6.11 0.72 18.75
CA ALA A 48 -7.56 0.78 18.58
C ALA A 48 -7.98 2.13 18.00
N LYS A 49 -7.14 3.14 18.20
CA LYS A 49 -7.44 4.48 17.71
C LYS A 49 -6.84 4.70 16.32
N MET A 50 -5.79 3.95 16.00
CA MET A 50 -5.12 4.05 14.71
C MET A 50 -5.85 3.23 13.66
N ILE A 51 -5.94 1.93 13.88
CA ILE A 51 -6.60 1.03 12.94
C ILE A 51 -7.64 0.17 13.64
N GLY A 52 -8.26 0.71 14.69
CA GLY A 52 -9.27 -0.03 15.42
C GLY A 52 -10.67 0.25 14.91
N HIS A 53 -10.92 1.49 14.52
CA HIS A 53 -12.21 1.89 14.01
C HIS A 53 -12.54 1.19 12.70
N ILE A 54 -11.49 0.83 11.96
CA ILE A 54 -11.67 0.14 10.68
C ILE A 54 -12.17 -1.29 10.90
N PHE A 55 -11.67 -1.93 11.95
CA PHE A 55 -12.07 -3.30 12.26
C PHE A 55 -13.55 -3.38 12.61
N GLU A 56 -13.99 -2.48 13.49
CA GLU A 56 -15.39 -2.44 13.91
C GLU A 56 -16.29 -2.05 12.74
N MET A 57 -15.76 -1.22 11.84
CA MET A 57 -16.52 -0.77 10.68
C MET A 57 -16.90 -1.94 9.79
N ASN A 58 -17.91 -1.74 8.95
CA ASN A 58 -18.38 -2.78 8.05
C ASN A 58 -17.26 -3.23 7.10
N ASP A 59 -17.59 -4.15 6.20
CA ASP A 59 -16.61 -4.65 5.24
C ASP A 59 -16.82 -4.03 3.87
N ASP A 60 -18.08 -3.80 3.52
CA ASP A 60 -18.41 -3.19 2.22
C ASP A 60 -18.71 -1.70 2.37
N ASP A 61 -17.89 -1.03 3.16
CA ASP A 61 -18.06 0.40 3.39
C ASP A 61 -16.96 1.21 2.69
N PRO A 62 -17.33 2.12 1.78
CA PRO A 62 -16.37 2.95 1.04
C PRO A 62 -15.41 3.67 1.97
N HIS A 63 -15.88 3.97 3.18
CA HIS A 63 -15.06 4.67 4.17
C HIS A 63 -13.83 3.84 4.55
N LYS A 64 -13.97 2.53 4.47
CA LYS A 64 -12.87 1.63 4.81
C LYS A 64 -11.66 1.90 3.93
N GLU A 65 -11.85 1.88 2.62
CA GLU A 65 -10.77 2.12 1.68
C GLU A 65 -10.16 3.50 1.90
N GLU A 66 -10.97 4.44 2.38
CA GLU A 66 -10.50 5.80 2.63
C GLU A 66 -9.68 5.87 3.91
N GLU A 67 -9.97 4.97 4.86
CA GLU A 67 -9.26 4.93 6.13
C GLU A 67 -7.99 4.08 6.03
N ILE A 68 -8.14 2.89 5.45
CA ILE A 68 -7.01 1.98 5.30
C ILE A 68 -5.92 2.59 4.43
N ARG A 69 -6.32 3.31 3.39
CA ARG A 69 -5.37 3.95 2.49
C ARG A 69 -4.70 5.15 3.16
N LYS A 70 -5.42 5.80 4.07
CA LYS A 70 -4.88 6.96 4.77
C LYS A 70 -3.81 6.53 5.77
N TYR A 71 -4.03 5.42 6.44
CA TYR A 71 -3.07 4.90 7.41
C TYR A 71 -1.98 4.09 6.74
N SER A 72 -2.34 3.41 5.64
CA SER A 72 -1.39 2.59 4.90
C SER A 72 -0.41 3.47 4.13
N ALA A 73 0.72 3.78 4.76
CA ALA A 73 1.75 4.61 4.13
C ALA A 73 3.01 4.66 4.96
N ILE A 74 3.99 3.83 4.61
CA ILE A 74 5.25 3.77 5.33
C ILE A 74 6.17 4.91 4.92
N TYR A 75 6.18 5.23 3.63
CA TYR A 75 7.01 6.31 3.11
C TYR A 75 6.20 7.58 2.90
N GLY A 76 5.26 7.83 3.81
CA GLY A 76 4.42 9.01 3.71
C GLY A 76 3.29 8.83 2.72
N ARG A 77 2.40 9.81 2.65
CA ARG A 77 1.27 9.76 1.74
C ARG A 77 1.25 10.98 0.82
N PHE A 78 1.01 12.15 1.39
CA PHE A 78 0.98 13.39 0.62
C PHE A 78 1.03 14.61 1.54
N ASP A 79 0.27 14.56 2.63
CA ASP A 79 0.23 15.66 3.59
C ASP A 79 -0.30 16.93 2.93
N SER A 80 -0.51 17.96 3.74
CA SER A 80 -1.02 19.23 3.23
C SER A 80 -0.08 19.82 2.19
N LYS A 81 -0.64 20.64 1.30
CA LYS A 81 0.16 21.28 0.24
C LYS A 81 0.55 22.70 0.63
N ARG A 82 0.80 22.90 1.92
CA ARG A 82 1.18 24.22 2.43
C ARG A 82 2.45 24.12 3.27
N LYS A 83 3.30 23.17 2.96
CA LYS A 83 4.54 22.97 3.69
C LYS A 83 5.37 21.85 3.08
N ASP A 84 6.61 21.72 3.53
CA ASP A 84 7.50 20.68 3.03
C ASP A 84 7.15 19.32 3.61
N GLY A 85 7.94 18.30 3.28
CA GLY A 85 7.69 16.97 3.77
C GLY A 85 8.30 15.89 2.89
N LYS A 86 9.55 16.12 2.48
CA LYS A 86 10.25 15.17 1.62
C LYS A 86 9.53 15.01 0.28
N HIS A 87 10.32 14.86 -0.79
CA HIS A 87 9.76 14.69 -2.12
C HIS A 87 10.08 13.31 -2.68
N LEU A 88 9.04 12.50 -2.84
CA LEU A 88 9.21 11.14 -3.36
C LEU A 88 9.55 11.18 -4.84
N THR A 89 9.87 10.01 -5.40
CA THR A 89 10.21 9.90 -6.82
C THR A 89 9.36 8.84 -7.51
N LEU A 90 9.32 7.65 -6.93
CA LEU A 90 8.54 6.56 -7.49
C LEU A 90 8.60 5.32 -6.59
N HIS A 91 9.81 4.88 -6.27
CA HIS A 91 10.00 3.70 -5.42
C HIS A 91 9.36 3.92 -4.05
N GLU A 92 9.61 5.09 -3.45
CA GLU A 92 9.07 5.42 -2.15
C GLU A 92 7.54 5.38 -2.16
N LEU A 93 6.96 5.66 -3.32
CA LEU A 93 5.50 5.65 -3.46
C LEU A 93 4.98 4.22 -3.67
N THR A 94 5.77 3.42 -4.37
CA THR A 94 5.38 2.03 -4.65
C THR A 94 5.35 1.21 -3.36
N VAL A 95 6.22 1.58 -2.41
CA VAL A 95 6.29 0.87 -1.14
C VAL A 95 5.00 1.03 -0.34
N ASN A 96 4.33 2.16 -0.53
CA ASN A 96 3.08 2.44 0.17
C ASN A 96 1.90 1.78 -0.54
N GLU A 97 1.78 2.05 -1.84
CA GLU A 97 0.68 1.48 -2.63
C GLU A 97 0.71 -0.05 -2.58
N ALA A 98 1.90 -0.61 -2.45
CA ALA A 98 2.05 -2.06 -2.39
C ALA A 98 1.43 -2.64 -1.13
N ALA A 99 1.42 -1.85 -0.06
CA ALA A 99 0.84 -2.27 1.20
C ALA A 99 -0.58 -1.76 1.38
N ALA A 100 -0.88 -0.62 0.76
CA ALA A 100 -2.20 -0.02 0.85
C ALA A 100 -3.26 -0.97 0.31
N GLN A 101 -2.91 -1.74 -0.71
CA GLN A 101 -3.84 -2.69 -1.32
C GLN A 101 -3.96 -3.95 -0.46
N LEU A 102 -2.85 -4.34 0.17
CA LEU A 102 -2.85 -5.53 1.02
C LEU A 102 -3.59 -5.27 2.32
N CYS A 103 -3.56 -4.03 2.78
CA CYS A 103 -4.23 -3.65 4.02
C CYS A 103 -5.74 -3.71 3.86
N VAL A 104 -6.22 -3.44 2.65
CA VAL A 104 -7.64 -3.46 2.35
C VAL A 104 -8.19 -4.88 2.41
N LYS A 105 -7.68 -5.75 1.54
CA LYS A 105 -8.13 -7.14 1.50
C LYS A 105 -7.87 -7.83 2.83
N ASP A 106 -6.81 -7.42 3.52
CA ASP A 106 -6.46 -8.01 4.81
C ASP A 106 -6.25 -6.92 5.86
N ASN A 107 -7.30 -6.61 6.61
CA ASN A 107 -7.23 -5.59 7.65
C ASN A 107 -6.23 -5.98 8.74
N ALA A 108 -6.08 -7.29 8.95
CA ALA A 108 -5.15 -7.81 9.96
C ALA A 108 -3.73 -7.33 9.68
N LEU A 109 -3.41 -7.13 8.42
CA LEU A 109 -2.08 -6.67 8.02
C LEU A 109 -1.80 -5.28 8.57
N LEU A 110 -2.85 -4.51 8.82
CA LEU A 110 -2.71 -3.15 9.33
C LEU A 110 -1.90 -3.14 10.62
N THR A 111 -2.08 -4.17 11.45
CA THR A 111 -1.37 -4.28 12.71
C THR A 111 0.08 -4.74 12.49
N ARG A 112 0.24 -5.69 11.57
CA ARG A 112 1.58 -6.22 11.26
C ARG A 112 2.37 -5.23 10.41
N ARG A 113 3.28 -4.51 11.05
CA ARG A 113 4.11 -3.54 10.35
C ARG A 113 5.29 -4.21 9.67
N ASP A 114 5.91 -5.15 10.37
CA ASP A 114 7.06 -5.88 9.84
C ASP A 114 6.64 -6.74 8.65
N GLU A 115 5.49 -7.39 8.77
CA GLU A 115 4.98 -8.25 7.70
C GLU A 115 4.58 -7.41 6.48
N LEU A 116 3.81 -6.37 6.72
CA LEU A 116 3.35 -5.50 5.64
C LEU A 116 4.53 -4.74 5.02
N PHE A 117 5.55 -4.47 5.81
CA PHE A 117 6.73 -3.77 5.34
C PHE A 117 7.53 -4.64 4.38
N ALA A 118 7.48 -5.95 4.58
CA ALA A 118 8.20 -6.88 3.73
C ALA A 118 7.39 -7.23 2.49
N LEU A 119 6.10 -7.49 2.68
CA LEU A 119 5.22 -7.83 1.57
C LEU A 119 5.17 -6.72 0.54
N ALA A 120 5.19 -5.48 1.02
CA ALA A 120 5.16 -4.31 0.14
C ALA A 120 6.47 -4.15 -0.60
N ARG A 121 7.57 -4.23 0.12
CA ARG A 121 8.90 -4.09 -0.46
C ARG A 121 9.15 -5.17 -1.52
N GLN A 122 8.49 -6.31 -1.37
CA GLN A 122 8.64 -7.41 -2.32
C GLN A 122 8.26 -6.98 -3.73
N ILE A 123 7.04 -6.49 -3.89
CA ILE A 123 6.56 -6.05 -5.19
C ILE A 123 7.24 -4.75 -5.61
N SER A 124 7.60 -3.93 -4.63
CA SER A 124 8.28 -2.66 -4.91
C SER A 124 9.58 -2.90 -5.66
N ARG A 125 10.21 -4.04 -5.42
CA ARG A 125 11.47 -4.38 -6.07
C ARG A 125 11.23 -5.04 -7.42
N GLU A 126 10.19 -5.88 -7.48
CA GLU A 126 9.86 -6.58 -8.72
C GLU A 126 9.46 -5.60 -9.81
N VAL A 127 8.76 -4.54 -9.43
CA VAL A 127 8.33 -3.53 -10.37
C VAL A 127 9.51 -2.76 -10.95
N THR A 128 10.43 -2.35 -10.07
CA THR A 128 11.60 -1.61 -10.49
C THR A 128 12.52 -2.47 -11.36
N TYR A 129 12.61 -3.75 -11.02
CA TYR A 129 13.44 -4.68 -11.78
C TYR A 129 12.98 -4.76 -13.23
N LYS A 130 11.71 -5.10 -13.43
CA LYS A 130 11.17 -5.21 -14.78
C LYS A 130 10.54 -3.89 -15.22
N TYR A 131 11.37 -3.01 -15.78
CA TYR A 131 10.90 -1.71 -16.24
C TYR A 131 11.16 -1.54 -17.74
N THR A 132 10.55 -0.52 -18.33
CA THR A 132 10.71 -0.25 -19.75
C THR A 132 12.17 0.06 -20.09
N TYR A 133 12.55 -0.20 -21.33
CA TYR A 133 13.91 0.05 -21.77
C TYR A 133 13.93 0.64 -23.18
N ARG A 134 14.71 1.69 -23.36
CA ARG A 134 14.82 2.36 -24.66
C ARG A 134 16.27 2.38 -25.15
N THR A 135 16.45 2.53 -26.45
CA THR A 135 17.79 2.57 -27.04
C THR A 135 18.13 3.98 -27.48
N THR A 136 19.41 4.20 -27.78
CA THR A 136 19.88 5.52 -28.22
C THR A 136 19.80 5.63 -29.74
N SER A 137 19.57 6.85 -30.22
CA SER A 137 19.47 7.10 -31.66
C SER A 137 20.51 8.13 -32.10
N GLY A 138 21.29 7.77 -33.11
CA GLY A 138 22.31 8.67 -33.61
C GLY A 138 23.51 8.77 -32.68
N PRO A 139 24.41 7.77 -32.68
CA PRO A 139 25.60 7.77 -31.82
C PRO A 139 26.62 8.81 -32.25
N SER A 140 27.61 9.04 -31.39
CA SER A 140 28.66 10.02 -31.69
C SER A 140 29.52 9.56 -32.86
N SER A 141 30.47 10.39 -33.26
CA SER A 141 31.35 10.08 -34.37
C SER A 141 32.81 10.31 -33.98
N GLY A 142 33.60 9.24 -33.99
CA GLY A 142 35.01 9.35 -33.64
C GLY A 142 35.91 9.27 -34.86
N GLY A 1 -13.25 14.71 -14.22
CA GLY A 1 -13.93 15.98 -13.82
C GLY A 1 -13.77 16.29 -12.35
N SER A 2 -14.61 17.18 -11.83
CA SER A 2 -14.56 17.56 -10.43
C SER A 2 -13.20 18.16 -10.08
N SER A 3 -13.13 18.82 -8.93
CA SER A 3 -11.89 19.44 -8.47
C SER A 3 -10.97 18.42 -7.83
N GLY A 4 -9.73 18.81 -7.59
CA GLY A 4 -8.76 17.91 -6.98
C GLY A 4 -7.69 17.46 -7.95
N SER A 5 -6.52 17.11 -7.42
CA SER A 5 -5.41 16.66 -8.25
C SER A 5 -4.82 15.36 -7.70
N SER A 6 -3.81 14.84 -8.40
CA SER A 6 -3.14 13.61 -7.98
C SER A 6 -1.75 13.90 -7.45
N GLY A 7 -1.57 13.69 -6.15
CA GLY A 7 -0.27 13.92 -5.53
C GLY A 7 0.76 12.88 -5.92
N GLU A 8 1.86 12.83 -5.18
CA GLU A 8 2.93 11.88 -5.45
C GLU A 8 2.41 10.45 -5.33
N ALA A 9 2.28 9.79 -6.48
CA ALA A 9 1.79 8.41 -6.51
C ALA A 9 2.20 7.72 -7.80
N LEU A 10 1.95 6.42 -7.88
CA LEU A 10 2.30 5.64 -9.06
C LEU A 10 1.35 5.95 -10.21
N ASP A 11 1.54 5.25 -11.33
CA ASP A 11 0.70 5.46 -12.51
C ASP A 11 -0.37 4.39 -12.62
N ALA A 12 -1.23 4.50 -13.62
CA ALA A 12 -2.29 3.53 -13.84
C ALA A 12 -1.72 2.15 -14.14
N ALA A 13 -0.64 2.12 -14.90
CA ALA A 13 0.01 0.86 -15.25
C ALA A 13 0.70 0.23 -14.06
N ALA A 14 1.42 1.06 -13.29
CA ALA A 14 2.14 0.59 -12.12
C ALA A 14 1.17 0.09 -11.06
N ALA A 15 0.10 0.85 -10.82
CA ALA A 15 -0.90 0.49 -9.83
C ALA A 15 -1.53 -0.87 -10.16
N LEU A 16 -1.63 -1.17 -11.45
CA LEU A 16 -2.21 -2.43 -11.89
C LEU A 16 -1.29 -3.60 -11.56
N SER A 17 0.01 -3.40 -11.73
CA SER A 17 0.99 -4.43 -11.45
C SER A 17 0.94 -4.86 -9.99
N VAL A 18 0.74 -3.89 -9.10
CA VAL A 18 0.67 -4.16 -7.68
C VAL A 18 -0.65 -4.85 -7.31
N ALA A 19 -1.74 -4.37 -7.91
CA ALA A 19 -3.06 -4.94 -7.66
C ALA A 19 -3.11 -6.41 -8.04
N GLU A 20 -2.34 -6.78 -9.06
CA GLU A 20 -2.30 -8.16 -9.53
C GLU A 20 -1.44 -9.02 -8.62
N CYS A 21 -0.27 -8.49 -8.25
CA CYS A 21 0.65 -9.22 -7.37
C CYS A 21 0.00 -9.52 -6.03
N VAL A 22 -0.64 -8.51 -5.45
CA VAL A 22 -1.31 -8.66 -4.16
C VAL A 22 -2.39 -9.75 -4.23
N GLU A 23 -2.98 -9.92 -5.40
CA GLU A 23 -4.03 -10.92 -5.59
C GLU A 23 -3.43 -12.30 -5.80
N ARG A 24 -2.18 -12.35 -6.27
CA ARG A 24 -1.50 -13.61 -6.52
C ARG A 24 -0.87 -14.16 -5.23
N MET A 25 -0.49 -13.25 -4.34
CA MET A 25 0.13 -13.64 -3.07
C MET A 25 -0.93 -13.89 -2.01
N ALA A 26 -2.10 -13.30 -2.18
CA ALA A 26 -3.20 -13.48 -1.23
C ALA A 26 -3.51 -14.96 -1.01
N PRO A 27 -3.75 -15.71 -2.09
CA PRO A 27 -4.06 -17.14 -2.00
C PRO A 27 -3.05 -17.91 -1.16
N THR A 28 -1.77 -17.65 -1.42
CA THR A 28 -0.70 -18.31 -0.69
C THR A 28 -0.58 -17.76 0.73
N LEU A 29 -0.88 -16.48 0.88
CA LEU A 29 -0.81 -15.84 2.19
C LEU A 29 -1.91 -16.35 3.11
N PRO A 30 -1.54 -16.87 4.30
CA PRO A 30 -2.52 -17.40 5.26
C PRO A 30 -3.60 -16.37 5.60
N LYS A 31 -4.74 -16.87 6.09
CA LYS A 31 -5.86 -16.00 6.46
C LYS A 31 -5.96 -15.87 7.97
N SER A 32 -6.57 -14.77 8.42
CA SER A 32 -6.74 -14.52 9.84
C SER A 32 -8.21 -14.31 10.19
N ASP A 33 -8.55 -14.53 11.45
CA ASP A 33 -9.93 -14.35 11.90
C ASP A 33 -10.13 -12.96 12.49
N LEU A 34 -11.21 -12.30 12.05
CA LEU A 34 -11.52 -10.96 12.53
C LEU A 34 -11.85 -10.98 14.02
N ASN A 35 -12.44 -12.08 14.47
CA ASN A 35 -12.81 -12.22 15.89
C ASN A 35 -11.57 -12.31 16.76
N GLU A 36 -10.50 -12.89 16.22
CA GLU A 36 -9.25 -13.03 16.96
C GLU A 36 -8.62 -11.67 17.24
N VAL A 37 -8.64 -10.79 16.24
CA VAL A 37 -8.07 -9.47 16.38
C VAL A 37 -9.04 -8.52 17.08
N LYS A 38 -10.34 -8.78 16.93
CA LYS A 38 -11.36 -7.95 17.55
C LYS A 38 -11.18 -7.91 19.06
N GLU A 39 -11.06 -9.09 19.67
CA GLU A 39 -10.89 -9.18 21.12
C GLU A 39 -9.67 -8.39 21.58
N LEU A 40 -8.67 -8.30 20.71
CA LEU A 40 -7.45 -7.58 21.03
C LEU A 40 -7.71 -6.07 21.11
N LEU A 41 -8.59 -5.58 20.24
CA LEU A 41 -8.92 -4.16 20.22
C LEU A 41 -9.63 -3.75 21.50
N LYS A 42 -10.49 -4.63 22.02
CA LYS A 42 -11.22 -4.35 23.25
C LYS A 42 -10.28 -4.23 24.44
N THR A 43 -9.14 -4.91 24.35
CA THR A 43 -8.15 -4.89 25.42
C THR A 43 -7.09 -3.82 25.16
N ASN A 44 -6.78 -3.61 23.89
CA ASN A 44 -5.78 -2.62 23.50
C ASN A 44 -6.39 -1.21 23.49
N LYS A 45 -5.55 -0.22 23.23
CA LYS A 45 -6.00 1.17 23.19
C LYS A 45 -5.40 1.90 22.00
N LYS A 46 -4.07 1.90 21.91
CA LYS A 46 -3.37 2.56 20.82
C LYS A 46 -3.79 1.98 19.47
N LEU A 47 -3.80 0.65 19.39
CA LEU A 47 -4.19 -0.04 18.16
C LEU A 47 -5.68 0.12 17.89
N ALA A 48 -6.47 0.14 18.96
CA ALA A 48 -7.91 0.29 18.84
C ALA A 48 -8.29 1.69 18.38
N LYS A 49 -7.43 2.66 18.69
CA LYS A 49 -7.67 4.04 18.30
C LYS A 49 -7.09 4.34 16.92
N MET A 50 -6.05 3.61 16.55
CA MET A 50 -5.41 3.79 15.25
C MET A 50 -6.18 3.08 14.15
N ILE A 51 -6.17 1.74 14.21
CA ILE A 51 -6.87 0.95 13.21
C ILE A 51 -7.90 0.02 13.86
N GLY A 52 -8.56 0.52 14.90
CA GLY A 52 -9.56 -0.27 15.59
C GLY A 52 -10.95 -0.05 15.05
N HIS A 53 -11.23 1.19 14.63
CA HIS A 53 -12.54 1.54 14.09
C HIS A 53 -12.73 0.94 12.69
N ILE A 54 -11.63 0.75 11.98
CA ILE A 54 -11.67 0.19 10.63
C ILE A 54 -12.09 -1.27 10.67
N PHE A 55 -11.68 -1.98 11.72
CA PHE A 55 -12.02 -3.39 11.88
C PHE A 55 -13.52 -3.58 11.98
N GLU A 56 -14.20 -2.59 12.56
CA GLU A 56 -15.65 -2.65 12.73
C GLU A 56 -16.36 -2.43 11.39
N MET A 57 -15.75 -1.61 10.53
CA MET A 57 -16.32 -1.31 9.23
C MET A 57 -16.29 -2.54 8.32
N ASN A 58 -17.07 -2.50 7.25
CA ASN A 58 -17.14 -3.60 6.30
C ASN A 58 -15.92 -3.60 5.38
N ASP A 59 -15.76 -4.68 4.62
CA ASP A 59 -14.65 -4.81 3.70
C ASP A 59 -15.10 -4.58 2.26
N ASP A 60 -16.11 -3.72 2.10
CA ASP A 60 -16.64 -3.42 0.77
C ASP A 60 -17.25 -2.01 0.74
N ASP A 61 -16.66 -1.11 1.51
CA ASP A 61 -17.14 0.27 1.57
C ASP A 61 -16.11 1.24 1.01
N PRO A 62 -16.54 2.23 0.21
CA PRO A 62 -15.64 3.21 -0.39
C PRO A 62 -14.79 3.93 0.66
N HIS A 63 -15.32 4.03 1.87
CA HIS A 63 -14.61 4.70 2.96
C HIS A 63 -13.32 3.95 3.31
N LYS A 64 -13.35 2.63 3.15
CA LYS A 64 -12.18 1.81 3.44
C LYS A 64 -10.98 2.24 2.60
N GLU A 65 -11.23 2.53 1.33
CA GLU A 65 -10.17 2.95 0.42
C GLU A 65 -9.51 4.24 0.91
N GLU A 66 -10.30 5.08 1.58
CA GLU A 66 -9.80 6.34 2.09
C GLU A 66 -9.14 6.17 3.45
N GLU A 67 -9.63 5.18 4.22
CA GLU A 67 -9.09 4.91 5.54
C GLU A 67 -7.77 4.16 5.45
N ILE A 68 -7.75 3.11 4.64
CA ILE A 68 -6.55 2.31 4.46
C ILE A 68 -5.41 3.13 3.85
N ARG A 69 -5.74 3.93 2.84
CA ARG A 69 -4.75 4.77 2.18
C ARG A 69 -4.21 5.83 3.13
N LYS A 70 -5.04 6.25 4.08
CA LYS A 70 -4.65 7.27 5.04
C LYS A 70 -3.66 6.70 6.06
N TYR A 71 -3.81 5.42 6.39
CA TYR A 71 -2.93 4.77 7.34
C TYR A 71 -1.76 4.09 6.64
N SER A 72 -2.00 3.62 5.41
CA SER A 72 -0.98 2.95 4.64
C SER A 72 0.01 3.96 4.07
N ALA A 73 0.94 4.42 4.91
CA ALA A 73 1.94 5.39 4.49
C ALA A 73 3.21 5.26 5.33
N ILE A 74 4.14 4.44 4.85
CA ILE A 74 5.41 4.23 5.56
C ILE A 74 6.38 5.36 5.29
N TYR A 75 6.34 5.88 4.07
CA TYR A 75 7.23 6.98 3.68
C TYR A 75 6.48 8.32 3.70
N GLY A 76 7.20 9.37 4.08
CA GLY A 76 6.58 10.69 4.13
C GLY A 76 5.55 10.80 5.23
N ARG A 77 4.29 11.01 4.84
CA ARG A 77 3.20 11.14 5.81
C ARG A 77 1.85 11.04 5.11
N PHE A 78 0.78 11.16 5.90
CA PHE A 78 -0.56 11.09 5.36
C PHE A 78 -1.23 12.46 5.37
N ASP A 79 -0.42 13.51 5.21
CA ASP A 79 -0.93 14.87 5.20
C ASP A 79 0.10 15.83 4.63
N SER A 80 -0.19 16.35 3.43
CA SER A 80 0.71 17.28 2.77
C SER A 80 0.14 18.70 2.77
N LYS A 81 0.09 19.31 3.95
CA LYS A 81 -0.44 20.66 4.08
C LYS A 81 0.64 21.62 4.56
N ARG A 82 1.51 21.14 5.45
CA ARG A 82 2.60 21.94 5.98
C ARG A 82 3.95 21.36 5.59
N LYS A 83 4.90 22.25 5.28
CA LYS A 83 6.24 21.82 4.89
C LYS A 83 6.20 20.94 3.64
N ASP A 84 6.39 21.56 2.48
CA ASP A 84 6.36 20.83 1.22
C ASP A 84 7.68 21.02 0.45
N GLY A 85 8.51 19.98 0.46
CA GLY A 85 9.79 20.06 -0.23
C GLY A 85 10.14 18.77 -0.93
N LYS A 86 9.13 17.97 -1.25
CA LYS A 86 9.34 16.69 -1.93
C LYS A 86 10.26 15.79 -1.12
N HIS A 87 10.28 14.51 -1.46
CA HIS A 87 11.12 13.54 -0.77
C HIS A 87 11.24 12.24 -1.58
N LEU A 88 10.11 11.73 -2.03
CA LEU A 88 10.08 10.50 -2.81
C LEU A 88 10.75 10.70 -4.17
N THR A 89 10.87 9.63 -4.93
CA THR A 89 11.50 9.68 -6.25
C THR A 89 10.83 8.72 -7.22
N LEU A 90 10.65 7.48 -6.78
CA LEU A 90 10.02 6.45 -7.61
C LEU A 90 9.86 5.15 -6.83
N HIS A 91 10.96 4.65 -6.29
CA HIS A 91 10.94 3.41 -5.52
C HIS A 91 10.09 3.56 -4.27
N GLU A 92 10.36 4.60 -3.49
CA GLU A 92 9.62 4.86 -2.25
C GLU A 92 8.14 5.07 -2.55
N LEU A 93 7.84 5.61 -3.73
CA LEU A 93 6.46 5.86 -4.13
C LEU A 93 5.70 4.56 -4.28
N THR A 94 6.40 3.51 -4.66
CA THR A 94 5.78 2.19 -4.85
C THR A 94 5.57 1.49 -3.52
N VAL A 95 6.54 1.64 -2.62
CA VAL A 95 6.46 1.01 -1.30
C VAL A 95 5.32 1.61 -0.48
N ASN A 96 4.98 2.86 -0.76
CA ASN A 96 3.91 3.54 -0.04
C ASN A 96 2.54 3.14 -0.59
N GLU A 97 2.50 2.82 -1.88
CA GLU A 97 1.25 2.43 -2.53
C GLU A 97 1.08 0.92 -2.49
N ALA A 98 2.19 0.19 -2.48
CA ALA A 98 2.15 -1.27 -2.44
C ALA A 98 1.39 -1.77 -1.23
N ALA A 99 1.86 -1.42 -0.04
CA ALA A 99 1.22 -1.84 1.20
C ALA A 99 -0.22 -1.34 1.26
N ALA A 100 -0.49 -0.22 0.60
CA ALA A 100 -1.83 0.35 0.59
C ALA A 100 -2.85 -0.64 0.03
N GLN A 101 -2.43 -1.43 -0.94
CA GLN A 101 -3.30 -2.43 -1.56
C GLN A 101 -3.26 -3.74 -0.77
N LEU A 102 -2.09 -4.07 -0.23
CA LEU A 102 -1.93 -5.29 0.53
C LEU A 102 -2.76 -5.27 1.81
N CYS A 103 -2.93 -4.07 2.37
CA CYS A 103 -3.70 -3.91 3.59
C CYS A 103 -5.19 -4.09 3.32
N VAL A 104 -5.62 -3.74 2.11
CA VAL A 104 -7.01 -3.87 1.72
C VAL A 104 -7.47 -5.32 1.75
N LYS A 105 -6.65 -6.20 1.17
CA LYS A 105 -6.95 -7.63 1.14
C LYS A 105 -7.01 -8.20 2.54
N ASP A 106 -5.98 -7.91 3.34
CA ASP A 106 -5.91 -8.40 4.71
C ASP A 106 -5.75 -7.24 5.70
N ASN A 107 -6.84 -6.89 6.36
CA ASN A 107 -6.83 -5.81 7.34
C ASN A 107 -5.85 -6.10 8.48
N ALA A 108 -5.63 -7.39 8.73
CA ALA A 108 -4.72 -7.81 9.79
C ALA A 108 -3.31 -7.25 9.56
N LEU A 109 -2.97 -7.05 8.30
CA LEU A 109 -1.66 -6.53 7.94
C LEU A 109 -1.44 -5.13 8.54
N LEU A 110 -2.54 -4.40 8.74
CA LEU A 110 -2.47 -3.05 9.29
C LEU A 110 -1.78 -3.06 10.65
N THR A 111 -1.90 -4.16 11.37
CA THR A 111 -1.29 -4.30 12.68
C THR A 111 0.18 -4.70 12.56
N ARG A 112 0.44 -5.72 11.76
CA ARG A 112 1.80 -6.21 11.55
C ARG A 112 2.57 -5.29 10.61
N ARG A 113 3.22 -4.28 11.18
CA ARG A 113 4.00 -3.33 10.40
C ARG A 113 5.31 -3.96 9.93
N ASP A 114 5.95 -4.71 10.81
CA ASP A 114 7.22 -5.35 10.48
C ASP A 114 7.04 -6.34 9.33
N GLU A 115 5.86 -6.92 9.23
CA GLU A 115 5.56 -7.89 8.17
C GLU A 115 5.17 -7.17 6.89
N LEU A 116 4.31 -6.16 7.02
CA LEU A 116 3.85 -5.40 5.87
C LEU A 116 5.00 -4.64 5.21
N PHE A 117 5.98 -4.25 6.02
CA PHE A 117 7.14 -3.52 5.53
C PHE A 117 8.03 -4.41 4.67
N ALA A 118 8.05 -5.70 5.00
CA ALA A 118 8.85 -6.67 4.27
C ALA A 118 8.14 -7.13 3.01
N LEU A 119 6.82 -7.17 3.05
CA LEU A 119 6.01 -7.60 1.91
C LEU A 119 5.94 -6.50 0.85
N ALA A 120 5.85 -5.25 1.30
CA ALA A 120 5.75 -4.11 0.39
C ALA A 120 6.98 -4.04 -0.50
N ARG A 121 8.16 -4.19 0.10
CA ARG A 121 9.41 -4.13 -0.64
C ARG A 121 9.47 -5.20 -1.73
N GLN A 122 8.79 -6.33 -1.46
CA GLN A 122 8.77 -7.43 -2.41
C GLN A 122 8.15 -7.00 -3.74
N ILE A 123 6.91 -6.51 -3.68
CA ILE A 123 6.22 -6.06 -4.89
C ILE A 123 6.84 -4.79 -5.43
N SER A 124 7.45 -4.00 -4.56
CA SER A 124 8.09 -2.75 -4.95
C SER A 124 9.15 -3.00 -6.02
N ARG A 125 9.79 -4.16 -5.95
CA ARG A 125 10.84 -4.51 -6.90
C ARG A 125 10.23 -5.15 -8.15
N GLU A 126 9.13 -5.87 -7.97
CA GLU A 126 8.46 -6.53 -9.07
C GLU A 126 7.92 -5.51 -10.07
N VAL A 127 7.54 -4.34 -9.58
CA VAL A 127 7.01 -3.29 -10.42
C VAL A 127 8.13 -2.52 -11.14
N THR A 128 9.10 -2.06 -10.36
CA THR A 128 10.23 -1.32 -10.92
C THR A 128 11.00 -2.16 -11.93
N TYR A 129 11.05 -3.48 -11.68
CA TYR A 129 11.75 -4.39 -12.57
C TYR A 129 11.01 -4.53 -13.90
N LYS A 130 9.70 -4.63 -13.83
CA LYS A 130 8.88 -4.76 -15.03
C LYS A 130 7.97 -3.55 -15.21
N TYR A 131 8.30 -2.72 -16.20
CA TYR A 131 7.53 -1.52 -16.48
C TYR A 131 7.22 -1.40 -17.97
N THR A 132 5.98 -1.06 -18.29
CA THR A 132 5.57 -0.92 -19.69
C THR A 132 6.24 0.29 -20.33
N TYR A 133 7.09 0.02 -21.31
CA TYR A 133 7.81 1.09 -22.01
C TYR A 133 7.05 1.51 -23.27
N ARG A 134 6.61 2.77 -23.28
CA ARG A 134 5.87 3.30 -24.42
C ARG A 134 6.76 4.20 -25.27
N THR A 135 6.70 4.01 -26.58
CA THR A 135 7.50 4.80 -27.51
C THR A 135 6.67 5.23 -28.72
N THR A 136 6.97 6.41 -29.25
CA THR A 136 6.25 6.93 -30.40
C THR A 136 6.53 6.09 -31.64
N SER A 137 5.73 6.29 -32.69
CA SER A 137 5.89 5.56 -33.93
C SER A 137 6.58 6.41 -34.99
N GLY A 138 7.12 5.77 -36.02
CA GLY A 138 7.79 6.48 -37.08
C GLY A 138 7.39 5.99 -38.46
N PRO A 139 7.58 6.81 -39.50
CA PRO A 139 7.23 6.44 -40.88
C PRO A 139 8.16 5.38 -41.44
N SER A 140 9.43 5.45 -41.06
CA SER A 140 10.42 4.48 -41.53
C SER A 140 11.49 4.26 -40.47
N SER A 141 12.21 3.14 -40.59
CA SER A 141 13.27 2.81 -39.63
C SER A 141 14.12 1.67 -40.17
N GLY A 142 14.29 1.61 -41.48
CA GLY A 142 15.09 0.55 -42.08
C GLY A 142 15.69 0.98 -43.40
N GLY A 1 -15.97 17.76 -4.79
CA GLY A 1 -15.22 17.69 -6.08
C GLY A 1 -14.34 16.46 -6.18
N SER A 2 -14.98 15.30 -6.29
CA SER A 2 -14.25 14.04 -6.40
C SER A 2 -13.75 13.81 -7.82
N SER A 3 -12.70 13.00 -7.96
CA SER A 3 -12.13 12.71 -9.26
C SER A 3 -11.62 13.97 -9.93
N GLY A 4 -10.32 14.23 -9.81
CA GLY A 4 -9.74 15.41 -10.40
C GLY A 4 -8.35 15.70 -9.88
N SER A 5 -7.68 16.69 -10.47
CA SER A 5 -6.34 17.06 -10.05
C SER A 5 -5.38 15.89 -10.20
N SER A 6 -4.10 16.15 -9.92
CA SER A 6 -3.07 15.10 -10.02
C SER A 6 -2.26 15.03 -8.73
N GLY A 7 -1.57 13.91 -8.54
CA GLY A 7 -0.76 13.73 -7.36
C GLY A 7 -0.93 12.36 -6.73
N GLU A 8 -0.94 11.32 -7.57
CA GLU A 8 -1.11 9.95 -7.10
C GLU A 8 0.25 9.29 -6.84
N ALA A 9 0.22 8.02 -6.50
CA ALA A 9 1.44 7.27 -6.23
C ALA A 9 1.78 6.34 -7.38
N LEU A 10 3.07 6.28 -7.74
CA LEU A 10 3.52 5.42 -8.83
C LEU A 10 2.86 5.82 -10.14
N ASP A 11 3.42 5.33 -11.25
CA ASP A 11 2.88 5.64 -12.57
C ASP A 11 1.61 4.84 -12.84
N ALA A 12 1.00 5.09 -13.98
CA ALA A 12 -0.22 4.40 -14.37
C ALA A 12 0.05 2.95 -14.73
N ALA A 13 1.21 2.71 -15.35
CA ALA A 13 1.60 1.37 -15.76
C ALA A 13 2.20 0.60 -14.59
N ALA A 14 3.06 1.27 -13.83
CA ALA A 14 3.70 0.63 -12.68
C ALA A 14 2.68 0.30 -11.59
N ALA A 15 1.63 1.10 -11.51
CA ALA A 15 0.58 0.90 -10.52
C ALA A 15 -0.19 -0.40 -10.80
N LEU A 16 -0.28 -0.75 -12.08
CA LEU A 16 -1.00 -1.96 -12.48
C LEU A 16 -0.39 -3.19 -11.83
N SER A 17 0.94 -3.20 -11.71
CA SER A 17 1.65 -4.32 -11.11
C SER A 17 1.29 -4.47 -9.63
N VAL A 18 0.99 -3.34 -8.99
CA VAL A 18 0.63 -3.34 -7.57
C VAL A 18 -0.75 -3.98 -7.36
N ALA A 19 -1.62 -3.83 -8.35
CA ALA A 19 -2.97 -4.39 -8.27
C ALA A 19 -3.00 -5.82 -8.78
N GLU A 20 -2.08 -6.15 -9.68
CA GLU A 20 -2.02 -7.49 -10.25
C GLU A 20 -1.25 -8.44 -9.33
N CYS A 21 -0.17 -7.93 -8.74
CA CYS A 21 0.65 -8.73 -7.83
C CYS A 21 -0.14 -9.11 -6.58
N VAL A 22 -0.80 -8.14 -5.98
CA VAL A 22 -1.59 -8.36 -4.78
C VAL A 22 -2.62 -9.46 -5.00
N GLU A 23 -3.13 -9.57 -6.22
CA GLU A 23 -4.12 -10.57 -6.57
C GLU A 23 -3.47 -11.92 -6.83
N ARG A 24 -2.20 -11.90 -7.21
CA ARG A 24 -1.46 -13.13 -7.49
C ARG A 24 -0.80 -13.68 -6.23
N MET A 25 -0.45 -12.79 -5.31
CA MET A 25 0.19 -13.19 -4.06
C MET A 25 -0.85 -13.51 -2.99
N ALA A 26 -2.03 -12.90 -3.10
CA ALA A 26 -3.10 -13.11 -2.14
C ALA A 26 -3.47 -14.60 -2.05
N PRO A 27 -3.77 -15.23 -3.20
CA PRO A 27 -4.14 -16.64 -3.25
C PRO A 27 -3.13 -17.54 -2.53
N THR A 28 -1.86 -17.13 -2.56
CA THR A 28 -0.80 -17.89 -1.92
C THR A 28 -0.67 -17.51 -0.45
N LEU A 29 -0.97 -16.25 -0.14
CA LEU A 29 -0.89 -15.75 1.22
C LEU A 29 -1.81 -16.55 2.15
N PRO A 30 -1.37 -16.83 3.38
CA PRO A 30 -2.16 -17.59 4.35
C PRO A 30 -3.27 -16.74 4.97
N LYS A 31 -3.93 -17.28 5.99
CA LYS A 31 -5.00 -16.57 6.67
C LYS A 31 -4.64 -16.28 8.12
N SER A 32 -4.89 -15.05 8.56
CA SER A 32 -4.59 -14.64 9.92
C SER A 32 -5.81 -14.82 10.83
N ASP A 33 -5.64 -14.50 12.11
CA ASP A 33 -6.73 -14.62 13.07
C ASP A 33 -7.31 -13.25 13.41
N LEU A 34 -8.63 -13.15 13.34
CA LEU A 34 -9.31 -11.89 13.64
C LEU A 34 -9.68 -11.81 15.11
N ASN A 35 -9.94 -12.96 15.72
CA ASN A 35 -10.31 -13.02 17.13
C ASN A 35 -9.16 -12.54 18.01
N GLU A 36 -7.93 -12.77 17.55
CA GLU A 36 -6.75 -12.36 18.30
C GLU A 36 -6.53 -10.85 18.18
N VAL A 37 -6.41 -10.37 16.94
CA VAL A 37 -6.19 -8.95 16.70
C VAL A 37 -7.32 -8.11 17.28
N LYS A 38 -8.52 -8.68 17.33
CA LYS A 38 -9.68 -7.98 17.87
C LYS A 38 -9.44 -7.55 19.31
N GLU A 39 -9.07 -8.51 20.15
CA GLU A 39 -8.81 -8.22 21.56
C GLU A 39 -7.69 -7.19 21.72
N LEU A 40 -6.76 -7.19 20.76
CA LEU A 40 -5.64 -6.26 20.79
C LEU A 40 -6.14 -4.81 20.77
N LEU A 41 -7.32 -4.61 20.21
CA LEU A 41 -7.91 -3.27 20.13
C LEU A 41 -8.65 -2.91 21.41
N LYS A 42 -9.41 -3.87 21.93
CA LYS A 42 -10.17 -3.65 23.16
C LYS A 42 -9.25 -3.30 24.31
N THR A 43 -8.02 -3.79 24.27
CA THR A 43 -7.05 -3.52 25.32
C THR A 43 -6.26 -2.25 25.03
N ASN A 44 -6.06 -1.96 23.74
CA ASN A 44 -5.33 -0.77 23.33
C ASN A 44 -6.28 0.35 22.94
N LYS A 45 -6.22 1.47 23.67
CA LYS A 45 -7.08 2.60 23.40
C LYS A 45 -6.60 3.37 22.17
N LYS A 46 -5.29 3.37 21.96
CA LYS A 46 -4.70 4.07 20.82
C LYS A 46 -5.00 3.33 19.52
N LEU A 47 -4.75 2.02 19.52
CA LEU A 47 -4.98 1.19 18.35
C LEU A 47 -6.45 1.22 17.95
N ALA A 48 -7.34 1.12 18.95
CA ALA A 48 -8.77 1.13 18.70
C ALA A 48 -9.21 2.46 18.11
N LYS A 49 -8.50 3.52 18.45
CA LYS A 49 -8.83 4.85 17.94
C LYS A 49 -8.14 5.11 16.60
N MET A 50 -6.98 4.49 16.41
CA MET A 50 -6.22 4.66 15.18
C MET A 50 -6.80 3.80 14.06
N ILE A 51 -6.68 2.48 14.20
CA ILE A 51 -7.20 1.55 13.20
C ILE A 51 -8.19 0.57 13.82
N GLY A 52 -9.07 1.09 14.68
CA GLY A 52 -10.06 0.24 15.32
C GLY A 52 -11.44 0.39 14.70
N HIS A 53 -11.72 1.57 14.17
CA HIS A 53 -13.02 1.83 13.54
C HIS A 53 -13.15 1.07 12.22
N ILE A 54 -12.02 0.81 11.58
CA ILE A 54 -12.02 0.09 10.30
C ILE A 54 -12.44 -1.36 10.51
N PHE A 55 -12.14 -1.91 11.68
CA PHE A 55 -12.49 -3.30 11.99
C PHE A 55 -14.00 -3.43 12.21
N GLU A 56 -14.62 -2.38 12.72
CA GLU A 56 -16.06 -2.38 12.98
C GLU A 56 -16.84 -2.30 11.67
N MET A 57 -16.43 -1.39 10.79
CA MET A 57 -17.09 -1.20 9.51
C MET A 57 -17.03 -2.49 8.68
N ASN A 58 -17.90 -2.59 7.68
CA ASN A 58 -17.94 -3.75 6.81
C ASN A 58 -16.79 -3.73 5.80
N ASP A 59 -16.79 -4.71 4.91
CA ASP A 59 -15.74 -4.81 3.89
C ASP A 59 -16.30 -4.47 2.51
N ASP A 60 -17.58 -4.77 2.31
CA ASP A 60 -18.23 -4.50 1.03
C ASP A 60 -18.16 -3.02 0.68
N ASP A 61 -18.15 -2.17 1.70
CA ASP A 61 -18.09 -0.73 1.49
C ASP A 61 -16.75 -0.33 0.87
N PRO A 62 -16.78 0.46 -0.22
CA PRO A 62 -15.56 0.91 -0.90
C PRO A 62 -14.80 1.96 -0.10
N HIS A 63 -15.52 2.68 0.76
CA HIS A 63 -14.91 3.72 1.59
C HIS A 63 -13.76 3.15 2.42
N LYS A 64 -13.79 1.84 2.66
CA LYS A 64 -12.76 1.19 3.44
C LYS A 64 -11.37 1.46 2.87
N GLU A 65 -11.30 1.64 1.56
CA GLU A 65 -10.03 1.92 0.89
C GLU A 65 -9.56 3.34 1.19
N GLU A 66 -10.52 4.25 1.38
CA GLU A 66 -10.19 5.65 1.67
C GLU A 66 -9.60 5.78 3.07
N GLU A 67 -10.03 4.91 3.97
CA GLU A 67 -9.53 4.93 5.35
C GLU A 67 -8.15 4.30 5.44
N ILE A 68 -7.97 3.18 4.75
CA ILE A 68 -6.69 2.47 4.75
C ILE A 68 -5.64 3.22 3.94
N ARG A 69 -6.10 3.96 2.92
CA ARG A 69 -5.20 4.71 2.05
C ARG A 69 -4.45 5.77 2.85
N LYS A 70 -5.06 6.26 3.93
CA LYS A 70 -4.46 7.28 4.77
C LYS A 70 -3.46 6.66 5.74
N TYR A 71 -3.84 5.53 6.34
CA TYR A 71 -2.97 4.85 7.30
C TYR A 71 -1.87 4.08 6.58
N SER A 72 -2.18 3.59 5.38
CA SER A 72 -1.21 2.83 4.59
C SER A 72 0.01 3.69 4.26
N ALA A 73 1.00 3.65 5.15
CA ALA A 73 2.22 4.42 4.95
C ALA A 73 3.32 3.95 5.91
N ILE A 74 4.48 3.61 5.36
CA ILE A 74 5.61 3.16 6.15
C ILE A 74 6.80 4.09 6.00
N TYR A 75 7.04 4.53 4.77
CA TYR A 75 8.16 5.43 4.49
C TYR A 75 7.70 6.88 4.47
N GLY A 76 7.84 7.56 5.61
CA GLY A 76 7.43 8.95 5.71
C GLY A 76 6.07 9.11 6.35
N ARG A 77 5.75 10.34 6.76
CA ARG A 77 4.47 10.62 7.40
C ARG A 77 3.46 11.13 6.38
N PHE A 78 2.18 10.97 6.70
CA PHE A 78 1.11 11.41 5.81
C PHE A 78 0.49 12.72 6.30
N ASP A 79 1.35 13.63 6.77
CA ASP A 79 0.89 14.92 7.28
C ASP A 79 1.69 16.05 6.65
N SER A 80 1.03 17.18 6.44
CA SER A 80 1.68 18.35 5.85
C SER A 80 2.44 19.15 6.91
N LYS A 81 3.70 19.44 6.64
CA LYS A 81 4.52 20.21 7.57
C LYS A 81 5.82 20.65 6.92
N ARG A 82 6.51 21.60 7.54
CA ARG A 82 7.76 22.12 7.02
C ARG A 82 7.56 22.74 5.65
N LYS A 83 8.63 23.33 5.10
CA LYS A 83 8.56 23.96 3.79
C LYS A 83 8.26 22.94 2.70
N ASP A 84 9.08 21.89 2.64
CA ASP A 84 8.89 20.84 1.65
C ASP A 84 7.55 20.14 1.83
N GLY A 85 7.11 19.41 0.81
CA GLY A 85 5.85 18.70 0.89
C GLY A 85 5.87 17.38 0.16
N LYS A 86 6.45 17.38 -1.04
CA LYS A 86 6.54 16.17 -1.85
C LYS A 86 7.27 15.06 -1.09
N HIS A 87 8.53 15.28 -0.78
CA HIS A 87 9.33 14.30 -0.06
C HIS A 87 9.44 13.01 -0.85
N LEU A 88 10.04 11.99 -0.23
CA LEU A 88 10.20 10.69 -0.88
C LEU A 88 11.02 10.83 -2.16
N THR A 89 11.20 9.71 -2.87
CA THR A 89 11.95 9.72 -4.12
C THR A 89 11.29 8.81 -5.16
N LEU A 90 11.00 7.58 -4.76
CA LEU A 90 10.36 6.63 -5.66
C LEU A 90 10.05 5.32 -4.94
N HIS A 91 11.09 4.70 -4.38
CA HIS A 91 10.92 3.43 -3.67
C HIS A 91 9.95 3.59 -2.51
N GLU A 92 10.03 4.71 -1.81
CA GLU A 92 9.16 4.98 -0.67
C GLU A 92 7.70 4.99 -1.11
N LEU A 93 7.45 5.39 -2.36
CA LEU A 93 6.10 5.44 -2.88
C LEU A 93 5.62 4.05 -3.31
N THR A 94 6.56 3.22 -3.75
CA THR A 94 6.24 1.86 -4.18
C THR A 94 5.85 0.99 -3.00
N VAL A 95 6.41 1.28 -1.84
CA VAL A 95 6.11 0.53 -0.63
C VAL A 95 4.85 1.04 0.05
N ASN A 96 4.69 2.37 0.06
CA ASN A 96 3.53 2.99 0.68
C ASN A 96 2.24 2.57 -0.02
N GLU A 97 2.35 2.28 -1.31
CA GLU A 97 1.18 1.86 -2.09
C GLU A 97 1.12 0.35 -2.19
N ALA A 98 2.28 -0.31 -2.15
CA ALA A 98 2.34 -1.76 -2.24
C ALA A 98 1.54 -2.42 -1.12
N ALA A 99 1.45 -1.74 0.02
CA ALA A 99 0.71 -2.26 1.15
C ALA A 99 -0.68 -1.64 1.25
N ALA A 100 -0.86 -0.48 0.63
CA ALA A 100 -2.14 0.22 0.65
C ALA A 100 -3.26 -0.68 0.14
N GLN A 101 -2.92 -1.61 -0.73
CA GLN A 101 -3.90 -2.54 -1.29
C GLN A 101 -3.96 -3.83 -0.48
N LEU A 102 -2.83 -4.22 0.09
CA LEU A 102 -2.75 -5.43 0.89
C LEU A 102 -3.57 -5.29 2.16
N CYS A 103 -3.50 -4.13 2.79
CA CYS A 103 -4.23 -3.87 4.03
C CYS A 103 -5.74 -3.95 3.79
N VAL A 104 -6.16 -3.60 2.58
CA VAL A 104 -7.57 -3.64 2.23
C VAL A 104 -8.16 -5.04 2.41
N LYS A 105 -7.67 -5.98 1.61
CA LYS A 105 -8.14 -7.36 1.67
C LYS A 105 -7.96 -7.93 3.08
N ASP A 106 -6.73 -7.87 3.59
CA ASP A 106 -6.43 -8.38 4.92
C ASP A 106 -6.36 -7.25 5.94
N ASN A 107 -7.43 -7.08 6.70
CA ASN A 107 -7.48 -6.03 7.72
C ASN A 107 -6.45 -6.28 8.82
N ALA A 108 -6.12 -7.55 9.04
CA ALA A 108 -5.14 -7.91 10.06
C ALA A 108 -3.77 -7.35 9.74
N LEU A 109 -3.48 -7.18 8.45
CA LEU A 109 -2.20 -6.65 8.01
C LEU A 109 -1.94 -5.27 8.60
N LEU A 110 -3.03 -4.54 8.88
CA LEU A 110 -2.91 -3.20 9.45
C LEU A 110 -2.14 -3.23 10.76
N THR A 111 -2.27 -4.33 11.50
CA THR A 111 -1.58 -4.48 12.77
C THR A 111 -0.22 -5.14 12.57
N ARG A 112 -0.13 -6.01 11.57
CA ARG A 112 1.11 -6.70 11.28
C ARG A 112 2.07 -5.80 10.50
N ARG A 113 3.17 -5.41 11.15
CA ARG A 113 4.15 -4.54 10.52
C ARG A 113 5.23 -5.37 9.80
N ASP A 114 5.65 -6.46 10.45
CA ASP A 114 6.67 -7.33 9.87
C ASP A 114 6.21 -7.89 8.52
N GLU A 115 5.05 -8.52 8.52
CA GLU A 115 4.50 -9.11 7.31
C GLU A 115 4.30 -8.05 6.22
N LEU A 116 3.59 -6.97 6.58
CA LEU A 116 3.32 -5.88 5.64
C LEU A 116 4.63 -5.30 5.10
N PHE A 117 5.68 -5.36 5.90
CA PHE A 117 6.98 -4.84 5.50
C PHE A 117 7.64 -5.75 4.47
N ALA A 118 7.36 -7.04 4.55
CA ALA A 118 7.92 -8.02 3.63
C ALA A 118 7.07 -8.15 2.38
N LEU A 119 5.75 -8.16 2.56
CA LEU A 119 4.83 -8.29 1.43
C LEU A 119 4.85 -7.04 0.56
N ALA A 120 4.83 -5.86 1.20
CA ALA A 120 4.86 -4.60 0.47
C ALA A 120 6.11 -4.48 -0.38
N ARG A 121 7.28 -4.69 0.24
CA ARG A 121 8.55 -4.61 -0.46
C ARG A 121 8.61 -5.61 -1.61
N GLN A 122 7.89 -6.72 -1.46
CA GLN A 122 7.86 -7.76 -2.48
C GLN A 122 7.36 -7.21 -3.82
N ILE A 123 6.45 -6.24 -3.73
CA ILE A 123 5.89 -5.63 -4.94
C ILE A 123 6.78 -4.51 -5.46
N SER A 124 7.47 -3.83 -4.54
CA SER A 124 8.36 -2.74 -4.91
C SER A 124 9.51 -3.24 -5.76
N ARG A 125 10.15 -4.31 -5.32
CA ARG A 125 11.28 -4.89 -6.04
C ARG A 125 10.85 -5.32 -7.45
N GLU A 126 9.59 -5.71 -7.60
CA GLU A 126 9.06 -6.13 -8.87
C GLU A 126 8.91 -4.96 -9.83
N VAL A 127 8.21 -3.92 -9.37
CA VAL A 127 7.99 -2.73 -10.18
C VAL A 127 9.29 -1.97 -10.41
N THR A 128 10.08 -1.84 -9.37
CA THR A 128 11.36 -1.13 -9.46
C THR A 128 12.28 -1.80 -10.47
N TYR A 129 12.26 -3.13 -10.49
CA TYR A 129 13.10 -3.89 -11.42
C TYR A 129 12.76 -3.55 -12.86
N LYS A 130 11.50 -3.74 -13.23
CA LYS A 130 11.05 -3.46 -14.59
C LYS A 130 10.16 -2.22 -14.61
N TYR A 131 10.71 -1.12 -15.10
CA TYR A 131 9.96 0.14 -15.18
C TYR A 131 9.41 0.36 -16.59
N THR A 132 8.90 1.56 -16.83
CA THR A 132 8.34 1.90 -18.14
C THR A 132 9.46 2.17 -19.15
N TYR A 133 9.23 1.75 -20.39
CA TYR A 133 10.21 1.96 -21.46
C TYR A 133 9.74 3.03 -22.43
N ARG A 134 10.70 3.67 -23.10
CA ARG A 134 10.38 4.71 -24.07
C ARG A 134 10.77 4.28 -25.48
N THR A 135 10.02 4.77 -26.47
CA THR A 135 10.28 4.43 -27.86
C THR A 135 10.92 5.61 -28.59
N THR A 136 12.16 5.43 -29.04
CA THR A 136 12.88 6.47 -29.76
C THR A 136 13.83 5.88 -30.78
N SER A 137 13.51 6.02 -32.05
CA SER A 137 14.34 5.50 -33.13
C SER A 137 14.28 6.40 -34.36
N GLY A 138 14.09 7.69 -34.13
CA GLY A 138 14.02 8.64 -35.24
C GLY A 138 14.57 10.01 -34.86
N PRO A 139 15.18 10.72 -35.83
CA PRO A 139 15.74 12.05 -35.58
C PRO A 139 14.67 13.11 -35.43
N SER A 140 13.55 12.93 -36.12
CA SER A 140 12.44 13.88 -36.05
C SER A 140 11.63 13.68 -34.77
N SER A 141 10.83 12.63 -34.75
CA SER A 141 10.00 12.33 -33.59
C SER A 141 10.53 11.11 -32.83
N GLY A 142 9.89 10.79 -31.71
CA GLY A 142 10.31 9.65 -30.93
C GLY A 142 11.03 10.05 -29.66
N GLY A 1 5.02 25.68 -22.71
CA GLY A 1 4.96 26.42 -21.41
C GLY A 1 4.34 25.59 -20.30
N SER A 2 5.15 25.25 -19.30
CA SER A 2 4.68 24.47 -18.17
C SER A 2 4.16 23.11 -18.64
N SER A 3 4.99 22.07 -18.49
CA SER A 3 4.61 20.73 -18.90
C SER A 3 4.99 19.71 -17.82
N GLY A 4 4.74 20.07 -16.56
CA GLY A 4 5.06 19.17 -15.47
C GLY A 4 3.89 18.98 -14.51
N SER A 5 3.97 17.95 -13.68
CA SER A 5 2.92 17.66 -12.73
C SER A 5 3.20 18.33 -11.39
N SER A 6 2.16 18.46 -10.57
CA SER A 6 2.29 19.10 -9.26
C SER A 6 1.96 18.11 -8.14
N GLY A 7 2.28 16.84 -8.36
CA GLY A 7 2.01 15.83 -7.37
C GLY A 7 3.03 14.71 -7.37
N GLU A 8 2.85 13.74 -6.48
CA GLU A 8 3.77 12.61 -6.39
C GLU A 8 3.01 11.30 -6.23
N ALA A 9 3.25 10.37 -7.15
CA ALA A 9 2.58 9.07 -7.11
C ALA A 9 3.24 8.09 -8.08
N LEU A 10 2.68 6.89 -8.15
CA LEU A 10 3.21 5.85 -9.04
C LEU A 10 2.75 6.08 -10.48
N ASP A 11 3.28 5.28 -11.39
CA ASP A 11 2.93 5.40 -12.80
C ASP A 11 1.64 4.64 -13.11
N ALA A 12 1.22 4.68 -14.36
CA ALA A 12 0.00 3.99 -14.78
C ALA A 12 0.23 2.48 -14.90
N ALA A 13 1.45 2.10 -15.25
CA ALA A 13 1.80 0.70 -15.42
C ALA A 13 2.27 0.10 -14.09
N ALA A 14 2.90 0.93 -13.26
CA ALA A 14 3.40 0.48 -11.96
C ALA A 14 2.25 0.18 -11.01
N ALA A 15 1.27 1.07 -10.97
CA ALA A 15 0.11 0.91 -10.10
C ALA A 15 -0.65 -0.37 -10.42
N LEU A 16 -0.58 -0.79 -11.68
CA LEU A 16 -1.27 -1.99 -12.13
C LEU A 16 -0.59 -3.25 -11.58
N SER A 17 0.74 -3.27 -11.66
CA SER A 17 1.51 -4.40 -11.16
C SER A 17 1.25 -4.65 -9.68
N VAL A 18 1.14 -3.56 -8.92
CA VAL A 18 0.90 -3.65 -7.49
C VAL A 18 -0.49 -4.21 -7.20
N ALA A 19 -1.43 -3.97 -8.11
CA ALA A 19 -2.80 -4.45 -7.95
C ALA A 19 -2.95 -5.86 -8.47
N GLU A 20 -2.15 -6.21 -9.47
CA GLU A 20 -2.19 -7.54 -10.07
C GLU A 20 -1.50 -8.57 -9.17
N CYS A 21 -0.38 -8.16 -8.58
CA CYS A 21 0.38 -9.04 -7.69
C CYS A 21 -0.37 -9.28 -6.38
N VAL A 22 -0.85 -8.20 -5.78
CA VAL A 22 -1.58 -8.29 -4.52
C VAL A 22 -2.81 -9.20 -4.65
N GLU A 23 -3.36 -9.26 -5.87
CA GLU A 23 -4.53 -10.09 -6.13
C GLU A 23 -4.13 -11.54 -6.43
N ARG A 24 -2.88 -11.74 -6.80
CA ARG A 24 -2.38 -13.07 -7.12
C ARG A 24 -1.74 -13.73 -5.91
N MET A 25 -1.20 -12.91 -5.00
CA MET A 25 -0.55 -13.41 -3.80
C MET A 25 -1.56 -13.60 -2.67
N ALA A 26 -2.61 -12.78 -2.66
CA ALA A 26 -3.64 -12.85 -1.63
C ALA A 26 -4.30 -14.24 -1.62
N PRO A 27 -4.79 -14.70 -2.78
CA PRO A 27 -5.46 -16.01 -2.89
C PRO A 27 -4.56 -17.14 -2.39
N THR A 28 -3.27 -17.01 -2.62
CA THR A 28 -2.31 -18.03 -2.20
C THR A 28 -1.95 -17.88 -0.72
N LEU A 29 -1.90 -16.62 -0.26
CA LEU A 29 -1.57 -16.34 1.13
C LEU A 29 -2.69 -16.79 2.06
N PRO A 30 -2.35 -17.36 3.22
CA PRO A 30 -3.35 -17.83 4.20
C PRO A 30 -4.00 -16.68 4.95
N LYS A 31 -5.09 -16.99 5.66
CA LYS A 31 -5.81 -15.99 6.43
C LYS A 31 -5.35 -15.98 7.88
N SER A 32 -5.54 -14.86 8.56
CA SER A 32 -5.13 -14.72 9.95
C SER A 32 -6.36 -14.74 10.87
N ASP A 33 -6.11 -14.77 12.18
CA ASP A 33 -7.19 -14.79 13.16
C ASP A 33 -7.76 -13.39 13.36
N LEU A 34 -8.92 -13.14 12.76
CA LEU A 34 -9.58 -11.84 12.88
C LEU A 34 -10.04 -11.58 14.31
N ASN A 35 -10.39 -12.66 15.02
CA ASN A 35 -10.85 -12.55 16.40
C ASN A 35 -9.70 -12.19 17.32
N GLU A 36 -8.51 -12.65 16.97
CA GLU A 36 -7.32 -12.38 17.78
C GLU A 36 -6.98 -10.89 17.76
N VAL A 37 -6.83 -10.33 16.57
CA VAL A 37 -6.51 -8.91 16.41
C VAL A 37 -7.58 -8.04 17.04
N LYS A 38 -8.82 -8.52 17.03
CA LYS A 38 -9.94 -7.78 17.60
C LYS A 38 -9.77 -7.60 19.11
N GLU A 39 -9.45 -8.69 19.80
CA GLU A 39 -9.26 -8.65 21.24
C GLU A 39 -8.17 -7.64 21.62
N LEU A 40 -7.22 -7.45 20.72
CA LEU A 40 -6.12 -6.52 20.97
C LEU A 40 -6.62 -5.07 20.91
N LEU A 41 -7.64 -4.83 20.10
CA LEU A 41 -8.21 -3.50 19.96
C LEU A 41 -9.22 -3.21 21.06
N LYS A 42 -10.02 -4.22 21.38
CA LYS A 42 -11.04 -4.09 22.42
C LYS A 42 -10.40 -3.79 23.78
N THR A 43 -9.18 -4.27 23.96
CA THR A 43 -8.45 -4.06 25.22
C THR A 43 -7.67 -2.76 25.19
N ASN A 44 -7.15 -2.41 24.02
CA ASN A 44 -6.37 -1.19 23.85
C ASN A 44 -7.25 -0.04 23.36
N LYS A 45 -6.69 1.16 23.33
CA LYS A 45 -7.42 2.33 22.88
C LYS A 45 -6.77 2.95 21.65
N LYS A 46 -5.45 3.03 21.67
CA LYS A 46 -4.70 3.59 20.56
C LYS A 46 -4.95 2.80 19.27
N LEU A 47 -4.68 1.51 19.32
CA LEU A 47 -4.88 0.65 18.17
C LEU A 47 -6.35 0.64 17.74
N ALA A 48 -7.23 0.79 18.72
CA ALA A 48 -8.67 0.80 18.45
C ALA A 48 -9.11 2.13 17.84
N LYS A 49 -8.39 3.20 18.18
CA LYS A 49 -8.71 4.52 17.67
C LYS A 49 -7.98 4.79 16.35
N MET A 50 -6.82 4.17 16.18
CA MET A 50 -6.03 4.34 14.97
C MET A 50 -6.59 3.50 13.83
N ILE A 51 -6.49 2.18 13.97
CA ILE A 51 -6.98 1.27 12.95
C ILE A 51 -7.99 0.27 13.54
N GLY A 52 -8.85 0.78 14.41
CA GLY A 52 -9.86 -0.06 15.03
C GLY A 52 -11.22 0.08 14.38
N HIS A 53 -11.55 1.30 13.96
CA HIS A 53 -12.83 1.57 13.32
C HIS A 53 -12.91 0.88 11.96
N ILE A 54 -11.76 0.66 11.33
CA ILE A 54 -11.71 0.01 10.03
C ILE A 54 -12.20 -1.43 10.12
N PHE A 55 -11.94 -2.06 11.27
CA PHE A 55 -12.36 -3.44 11.48
C PHE A 55 -13.87 -3.55 11.55
N GLU A 56 -14.48 -2.75 12.42
CA GLU A 56 -15.93 -2.75 12.58
C GLU A 56 -16.63 -2.23 11.34
N MET A 57 -15.92 -1.39 10.58
CA MET A 57 -16.46 -0.80 9.35
C MET A 57 -16.97 -1.89 8.41
N ASN A 58 -17.96 -1.56 7.60
CA ASN A 58 -18.52 -2.50 6.65
C ASN A 58 -17.46 -2.99 5.66
N ASP A 59 -17.67 -4.18 5.11
CA ASP A 59 -16.73 -4.76 4.16
C ASP A 59 -17.06 -4.33 2.74
N ASP A 60 -18.33 -4.06 2.48
CA ASP A 60 -18.77 -3.64 1.15
C ASP A 60 -18.90 -2.11 1.08
N ASP A 61 -17.97 -1.42 1.73
CA ASP A 61 -17.98 0.04 1.74
C ASP A 61 -16.72 0.59 1.07
N PRO A 62 -16.87 1.62 0.21
CA PRO A 62 -15.74 2.23 -0.50
C PRO A 62 -14.87 3.07 0.44
N HIS A 63 -15.48 3.62 1.49
CA HIS A 63 -14.76 4.44 2.45
C HIS A 63 -13.68 3.62 3.16
N LYS A 64 -13.90 2.32 3.26
CA LYS A 64 -12.94 1.43 3.91
C LYS A 64 -11.56 1.55 3.28
N GLU A 65 -11.51 1.45 1.95
CA GLU A 65 -10.25 1.55 1.23
C GLU A 65 -9.56 2.88 1.51
N GLU A 66 -10.33 3.96 1.50
CA GLU A 66 -9.80 5.29 1.74
C GLU A 66 -9.22 5.39 3.15
N GLU A 67 -9.82 4.63 4.08
CA GLU A 67 -9.36 4.64 5.46
C GLU A 67 -8.07 3.82 5.62
N ILE A 68 -8.04 2.66 4.96
CA ILE A 68 -6.88 1.80 5.02
C ILE A 68 -5.66 2.44 4.36
N ARG A 69 -5.90 3.11 3.24
CA ARG A 69 -4.82 3.77 2.52
C ARG A 69 -4.31 4.99 3.29
N LYS A 70 -5.21 5.63 4.03
CA LYS A 70 -4.85 6.80 4.81
C LYS A 70 -3.81 6.46 5.87
N TYR A 71 -4.17 5.52 6.76
CA TYR A 71 -3.26 5.10 7.82
C TYR A 71 -2.07 4.33 7.25
N SER A 72 -2.29 3.66 6.12
CA SER A 72 -1.24 2.88 5.48
C SER A 72 -0.06 3.76 5.10
N ALA A 73 0.86 3.96 6.05
CA ALA A 73 2.04 4.77 5.82
C ALA A 73 3.25 4.22 6.56
N ILE A 74 4.34 4.00 5.83
CA ILE A 74 5.56 3.47 6.43
C ILE A 74 6.79 4.26 5.97
N TYR A 75 6.56 5.47 5.48
CA TYR A 75 7.65 6.32 5.02
C TYR A 75 7.38 7.79 5.35
N GLY A 76 6.18 8.25 5.01
CA GLY A 76 5.81 9.62 5.28
C GLY A 76 4.32 9.81 5.40
N ARG A 77 3.78 10.76 4.64
CA ARG A 77 2.35 11.04 4.68
C ARG A 77 1.89 11.68 3.36
N PHE A 78 0.71 12.29 3.38
CA PHE A 78 0.17 12.94 2.20
C PHE A 78 0.60 14.41 2.14
N ASP A 79 0.81 15.00 3.32
CA ASP A 79 1.22 16.40 3.40
C ASP A 79 2.72 16.55 3.14
N SER A 80 3.06 17.24 2.06
CA SER A 80 4.47 17.45 1.71
C SER A 80 4.86 18.92 1.87
N LYS A 81 6.10 19.23 1.52
CA LYS A 81 6.59 20.60 1.64
C LYS A 81 7.92 20.75 0.89
N ARG A 82 8.30 22.00 0.63
CA ARG A 82 9.54 22.29 -0.08
C ARG A 82 9.53 21.67 -1.47
N LYS A 83 10.48 22.09 -2.30
CA LYS A 83 10.58 21.57 -3.66
C LYS A 83 11.99 21.08 -3.96
N ASP A 84 12.16 19.76 -3.98
CA ASP A 84 13.46 19.16 -4.25
C ASP A 84 13.31 17.72 -4.73
N GLY A 85 12.91 16.84 -3.82
CA GLY A 85 12.73 15.44 -4.18
C GLY A 85 13.02 14.51 -3.02
N LYS A 86 12.48 14.82 -1.86
CA LYS A 86 12.68 14.00 -0.67
C LYS A 86 11.42 13.22 -0.32
N HIS A 87 11.44 12.55 0.83
CA HIS A 87 10.30 11.76 1.27
C HIS A 87 10.02 10.61 0.32
N LEU A 88 9.37 10.91 -0.80
CA LEU A 88 9.05 9.89 -1.80
C LEU A 88 9.52 10.33 -3.18
N THR A 89 10.35 9.50 -3.81
CA THR A 89 10.87 9.80 -5.13
C THR A 89 10.28 8.86 -6.17
N LEU A 90 10.20 7.57 -5.84
CA LEU A 90 9.64 6.58 -6.75
C LEU A 90 9.51 5.22 -6.05
N HIS A 91 10.64 4.66 -5.65
CA HIS A 91 10.64 3.36 -4.98
C HIS A 91 9.81 3.41 -3.70
N GLU A 92 9.93 4.51 -2.96
CA GLU A 92 9.19 4.68 -1.71
C GLU A 92 7.70 4.84 -1.99
N LEU A 93 7.37 5.41 -3.14
CA LEU A 93 5.97 5.62 -3.51
C LEU A 93 5.26 4.29 -3.71
N THR A 94 6.00 3.30 -4.21
CA THR A 94 5.43 1.97 -4.44
C THR A 94 5.32 1.18 -3.14
N VAL A 95 6.24 1.43 -2.22
CA VAL A 95 6.24 0.75 -0.93
C VAL A 95 5.04 1.17 -0.09
N ASN A 96 4.82 2.47 0.01
CA ASN A 96 3.70 3.00 0.79
C ASN A 96 2.37 2.57 0.18
N GLU A 97 2.31 2.50 -1.15
CA GLU A 97 1.10 2.10 -1.84
C GLU A 97 0.94 0.59 -1.84
N ALA A 98 2.04 -0.12 -2.05
CA ALA A 98 2.01 -1.58 -2.07
C ALA A 98 1.53 -2.14 -0.74
N ALA A 99 1.82 -1.42 0.34
CA ALA A 99 1.41 -1.84 1.68
C ALA A 99 -0.07 -1.58 1.91
N ALA A 100 -0.56 -0.48 1.35
CA ALA A 100 -1.97 -0.11 1.50
C ALA A 100 -2.88 -1.13 0.81
N GLN A 101 -2.50 -1.51 -0.41
CA GLN A 101 -3.29 -2.48 -1.17
C GLN A 101 -3.38 -3.82 -0.43
N LEU A 102 -2.29 -4.20 0.23
CA LEU A 102 -2.26 -5.45 0.98
C LEU A 102 -3.09 -5.35 2.25
N CYS A 103 -3.11 -4.16 2.85
CA CYS A 103 -3.88 -3.93 4.06
C CYS A 103 -5.37 -4.12 3.82
N VAL A 104 -5.83 -3.70 2.65
CA VAL A 104 -7.24 -3.81 2.29
C VAL A 104 -7.66 -5.28 2.22
N LYS A 105 -6.89 -6.08 1.50
CA LYS A 105 -7.19 -7.51 1.37
C LYS A 105 -7.15 -8.21 2.72
N ASP A 106 -6.29 -7.72 3.61
CA ASP A 106 -6.15 -8.29 4.94
C ASP A 106 -6.07 -7.20 6.00
N ASN A 107 -7.12 -7.09 6.82
CA ASN A 107 -7.17 -6.09 7.87
C ASN A 107 -6.10 -6.37 8.94
N ALA A 108 -5.79 -7.64 9.13
CA ALA A 108 -4.78 -8.04 10.11
C ALA A 108 -3.42 -7.46 9.77
N LEU A 109 -3.17 -7.27 8.47
CA LEU A 109 -1.89 -6.73 8.01
C LEU A 109 -1.68 -5.32 8.55
N LEU A 110 -2.77 -4.59 8.78
CA LEU A 110 -2.69 -3.24 9.29
C LEU A 110 -1.95 -3.19 10.62
N THR A 111 -2.12 -4.23 11.43
CA THR A 111 -1.45 -4.29 12.72
C THR A 111 0.01 -4.71 12.56
N ARG A 112 0.28 -5.52 11.54
CA ARG A 112 1.63 -5.98 11.27
C ARG A 112 2.49 -4.86 10.70
N ARG A 113 3.62 -4.59 11.34
CA ARG A 113 4.53 -3.54 10.89
C ARG A 113 5.69 -4.13 10.08
N ASP A 114 6.10 -5.34 10.45
CA ASP A 114 7.21 -6.01 9.76
C ASP A 114 6.68 -6.91 8.64
N GLU A 115 5.54 -7.55 8.90
CA GLU A 115 4.94 -8.44 7.91
C GLU A 115 4.52 -7.67 6.66
N LEU A 116 3.94 -6.49 6.87
CA LEU A 116 3.50 -5.65 5.76
C LEU A 116 4.68 -4.95 5.10
N PHE A 117 5.72 -4.67 5.88
CA PHE A 117 6.91 -4.00 5.36
C PHE A 117 7.66 -4.91 4.39
N ALA A 118 7.57 -6.22 4.61
CA ALA A 118 8.24 -7.19 3.75
C ALA A 118 7.43 -7.47 2.49
N LEU A 119 6.12 -7.63 2.66
CA LEU A 119 5.23 -7.89 1.53
C LEU A 119 5.26 -6.73 0.53
N ALA A 120 5.09 -5.52 1.04
CA ALA A 120 5.09 -4.33 0.19
C ALA A 120 6.42 -4.20 -0.56
N ARG A 121 7.52 -4.30 0.17
CA ARG A 121 8.84 -4.18 -0.43
C ARG A 121 9.06 -5.25 -1.50
N GLN A 122 8.38 -6.38 -1.34
CA GLN A 122 8.50 -7.49 -2.29
C GLN A 122 8.10 -7.04 -3.70
N ILE A 123 6.96 -6.36 -3.79
CA ILE A 123 6.47 -5.89 -5.08
C ILE A 123 7.30 -4.70 -5.57
N SER A 124 7.83 -3.92 -4.63
CA SER A 124 8.64 -2.76 -4.97
C SER A 124 9.83 -3.15 -5.85
N ARG A 125 10.34 -4.36 -5.64
CA ARG A 125 11.48 -4.84 -6.41
C ARG A 125 11.01 -5.55 -7.68
N GLU A 126 9.93 -6.32 -7.56
CA GLU A 126 9.39 -7.04 -8.70
C GLU A 126 8.98 -6.08 -9.82
N VAL A 127 8.58 -4.87 -9.44
CA VAL A 127 8.16 -3.86 -10.40
C VAL A 127 9.37 -3.17 -11.03
N THR A 128 10.28 -2.71 -10.18
CA THR A 128 11.48 -2.03 -10.65
C THR A 128 12.40 -2.99 -11.39
N TYR A 129 12.39 -4.26 -10.98
CA TYR A 129 13.22 -5.27 -11.60
C TYR A 129 12.90 -5.41 -13.09
N LYS A 130 11.66 -5.79 -13.39
CA LYS A 130 11.22 -5.97 -14.77
C LYS A 130 10.97 -4.62 -15.43
N TYR A 131 12.02 -4.04 -16.01
CA TYR A 131 11.90 -2.75 -16.68
C TYR A 131 12.97 -2.61 -17.76
N THR A 132 13.35 -3.73 -18.36
CA THR A 132 14.36 -3.72 -19.41
C THR A 132 13.78 -3.19 -20.72
N TYR A 133 14.23 -2.02 -21.13
CA TYR A 133 13.76 -1.40 -22.36
C TYR A 133 14.63 -1.81 -23.54
N ARG A 134 14.01 -2.02 -24.70
CA ARG A 134 14.73 -2.42 -25.90
C ARG A 134 14.63 -1.34 -26.97
N THR A 135 15.63 -1.28 -27.85
CA THR A 135 15.65 -0.29 -28.91
C THR A 135 16.14 -0.92 -30.22
N THR A 136 15.22 -1.55 -30.94
CA THR A 136 15.55 -2.19 -32.21
C THR A 136 14.69 -1.63 -33.34
N SER A 137 15.27 -0.70 -34.11
CA SER A 137 14.56 -0.09 -35.22
C SER A 137 13.31 0.64 -34.74
N GLY A 138 12.74 1.47 -35.61
CA GLY A 138 11.55 2.22 -35.25
C GLY A 138 11.87 3.65 -34.83
N PRO A 139 12.44 4.46 -35.75
CA PRO A 139 12.78 5.84 -35.45
C PRO A 139 11.55 6.73 -35.32
N SER A 140 11.20 7.07 -34.07
CA SER A 140 10.04 7.91 -33.82
C SER A 140 10.38 9.00 -32.80
N SER A 141 10.97 8.61 -31.69
CA SER A 141 11.35 9.56 -30.65
C SER A 141 12.80 10.01 -30.81
N GLY A 142 13.28 10.81 -29.88
CA GLY A 142 14.64 11.31 -29.94
C GLY A 142 15.64 10.34 -29.33
N GLY A 1 -14.46 21.99 -4.90
CA GLY A 1 -13.63 20.74 -4.91
C GLY A 1 -12.69 20.66 -3.73
N SER A 2 -12.59 19.48 -3.13
CA SER A 2 -11.73 19.28 -1.98
C SER A 2 -11.04 17.91 -2.04
N SER A 3 -10.79 17.44 -3.26
CA SER A 3 -10.14 16.15 -3.47
C SER A 3 -9.26 16.18 -4.72
N GLY A 4 -7.95 16.25 -4.52
CA GLY A 4 -7.03 16.28 -5.63
C GLY A 4 -5.92 15.25 -5.49
N SER A 5 -5.82 14.36 -6.48
CA SER A 5 -4.80 13.32 -6.46
C SER A 5 -3.71 13.61 -7.48
N SER A 6 -2.88 14.61 -7.18
CA SER A 6 -1.79 14.99 -8.06
C SER A 6 -0.46 15.01 -7.31
N GLY A 7 0.63 15.21 -8.06
CA GLY A 7 1.95 15.25 -7.44
C GLY A 7 2.82 14.09 -7.87
N GLU A 8 3.94 13.90 -7.18
CA GLU A 8 4.86 12.81 -7.50
C GLU A 8 4.33 11.48 -6.97
N ALA A 9 4.12 10.54 -7.88
CA ALA A 9 3.62 9.22 -7.51
C ALA A 9 3.92 8.19 -8.59
N LEU A 10 3.50 6.96 -8.37
CA LEU A 10 3.72 5.88 -9.32
C LEU A 10 3.07 6.19 -10.67
N ASP A 11 3.45 5.45 -11.70
CA ASP A 11 2.90 5.65 -13.03
C ASP A 11 1.79 4.64 -13.33
N ALA A 12 1.15 4.80 -14.48
CA ALA A 12 0.07 3.90 -14.88
C ALA A 12 0.58 2.46 -15.01
N ALA A 13 1.84 2.31 -15.37
CA ALA A 13 2.44 0.99 -15.53
C ALA A 13 2.81 0.39 -14.17
N ALA A 14 3.55 1.15 -13.38
CA ALA A 14 3.96 0.70 -12.06
C ALA A 14 2.75 0.40 -11.18
N ALA A 15 1.69 1.19 -11.34
CA ALA A 15 0.47 1.00 -10.56
C ALA A 15 -0.19 -0.34 -10.88
N LEU A 16 -0.06 -0.76 -12.13
CA LEU A 16 -0.65 -2.01 -12.58
C LEU A 16 0.15 -3.21 -12.06
N SER A 17 1.46 -3.04 -11.97
CA SER A 17 2.33 -4.10 -11.48
C SER A 17 2.03 -4.43 -10.02
N VAL A 18 1.60 -3.43 -9.27
CA VAL A 18 1.27 -3.60 -7.86
C VAL A 18 -0.17 -4.03 -7.68
N ALA A 19 -1.05 -3.54 -8.56
CA ALA A 19 -2.47 -3.88 -8.49
C ALA A 19 -2.72 -5.30 -8.96
N GLU A 20 -1.86 -5.79 -9.86
CA GLU A 20 -2.00 -7.14 -10.39
C GLU A 20 -1.35 -8.16 -9.46
N CYS A 21 -0.30 -7.73 -8.75
CA CYS A 21 0.40 -8.60 -7.82
C CYS A 21 -0.43 -8.84 -6.56
N VAL A 22 -1.00 -7.77 -6.02
CA VAL A 22 -1.81 -7.86 -4.82
C VAL A 22 -2.99 -8.81 -5.02
N GLU A 23 -3.46 -8.91 -6.26
CA GLU A 23 -4.59 -9.79 -6.59
C GLU A 23 -4.12 -11.23 -6.73
N ARG A 24 -2.84 -11.42 -7.03
CA ARG A 24 -2.28 -12.76 -7.19
C ARG A 24 -1.88 -13.35 -5.84
N MET A 25 -1.23 -12.54 -5.02
CA MET A 25 -0.78 -12.97 -3.70
C MET A 25 -1.93 -13.01 -2.71
N ALA A 26 -2.98 -12.24 -3.00
CA ALA A 26 -4.14 -12.17 -2.12
C ALA A 26 -4.75 -13.56 -1.88
N PRO A 27 -5.21 -14.23 -2.96
CA PRO A 27 -5.81 -15.56 -2.86
C PRO A 27 -4.82 -16.62 -2.40
N THR A 28 -3.56 -16.45 -2.79
CA THR A 28 -2.51 -17.40 -2.42
C THR A 28 -2.12 -17.22 -0.95
N LEU A 29 -2.18 -15.98 -0.47
CA LEU A 29 -1.83 -15.69 0.91
C LEU A 29 -2.87 -16.23 1.88
N PRO A 30 -2.46 -16.56 3.11
CA PRO A 30 -3.39 -17.09 4.13
C PRO A 30 -4.37 -16.04 4.63
N LYS A 31 -5.08 -16.37 5.71
CA LYS A 31 -6.06 -15.46 6.29
C LYS A 31 -5.75 -15.19 7.75
N SER A 32 -6.59 -14.40 8.40
CA SER A 32 -6.41 -14.06 9.80
C SER A 32 -7.74 -14.11 10.55
N ASP A 33 -7.67 -14.09 11.88
CA ASP A 33 -8.87 -14.12 12.71
C ASP A 33 -9.10 -12.78 13.41
N LEU A 34 -10.33 -12.30 13.36
CA LEU A 34 -10.68 -11.03 13.99
C LEU A 34 -10.67 -11.15 15.51
N ASN A 35 -11.02 -12.34 16.01
CA ASN A 35 -11.05 -12.59 17.45
C ASN A 35 -9.66 -12.49 18.05
N GLU A 36 -8.65 -12.84 17.26
CA GLU A 36 -7.27 -12.79 17.72
C GLU A 36 -6.78 -11.35 17.85
N VAL A 37 -7.05 -10.55 16.83
CA VAL A 37 -6.65 -9.15 16.83
C VAL A 37 -7.57 -8.30 17.69
N LYS A 38 -8.82 -8.76 17.84
CA LYS A 38 -9.80 -8.04 18.65
C LYS A 38 -9.29 -7.83 20.07
N GLU A 39 -8.64 -8.85 20.61
CA GLU A 39 -8.11 -8.78 21.97
C GLU A 39 -7.03 -7.70 22.08
N LEU A 40 -6.32 -7.46 20.98
CA LEU A 40 -5.28 -6.45 20.96
C LEU A 40 -5.87 -5.05 21.06
N LEU A 41 -7.07 -4.89 20.53
CA LEU A 41 -7.75 -3.60 20.55
C LEU A 41 -8.40 -3.35 21.91
N LYS A 42 -8.84 -4.43 22.54
CA LYS A 42 -9.49 -4.33 23.85
C LYS A 42 -8.50 -3.91 24.92
N THR A 43 -7.22 -4.24 24.71
CA THR A 43 -6.17 -3.89 25.66
C THR A 43 -5.69 -2.46 25.44
N ASN A 44 -5.72 -2.01 24.19
CA ASN A 44 -5.29 -0.67 23.85
C ASN A 44 -6.49 0.23 23.54
N LYS A 45 -6.22 1.49 23.25
CA LYS A 45 -7.29 2.45 22.94
C LYS A 45 -7.02 3.13 21.60
N LYS A 46 -5.78 3.56 21.38
CA LYS A 46 -5.40 4.23 20.15
C LYS A 46 -5.54 3.28 18.95
N LEU A 47 -5.14 2.03 19.15
CA LEU A 47 -5.22 1.03 18.09
C LEU A 47 -6.68 0.76 17.70
N ALA A 48 -7.57 0.87 18.68
CA ALA A 48 -8.99 0.64 18.44
C ALA A 48 -9.66 1.88 17.87
N LYS A 49 -9.08 3.04 18.12
CA LYS A 49 -9.62 4.30 17.62
C LYS A 49 -9.00 4.67 16.29
N MET A 50 -7.77 4.23 16.06
CA MET A 50 -7.07 4.52 14.82
C MET A 50 -7.48 3.55 13.71
N ILE A 51 -7.14 2.28 13.89
CA ILE A 51 -7.48 1.25 12.91
C ILE A 51 -8.36 0.17 13.52
N GLY A 52 -9.23 0.57 14.44
CA GLY A 52 -10.13 -0.38 15.08
C GLY A 52 -11.49 -0.42 14.43
N HIS A 53 -12.02 0.76 14.09
CA HIS A 53 -13.33 0.84 13.47
C HIS A 53 -13.31 0.21 12.08
N ILE A 54 -12.16 0.26 11.42
CA ILE A 54 -12.01 -0.31 10.09
C ILE A 54 -12.15 -1.83 10.12
N PHE A 55 -11.75 -2.44 11.24
CA PHE A 55 -11.84 -3.88 11.39
C PHE A 55 -13.29 -4.35 11.35
N GLU A 56 -14.18 -3.54 11.93
CA GLU A 56 -15.60 -3.86 11.97
C GLU A 56 -16.24 -3.65 10.59
N MET A 57 -15.71 -2.68 9.85
CA MET A 57 -16.24 -2.38 8.52
C MET A 57 -16.12 -3.59 7.60
N ASN A 58 -16.75 -3.50 6.43
CA ASN A 58 -16.71 -4.59 5.46
C ASN A 58 -15.72 -4.30 4.35
N ASP A 59 -15.17 -5.36 3.77
CA ASP A 59 -14.20 -5.21 2.69
C ASP A 59 -14.87 -4.73 1.41
N ASP A 60 -16.15 -5.05 1.26
CA ASP A 60 -16.90 -4.63 0.08
C ASP A 60 -17.46 -3.22 0.25
N ASP A 61 -16.57 -2.27 0.49
CA ASP A 61 -16.96 -0.88 0.68
C ASP A 61 -15.91 0.07 0.11
N PRO A 62 -16.35 1.15 -0.56
CA PRO A 62 -15.43 2.13 -1.15
C PRO A 62 -14.75 3.00 -0.10
N HIS A 63 -15.43 3.20 1.03
CA HIS A 63 -14.90 4.01 2.12
C HIS A 63 -13.81 3.25 2.87
N LYS A 64 -13.91 1.94 2.90
CA LYS A 64 -12.93 1.10 3.59
C LYS A 64 -11.53 1.33 3.02
N GLU A 65 -11.41 1.19 1.71
CA GLU A 65 -10.12 1.38 1.04
C GLU A 65 -9.58 2.77 1.29
N GLU A 66 -10.45 3.78 1.15
CA GLU A 66 -10.06 5.16 1.35
C GLU A 66 -9.54 5.38 2.78
N GLU A 67 -10.06 4.58 3.72
CA GLU A 67 -9.64 4.70 5.11
C GLU A 67 -8.31 3.99 5.35
N ILE A 68 -8.16 2.81 4.76
CA ILE A 68 -6.93 2.04 4.90
C ILE A 68 -5.74 2.77 4.28
N ARG A 69 -5.95 3.29 3.07
CA ARG A 69 -4.89 4.01 2.37
C ARG A 69 -4.41 5.21 3.19
N LYS A 70 -5.29 5.76 4.01
CA LYS A 70 -4.96 6.91 4.85
C LYS A 70 -3.96 6.52 5.93
N TYR A 71 -4.08 5.30 6.43
CA TYR A 71 -3.18 4.81 7.48
C TYR A 71 -2.01 4.05 6.88
N SER A 72 -2.29 3.24 5.86
CA SER A 72 -1.25 2.46 5.20
C SER A 72 -0.16 3.36 4.63
N ALA A 73 0.93 3.50 5.37
CA ALA A 73 2.05 4.34 4.94
C ALA A 73 3.31 4.00 5.74
N ILE A 74 4.23 3.29 5.09
CA ILE A 74 5.49 2.91 5.74
C ILE A 74 6.49 4.06 5.70
N TYR A 75 6.69 4.63 4.52
CA TYR A 75 7.63 5.74 4.35
C TYR A 75 6.89 7.08 4.32
N GLY A 76 6.69 7.66 5.50
CA GLY A 76 5.99 8.93 5.58
C GLY A 76 4.88 8.91 6.62
N ARG A 77 3.93 9.84 6.46
CA ARG A 77 2.81 9.92 7.39
C ARG A 77 1.51 9.44 6.72
N PHE A 78 1.04 10.19 5.73
CA PHE A 78 -0.17 9.83 5.01
C PHE A 78 -0.45 10.83 3.89
N ASP A 79 -0.20 12.10 4.16
CA ASP A 79 -0.43 13.15 3.17
C ASP A 79 0.24 14.46 3.59
N SER A 80 1.30 14.82 2.88
CA SER A 80 2.03 16.05 3.19
C SER A 80 2.34 16.83 1.92
N LYS A 81 2.41 18.15 2.03
CA LYS A 81 2.69 19.00 0.88
C LYS A 81 4.16 19.45 0.89
N ARG A 82 4.99 18.74 0.13
CA ARG A 82 6.41 19.06 0.05
C ARG A 82 6.99 18.55 -1.27
N LYS A 83 8.30 18.74 -1.43
CA LYS A 83 8.99 18.31 -2.64
C LYS A 83 9.45 16.86 -2.52
N ASP A 84 9.75 16.24 -3.65
CA ASP A 84 10.20 14.84 -3.67
C ASP A 84 11.61 14.75 -4.23
N GLY A 85 12.33 13.71 -3.81
CA GLY A 85 13.69 13.52 -4.28
C GLY A 85 14.64 13.14 -3.16
N LYS A 86 14.39 13.66 -1.97
CA LYS A 86 15.22 13.37 -0.81
C LYS A 86 15.07 11.91 -0.37
N HIS A 87 13.88 11.57 0.11
CA HIS A 87 13.61 10.22 0.57
C HIS A 87 12.78 9.45 -0.47
N LEU A 88 11.57 9.94 -0.71
CA LEU A 88 10.68 9.30 -1.68
C LEU A 88 11.03 9.72 -3.10
N THR A 89 11.85 8.90 -3.76
CA THR A 89 12.28 9.19 -5.13
C THR A 89 11.41 8.44 -6.14
N LEU A 90 11.08 7.19 -5.81
CA LEU A 90 10.26 6.36 -6.68
C LEU A 90 9.98 5.01 -6.05
N HIS A 91 11.03 4.31 -5.66
CA HIS A 91 10.88 3.00 -5.03
C HIS A 91 10.08 3.09 -3.75
N GLU A 92 10.42 4.07 -2.90
CA GLU A 92 9.72 4.26 -1.65
C GLU A 92 8.24 4.55 -1.88
N LEU A 93 7.93 5.19 -2.99
CA LEU A 93 6.55 5.52 -3.33
C LEU A 93 5.76 4.25 -3.64
N THR A 94 6.44 3.26 -4.19
CA THR A 94 5.80 2.00 -4.55
C THR A 94 5.42 1.21 -3.30
N VAL A 95 6.33 1.18 -2.33
CA VAL A 95 6.11 0.46 -1.09
C VAL A 95 4.90 1.02 -0.34
N ASN A 96 4.73 2.33 -0.40
CA ASN A 96 3.61 2.99 0.27
C ASN A 96 2.28 2.50 -0.28
N GLU A 97 2.08 2.71 -1.59
CA GLU A 97 0.85 2.28 -2.23
C GLU A 97 0.70 0.76 -2.20
N ALA A 98 1.83 0.06 -2.22
CA ALA A 98 1.83 -1.39 -2.19
C ALA A 98 1.12 -1.92 -0.95
N ALA A 99 1.62 -1.54 0.23
CA ALA A 99 1.04 -1.98 1.49
C ALA A 99 -0.42 -1.54 1.59
N ALA A 100 -0.75 -0.42 0.96
CA ALA A 100 -2.11 0.11 0.98
C ALA A 100 -3.09 -0.90 0.39
N GLN A 101 -2.72 -1.50 -0.73
CA GLN A 101 -3.57 -2.47 -1.39
C GLN A 101 -3.55 -3.81 -0.66
N LEU A 102 -2.39 -4.13 -0.06
CA LEU A 102 -2.24 -5.38 0.68
C LEU A 102 -3.01 -5.34 1.99
N CYS A 103 -2.99 -4.19 2.65
CA CYS A 103 -3.69 -4.01 3.92
C CYS A 103 -5.19 -4.26 3.75
N VAL A 104 -5.69 -3.96 2.56
CA VAL A 104 -7.12 -4.14 2.27
C VAL A 104 -7.52 -5.60 2.44
N LYS A 105 -6.87 -6.48 1.69
CA LYS A 105 -7.16 -7.91 1.75
C LYS A 105 -6.92 -8.45 3.15
N ASP A 106 -5.78 -8.09 3.74
CA ASP A 106 -5.44 -8.55 5.08
C ASP A 106 -5.53 -7.40 6.09
N ASN A 107 -6.60 -7.42 6.88
CA ASN A 107 -6.81 -6.37 7.88
C ASN A 107 -5.79 -6.49 9.01
N ALA A 108 -5.27 -7.70 9.22
CA ALA A 108 -4.29 -7.95 10.27
C ALA A 108 -2.98 -7.22 9.97
N LEU A 109 -2.67 -7.09 8.69
CA LEU A 109 -1.44 -6.42 8.27
C LEU A 109 -1.41 -4.98 8.76
N LEU A 110 -2.58 -4.38 8.89
CA LEU A 110 -2.68 -3.00 9.35
C LEU A 110 -2.09 -2.83 10.74
N THR A 111 -2.21 -3.88 11.55
CA THR A 111 -1.69 -3.86 12.92
C THR A 111 -0.22 -4.27 12.93
N ARG A 112 0.13 -5.24 12.10
CA ARG A 112 1.51 -5.72 12.03
C ARG A 112 2.24 -5.08 10.86
N ARG A 113 3.06 -4.07 11.16
CA ARG A 113 3.82 -3.38 10.14
C ARG A 113 5.06 -4.18 9.73
N ASP A 114 5.58 -4.98 10.66
CA ASP A 114 6.75 -5.79 10.40
C ASP A 114 6.51 -6.74 9.22
N GLU A 115 5.44 -7.51 9.30
CA GLU A 115 5.09 -8.45 8.24
C GLU A 115 4.71 -7.72 6.96
N LEU A 116 4.05 -6.57 7.12
CA LEU A 116 3.62 -5.77 5.98
C LEU A 116 4.82 -5.25 5.20
N PHE A 117 5.92 -5.01 5.90
CA PHE A 117 7.14 -4.50 5.27
C PHE A 117 7.71 -5.53 4.30
N ALA A 118 7.55 -6.81 4.63
CA ALA A 118 8.06 -7.87 3.78
C ALA A 118 7.23 -8.02 2.51
N LEU A 119 5.92 -8.23 2.69
CA LEU A 119 5.01 -8.39 1.55
C LEU A 119 5.05 -7.16 0.65
N ALA A 120 5.11 -5.98 1.26
CA ALA A 120 5.14 -4.73 0.51
C ALA A 120 6.41 -4.61 -0.32
N ARG A 121 7.52 -5.09 0.25
CA ARG A 121 8.80 -5.03 -0.43
C ARG A 121 8.85 -6.02 -1.60
N GLN A 122 8.11 -7.11 -1.47
CA GLN A 122 8.07 -8.14 -2.51
C GLN A 122 7.50 -7.58 -3.80
N ILE A 123 6.58 -6.61 -3.67
CA ILE A 123 5.96 -5.99 -4.84
C ILE A 123 6.77 -4.80 -5.34
N SER A 124 7.46 -4.14 -4.42
CA SER A 124 8.27 -2.98 -4.78
C SER A 124 9.50 -3.39 -5.57
N ARG A 125 9.99 -4.60 -5.31
CA ARG A 125 11.16 -5.12 -6.01
C ARG A 125 10.81 -5.53 -7.44
N GLU A 126 9.57 -5.98 -7.64
CA GLU A 126 9.11 -6.40 -8.95
C GLU A 126 9.08 -5.23 -9.93
N VAL A 127 8.51 -4.11 -9.47
CA VAL A 127 8.41 -2.92 -10.30
C VAL A 127 9.79 -2.36 -10.64
N THR A 128 10.76 -2.59 -9.76
CA THR A 128 12.12 -2.12 -9.96
C THR A 128 12.89 -3.07 -10.88
N TYR A 129 12.55 -4.34 -10.82
CA TYR A 129 13.21 -5.35 -11.64
C TYR A 129 12.79 -5.22 -13.10
N LYS A 130 11.50 -5.42 -13.36
CA LYS A 130 10.97 -5.32 -14.71
C LYS A 130 10.57 -3.89 -15.05
N TYR A 131 11.07 -3.39 -16.18
CA TYR A 131 10.76 -2.03 -16.61
C TYR A 131 10.87 -1.90 -18.12
N THR A 132 10.58 -2.99 -18.82
CA THR A 132 10.65 -3.01 -20.27
C THR A 132 9.70 -4.05 -20.85
N TYR A 133 9.28 -3.86 -22.10
CA TYR A 133 8.38 -4.78 -22.76
C TYR A 133 9.10 -6.07 -23.16
N ARG A 134 10.35 -5.92 -23.63
CA ARG A 134 11.14 -7.07 -24.04
C ARG A 134 12.56 -6.96 -23.49
N THR A 135 13.19 -8.11 -23.25
CA THR A 135 14.55 -8.14 -22.72
C THR A 135 15.51 -8.73 -23.76
N THR A 136 15.04 -9.73 -24.49
CA THR A 136 15.85 -10.38 -25.51
C THR A 136 15.97 -9.51 -26.74
N SER A 137 17.04 -8.72 -26.81
CA SER A 137 17.27 -7.84 -27.95
C SER A 137 18.74 -7.84 -28.34
N GLY A 138 19.14 -8.80 -29.16
CA GLY A 138 20.52 -8.89 -29.60
C GLY A 138 21.19 -10.17 -29.12
N PRO A 139 21.18 -11.24 -29.93
CA PRO A 139 21.80 -12.52 -29.57
C PRO A 139 23.32 -12.43 -29.52
N SER A 140 23.91 -13.08 -28.52
CA SER A 140 25.35 -13.07 -28.35
C SER A 140 25.91 -14.49 -28.31
N SER A 141 25.26 -15.35 -27.54
CA SER A 141 25.69 -16.75 -27.42
C SER A 141 25.28 -17.54 -28.65
N GLY A 142 25.94 -17.28 -29.76
CA GLY A 142 25.63 -17.98 -31.00
C GLY A 142 25.87 -17.13 -32.23
N GLY A 1 -19.04 15.36 -4.04
CA GLY A 1 -18.79 13.91 -3.84
C GLY A 1 -17.69 13.37 -4.75
N SER A 2 -17.84 13.62 -6.05
CA SER A 2 -16.86 13.16 -7.02
C SER A 2 -16.64 14.21 -8.12
N SER A 3 -15.51 14.90 -8.04
CA SER A 3 -15.18 15.93 -9.03
C SER A 3 -13.79 15.73 -9.59
N GLY A 4 -13.69 14.95 -10.67
CA GLY A 4 -12.40 14.68 -11.29
C GLY A 4 -11.97 13.25 -11.11
N SER A 5 -10.77 13.05 -10.55
CA SER A 5 -10.23 11.72 -10.34
C SER A 5 -10.30 11.34 -8.86
N SER A 6 -9.80 10.15 -8.54
CA SER A 6 -9.80 9.68 -7.16
C SER A 6 -8.45 9.93 -6.50
N GLY A 7 -7.39 9.89 -7.29
CA GLY A 7 -6.06 10.13 -6.76
C GLY A 7 -5.18 8.89 -6.84
N GLU A 8 -4.02 9.03 -7.48
CA GLU A 8 -3.09 7.92 -7.62
C GLU A 8 -1.65 8.41 -7.66
N ALA A 9 -0.70 7.53 -7.34
CA ALA A 9 0.71 7.88 -7.34
C ALA A 9 1.45 7.17 -8.46
N LEU A 10 1.43 5.85 -8.43
CA LEU A 10 2.11 5.04 -9.45
C LEU A 10 1.46 5.25 -10.82
N ASP A 11 2.01 4.61 -11.84
CA ASP A 11 1.49 4.72 -13.20
C ASP A 11 0.44 3.65 -13.46
N ALA A 12 -0.04 3.59 -14.70
CA ALA A 12 -1.05 2.61 -15.09
C ALA A 12 -0.46 1.21 -15.14
N ALA A 13 0.81 1.12 -15.54
CA ALA A 13 1.49 -0.18 -15.63
C ALA A 13 1.95 -0.65 -14.26
N ALA A 14 2.64 0.24 -13.53
CA ALA A 14 3.13 -0.09 -12.20
C ALA A 14 1.99 -0.47 -11.26
N ALA A 15 0.95 0.36 -11.25
CA ALA A 15 -0.20 0.10 -10.40
C ALA A 15 -0.85 -1.24 -10.73
N LEU A 16 -0.80 -1.61 -12.01
CA LEU A 16 -1.38 -2.87 -12.45
C LEU A 16 -0.59 -4.06 -11.93
N SER A 17 0.73 -3.93 -11.93
CA SER A 17 1.61 -5.00 -11.45
C SER A 17 1.33 -5.31 -9.99
N VAL A 18 1.29 -4.27 -9.16
CA VAL A 18 1.03 -4.43 -7.73
C VAL A 18 -0.38 -4.94 -7.49
N ALA A 19 -1.34 -4.41 -8.24
CA ALA A 19 -2.74 -4.80 -8.10
C ALA A 19 -2.92 -6.29 -8.41
N GLU A 20 -2.11 -6.79 -9.34
CA GLU A 20 -2.18 -8.19 -9.73
C GLU A 20 -1.40 -9.07 -8.75
N CYS A 21 -0.34 -8.51 -8.18
CA CYS A 21 0.48 -9.24 -7.23
C CYS A 21 -0.20 -9.33 -5.86
N VAL A 22 -0.71 -8.20 -5.39
CA VAL A 22 -1.39 -8.14 -4.10
C VAL A 22 -2.55 -9.14 -4.04
N GLU A 23 -3.14 -9.41 -5.19
CA GLU A 23 -4.26 -10.35 -5.28
C GLU A 23 -3.77 -11.79 -5.43
N ARG A 24 -2.51 -11.95 -5.84
CA ARG A 24 -1.93 -13.26 -6.03
C ARG A 24 -1.27 -13.77 -4.75
N MET A 25 -0.50 -12.90 -4.10
CA MET A 25 0.18 -13.25 -2.86
C MET A 25 -0.81 -13.39 -1.71
N ALA A 26 -1.93 -12.67 -1.81
CA ALA A 26 -2.96 -12.71 -0.78
C ALA A 26 -3.45 -14.14 -0.53
N PRO A 27 -4.03 -14.78 -1.55
CA PRO A 27 -4.55 -16.15 -1.44
C PRO A 27 -3.46 -17.15 -1.05
N THR A 28 -2.29 -17.01 -1.64
CA THR A 28 -1.17 -17.90 -1.35
C THR A 28 -0.66 -17.69 0.07
N LEU A 29 -0.80 -16.47 0.57
CA LEU A 29 -0.36 -16.13 1.91
C LEU A 29 -1.20 -16.85 2.96
N PRO A 30 -0.66 -17.04 4.17
CA PRO A 30 -1.37 -17.72 5.26
C PRO A 30 -2.74 -17.11 5.52
N LYS A 31 -3.43 -17.63 6.53
CA LYS A 31 -4.75 -17.13 6.90
C LYS A 31 -4.74 -16.49 8.28
N SER A 32 -5.19 -15.24 8.35
CA SER A 32 -5.22 -14.51 9.61
C SER A 32 -6.63 -14.51 10.20
N ASP A 33 -6.73 -14.78 11.49
CA ASP A 33 -8.02 -14.81 12.18
C ASP A 33 -8.43 -13.43 12.64
N LEU A 34 -9.64 -13.02 12.31
CA LEU A 34 -10.15 -11.72 12.69
C LEU A 34 -10.57 -11.69 14.15
N ASN A 35 -11.03 -12.85 14.64
CA ASN A 35 -11.46 -12.97 16.04
C ASN A 35 -10.29 -12.74 16.99
N GLU A 36 -9.09 -13.12 16.55
CA GLU A 36 -7.89 -12.96 17.37
C GLU A 36 -7.49 -11.50 17.46
N VAL A 37 -7.42 -10.83 16.32
CA VAL A 37 -7.04 -9.42 16.28
C VAL A 37 -8.14 -8.54 16.85
N LYS A 38 -9.38 -8.98 16.71
CA LYS A 38 -10.53 -8.24 17.21
C LYS A 38 -10.50 -8.16 18.74
N GLU A 39 -10.26 -9.29 19.38
CA GLU A 39 -10.20 -9.35 20.84
C GLU A 39 -9.10 -8.44 21.38
N LEU A 40 -8.00 -8.35 20.63
CA LEU A 40 -6.87 -7.52 21.02
C LEU A 40 -7.29 -6.06 21.17
N LEU A 41 -8.19 -5.62 20.30
CA LEU A 41 -8.68 -4.24 20.34
C LEU A 41 -9.61 -4.03 21.53
N LYS A 42 -10.31 -5.07 21.91
CA LYS A 42 -11.25 -5.00 23.03
C LYS A 42 -10.52 -4.68 24.34
N THR A 43 -9.27 -5.14 24.43
CA THR A 43 -8.46 -4.90 25.62
C THR A 43 -7.74 -3.56 25.54
N ASN A 44 -7.38 -3.16 24.32
CA ASN A 44 -6.68 -1.90 24.11
C ASN A 44 -7.67 -0.77 23.84
N LYS A 45 -7.27 0.46 24.18
CA LYS A 45 -8.12 1.63 23.97
C LYS A 45 -7.57 2.51 22.86
N LYS A 46 -6.25 2.52 22.72
CA LYS A 46 -5.60 3.32 21.69
C LYS A 46 -5.68 2.63 20.33
N LEU A 47 -5.39 1.34 20.31
CA LEU A 47 -5.41 0.56 19.08
C LEU A 47 -6.82 0.53 18.50
N ALA A 48 -7.83 0.57 19.37
CA ALA A 48 -9.22 0.55 18.93
C ALA A 48 -9.59 1.87 18.25
N LYS A 49 -8.94 2.95 18.66
CA LYS A 49 -9.21 4.26 18.09
C LYS A 49 -8.39 4.49 16.83
N MET A 50 -7.23 3.85 16.76
CA MET A 50 -6.34 3.98 15.62
C MET A 50 -6.86 3.19 14.42
N ILE A 51 -6.90 1.87 14.56
CA ILE A 51 -7.37 0.99 13.49
C ILE A 51 -8.40 0.00 14.01
N GLY A 52 -9.24 0.45 14.94
CA GLY A 52 -10.25 -0.43 15.50
C GLY A 52 -11.59 -0.29 14.79
N HIS A 53 -11.99 0.94 14.52
CA HIS A 53 -13.26 1.19 13.83
C HIS A 53 -13.26 0.57 12.45
N ILE A 54 -12.07 0.47 11.85
CA ILE A 54 -11.93 -0.11 10.52
C ILE A 54 -12.30 -1.59 10.52
N PHE A 55 -11.87 -2.30 11.56
CA PHE A 55 -12.16 -3.72 11.68
C PHE A 55 -13.66 -3.97 11.73
N GLU A 56 -14.36 -3.25 12.60
CA GLU A 56 -15.80 -3.40 12.73
C GLU A 56 -16.52 -2.92 11.47
N MET A 57 -15.91 -1.96 10.78
CA MET A 57 -16.50 -1.42 9.55
C MET A 57 -16.71 -2.51 8.52
N ASN A 58 -17.31 -2.15 7.39
CA ASN A 58 -17.56 -3.10 6.32
C ASN A 58 -16.32 -3.29 5.45
N ASP A 59 -16.49 -3.99 4.34
CA ASP A 59 -15.38 -4.25 3.42
C ASP A 59 -15.52 -3.40 2.15
N ASP A 60 -16.76 -3.12 1.77
CA ASP A 60 -17.02 -2.33 0.57
C ASP A 60 -17.44 -0.91 0.95
N ASP A 61 -16.92 -0.42 2.07
CA ASP A 61 -17.23 0.93 2.54
C ASP A 61 -16.28 1.96 1.92
N PRO A 62 -16.82 3.06 1.38
CA PRO A 62 -16.01 4.11 0.76
C PRO A 62 -14.94 4.64 1.70
N HIS A 63 -15.32 4.92 2.94
CA HIS A 63 -14.40 5.44 3.94
C HIS A 63 -13.25 4.45 4.17
N LYS A 64 -13.50 3.17 3.91
CA LYS A 64 -12.49 2.14 4.10
C LYS A 64 -11.23 2.46 3.31
N GLU A 65 -11.41 3.01 2.11
CA GLU A 65 -10.28 3.36 1.26
C GLU A 65 -9.55 4.59 1.80
N GLU A 66 -10.31 5.60 2.19
CA GLU A 66 -9.73 6.82 2.74
C GLU A 66 -9.00 6.55 4.05
N GLU A 67 -9.59 5.71 4.89
CA GLU A 67 -9.00 5.37 6.18
C GLU A 67 -7.66 4.67 5.99
N ILE A 68 -7.65 3.60 5.20
CA ILE A 68 -6.43 2.86 4.94
C ILE A 68 -5.40 3.71 4.21
N ARG A 69 -5.88 4.49 3.24
CA ARG A 69 -5.00 5.36 2.46
C ARG A 69 -4.29 6.36 3.37
N LYS A 70 -4.96 6.76 4.45
CA LYS A 70 -4.38 7.71 5.39
C LYS A 70 -3.18 7.12 6.10
N TYR A 71 -3.38 5.96 6.74
CA TYR A 71 -2.30 5.29 7.47
C TYR A 71 -1.31 4.68 6.50
N SER A 72 -1.81 4.09 5.43
CA SER A 72 -0.96 3.45 4.43
C SER A 72 -0.11 4.49 3.71
N ALA A 73 1.02 4.87 4.32
CA ALA A 73 1.91 5.85 3.74
C ALA A 73 3.27 5.82 4.42
N ILE A 74 4.10 4.84 4.05
CA ILE A 74 5.43 4.71 4.63
C ILE A 74 6.36 5.79 4.11
N TYR A 75 6.11 6.25 2.89
CA TYR A 75 6.93 7.30 2.29
C TYR A 75 6.09 8.53 1.96
N GLY A 76 6.26 9.58 2.77
CA GLY A 76 5.50 10.80 2.55
C GLY A 76 4.64 11.17 3.74
N ARG A 77 3.66 12.04 3.51
CA ARG A 77 2.76 12.47 4.56
C ARG A 77 1.33 12.01 4.28
N PHE A 78 0.37 12.59 5.02
CA PHE A 78 -1.03 12.23 4.84
C PHE A 78 -1.78 13.32 4.08
N ASP A 79 -1.36 14.57 4.27
CA ASP A 79 -1.99 15.69 3.59
C ASP A 79 -1.82 15.58 2.08
N SER A 80 -2.94 15.48 1.37
CA SER A 80 -2.91 15.37 -0.08
C SER A 80 -4.04 16.18 -0.72
N LYS A 81 -3.84 17.50 -0.77
CA LYS A 81 -4.85 18.40 -1.35
C LYS A 81 -4.30 19.08 -2.59
N ARG A 82 -3.02 19.42 -2.57
CA ARG A 82 -2.39 20.09 -3.70
C ARG A 82 -1.05 19.43 -4.03
N LYS A 83 -0.13 19.43 -3.07
CA LYS A 83 1.18 18.83 -3.26
C LYS A 83 1.24 17.45 -2.63
N ASP A 84 2.43 16.84 -2.67
CA ASP A 84 2.62 15.51 -2.11
C ASP A 84 3.88 15.46 -1.24
N GLY A 85 4.99 15.90 -1.81
CA GLY A 85 6.24 15.90 -1.08
C GLY A 85 7.43 16.23 -1.96
N LYS A 86 7.36 15.81 -3.22
CA LYS A 86 8.43 16.06 -4.18
C LYS A 86 9.72 15.39 -3.73
N HIS A 87 9.59 14.26 -3.03
CA HIS A 87 10.75 13.52 -2.54
C HIS A 87 10.83 12.14 -3.20
N LEU A 88 9.68 11.53 -3.41
CA LEU A 88 9.62 10.20 -4.03
C LEU A 88 10.17 10.25 -5.46
N THR A 89 10.52 9.08 -5.98
CA THR A 89 11.05 8.99 -7.34
C THR A 89 10.44 7.81 -8.09
N LEU A 90 10.39 6.66 -7.44
CA LEU A 90 9.83 5.46 -8.04
C LEU A 90 9.68 4.35 -7.01
N HIS A 91 10.79 3.93 -6.41
CA HIS A 91 10.78 2.88 -5.41
C HIS A 91 9.91 3.27 -4.22
N GLU A 92 10.15 4.45 -3.68
CA GLU A 92 9.39 4.94 -2.53
C GLU A 92 7.91 5.09 -2.89
N LEU A 93 7.64 5.39 -4.15
CA LEU A 93 6.26 5.55 -4.61
C LEU A 93 5.54 4.21 -4.67
N THR A 94 6.25 3.18 -5.13
CA THR A 94 5.67 1.84 -5.23
C THR A 94 5.23 1.34 -3.87
N VAL A 95 6.12 1.42 -2.89
CA VAL A 95 5.82 0.96 -1.53
C VAL A 95 4.62 1.72 -0.95
N ASN A 96 4.42 2.95 -1.41
CA ASN A 96 3.32 3.78 -0.93
C ASN A 96 1.97 3.13 -1.25
N GLU A 97 1.88 2.50 -2.42
CA GLU A 97 0.64 1.85 -2.84
C GLU A 97 0.73 0.34 -2.61
N ALA A 98 1.93 -0.21 -2.73
CA ALA A 98 2.13 -1.65 -2.54
C ALA A 98 1.69 -2.08 -1.14
N ALA A 99 1.79 -1.17 -0.18
CA ALA A 99 1.40 -1.46 1.20
C ALA A 99 -0.05 -1.05 1.46
N ALA A 100 -0.50 -0.01 0.76
CA ALA A 100 -1.86 0.48 0.92
C ALA A 100 -2.88 -0.54 0.41
N GLN A 101 -2.59 -1.13 -0.74
CA GLN A 101 -3.49 -2.12 -1.33
C GLN A 101 -3.47 -3.42 -0.53
N LEU A 102 -2.33 -3.71 0.09
CA LEU A 102 -2.18 -4.92 0.88
C LEU A 102 -2.98 -4.81 2.19
N CYS A 103 -3.06 -3.60 2.73
CA CYS A 103 -3.79 -3.37 3.96
C CYS A 103 -5.29 -3.46 3.74
N VAL A 104 -5.73 -3.09 2.54
CA VAL A 104 -7.15 -3.13 2.21
C VAL A 104 -7.65 -4.57 2.12
N LYS A 105 -6.98 -5.37 1.30
CA LYS A 105 -7.37 -6.77 1.12
C LYS A 105 -7.30 -7.53 2.45
N ASP A 106 -6.27 -7.23 3.24
CA ASP A 106 -6.09 -7.88 4.53
C ASP A 106 -5.96 -6.85 5.64
N ASN A 107 -6.93 -6.85 6.55
CA ASN A 107 -6.93 -5.91 7.67
C ASN A 107 -5.85 -6.28 8.69
N ALA A 108 -5.56 -7.57 8.80
CA ALA A 108 -4.55 -8.05 9.74
C ALA A 108 -3.19 -7.44 9.43
N LEU A 109 -2.95 -7.14 8.15
CA LEU A 109 -1.69 -6.55 7.73
C LEU A 109 -1.47 -5.20 8.41
N LEU A 110 -2.55 -4.52 8.74
CA LEU A 110 -2.47 -3.22 9.41
C LEU A 110 -1.66 -3.31 10.70
N THR A 111 -1.79 -4.43 11.39
CA THR A 111 -1.07 -4.65 12.64
C THR A 111 0.35 -5.14 12.37
N ARG A 112 0.52 -5.89 11.29
CA ARG A 112 1.82 -6.42 10.92
C ARG A 112 2.69 -5.35 10.26
N ARG A 113 3.57 -4.75 11.04
CA ARG A 113 4.46 -3.70 10.53
C ARG A 113 5.67 -4.31 9.82
N ASP A 114 6.13 -5.45 10.32
CA ASP A 114 7.27 -6.13 9.74
C ASP A 114 6.88 -6.93 8.50
N GLU A 115 5.64 -7.42 8.50
CA GLU A 115 5.13 -8.20 7.38
C GLU A 115 4.71 -7.29 6.22
N LEU A 116 3.99 -6.23 6.55
CA LEU A 116 3.52 -5.28 5.54
C LEU A 116 4.69 -4.66 4.79
N PHE A 117 5.79 -4.43 5.49
CA PHE A 117 6.98 -3.83 4.89
C PHE A 117 7.75 -4.87 4.07
N ALA A 118 7.66 -6.13 4.47
CA ALA A 118 8.36 -7.21 3.78
C ALA A 118 7.65 -7.55 2.47
N LEU A 119 6.32 -7.58 2.50
CA LEU A 119 5.55 -7.89 1.31
C LEU A 119 5.57 -6.73 0.32
N ALA A 120 5.60 -5.51 0.84
CA ALA A 120 5.62 -4.32 0.00
C ALA A 120 6.92 -4.23 -0.79
N ARG A 121 8.04 -4.46 -0.13
CA ARG A 121 9.34 -4.40 -0.78
C ARG A 121 9.45 -5.47 -1.86
N GLN A 122 8.81 -6.61 -1.64
CA GLN A 122 8.85 -7.71 -2.59
C GLN A 122 8.22 -7.29 -3.92
N ILE A 123 7.08 -6.62 -3.84
CA ILE A 123 6.37 -6.17 -5.04
C ILE A 123 7.09 -4.98 -5.68
N SER A 124 7.71 -4.16 -4.85
CA SER A 124 8.42 -2.98 -5.32
C SER A 124 9.56 -3.37 -6.27
N ARG A 125 10.48 -4.18 -5.78
CA ARG A 125 11.61 -4.64 -6.57
C ARG A 125 11.14 -5.41 -7.80
N GLU A 126 9.98 -6.05 -7.69
CA GLU A 126 9.42 -6.81 -8.79
C GLU A 126 9.02 -5.90 -9.95
N VAL A 127 8.51 -4.72 -9.62
CA VAL A 127 8.09 -3.77 -10.62
C VAL A 127 9.26 -2.95 -11.15
N THR A 128 10.02 -2.35 -10.23
CA THR A 128 11.17 -1.54 -10.59
C THR A 128 12.18 -2.35 -11.41
N TYR A 129 12.31 -3.63 -11.07
CA TYR A 129 13.24 -4.51 -11.78
C TYR A 129 12.64 -4.99 -13.10
N LYS A 130 11.61 -5.84 -13.00
CA LYS A 130 10.96 -6.37 -14.19
C LYS A 130 10.05 -5.31 -14.82
N TYR A 131 10.60 -4.55 -15.76
CA TYR A 131 9.84 -3.51 -16.44
C TYR A 131 9.67 -3.84 -17.92
N THR A 132 10.77 -3.80 -18.66
CA THR A 132 10.74 -4.10 -20.09
C THR A 132 12.08 -4.65 -20.56
N TYR A 133 12.04 -5.73 -21.34
CA TYR A 133 13.25 -6.35 -21.85
C TYR A 133 13.18 -6.51 -23.36
N ARG A 134 14.27 -6.17 -24.04
CA ARG A 134 14.32 -6.28 -25.50
C ARG A 134 15.77 -6.46 -25.97
N THR A 135 15.95 -7.37 -26.92
CA THR A 135 17.28 -7.64 -27.47
C THR A 135 17.77 -6.48 -28.32
N THR A 136 18.97 -6.63 -28.86
CA THR A 136 19.56 -5.58 -29.69
C THR A 136 19.71 -4.28 -28.92
N SER A 137 20.88 -4.08 -28.33
CA SER A 137 21.16 -2.86 -27.56
C SER A 137 22.56 -2.34 -27.85
N GLY A 138 22.96 -1.31 -27.11
CA GLY A 138 24.28 -0.73 -27.31
C GLY A 138 24.25 0.79 -27.33
N PRO A 139 24.23 1.40 -28.54
CA PRO A 139 24.20 2.86 -28.67
C PRO A 139 22.83 3.43 -28.33
N SER A 140 22.81 4.72 -27.99
CA SER A 140 21.56 5.39 -27.65
C SER A 140 21.70 6.90 -27.80
N SER A 141 21.02 7.45 -28.80
CA SER A 141 21.07 8.89 -29.06
C SER A 141 19.91 9.32 -29.96
N GLY A 142 19.79 10.63 -30.16
CA GLY A 142 18.72 11.15 -31.00
C GLY A 142 19.10 11.18 -32.47
N GLY A 1 7.41 15.28 -16.35
CA GLY A 1 7.86 16.10 -15.19
C GLY A 1 9.37 16.30 -15.18
N SER A 2 10.06 15.52 -14.36
CA SER A 2 11.51 15.62 -14.25
C SER A 2 12.11 14.29 -13.78
N SER A 3 12.64 13.52 -14.72
CA SER A 3 13.24 12.23 -14.40
C SER A 3 12.22 11.30 -13.75
N GLY A 4 11.55 10.50 -14.57
CA GLY A 4 10.57 9.57 -14.06
C GLY A 4 9.15 10.02 -14.35
N SER A 5 8.38 10.25 -13.30
CA SER A 5 6.99 10.69 -13.44
C SER A 5 6.61 11.69 -12.36
N SER A 6 6.05 12.82 -12.76
CA SER A 6 5.64 13.86 -11.83
C SER A 6 4.22 13.61 -11.32
N GLY A 7 3.73 14.52 -10.48
CA GLY A 7 2.39 14.38 -9.95
C GLY A 7 2.34 13.48 -8.72
N GLU A 8 1.84 12.26 -8.90
CA GLU A 8 1.74 11.30 -7.81
C GLU A 8 1.26 9.94 -8.31
N ALA A 9 1.10 9.00 -7.39
CA ALA A 9 0.64 7.66 -7.75
C ALA A 9 1.62 6.99 -8.70
N LEU A 10 1.54 5.66 -8.77
CA LEU A 10 2.42 4.88 -9.65
C LEU A 10 2.03 5.08 -11.11
N ASP A 11 2.75 4.41 -12.00
CA ASP A 11 2.49 4.51 -13.43
C ASP A 11 1.36 3.57 -13.83
N ALA A 12 0.84 3.76 -15.04
CA ALA A 12 -0.25 2.93 -15.55
C ALA A 12 0.17 1.46 -15.63
N ALA A 13 1.46 1.23 -15.86
CA ALA A 13 1.98 -0.13 -15.96
C ALA A 13 2.44 -0.63 -14.60
N ALA A 14 3.02 0.26 -13.81
CA ALA A 14 3.52 -0.10 -12.47
C ALA A 14 2.36 -0.43 -11.54
N ALA A 15 1.27 0.32 -11.66
CA ALA A 15 0.10 0.11 -10.82
C ALA A 15 -0.56 -1.24 -11.12
N LEU A 16 -0.48 -1.66 -12.38
CA LEU A 16 -1.06 -2.93 -12.80
C LEU A 16 -0.32 -4.10 -12.18
N SER A 17 0.98 -3.92 -11.96
CA SER A 17 1.81 -4.96 -11.37
C SER A 17 1.52 -5.12 -9.88
N VAL A 18 1.43 -4.00 -9.18
CA VAL A 18 1.14 -4.02 -7.74
C VAL A 18 -0.30 -4.42 -7.48
N ALA A 19 -1.18 -4.09 -8.40
CA ALA A 19 -2.60 -4.42 -8.25
C ALA A 19 -2.86 -5.89 -8.56
N GLU A 20 -2.04 -6.46 -9.43
CA GLU A 20 -2.18 -7.87 -9.80
C GLU A 20 -1.33 -8.75 -8.89
N CYS A 21 -0.20 -8.22 -8.43
CA CYS A 21 0.70 -8.96 -7.56
C CYS A 21 0.12 -9.09 -6.15
N VAL A 22 -0.52 -8.03 -5.68
CA VAL A 22 -1.12 -8.02 -4.35
C VAL A 22 -2.17 -9.11 -4.22
N GLU A 23 -2.81 -9.45 -5.32
CA GLU A 23 -3.84 -10.49 -5.33
C GLU A 23 -3.25 -11.86 -5.66
N ARG A 24 -2.04 -11.87 -6.20
CA ARG A 24 -1.36 -13.11 -6.57
C ARG A 24 -0.62 -13.70 -5.38
N MET A 25 -0.16 -12.83 -4.47
CA MET A 25 0.56 -13.27 -3.29
C MET A 25 -0.39 -13.57 -2.14
N ALA A 26 -1.55 -12.93 -2.14
CA ALA A 26 -2.54 -13.13 -1.09
C ALA A 26 -2.91 -14.60 -0.95
N PRO A 27 -3.30 -15.26 -2.05
CA PRO A 27 -3.67 -16.68 -2.04
C PRO A 27 -2.61 -17.55 -1.38
N THR A 28 -1.35 -17.29 -1.69
CA THR A 28 -0.24 -18.05 -1.13
C THR A 28 -0.01 -17.68 0.33
N LEU A 29 -0.29 -16.43 0.66
CA LEU A 29 -0.10 -15.94 2.03
C LEU A 29 -1.21 -16.48 2.94
N PRO A 30 -0.93 -16.61 4.25
CA PRO A 30 -1.90 -17.10 5.22
C PRO A 30 -3.02 -16.11 5.49
N LYS A 31 -4.24 -16.61 5.63
CA LYS A 31 -5.40 -15.77 5.87
C LYS A 31 -5.68 -15.66 7.37
N SER A 32 -6.14 -14.49 7.80
CA SER A 32 -6.45 -14.26 9.20
C SER A 32 -7.92 -13.91 9.39
N ASP A 33 -8.48 -14.30 10.53
CA ASP A 33 -9.88 -14.03 10.84
C ASP A 33 -10.03 -12.72 11.61
N LEU A 34 -11.20 -12.11 11.51
CA LEU A 34 -11.47 -10.86 12.20
C LEU A 34 -11.56 -11.07 13.71
N ASN A 35 -12.00 -12.25 14.11
CA ASN A 35 -12.12 -12.58 15.52
C ASN A 35 -10.76 -12.60 16.20
N GLU A 36 -9.72 -12.96 15.44
CA GLU A 36 -8.36 -13.00 15.97
C GLU A 36 -7.85 -11.61 16.27
N VAL A 37 -8.15 -10.66 15.39
CA VAL A 37 -7.72 -9.28 15.56
C VAL A 37 -8.65 -8.52 16.49
N LYS A 38 -9.91 -8.95 16.55
CA LYS A 38 -10.89 -8.29 17.41
C LYS A 38 -10.43 -8.27 18.86
N GLU A 39 -10.03 -9.44 19.37
CA GLU A 39 -9.56 -9.55 20.74
C GLU A 39 -8.33 -8.69 20.97
N LEU A 40 -7.53 -8.52 19.93
CA LEU A 40 -6.31 -7.72 20.01
C LEU A 40 -6.65 -6.25 20.25
N LEU A 41 -7.78 -5.81 19.72
CA LEU A 41 -8.22 -4.43 19.88
C LEU A 41 -8.93 -4.23 21.21
N LYS A 42 -9.56 -5.29 21.71
CA LYS A 42 -10.27 -5.22 22.98
C LYS A 42 -9.30 -5.23 24.16
N THR A 43 -8.12 -5.77 23.94
CA THR A 43 -7.10 -5.84 24.98
C THR A 43 -6.37 -4.51 25.12
N ASN A 44 -6.17 -3.83 23.99
CA ASN A 44 -5.48 -2.54 23.99
C ASN A 44 -6.45 -1.40 23.65
N LYS A 45 -6.35 -0.30 24.37
CA LYS A 45 -7.21 0.85 24.14
C LYS A 45 -6.53 1.85 23.22
N LYS A 46 -5.21 1.91 23.28
CA LYS A 46 -4.43 2.84 22.44
C LYS A 46 -4.39 2.34 20.99
N LEU A 47 -4.22 1.04 20.83
CA LEU A 47 -4.16 0.44 19.50
C LEU A 47 -5.51 0.54 18.78
N ALA A 48 -6.56 0.13 19.48
CA ALA A 48 -7.90 0.19 18.91
C ALA A 48 -8.28 1.62 18.52
N LYS A 49 -7.84 2.57 19.33
CA LYS A 49 -8.14 3.99 19.07
C LYS A 49 -7.44 4.47 17.80
N MET A 50 -6.42 3.74 17.38
CA MET A 50 -5.67 4.11 16.18
C MET A 50 -6.33 3.53 14.92
N ILE A 51 -6.30 2.20 14.80
CA ILE A 51 -6.89 1.54 13.65
C ILE A 51 -7.94 0.50 14.08
N GLY A 52 -8.80 0.89 15.01
CA GLY A 52 -9.83 -0.01 15.48
C GLY A 52 -11.17 0.22 14.79
N HIS A 53 -11.38 1.44 14.31
CA HIS A 53 -12.62 1.78 13.63
C HIS A 53 -12.68 1.14 12.25
N ILE A 54 -11.52 0.94 11.65
CA ILE A 54 -11.44 0.33 10.32
C ILE A 54 -11.87 -1.13 10.37
N PHE A 55 -11.55 -1.79 11.47
CA PHE A 55 -11.90 -3.21 11.63
C PHE A 55 -13.41 -3.38 11.66
N GLU A 56 -14.13 -2.38 12.16
CA GLU A 56 -15.57 -2.43 12.24
C GLU A 56 -16.20 -2.02 10.91
N MET A 57 -15.53 -1.12 10.19
CA MET A 57 -16.03 -0.64 8.91
C MET A 57 -16.18 -1.79 7.92
N ASN A 58 -17.22 -1.72 7.08
CA ASN A 58 -17.48 -2.75 6.10
C ASN A 58 -16.51 -2.63 4.91
N ASP A 59 -16.33 -3.74 4.19
CA ASP A 59 -15.44 -3.75 3.03
C ASP A 59 -16.04 -2.98 1.88
N ASP A 60 -17.37 -2.98 1.79
CA ASP A 60 -18.07 -2.28 0.72
C ASP A 60 -18.04 -0.77 0.95
N ASP A 61 -18.02 -0.38 2.21
CA ASP A 61 -18.00 1.04 2.57
C ASP A 61 -16.77 1.74 1.96
N PRO A 62 -17.00 2.62 0.96
CA PRO A 62 -15.91 3.34 0.30
C PRO A 62 -15.01 4.06 1.29
N HIS A 63 -15.57 4.43 2.44
CA HIS A 63 -14.81 5.13 3.47
C HIS A 63 -13.62 4.30 3.93
N LYS A 64 -13.76 2.98 3.88
CA LYS A 64 -12.70 2.07 4.29
C LYS A 64 -11.44 2.30 3.46
N GLU A 65 -11.61 2.47 2.16
CA GLU A 65 -10.49 2.69 1.25
C GLU A 65 -9.74 3.97 1.62
N GLU A 66 -10.47 4.94 2.17
CA GLU A 66 -9.87 6.21 2.57
C GLU A 66 -9.21 6.09 3.94
N GLU A 67 -9.82 5.31 4.82
CA GLU A 67 -9.28 5.12 6.17
C GLU A 67 -7.98 4.32 6.13
N ILE A 68 -7.96 3.27 5.31
CA ILE A 68 -6.77 2.43 5.18
C ILE A 68 -5.66 3.16 4.43
N ARG A 69 -6.00 3.73 3.28
CA ARG A 69 -5.03 4.46 2.48
C ARG A 69 -4.43 5.63 3.26
N LYS A 70 -5.23 6.20 4.15
CA LYS A 70 -4.79 7.33 4.96
C LYS A 70 -3.63 6.92 5.87
N TYR A 71 -3.77 5.76 6.50
CA TYR A 71 -2.74 5.26 7.40
C TYR A 71 -1.60 4.61 6.62
N SER A 72 -1.94 4.01 5.47
CA SER A 72 -0.95 3.35 4.63
C SER A 72 -0.02 4.37 3.99
N ALA A 73 1.05 4.72 4.70
CA ALA A 73 2.02 5.69 4.19
C ALA A 73 3.30 5.66 5.02
N ILE A 74 4.31 4.98 4.51
CA ILE A 74 5.59 4.87 5.20
C ILE A 74 6.68 5.67 4.48
N TYR A 75 6.56 5.73 3.15
CA TYR A 75 7.52 6.45 2.33
C TYR A 75 7.03 7.86 2.02
N GLY A 76 6.45 8.51 3.02
CA GLY A 76 5.94 9.86 2.83
C GLY A 76 4.45 9.97 3.08
N ARG A 77 3.81 10.94 2.45
CA ARG A 77 2.37 11.13 2.62
C ARG A 77 1.58 10.22 1.68
N PHE A 78 0.28 10.47 1.58
CA PHE A 78 -0.59 9.67 0.73
C PHE A 78 -1.17 10.51 -0.40
N ASP A 79 -1.58 11.72 -0.08
CA ASP A 79 -2.16 12.62 -1.07
C ASP A 79 -1.79 14.07 -0.75
N SER A 80 -0.66 14.53 -1.29
CA SER A 80 -0.20 15.89 -1.07
C SER A 80 0.36 16.48 -2.35
N LYS A 81 -0.53 16.88 -3.26
CA LYS A 81 -0.12 17.47 -4.53
C LYS A 81 0.58 18.81 -4.31
N ARG A 82 1.91 18.79 -4.39
CA ARG A 82 2.70 20.00 -4.20
C ARG A 82 3.53 20.31 -5.45
N LYS A 83 3.99 21.55 -5.56
CA LYS A 83 4.79 21.97 -6.70
C LYS A 83 6.27 21.98 -6.34
N ASP A 84 6.67 21.11 -5.43
CA ASP A 84 8.06 21.02 -5.00
C ASP A 84 8.25 19.89 -4.00
N GLY A 85 7.55 18.78 -4.21
CA GLY A 85 7.65 17.65 -3.31
C GLY A 85 7.89 16.34 -4.05
N LYS A 86 8.53 16.43 -5.21
CA LYS A 86 8.82 15.25 -6.01
C LYS A 86 10.23 14.75 -5.76
N HIS A 87 10.46 14.14 -4.61
CA HIS A 87 11.77 13.62 -4.25
C HIS A 87 11.88 12.14 -4.59
N LEU A 88 10.75 11.43 -4.50
CA LEU A 88 10.72 10.00 -4.79
C LEU A 88 11.15 9.73 -6.23
N THR A 89 11.24 8.46 -6.59
CA THR A 89 11.64 8.07 -7.94
C THR A 89 10.68 7.02 -8.51
N LEU A 90 10.43 5.98 -7.74
CA LEU A 90 9.54 4.91 -8.17
C LEU A 90 9.37 3.86 -7.08
N HIS A 91 10.49 3.25 -6.67
CA HIS A 91 10.48 2.23 -5.63
C HIS A 91 9.87 2.77 -4.33
N GLU A 92 10.03 4.07 -4.11
CA GLU A 92 9.52 4.71 -2.92
C GLU A 92 8.00 4.86 -2.99
N LEU A 93 7.51 5.20 -4.18
CA LEU A 93 6.08 5.38 -4.38
C LEU A 93 5.34 4.04 -4.39
N THR A 94 6.04 3.00 -4.85
CA THR A 94 5.46 1.67 -4.91
C THR A 94 5.12 1.15 -3.51
N VAL A 95 6.01 1.40 -2.56
CA VAL A 95 5.81 0.96 -1.19
C VAL A 95 4.51 1.52 -0.61
N ASN A 96 4.28 2.81 -0.83
CA ASN A 96 3.08 3.47 -0.33
C ASN A 96 1.82 2.81 -0.91
N GLU A 97 1.79 2.66 -2.22
CA GLU A 97 0.65 2.06 -2.89
C GLU A 97 0.50 0.58 -2.52
N ALA A 98 1.62 -0.14 -2.54
CA ALA A 98 1.62 -1.56 -2.20
C ALA A 98 1.08 -1.79 -0.79
N ALA A 99 1.63 -1.06 0.17
CA ALA A 99 1.21 -1.19 1.56
C ALA A 99 -0.27 -0.89 1.72
N ALA A 100 -0.80 -0.03 0.85
CA ALA A 100 -2.20 0.34 0.90
C ALA A 100 -3.10 -0.80 0.44
N GLN A 101 -2.89 -1.26 -0.80
CA GLN A 101 -3.66 -2.35 -1.36
C GLN A 101 -3.55 -3.61 -0.51
N LEU A 102 -2.36 -3.83 0.05
CA LEU A 102 -2.12 -5.00 0.89
C LEU A 102 -2.94 -4.94 2.17
N CYS A 103 -3.05 -3.74 2.74
CA CYS A 103 -3.81 -3.54 3.96
C CYS A 103 -5.30 -3.77 3.73
N VAL A 104 -5.76 -3.43 2.52
CA VAL A 104 -7.18 -3.61 2.18
C VAL A 104 -7.56 -5.08 2.15
N LYS A 105 -6.83 -5.87 1.38
CA LYS A 105 -7.09 -7.30 1.27
C LYS A 105 -6.98 -7.98 2.63
N ASP A 106 -6.10 -7.45 3.48
CA ASP A 106 -5.89 -8.01 4.81
C ASP A 106 -5.87 -6.91 5.86
N ASN A 107 -6.91 -6.85 6.67
CA ASN A 107 -7.01 -5.85 7.72
C ASN A 107 -5.98 -6.11 8.82
N ALA A 108 -5.64 -7.37 9.03
CA ALA A 108 -4.67 -7.76 10.04
C ALA A 108 -3.32 -7.08 9.79
N LEU A 109 -3.04 -6.77 8.53
CA LEU A 109 -1.78 -6.12 8.16
C LEU A 109 -1.70 -4.72 8.76
N LEU A 110 -2.86 -4.10 8.96
CA LEU A 110 -2.91 -2.75 9.53
C LEU A 110 -2.23 -2.70 10.89
N THR A 111 -2.35 -3.79 11.65
CA THR A 111 -1.74 -3.88 12.97
C THR A 111 -0.27 -4.24 12.88
N ARG A 112 0.07 -5.08 11.89
CA ARG A 112 1.45 -5.51 11.69
C ARG A 112 2.18 -4.56 10.76
N ARG A 113 3.17 -3.85 11.29
CA ARG A 113 3.95 -2.90 10.51
C ARG A 113 5.11 -3.60 9.80
N ASP A 114 5.67 -4.60 10.46
CA ASP A 114 6.79 -5.35 9.90
C ASP A 114 6.31 -6.31 8.82
N GLU A 115 5.09 -6.80 8.97
CA GLU A 115 4.50 -7.74 8.01
C GLU A 115 4.18 -7.03 6.70
N LEU A 116 3.59 -5.84 6.81
CA LEU A 116 3.23 -5.06 5.63
C LEU A 116 4.45 -4.43 4.98
N PHE A 117 5.42 -4.04 5.81
CA PHE A 117 6.64 -3.42 5.33
C PHE A 117 7.40 -4.38 4.41
N ALA A 118 7.27 -5.67 4.66
CA ALA A 118 7.95 -6.68 3.85
C ALA A 118 7.11 -7.08 2.64
N LEU A 119 5.81 -7.25 2.87
CA LEU A 119 4.90 -7.64 1.80
C LEU A 119 4.89 -6.60 0.68
N ALA A 120 4.81 -5.33 1.07
CA ALA A 120 4.79 -4.24 0.10
C ALA A 120 6.11 -4.17 -0.67
N ARG A 121 7.21 -4.23 0.05
CA ARG A 121 8.54 -4.18 -0.56
C ARG A 121 8.77 -5.38 -1.47
N GLN A 122 8.09 -6.49 -1.18
CA GLN A 122 8.23 -7.70 -1.96
C GLN A 122 7.87 -7.45 -3.43
N ILE A 123 6.66 -6.94 -3.65
CA ILE A 123 6.19 -6.65 -5.01
C ILE A 123 6.92 -5.45 -5.60
N SER A 124 7.38 -4.56 -4.73
CA SER A 124 8.10 -3.35 -5.18
C SER A 124 9.29 -3.72 -6.05
N ARG A 125 9.87 -4.89 -5.81
CA ARG A 125 11.03 -5.34 -6.57
C ARG A 125 10.59 -6.06 -7.84
N GLU A 126 9.43 -6.72 -7.77
CA GLU A 126 8.90 -7.44 -8.92
C GLU A 126 8.53 -6.48 -10.05
N VAL A 127 8.02 -5.31 -9.68
CA VAL A 127 7.63 -4.31 -10.66
C VAL A 127 8.85 -3.68 -11.33
N THR A 128 9.90 -3.47 -10.56
CA THR A 128 11.13 -2.88 -11.07
C THR A 128 11.98 -3.93 -11.78
N TYR A 129 11.93 -5.15 -11.28
CA TYR A 129 12.70 -6.25 -11.86
C TYR A 129 12.30 -6.49 -13.31
N LYS A 130 11.00 -6.66 -13.53
CA LYS A 130 10.47 -6.90 -14.87
C LYS A 130 9.38 -5.89 -15.22
N TYR A 131 9.09 -5.77 -16.51
CA TYR A 131 8.07 -4.83 -16.98
C TYR A 131 7.48 -5.31 -18.30
N THR A 132 8.34 -5.61 -19.27
CA THR A 132 7.90 -6.07 -20.58
C THR A 132 9.09 -6.42 -21.46
N TYR A 133 8.85 -7.26 -22.46
CA TYR A 133 9.91 -7.68 -23.38
C TYR A 133 9.64 -7.16 -24.79
N ARG A 134 10.10 -5.94 -25.07
CA ARG A 134 9.91 -5.33 -26.37
C ARG A 134 11.17 -4.56 -26.79
N THR A 135 11.61 -3.63 -25.96
CA THR A 135 12.79 -2.84 -26.26
C THR A 135 13.93 -3.20 -25.31
N THR A 136 13.59 -3.58 -24.08
CA THR A 136 14.59 -3.96 -23.08
C THR A 136 15.68 -2.90 -22.98
N SER A 137 15.50 -1.94 -22.08
CA SER A 137 16.47 -0.88 -21.88
C SER A 137 16.41 -0.35 -20.45
N GLY A 138 17.00 -1.08 -19.52
CA GLY A 138 17.00 -0.67 -18.13
C GLY A 138 18.20 0.20 -17.78
N PRO A 139 19.42 -0.35 -17.84
CA PRO A 139 20.64 0.40 -17.53
C PRO A 139 20.73 1.71 -18.32
N SER A 140 20.61 1.60 -19.63
CA SER A 140 20.69 2.78 -20.51
C SER A 140 19.30 3.37 -20.73
N SER A 141 19.26 4.65 -21.07
CA SER A 141 18.01 5.35 -21.31
C SER A 141 18.22 6.57 -22.19
N GLY A 142 17.35 6.76 -23.17
CA GLY A 142 17.45 7.89 -24.07
C GLY A 142 18.53 7.71 -25.12
N GLY A 1 8.32 23.62 -16.86
CA GLY A 1 8.30 22.14 -17.04
C GLY A 1 9.70 21.57 -17.22
N SER A 2 10.44 21.48 -16.11
CA SER A 2 11.80 20.96 -16.14
C SER A 2 11.90 19.66 -15.34
N SER A 3 11.61 19.75 -14.05
CA SER A 3 11.66 18.58 -13.17
C SER A 3 10.52 17.61 -13.47
N GLY A 4 9.30 18.12 -13.45
CA GLY A 4 8.14 17.30 -13.72
C GLY A 4 6.89 18.10 -13.99
N SER A 5 5.81 17.77 -13.29
CA SER A 5 4.55 18.47 -13.45
C SER A 5 4.02 18.97 -12.10
N SER A 6 3.65 18.02 -11.24
CA SER A 6 3.14 18.37 -9.92
C SER A 6 3.16 17.15 -9.00
N GLY A 7 4.14 16.28 -9.20
CA GLY A 7 4.26 15.08 -8.38
C GLY A 7 4.27 13.81 -9.21
N GLU A 8 5.44 13.20 -9.34
CA GLU A 8 5.59 11.98 -10.10
C GLU A 8 4.95 10.80 -9.37
N ALA A 9 4.23 9.96 -10.12
CA ALA A 9 3.57 8.80 -9.54
C ALA A 9 3.81 7.56 -10.39
N LEU A 10 3.25 6.44 -9.95
CA LEU A 10 3.40 5.18 -10.67
C LEU A 10 2.64 5.21 -12.00
N ASP A 11 2.76 4.14 -12.78
CA ASP A 11 2.08 4.05 -14.06
C ASP A 11 0.87 3.13 -13.98
N ALA A 12 0.16 2.98 -15.10
CA ALA A 12 -1.01 2.13 -15.16
C ALA A 12 -0.64 0.67 -14.93
N ALA A 13 0.56 0.29 -15.36
CA ALA A 13 1.04 -1.08 -15.21
C ALA A 13 1.54 -1.33 -13.79
N ALA A 14 2.35 -0.41 -13.28
CA ALA A 14 2.90 -0.55 -11.94
C ALA A 14 1.78 -0.59 -10.90
N ALA A 15 0.67 0.07 -11.19
CA ALA A 15 -0.47 0.11 -10.28
C ALA A 15 -1.32 -1.15 -10.41
N LEU A 16 -1.39 -1.68 -11.63
CA LEU A 16 -2.17 -2.89 -11.88
C LEU A 16 -1.40 -4.13 -11.47
N SER A 17 -0.07 -4.07 -11.57
CA SER A 17 0.78 -5.20 -11.20
C SER A 17 0.64 -5.52 -9.72
N VAL A 18 0.43 -4.48 -8.91
CA VAL A 18 0.28 -4.66 -7.47
C VAL A 18 -1.06 -5.29 -7.13
N ALA A 19 -2.12 -4.83 -7.79
CA ALA A 19 -3.46 -5.36 -7.56
C ALA A 19 -3.54 -6.83 -7.91
N GLU A 20 -2.72 -7.26 -8.87
CA GLU A 20 -2.71 -8.65 -9.30
C GLU A 20 -1.75 -9.47 -8.45
N CYS A 21 -0.65 -8.85 -8.04
CA CYS A 21 0.35 -9.53 -7.22
C CYS A 21 -0.12 -9.64 -5.77
N VAL A 22 -0.78 -8.60 -5.29
CA VAL A 22 -1.28 -8.57 -3.91
C VAL A 22 -2.20 -9.76 -3.65
N GLU A 23 -2.85 -10.25 -4.70
CA GLU A 23 -3.77 -11.37 -4.57
C GLU A 23 -3.03 -12.71 -4.69
N ARG A 24 -1.81 -12.66 -5.22
CA ARG A 24 -1.00 -13.86 -5.40
C ARG A 24 -0.20 -14.18 -4.14
N MET A 25 0.10 -13.14 -3.36
CA MET A 25 0.87 -13.32 -2.13
C MET A 25 -0.03 -13.65 -0.95
N ALA A 26 -1.30 -13.29 -1.06
CA ALA A 26 -2.27 -13.56 0.01
C ALA A 26 -2.43 -15.06 0.24
N PRO A 27 -2.72 -15.83 -0.82
CA PRO A 27 -2.90 -17.28 -0.72
C PRO A 27 -1.73 -17.96 -0.03
N THR A 28 -0.51 -17.59 -0.42
CA THR A 28 0.69 -18.17 0.16
C THR A 28 0.86 -17.74 1.62
N LEU A 29 0.44 -16.53 1.92
CA LEU A 29 0.54 -16.00 3.28
C LEU A 29 -0.25 -16.87 4.26
N PRO A 30 0.07 -16.78 5.56
CA PRO A 30 -0.61 -17.56 6.60
C PRO A 30 -2.05 -17.12 6.80
N LYS A 31 -2.80 -17.88 7.59
CA LYS A 31 -4.20 -17.57 7.87
C LYS A 31 -4.33 -16.26 8.63
N SER A 32 -5.40 -15.53 8.38
CA SER A 32 -5.64 -14.25 9.04
C SER A 32 -7.11 -13.88 8.97
N ASP A 33 -7.73 -13.65 10.13
CA ASP A 33 -9.13 -13.28 10.20
C ASP A 33 -9.32 -12.07 11.10
N LEU A 34 -10.38 -11.30 10.85
CA LEU A 34 -10.68 -10.12 11.63
C LEU A 34 -11.18 -10.50 13.02
N ASN A 35 -11.93 -11.60 13.10
CA ASN A 35 -12.47 -12.08 14.36
C ASN A 35 -11.35 -12.45 15.33
N GLU A 36 -10.23 -12.89 14.77
CA GLU A 36 -9.08 -13.28 15.60
C GLU A 36 -8.45 -12.07 16.28
N VAL A 37 -8.40 -10.95 15.54
CA VAL A 37 -7.82 -9.72 16.07
C VAL A 37 -8.88 -8.87 16.77
N LYS A 38 -10.13 -9.03 16.36
CA LYS A 38 -11.24 -8.28 16.94
C LYS A 38 -11.30 -8.47 18.45
N GLU A 39 -11.14 -9.72 18.89
CA GLU A 39 -11.17 -10.04 20.31
C GLU A 39 -10.08 -9.29 21.06
N LEU A 40 -8.97 -9.04 20.39
CA LEU A 40 -7.84 -8.34 21.00
C LEU A 40 -8.14 -6.84 21.11
N LEU A 41 -8.91 -6.32 20.16
CA LEU A 41 -9.26 -4.90 20.15
C LEU A 41 -10.41 -4.63 21.11
N LYS A 42 -11.28 -5.61 21.29
CA LYS A 42 -12.43 -5.48 22.18
C LYS A 42 -11.99 -5.52 23.65
N THR A 43 -10.85 -6.17 23.90
CA THR A 43 -10.33 -6.28 25.26
C THR A 43 -9.52 -5.06 25.63
N ASN A 44 -8.85 -4.46 24.66
CA ASN A 44 -8.04 -3.27 24.88
C ASN A 44 -8.73 -2.03 24.33
N LYS A 45 -8.25 -0.86 24.77
CA LYS A 45 -8.82 0.41 24.33
C LYS A 45 -7.81 1.19 23.49
N LYS A 46 -6.55 1.11 23.88
CA LYS A 46 -5.48 1.81 23.16
C LYS A 46 -5.37 1.30 21.72
N LEU A 47 -5.53 -0.01 21.56
CA LEU A 47 -5.44 -0.62 20.23
C LEU A 47 -6.69 -0.32 19.41
N ALA A 48 -7.85 -0.47 20.03
CA ALA A 48 -9.12 -0.22 19.36
C ALA A 48 -9.21 1.23 18.89
N LYS A 49 -8.57 2.13 19.64
CA LYS A 49 -8.58 3.55 19.30
C LYS A 49 -7.66 3.83 18.12
N MET A 50 -6.60 3.03 17.98
CA MET A 50 -5.65 3.20 16.88
C MET A 50 -6.30 2.88 15.55
N ILE A 51 -6.67 1.62 15.35
CA ILE A 51 -7.30 1.19 14.11
C ILE A 51 -8.44 0.22 14.37
N GLY A 52 -9.08 0.37 15.53
CA GLY A 52 -10.18 -0.52 15.88
C GLY A 52 -11.46 -0.18 15.14
N HIS A 53 -11.68 1.12 14.92
CA HIS A 53 -12.87 1.58 14.21
C HIS A 53 -12.88 1.07 12.78
N ILE A 54 -11.69 0.92 12.19
CA ILE A 54 -11.57 0.44 10.82
C ILE A 54 -11.94 -1.04 10.72
N PHE A 55 -11.65 -1.78 11.79
CA PHE A 55 -11.95 -3.21 11.82
C PHE A 55 -13.45 -3.46 11.84
N GLU A 56 -14.17 -2.64 12.62
CA GLU A 56 -15.62 -2.77 12.73
C GLU A 56 -16.31 -2.18 11.51
N MET A 57 -15.68 -1.17 10.89
CA MET A 57 -16.24 -0.53 9.72
C MET A 57 -16.45 -1.53 8.59
N ASN A 58 -17.17 -1.11 7.56
CA ASN A 58 -17.45 -1.97 6.41
C ASN A 58 -16.15 -2.43 5.75
N ASP A 59 -16.19 -3.59 5.11
CA ASP A 59 -15.02 -4.15 4.44
C ASP A 59 -15.09 -3.89 2.94
N ASP A 60 -15.74 -2.79 2.55
CA ASP A 60 -15.87 -2.44 1.14
C ASP A 60 -16.60 -1.10 0.99
N ASP A 61 -16.30 -0.17 1.89
CA ASP A 61 -16.94 1.14 1.84
C ASP A 61 -15.94 2.20 1.37
N PRO A 62 -16.45 3.37 0.93
CA PRO A 62 -15.60 4.47 0.45
C PRO A 62 -14.78 5.11 1.56
N HIS A 63 -15.33 5.08 2.78
CA HIS A 63 -14.66 5.65 3.94
C HIS A 63 -13.45 4.81 4.34
N LYS A 64 -13.55 3.51 4.13
CA LYS A 64 -12.47 2.59 4.46
C LYS A 64 -11.21 2.90 3.65
N GLU A 65 -11.42 3.32 2.41
CA GLU A 65 -10.30 3.66 1.53
C GLU A 65 -9.45 4.79 2.12
N GLU A 66 -10.12 5.77 2.72
CA GLU A 66 -9.44 6.90 3.32
C GLU A 66 -8.87 6.53 4.69
N GLU A 67 -9.54 5.61 5.37
CA GLU A 67 -9.11 5.17 6.69
C GLU A 67 -7.79 4.40 6.61
N ILE A 68 -7.58 3.73 5.48
CA ILE A 68 -6.35 2.96 5.28
C ILE A 68 -5.29 3.78 4.57
N ARG A 69 -5.71 4.55 3.57
CA ARG A 69 -4.79 5.39 2.80
C ARG A 69 -4.09 6.40 3.71
N LYS A 70 -4.74 6.75 4.81
CA LYS A 70 -4.18 7.72 5.76
C LYS A 70 -3.01 7.12 6.53
N TYR A 71 -3.24 5.95 7.13
CA TYR A 71 -2.19 5.28 7.90
C TYR A 71 -1.22 4.56 6.98
N SER A 72 -1.73 4.03 5.87
CA SER A 72 -0.90 3.31 4.91
C SER A 72 -0.04 4.28 4.10
N ALA A 73 1.17 4.53 4.57
CA ALA A 73 2.09 5.43 3.89
C ALA A 73 3.48 5.38 4.52
N ILE A 74 4.36 4.59 3.91
CA ILE A 74 5.73 4.46 4.41
C ILE A 74 6.55 5.70 4.08
N TYR A 75 6.56 6.07 2.80
CA TYR A 75 7.31 7.25 2.36
C TYR A 75 6.41 8.47 2.26
N GLY A 76 6.81 9.55 2.93
CA GLY A 76 6.03 10.77 2.91
C GLY A 76 5.30 11.01 4.21
N ARG A 77 4.26 11.85 4.17
CA ARG A 77 3.48 12.16 5.36
C ARG A 77 2.09 12.65 4.98
N PHE A 78 1.32 13.06 5.98
CA PHE A 78 -0.03 13.55 5.75
C PHE A 78 -0.02 14.99 5.26
N ASP A 79 0.77 15.83 5.91
CA ASP A 79 0.87 17.24 5.53
C ASP A 79 1.91 17.43 4.43
N SER A 80 1.89 18.59 3.80
CA SER A 80 2.84 18.89 2.73
C SER A 80 3.11 20.40 2.66
N LYS A 81 3.10 21.05 3.82
CA LYS A 81 3.35 22.49 3.89
C LYS A 81 4.82 22.79 3.67
N ARG A 82 5.69 21.87 4.10
CA ARG A 82 7.13 22.05 3.96
C ARG A 82 7.58 21.61 2.57
N LYS A 83 8.85 21.85 2.26
CA LYS A 83 9.42 21.49 0.96
C LYS A 83 10.54 20.47 1.13
N ASP A 84 11.40 20.70 2.12
CA ASP A 84 12.52 19.80 2.38
C ASP A 84 13.50 19.81 1.23
N GLY A 85 13.17 19.09 0.16
CA GLY A 85 14.04 19.03 -0.99
C GLY A 85 13.55 18.04 -2.04
N LYS A 86 13.62 16.76 -1.70
CA LYS A 86 13.18 15.70 -2.61
C LYS A 86 12.60 14.52 -1.84
N HIS A 87 11.54 13.94 -2.38
CA HIS A 87 10.89 12.79 -1.74
C HIS A 87 10.42 11.79 -2.79
N LEU A 88 10.61 10.50 -2.50
CA LEU A 88 10.21 9.44 -3.41
C LEU A 88 10.92 9.58 -4.76
N THR A 89 10.90 8.51 -5.54
CA THR A 89 11.55 8.51 -6.85
C THR A 89 11.30 7.19 -7.58
N LEU A 90 10.09 7.04 -8.11
CA LEU A 90 9.72 5.84 -8.84
C LEU A 90 9.68 4.62 -7.92
N HIS A 91 10.85 4.16 -7.49
CA HIS A 91 10.94 3.01 -6.60
C HIS A 91 10.18 3.26 -5.31
N GLU A 92 10.52 4.35 -4.63
CA GLU A 92 9.86 4.71 -3.37
C GLU A 92 8.36 4.87 -3.57
N LEU A 93 7.96 5.30 -4.76
CA LEU A 93 6.56 5.50 -5.07
C LEU A 93 5.81 4.18 -5.14
N THR A 94 6.52 3.12 -5.53
CA THR A 94 5.93 1.80 -5.64
C THR A 94 5.77 1.16 -4.26
N VAL A 95 6.76 1.36 -3.40
CA VAL A 95 6.72 0.81 -2.05
C VAL A 95 5.62 1.45 -1.23
N ASN A 96 5.32 2.70 -1.52
CA ASN A 96 4.28 3.43 -0.80
C ASN A 96 2.90 2.87 -1.11
N GLU A 97 2.63 2.63 -2.39
CA GLU A 97 1.35 2.09 -2.81
C GLU A 97 1.33 0.56 -2.73
N ALA A 98 2.51 -0.05 -2.84
CA ALA A 98 2.63 -1.50 -2.78
C ALA A 98 2.03 -2.05 -1.49
N ALA A 99 2.11 -1.26 -0.42
CA ALA A 99 1.58 -1.67 0.87
C ALA A 99 0.18 -1.11 1.09
N ALA A 100 -0.08 0.05 0.51
CA ALA A 100 -1.39 0.70 0.65
C ALA A 100 -2.50 -0.20 0.11
N GLN A 101 -2.19 -0.96 -0.94
CA GLN A 101 -3.17 -1.86 -1.54
C GLN A 101 -3.30 -3.15 -0.73
N LEU A 102 -2.21 -3.56 -0.10
CA LEU A 102 -2.20 -4.78 0.70
C LEU A 102 -3.06 -4.60 1.95
N CYS A 103 -3.00 -3.41 2.55
CA CYS A 103 -3.76 -3.11 3.75
C CYS A 103 -5.26 -3.14 3.46
N VAL A 104 -5.63 -2.78 2.23
CA VAL A 104 -7.02 -2.76 1.82
C VAL A 104 -7.64 -4.15 1.91
N LYS A 105 -7.00 -5.11 1.25
CA LYS A 105 -7.48 -6.48 1.25
C LYS A 105 -7.49 -7.07 2.66
N ASP A 106 -6.35 -6.97 3.34
CA ASP A 106 -6.23 -7.48 4.70
C ASP A 106 -5.97 -6.34 5.68
N ASN A 107 -7.01 -5.96 6.43
CA ASN A 107 -6.89 -4.88 7.40
C ASN A 107 -5.92 -5.26 8.52
N ALA A 108 -5.82 -6.56 8.79
CA ALA A 108 -4.93 -7.04 9.84
C ALA A 108 -3.48 -6.62 9.59
N LEU A 109 -3.13 -6.43 8.31
CA LEU A 109 -1.79 -6.02 7.94
C LEU A 109 -1.45 -4.65 8.53
N LEU A 110 -2.47 -3.85 8.80
CA LEU A 110 -2.27 -2.52 9.36
C LEU A 110 -1.48 -2.59 10.66
N THR A 111 -1.64 -3.69 11.39
CA THR A 111 -0.95 -3.89 12.65
C THR A 111 0.49 -4.35 12.42
N ARG A 112 0.69 -5.10 11.33
CA ARG A 112 2.01 -5.61 11.00
C ARG A 112 2.74 -4.65 10.05
N ARG A 113 3.59 -3.82 10.61
CA ARG A 113 4.35 -2.85 9.81
C ARG A 113 5.49 -3.53 9.07
N ASP A 114 6.17 -4.45 9.75
CA ASP A 114 7.29 -5.18 9.15
C ASP A 114 6.82 -6.00 7.96
N GLU A 115 5.82 -6.85 8.18
CA GLU A 115 5.28 -7.69 7.12
C GLU A 115 4.72 -6.85 5.98
N LEU A 116 4.16 -5.69 6.33
CA LEU A 116 3.59 -4.79 5.33
C LEU A 116 4.68 -4.09 4.53
N PHE A 117 5.82 -3.85 5.18
CA PHE A 117 6.93 -3.18 4.53
C PHE A 117 7.74 -4.16 3.68
N ALA A 118 7.76 -5.42 4.10
CA ALA A 118 8.48 -6.45 3.38
C ALA A 118 7.74 -6.87 2.11
N LEU A 119 6.44 -7.10 2.24
CA LEU A 119 5.61 -7.51 1.10
C LEU A 119 5.62 -6.43 0.02
N ALA A 120 5.39 -5.18 0.43
CA ALA A 120 5.37 -4.07 -0.51
C ALA A 120 6.70 -3.94 -1.24
N ARG A 121 7.78 -4.33 -0.56
CA ARG A 121 9.12 -4.26 -1.14
C ARG A 121 9.31 -5.35 -2.20
N GLN A 122 8.64 -6.47 -2.01
CA GLN A 122 8.74 -7.58 -2.95
C GLN A 122 8.04 -7.26 -4.27
N ILE A 123 6.92 -6.52 -4.17
CA ILE A 123 6.16 -6.15 -5.35
C ILE A 123 6.86 -5.03 -6.13
N SER A 124 7.56 -4.17 -5.40
CA SER A 124 8.28 -3.06 -6.02
C SER A 124 9.32 -3.56 -7.01
N ARG A 125 10.20 -4.44 -6.53
CA ARG A 125 11.25 -5.00 -7.38
C ARG A 125 10.67 -5.79 -8.54
N GLU A 126 9.50 -6.38 -8.31
CA GLU A 126 8.82 -7.16 -9.35
C GLU A 126 8.41 -6.27 -10.51
N VAL A 127 8.04 -5.03 -10.21
CA VAL A 127 7.62 -4.09 -11.23
C VAL A 127 8.83 -3.44 -11.91
N THR A 128 9.86 -3.15 -11.11
CA THR A 128 11.07 -2.53 -11.63
C THR A 128 11.90 -3.54 -12.43
N TYR A 129 11.84 -4.80 -12.02
CA TYR A 129 12.58 -5.86 -12.70
C TYR A 129 11.93 -6.20 -14.04
N LYS A 130 10.68 -6.65 -13.98
CA LYS A 130 9.94 -7.01 -15.19
C LYS A 130 9.05 -5.87 -15.65
N TYR A 131 9.02 -5.63 -16.95
CA TYR A 131 8.22 -4.56 -17.52
C TYR A 131 7.87 -4.86 -18.97
N THR A 132 8.85 -5.30 -19.74
CA THR A 132 8.66 -5.61 -21.15
C THR A 132 8.28 -4.37 -21.95
N TYR A 133 8.56 -3.19 -21.39
CA TYR A 133 8.25 -1.94 -22.06
C TYR A 133 9.46 -1.01 -22.07
N ARG A 134 10.27 -1.13 -23.12
CA ARG A 134 11.47 -0.31 -23.26
C ARG A 134 11.74 0.02 -24.73
N THR A 135 12.04 -1.00 -25.51
CA THR A 135 12.33 -0.83 -26.93
C THR A 135 11.45 -1.74 -27.78
N THR A 136 11.68 -1.72 -29.09
CA THR A 136 10.91 -2.55 -30.01
C THR A 136 9.43 -2.20 -29.95
N SER A 137 9.04 -1.18 -30.70
CA SER A 137 7.64 -0.74 -30.73
C SER A 137 7.37 0.11 -31.97
N GLY A 138 6.10 0.20 -32.35
CA GLY A 138 5.73 0.98 -33.52
C GLY A 138 5.22 0.12 -34.65
N PRO A 139 6.11 -0.33 -35.56
CA PRO A 139 5.72 -1.17 -36.70
C PRO A 139 5.31 -2.57 -36.27
N SER A 140 5.86 -3.04 -35.16
CA SER A 140 5.54 -4.36 -34.64
C SER A 140 5.93 -5.44 -35.65
N SER A 141 5.93 -6.69 -35.19
CA SER A 141 6.28 -7.81 -36.05
C SER A 141 5.16 -8.12 -37.02
N GLY A 142 3.92 -8.04 -36.54
CA GLY A 142 2.77 -8.32 -37.38
C GLY A 142 2.15 -7.05 -37.94
N GLY A 1 -5.54 17.42 2.02
CA GLY A 1 -6.01 18.73 1.48
C GLY A 1 -7.34 18.62 0.76
N SER A 2 -7.98 19.76 0.54
CA SER A 2 -9.28 19.79 -0.14
C SER A 2 -9.24 20.76 -1.31
N SER A 3 -8.08 20.90 -1.93
CA SER A 3 -7.92 21.81 -3.06
C SER A 3 -7.68 21.03 -4.36
N GLY A 4 -6.94 19.93 -4.25
CA GLY A 4 -6.66 19.11 -5.41
C GLY A 4 -5.30 18.45 -5.33
N SER A 5 -4.25 19.23 -5.53
CA SER A 5 -2.89 18.71 -5.49
C SER A 5 -2.49 18.35 -4.05
N SER A 6 -1.86 17.19 -3.91
CA SER A 6 -1.42 16.72 -2.58
C SER A 6 -0.40 15.60 -2.71
N GLY A 7 0.87 15.98 -2.89
CA GLY A 7 1.92 14.99 -3.02
C GLY A 7 1.99 14.39 -4.41
N GLU A 8 2.32 13.11 -4.49
CA GLU A 8 2.41 12.41 -5.76
C GLU A 8 2.29 10.90 -5.57
N ALA A 9 1.66 10.24 -6.54
CA ALA A 9 1.48 8.79 -6.48
C ALA A 9 2.12 8.11 -7.68
N LEU A 10 2.15 6.78 -7.65
CA LEU A 10 2.74 6.00 -8.73
C LEU A 10 1.99 6.25 -10.04
N ASP A 11 2.44 5.57 -11.09
CA ASP A 11 1.82 5.71 -12.41
C ASP A 11 0.68 4.72 -12.58
N ALA A 12 0.20 4.58 -13.82
CA ALA A 12 -0.89 3.66 -14.12
C ALA A 12 -0.37 2.24 -14.32
N ALA A 13 0.87 2.13 -14.79
CA ALA A 13 1.48 0.82 -15.02
C ALA A 13 2.15 0.30 -13.76
N ALA A 14 2.90 1.17 -13.08
CA ALA A 14 3.60 0.79 -11.86
C ALA A 14 2.61 0.29 -10.80
N ALA A 15 1.59 1.10 -10.52
CA ALA A 15 0.59 0.74 -9.53
C ALA A 15 -0.19 -0.51 -9.95
N LEU A 16 -0.44 -0.63 -11.24
CA LEU A 16 -1.17 -1.78 -11.77
C LEU A 16 -0.43 -3.08 -11.48
N SER A 17 0.89 -3.00 -11.45
CA SER A 17 1.72 -4.19 -11.19
C SER A 17 1.42 -4.76 -9.81
N VAL A 18 1.16 -3.87 -8.85
CA VAL A 18 0.86 -4.29 -7.48
C VAL A 18 -0.58 -4.77 -7.36
N ALA A 19 -1.48 -4.11 -8.08
CA ALA A 19 -2.90 -4.47 -8.04
C ALA A 19 -3.13 -5.85 -8.64
N GLU A 20 -2.27 -6.24 -9.58
CA GLU A 20 -2.39 -7.54 -10.23
C GLU A 20 -1.70 -8.63 -9.40
N CYS A 21 -0.65 -8.24 -8.68
CA CYS A 21 0.09 -9.18 -7.84
C CYS A 21 -0.62 -9.41 -6.52
N VAL A 22 -1.06 -8.34 -5.88
CA VAL A 22 -1.76 -8.44 -4.61
C VAL A 22 -2.97 -9.35 -4.71
N GLU A 23 -3.55 -9.43 -5.89
CA GLU A 23 -4.72 -10.27 -6.12
C GLU A 23 -4.32 -11.74 -6.33
N ARG A 24 -3.08 -11.95 -6.77
CA ARG A 24 -2.58 -13.29 -7.02
C ARG A 24 -1.93 -13.86 -5.77
N MET A 25 -1.30 -13.00 -4.99
CA MET A 25 -0.63 -13.43 -3.76
C MET A 25 -1.61 -13.50 -2.59
N ALA A 26 -2.67 -12.70 -2.66
CA ALA A 26 -3.68 -12.67 -1.61
C ALA A 26 -4.30 -14.05 -1.38
N PRO A 27 -4.95 -14.62 -2.41
CA PRO A 27 -5.59 -15.94 -2.31
C PRO A 27 -4.59 -17.06 -2.03
N THR A 28 -3.41 -16.97 -2.66
CA THR A 28 -2.37 -17.97 -2.46
C THR A 28 -1.78 -17.88 -1.06
N LEU A 29 -1.76 -16.67 -0.50
CA LEU A 29 -1.22 -16.45 0.83
C LEU A 29 -2.19 -16.94 1.90
N PRO A 30 -1.66 -17.46 3.01
CA PRO A 30 -2.49 -17.97 4.12
C PRO A 30 -3.13 -16.84 4.92
N LYS A 31 -4.33 -17.09 5.43
CA LYS A 31 -5.05 -16.08 6.21
C LYS A 31 -4.41 -15.91 7.58
N SER A 32 -4.69 -14.78 8.23
CA SER A 32 -4.14 -14.49 9.54
C SER A 32 -5.23 -14.55 10.61
N ASP A 33 -4.82 -14.54 11.88
CA ASP A 33 -5.76 -14.59 12.98
C ASP A 33 -6.59 -13.31 13.04
N LEU A 34 -7.87 -13.43 12.71
CA LEU A 34 -8.77 -12.29 12.72
C LEU A 34 -9.60 -12.25 14.01
N ASN A 35 -9.83 -13.42 14.59
CA ASN A 35 -10.59 -13.53 15.83
C ASN A 35 -9.76 -13.07 17.03
N GLU A 36 -8.52 -13.54 17.08
CA GLU A 36 -7.62 -13.19 18.18
C GLU A 36 -7.40 -11.68 18.24
N VAL A 37 -7.11 -11.08 17.08
CA VAL A 37 -6.88 -9.65 17.02
C VAL A 37 -8.09 -8.86 17.50
N LYS A 38 -9.28 -9.43 17.31
CA LYS A 38 -10.51 -8.78 17.72
C LYS A 38 -10.51 -8.55 19.23
N GLU A 39 -9.99 -9.51 19.99
CA GLU A 39 -9.94 -9.40 21.43
C GLU A 39 -8.94 -8.34 21.87
N LEU A 40 -7.89 -8.16 21.06
CA LEU A 40 -6.86 -7.17 21.36
C LEU A 40 -7.45 -5.76 21.42
N LEU A 41 -8.47 -5.52 20.60
CA LEU A 41 -9.11 -4.21 20.56
C LEU A 41 -9.94 -3.97 21.83
N LYS A 42 -10.69 -4.99 22.24
CA LYS A 42 -11.51 -4.90 23.43
C LYS A 42 -10.66 -4.63 24.67
N THR A 43 -9.41 -5.08 24.64
CA THR A 43 -8.50 -4.88 25.76
C THR A 43 -7.76 -3.56 25.64
N ASN A 44 -7.47 -3.15 24.41
CA ASN A 44 -6.76 -1.90 24.16
C ASN A 44 -7.75 -0.77 23.85
N LYS A 45 -7.22 0.44 23.71
CA LYS A 45 -8.05 1.61 23.41
C LYS A 45 -7.44 2.43 22.28
N LYS A 46 -6.14 2.68 22.37
CA LYS A 46 -5.43 3.45 21.35
C LYS A 46 -5.53 2.77 19.99
N LEU A 47 -5.19 1.49 19.94
CA LEU A 47 -5.25 0.73 18.70
C LEU A 47 -6.67 0.70 18.15
N ALA A 48 -7.65 0.72 19.05
CA ALA A 48 -9.06 0.70 18.66
C ALA A 48 -9.48 2.02 18.01
N LYS A 49 -8.80 3.09 18.39
CA LYS A 49 -9.10 4.42 17.85
C LYS A 49 -8.27 4.69 16.60
N MET A 50 -7.10 4.07 16.53
CA MET A 50 -6.20 4.26 15.39
C MET A 50 -6.73 3.54 14.15
N ILE A 51 -6.89 2.22 14.27
CA ILE A 51 -7.38 1.41 13.16
C ILE A 51 -8.43 0.40 13.62
N GLY A 52 -9.14 0.74 14.69
CA GLY A 52 -10.16 -0.14 15.23
C GLY A 52 -11.51 0.06 14.57
N HIS A 53 -11.85 1.32 14.30
CA HIS A 53 -13.13 1.66 13.68
C HIS A 53 -13.24 0.99 12.31
N ILE A 54 -12.10 0.77 11.66
CA ILE A 54 -12.07 0.13 10.35
C ILE A 54 -12.40 -1.35 10.45
N PHE A 55 -11.97 -1.97 11.54
CA PHE A 55 -12.22 -3.39 11.76
C PHE A 55 -13.71 -3.68 11.80
N GLU A 56 -14.44 -2.91 12.61
CA GLU A 56 -15.88 -3.09 12.74
C GLU A 56 -16.61 -2.60 11.49
N MET A 57 -15.98 -1.67 10.77
CA MET A 57 -16.57 -1.12 9.55
C MET A 57 -16.93 -2.23 8.57
N ASN A 58 -17.79 -1.90 7.61
CA ASN A 58 -18.21 -2.87 6.60
C ASN A 58 -17.02 -3.39 5.81
N ASP A 59 -17.29 -4.34 4.92
CA ASP A 59 -16.23 -4.93 4.10
C ASP A 59 -16.33 -4.46 2.65
N ASP A 60 -17.56 -4.19 2.21
CA ASP A 60 -17.79 -3.74 0.85
C ASP A 60 -18.02 -2.23 0.80
N ASP A 61 -17.34 -1.51 1.70
CA ASP A 61 -17.46 -0.06 1.77
C ASP A 61 -16.28 0.62 1.09
N PRO A 62 -16.53 1.72 0.36
CA PRO A 62 -15.47 2.46 -0.34
C PRO A 62 -14.58 3.24 0.61
N HIS A 63 -15.17 3.74 1.70
CA HIS A 63 -14.43 4.51 2.69
C HIS A 63 -13.32 3.67 3.30
N LYS A 64 -13.51 2.35 3.33
CA LYS A 64 -12.52 1.44 3.90
C LYS A 64 -11.17 1.61 3.21
N GLU A 65 -11.19 1.68 1.88
CA GLU A 65 -9.96 1.84 1.12
C GLU A 65 -9.36 3.23 1.32
N GLU A 66 -10.24 4.22 1.47
CA GLU A 66 -9.79 5.60 1.68
C GLU A 66 -9.16 5.77 3.05
N GLU A 67 -9.63 4.99 4.02
CA GLU A 67 -9.12 5.05 5.38
C GLU A 67 -7.78 4.33 5.48
N ILE A 68 -7.66 3.21 4.77
CA ILE A 68 -6.43 2.42 4.78
C ILE A 68 -5.37 3.06 3.89
N ARG A 69 -5.81 3.68 2.80
CA ARG A 69 -4.89 4.32 1.87
C ARG A 69 -4.17 5.49 2.54
N LYS A 70 -4.86 6.14 3.47
CA LYS A 70 -4.29 7.28 4.18
C LYS A 70 -3.17 6.83 5.11
N TYR A 71 -3.47 5.89 5.99
CA TYR A 71 -2.48 5.37 6.94
C TYR A 71 -1.38 4.61 6.21
N SER A 72 -1.74 3.98 5.09
CA SER A 72 -0.78 3.21 4.30
C SER A 72 0.22 4.14 3.63
N ALA A 73 1.12 4.70 4.42
CA ALA A 73 2.14 5.61 3.90
C ALA A 73 3.45 5.46 4.67
N ILE A 74 4.40 4.75 4.07
CA ILE A 74 5.70 4.53 4.69
C ILE A 74 6.77 5.44 4.08
N TYR A 75 6.60 5.74 2.81
CA TYR A 75 7.55 6.60 2.10
C TYR A 75 6.91 7.94 1.72
N GLY A 76 7.49 9.02 2.22
CA GLY A 76 6.96 10.34 1.92
C GLY A 76 6.05 10.86 3.02
N ARG A 77 5.28 9.95 3.62
CA ARG A 77 4.36 10.33 4.68
C ARG A 77 3.33 11.33 4.19
N PHE A 78 2.66 12.00 5.12
CA PHE A 78 1.64 12.99 4.78
C PHE A 78 2.24 14.39 4.74
N ASP A 79 3.27 14.62 5.57
CA ASP A 79 3.92 15.92 5.63
C ASP A 79 5.43 15.77 5.55
N SER A 80 5.89 14.69 4.93
CA SER A 80 7.32 14.43 4.79
C SER A 80 8.02 14.46 6.14
N LYS A 81 8.25 13.28 6.71
CA LYS A 81 8.90 13.18 8.02
C LYS A 81 10.28 12.53 7.87
N ARG A 82 10.41 11.61 6.91
CA ARG A 82 11.67 10.93 6.67
C ARG A 82 12.66 11.85 5.96
N LYS A 83 13.65 12.35 6.71
CA LYS A 83 14.65 13.24 6.15
C LYS A 83 16.05 12.68 6.36
N ASP A 84 16.52 11.89 5.40
CA ASP A 84 17.85 11.28 5.47
C ASP A 84 18.47 11.15 4.09
N GLY A 85 18.14 12.10 3.20
CA GLY A 85 18.67 12.07 1.86
C GLY A 85 18.02 11.00 1.00
N LYS A 86 16.73 10.79 1.19
CA LYS A 86 15.99 9.80 0.43
C LYS A 86 14.61 10.32 0.02
N HIS A 87 14.49 10.67 -1.25
CA HIS A 87 13.22 11.20 -1.77
C HIS A 87 12.52 10.15 -2.64
N LEU A 88 11.34 10.50 -3.13
CA LEU A 88 10.56 9.61 -3.98
C LEU A 88 10.98 9.72 -5.43
N THR A 89 11.82 8.78 -5.87
CA THR A 89 12.30 8.79 -7.26
C THR A 89 11.49 7.81 -8.11
N LEU A 90 11.23 6.64 -7.55
CA LEU A 90 10.46 5.61 -8.26
C LEU A 90 10.21 4.41 -7.36
N HIS A 91 11.29 3.72 -6.98
CA HIS A 91 11.18 2.55 -6.12
C HIS A 91 10.53 2.90 -4.79
N GLU A 92 10.74 4.14 -4.34
CA GLU A 92 10.19 4.60 -3.07
C GLU A 92 8.66 4.69 -3.16
N LEU A 93 8.17 5.32 -4.23
CA LEU A 93 6.74 5.48 -4.43
C LEU A 93 6.05 4.12 -4.51
N THR A 94 6.77 3.12 -5.02
CA THR A 94 6.22 1.79 -5.14
C THR A 94 5.92 1.18 -3.77
N VAL A 95 6.79 1.47 -2.81
CA VAL A 95 6.62 0.96 -1.45
C VAL A 95 5.41 1.59 -0.77
N ASN A 96 5.11 2.84 -1.13
CA ASN A 96 3.99 3.56 -0.55
C ASN A 96 2.68 2.87 -0.88
N GLU A 97 2.42 2.66 -2.16
CA GLU A 97 1.20 2.01 -2.61
C GLU A 97 1.29 0.49 -2.45
N ALA A 98 2.52 -0.02 -2.40
CA ALA A 98 2.73 -1.46 -2.26
C ALA A 98 2.01 -2.00 -1.03
N ALA A 99 2.14 -1.30 0.08
CA ALA A 99 1.49 -1.72 1.32
C ALA A 99 0.17 -0.98 1.55
N ALA A 100 -0.43 -0.51 0.46
CA ALA A 100 -1.69 0.21 0.54
C ALA A 100 -2.86 -0.70 0.19
N GLN A 101 -2.64 -1.63 -0.73
CA GLN A 101 -3.67 -2.56 -1.14
C GLN A 101 -3.63 -3.83 -0.31
N LEU A 102 -2.45 -4.21 0.16
CA LEU A 102 -2.29 -5.40 0.97
C LEU A 102 -3.10 -5.31 2.26
N CYS A 103 -3.09 -4.13 2.87
CA CYS A 103 -3.83 -3.90 4.10
C CYS A 103 -5.32 -4.14 3.89
N VAL A 104 -5.81 -3.79 2.70
CA VAL A 104 -7.22 -3.96 2.37
C VAL A 104 -7.62 -5.43 2.44
N LYS A 105 -6.77 -6.31 1.91
CA LYS A 105 -7.03 -7.73 1.91
C LYS A 105 -6.90 -8.31 3.31
N ASP A 106 -5.94 -7.78 4.07
CA ASP A 106 -5.71 -8.25 5.44
C ASP A 106 -5.63 -7.08 6.40
N ASN A 107 -6.69 -6.87 7.17
CA ASN A 107 -6.74 -5.78 8.13
C ASN A 107 -5.69 -5.97 9.22
N ALA A 108 -5.36 -7.22 9.51
CA ALA A 108 -4.36 -7.54 10.53
C ALA A 108 -3.02 -6.88 10.22
N LEU A 109 -2.76 -6.69 8.92
CA LEU A 109 -1.50 -6.08 8.49
C LEU A 109 -1.39 -4.66 9.01
N LEU A 110 -2.53 -4.00 9.21
CA LEU A 110 -2.54 -2.64 9.71
C LEU A 110 -1.85 -2.53 11.06
N THR A 111 -1.98 -3.58 11.87
CA THR A 111 -1.37 -3.61 13.20
C THR A 111 0.09 -4.03 13.11
N ARG A 112 0.41 -4.85 12.12
CA ARG A 112 1.77 -5.31 11.92
C ARG A 112 2.45 -4.58 10.76
N ARG A 113 3.32 -3.63 11.09
CA ARG A 113 4.02 -2.85 10.09
C ARG A 113 5.17 -3.66 9.49
N ASP A 114 5.76 -4.53 10.29
CA ASP A 114 6.87 -5.36 9.84
C ASP A 114 6.42 -6.31 8.73
N GLU A 115 5.36 -7.06 8.99
CA GLU A 115 4.83 -8.00 8.01
C GLU A 115 4.35 -7.29 6.77
N LEU A 116 3.86 -6.06 6.95
CA LEU A 116 3.36 -5.26 5.82
C LEU A 116 4.52 -4.68 5.02
N PHE A 117 5.63 -4.40 5.69
CA PHE A 117 6.81 -3.84 5.04
C PHE A 117 7.48 -4.88 4.14
N ALA A 118 7.55 -6.11 4.62
CA ALA A 118 8.17 -7.19 3.87
C ALA A 118 7.36 -7.53 2.62
N LEU A 119 6.05 -7.41 2.73
CA LEU A 119 5.15 -7.70 1.61
C LEU A 119 5.14 -6.56 0.61
N ALA A 120 5.35 -5.34 1.10
CA ALA A 120 5.35 -4.16 0.24
C ALA A 120 6.64 -4.09 -0.59
N ARG A 121 7.75 -4.50 0.02
CA ARG A 121 9.04 -4.49 -0.66
C ARG A 121 9.15 -5.64 -1.65
N GLN A 122 8.47 -6.75 -1.34
CA GLN A 122 8.50 -7.92 -2.20
C GLN A 122 7.90 -7.61 -3.57
N ILE A 123 6.96 -6.67 -3.60
CA ILE A 123 6.31 -6.29 -4.85
C ILE A 123 6.99 -5.06 -5.46
N SER A 124 7.53 -4.19 -4.60
CA SER A 124 8.20 -2.99 -5.06
C SER A 124 9.36 -3.31 -5.98
N ARG A 125 9.99 -4.47 -5.76
CA ARG A 125 11.12 -4.90 -6.57
C ARG A 125 10.63 -5.51 -7.88
N GLU A 126 9.47 -6.14 -7.85
CA GLU A 126 8.89 -6.77 -9.03
C GLU A 126 8.54 -5.72 -10.08
N VAL A 127 8.16 -4.53 -9.62
CA VAL A 127 7.79 -3.45 -10.53
C VAL A 127 9.02 -2.79 -11.13
N THR A 128 10.07 -2.66 -10.33
CA THR A 128 11.31 -2.05 -10.78
C THR A 128 12.04 -2.97 -11.77
N TYR A 129 11.86 -4.27 -11.60
CA TYR A 129 12.50 -5.25 -12.48
C TYR A 129 12.09 -5.02 -13.93
N LYS A 130 10.82 -5.23 -14.23
CA LYS A 130 10.31 -5.05 -15.59
C LYS A 130 9.60 -3.71 -15.73
N TYR A 131 10.33 -2.63 -15.48
CA TYR A 131 9.76 -1.29 -15.57
C TYR A 131 9.95 -0.71 -16.97
N THR A 132 11.21 -0.59 -17.39
CA THR A 132 11.53 -0.05 -18.70
C THR A 132 12.88 -0.57 -19.19
N TYR A 133 12.85 -1.43 -20.20
CA TYR A 133 14.08 -2.00 -20.75
C TYR A 133 14.91 -0.92 -21.45
N ARG A 134 16.23 -1.03 -21.33
CA ARG A 134 17.14 -0.07 -21.94
C ARG A 134 17.96 -0.73 -23.04
N THR A 135 18.94 0.01 -23.56
CA THR A 135 19.81 -0.50 -24.62
C THR A 135 20.92 -1.37 -24.04
N THR A 136 20.83 -2.68 -24.28
CA THR A 136 21.83 -3.61 -23.77
C THR A 136 23.21 -3.28 -24.33
N SER A 137 23.25 -2.80 -25.57
CA SER A 137 24.51 -2.44 -26.22
C SER A 137 24.25 -1.68 -27.50
N GLY A 138 23.89 -0.40 -27.37
CA GLY A 138 23.62 0.42 -28.54
C GLY A 138 24.69 1.47 -28.76
N PRO A 139 25.70 1.20 -29.62
CA PRO A 139 26.77 2.15 -29.89
C PRO A 139 26.28 3.38 -30.67
N SER A 140 26.20 4.51 -29.98
CA SER A 140 25.75 5.74 -30.60
C SER A 140 26.79 6.29 -31.56
N SER A 141 26.36 7.18 -32.45
CA SER A 141 27.26 7.78 -33.44
C SER A 141 26.68 9.08 -33.98
N GLY A 142 25.58 8.96 -34.72
CA GLY A 142 24.95 10.14 -35.29
C GLY A 142 25.52 10.51 -36.65
N GLY A 1 1.74 26.51 -15.83
CA GLY A 1 2.65 25.54 -15.18
C GLY A 1 3.87 26.21 -14.57
N SER A 2 3.68 26.84 -13.42
CA SER A 2 4.77 27.52 -12.75
C SER A 2 5.15 26.79 -11.46
N SER A 3 6.46 26.74 -11.18
CA SER A 3 6.95 26.07 -9.98
C SER A 3 6.58 24.59 -10.00
N GLY A 4 7.07 23.86 -9.00
CA GLY A 4 6.79 22.44 -8.92
C GLY A 4 5.52 22.15 -8.12
N SER A 5 4.95 20.97 -8.34
CA SER A 5 3.73 20.57 -7.64
C SER A 5 3.50 19.06 -7.76
N SER A 6 3.52 18.57 -8.99
CA SER A 6 3.32 17.14 -9.24
C SER A 6 1.94 16.70 -8.74
N GLY A 7 1.62 15.43 -8.99
CA GLY A 7 0.34 14.91 -8.56
C GLY A 7 0.47 13.56 -7.87
N GLU A 8 0.10 12.50 -8.58
CA GLU A 8 0.17 11.15 -8.04
C GLU A 8 1.62 10.68 -7.93
N ALA A 9 1.81 9.43 -7.51
CA ALA A 9 3.15 8.87 -7.37
C ALA A 9 3.46 7.92 -8.53
N LEU A 10 2.88 6.73 -8.49
CA LEU A 10 3.10 5.73 -9.53
C LEU A 10 2.34 6.10 -10.80
N ASP A 11 2.47 5.25 -11.82
CA ASP A 11 1.81 5.49 -13.10
C ASP A 11 0.68 4.48 -13.31
N ALA A 12 0.04 4.56 -14.48
CA ALA A 12 -1.04 3.65 -14.82
C ALA A 12 -0.54 2.23 -15.07
N ALA A 13 0.68 2.13 -15.58
CA ALA A 13 1.29 0.84 -15.87
C ALA A 13 1.95 0.25 -14.62
N ALA A 14 2.64 1.09 -13.87
CA ALA A 14 3.30 0.65 -12.65
C ALA A 14 2.30 0.14 -11.62
N ALA A 15 1.10 0.70 -11.65
CA ALA A 15 0.04 0.29 -10.72
C ALA A 15 -0.51 -1.08 -11.09
N LEU A 16 -0.47 -1.40 -12.37
CA LEU A 16 -0.96 -2.70 -12.86
C LEU A 16 -0.24 -3.85 -12.18
N SER A 17 1.09 -3.75 -12.11
CA SER A 17 1.90 -4.79 -11.48
C SER A 17 1.52 -4.97 -10.02
N VAL A 18 1.17 -3.87 -9.35
CA VAL A 18 0.79 -3.91 -7.95
C VAL A 18 -0.56 -4.59 -7.77
N ALA A 19 -1.42 -4.48 -8.78
CA ALA A 19 -2.74 -5.09 -8.73
C ALA A 19 -2.71 -6.53 -9.21
N GLU A 20 -1.78 -6.82 -10.12
CA GLU A 20 -1.64 -8.17 -10.66
C GLU A 20 -0.87 -9.07 -9.70
N CYS A 21 0.05 -8.47 -8.95
CA CYS A 21 0.86 -9.20 -7.99
C CYS A 21 0.05 -9.52 -6.73
N VAL A 22 -0.65 -8.52 -6.23
CA VAL A 22 -1.46 -8.68 -5.03
C VAL A 22 -2.51 -9.77 -5.21
N GLU A 23 -2.93 -9.98 -6.46
CA GLU A 23 -3.94 -10.99 -6.78
C GLU A 23 -3.31 -12.38 -6.89
N ARG A 24 -2.00 -12.42 -7.11
CA ARG A 24 -1.29 -13.69 -7.24
C ARG A 24 -0.77 -14.17 -5.89
N MET A 25 -0.46 -13.23 -5.00
CA MET A 25 0.04 -13.57 -3.68
C MET A 25 -1.10 -13.77 -2.68
N ALA A 26 -2.21 -13.08 -2.92
CA ALA A 26 -3.38 -13.19 -2.04
C ALA A 26 -3.85 -14.63 -1.93
N PRO A 27 -4.10 -15.30 -3.07
CA PRO A 27 -4.56 -16.69 -3.08
C PRO A 27 -3.66 -17.61 -2.26
N THR A 28 -2.38 -17.27 -2.20
CA THR A 28 -1.42 -18.07 -1.45
C THR A 28 -1.35 -17.62 0.00
N LEU A 29 -1.53 -16.32 0.23
CA LEU A 29 -1.49 -15.77 1.57
C LEU A 29 -2.66 -16.28 2.41
N PRO A 30 -2.46 -16.41 3.73
CA PRO A 30 -3.51 -16.90 4.64
C PRO A 30 -4.64 -15.90 4.80
N LYS A 31 -5.66 -16.29 5.58
CA LYS A 31 -6.81 -15.42 5.81
C LYS A 31 -6.77 -14.85 7.22
N SER A 32 -6.83 -13.52 7.31
CA SER A 32 -6.80 -12.84 8.61
C SER A 32 -8.20 -12.81 9.22
N ASP A 33 -8.33 -13.43 10.38
CA ASP A 33 -9.62 -13.47 11.08
C ASP A 33 -9.82 -12.20 11.91
N LEU A 34 -10.97 -11.56 11.71
CA LEU A 34 -11.29 -10.34 12.43
C LEU A 34 -11.58 -10.64 13.91
N ASN A 35 -12.10 -11.83 14.17
CA ASN A 35 -12.43 -12.24 15.53
C ASN A 35 -11.18 -12.20 16.42
N GLU A 36 -10.04 -12.47 15.82
CA GLU A 36 -8.78 -12.48 16.56
C GLU A 36 -8.31 -11.06 16.85
N VAL A 37 -8.13 -10.27 15.79
CA VAL A 37 -7.69 -8.89 15.93
C VAL A 37 -8.68 -8.08 16.78
N LYS A 38 -9.95 -8.45 16.71
CA LYS A 38 -10.99 -7.77 17.47
C LYS A 38 -10.72 -7.86 18.97
N GLU A 39 -10.47 -9.08 19.45
CA GLU A 39 -10.21 -9.30 20.86
C GLU A 39 -9.04 -8.45 21.33
N LEU A 40 -8.11 -8.16 20.43
CA LEU A 40 -6.94 -7.36 20.77
C LEU A 40 -7.34 -5.90 21.00
N LEU A 41 -8.07 -5.33 20.06
CA LEU A 41 -8.52 -3.95 20.16
C LEU A 41 -9.48 -3.78 21.34
N LYS A 42 -10.31 -4.79 21.57
CA LYS A 42 -11.27 -4.74 22.67
C LYS A 42 -10.56 -4.58 24.01
N THR A 43 -9.35 -5.10 24.09
CA THR A 43 -8.56 -5.01 25.32
C THR A 43 -7.58 -3.84 25.26
N ASN A 44 -7.08 -3.55 24.06
CA ASN A 44 -6.14 -2.47 23.86
C ASN A 44 -6.86 -1.14 23.68
N LYS A 45 -6.22 -0.05 24.10
CA LYS A 45 -6.81 1.28 23.97
C LYS A 45 -6.01 2.14 23.00
N LYS A 46 -4.68 1.99 23.04
CA LYS A 46 -3.80 2.76 22.17
C LYS A 46 -4.00 2.35 20.71
N LEU A 47 -4.08 1.06 20.46
CA LEU A 47 -4.27 0.53 19.10
C LEU A 47 -5.71 0.73 18.64
N ALA A 48 -6.65 0.51 19.55
CA ALA A 48 -8.07 0.64 19.23
C ALA A 48 -8.39 2.08 18.80
N LYS A 49 -7.66 3.04 19.36
CA LYS A 49 -7.87 4.44 19.04
C LYS A 49 -7.14 4.82 17.75
N MET A 50 -6.07 4.11 17.44
CA MET A 50 -5.29 4.37 16.25
C MET A 50 -5.91 3.69 15.02
N ILE A 51 -5.91 2.37 15.03
CA ILE A 51 -6.47 1.60 13.92
C ILE A 51 -7.52 0.61 14.41
N GLY A 52 -8.40 1.08 15.29
CA GLY A 52 -9.45 0.22 15.82
C GLY A 52 -10.80 0.50 15.20
N HIS A 53 -10.99 1.73 14.74
CA HIS A 53 -12.25 2.13 14.12
C HIS A 53 -12.48 1.36 12.81
N ILE A 54 -11.38 1.00 12.14
CA ILE A 54 -11.47 0.28 10.88
C ILE A 54 -12.06 -1.12 11.09
N PHE A 55 -11.50 -1.86 12.05
CA PHE A 55 -11.98 -3.20 12.35
C PHE A 55 -13.44 -3.18 12.77
N GLU A 56 -13.83 -2.15 13.51
CA GLU A 56 -15.20 -2.02 13.98
C GLU A 56 -16.13 -1.65 12.82
N MET A 57 -15.60 -0.91 11.85
CA MET A 57 -16.39 -0.49 10.69
C MET A 57 -16.78 -1.70 9.84
N ASN A 58 -17.66 -1.47 8.87
CA ASN A 58 -18.12 -2.54 7.98
C ASN A 58 -16.96 -3.07 7.14
N ASP A 59 -17.24 -4.09 6.34
CA ASP A 59 -16.22 -4.69 5.49
C ASP A 59 -16.49 -4.38 4.02
N ASP A 60 -17.77 -4.25 3.67
CA ASP A 60 -18.15 -3.94 2.29
C ASP A 60 -18.46 -2.46 2.13
N ASP A 61 -17.77 -1.62 2.91
CA ASP A 61 -17.97 -0.19 2.84
C ASP A 61 -16.82 0.50 2.11
N PRO A 62 -17.11 1.54 1.32
CA PRO A 62 -16.09 2.27 0.56
C PRO A 62 -15.16 3.08 1.47
N HIS A 63 -15.68 3.48 2.63
CA HIS A 63 -14.90 4.26 3.58
C HIS A 63 -13.66 3.49 4.03
N LYS A 64 -13.77 2.17 4.12
CA LYS A 64 -12.66 1.33 4.53
C LYS A 64 -11.45 1.54 3.63
N GLU A 65 -11.69 1.54 2.32
CA GLU A 65 -10.62 1.75 1.35
C GLU A 65 -9.93 3.08 1.57
N GLU A 66 -10.69 4.06 2.05
CA GLU A 66 -10.16 5.40 2.30
C GLU A 66 -9.38 5.44 3.62
N GLU A 67 -9.88 4.72 4.62
CA GLU A 67 -9.24 4.67 5.92
C GLU A 67 -7.90 3.94 5.85
N ILE A 68 -7.88 2.82 5.12
CA ILE A 68 -6.67 2.03 4.97
C ILE A 68 -5.65 2.75 4.08
N ARG A 69 -6.13 3.36 3.01
CA ARG A 69 -5.26 4.08 2.08
C ARG A 69 -4.54 5.23 2.79
N LYS A 70 -5.15 5.75 3.85
CA LYS A 70 -4.57 6.85 4.61
C LYS A 70 -3.42 6.36 5.49
N TYR A 71 -3.64 5.24 6.17
CA TYR A 71 -2.62 4.67 7.06
C TYR A 71 -1.57 3.89 6.25
N SER A 72 -2.05 3.16 5.25
CA SER A 72 -1.16 2.37 4.41
C SER A 72 -0.29 3.26 3.52
N ALA A 73 0.90 3.59 3.99
CA ALA A 73 1.82 4.44 3.25
C ALA A 73 3.26 4.22 3.69
N ILE A 74 3.48 4.23 5.00
CA ILE A 74 4.81 4.04 5.56
C ILE A 74 5.72 5.23 5.26
N TYR A 75 6.01 5.43 3.98
CA TYR A 75 6.86 6.54 3.56
C TYR A 75 6.04 7.81 3.37
N GLY A 76 6.55 8.92 3.89
CA GLY A 76 5.86 10.19 3.77
C GLY A 76 4.73 10.32 4.77
N ARG A 77 4.69 11.46 5.46
CA ARG A 77 3.65 11.71 6.45
C ARG A 77 2.34 12.07 5.79
N PHE A 78 1.27 12.14 6.58
CA PHE A 78 -0.05 12.47 6.06
C PHE A 78 -0.03 13.83 5.37
N ASP A 79 0.68 14.78 5.95
CA ASP A 79 0.78 16.12 5.39
C ASP A 79 2.08 16.30 4.62
N SER A 80 2.31 17.51 4.12
CA SER A 80 3.53 17.81 3.37
C SER A 80 3.75 19.32 3.28
N LYS A 81 4.75 19.81 4.01
CA LYS A 81 5.06 21.23 4.00
C LYS A 81 6.54 21.45 3.74
N ARG A 82 7.38 21.02 4.68
CA ARG A 82 8.83 21.18 4.56
C ARG A 82 9.37 20.25 3.46
N LYS A 83 10.58 20.56 2.99
CA LYS A 83 11.20 19.77 1.94
C LYS A 83 12.61 19.34 2.36
N ASP A 84 13.50 20.30 2.52
CA ASP A 84 14.88 20.02 2.92
C ASP A 84 15.63 19.31 1.80
N GLY A 85 15.25 18.07 1.53
CA GLY A 85 15.91 17.31 0.49
C GLY A 85 15.10 16.10 0.05
N LYS A 86 13.96 16.35 -0.58
CA LYS A 86 13.09 15.27 -1.05
C LYS A 86 12.62 14.42 0.12
N HIS A 87 11.79 13.43 -0.19
CA HIS A 87 11.27 12.53 0.85
C HIS A 87 10.89 11.17 0.25
N LEU A 88 10.03 11.18 -0.76
CA LEU A 88 9.60 9.96 -1.40
C LEU A 88 10.31 9.76 -2.74
N THR A 89 11.11 8.70 -2.82
CA THR A 89 11.84 8.39 -4.05
C THR A 89 10.96 7.63 -5.03
N LEU A 90 11.58 7.05 -6.05
CA LEU A 90 10.85 6.29 -7.05
C LEU A 90 10.46 4.91 -6.51
N HIS A 91 11.29 4.38 -5.61
CA HIS A 91 11.03 3.07 -5.02
C HIS A 91 10.09 3.19 -3.82
N GLU A 92 10.32 4.21 -3.00
CA GLU A 92 9.49 4.43 -1.82
C GLU A 92 8.04 4.75 -2.22
N LEU A 93 7.88 5.41 -3.34
CA LEU A 93 6.55 5.78 -3.84
C LEU A 93 5.73 4.53 -4.13
N THR A 94 6.39 3.48 -4.59
CA THR A 94 5.72 2.23 -4.91
C THR A 94 5.32 1.47 -3.64
N VAL A 95 6.11 1.65 -2.59
CA VAL A 95 5.84 0.99 -1.32
C VAL A 95 4.61 1.58 -0.64
N ASN A 96 4.37 2.87 -0.88
CA ASN A 96 3.21 3.54 -0.29
C ASN A 96 1.91 2.98 -0.84
N GLU A 97 1.94 2.53 -2.09
CA GLU A 97 0.75 1.96 -2.73
C GLU A 97 0.79 0.43 -2.70
N ALA A 98 2.00 -0.13 -2.73
CA ALA A 98 2.17 -1.57 -2.70
C ALA A 98 1.55 -2.18 -1.46
N ALA A 99 1.69 -1.49 -0.33
CA ALA A 99 1.14 -1.96 0.93
C ALA A 99 -0.21 -1.31 1.23
N ALA A 100 -0.86 -0.80 0.18
CA ALA A 100 -2.17 -0.16 0.34
C ALA A 100 -3.29 -1.11 -0.05
N GLN A 101 -3.05 -1.91 -1.08
CA GLN A 101 -4.05 -2.87 -1.56
C GLN A 101 -4.00 -4.15 -0.73
N LEU A 102 -2.82 -4.50 -0.24
CA LEU A 102 -2.64 -5.69 0.56
C LEU A 102 -3.31 -5.54 1.92
N CYS A 103 -3.15 -4.37 2.53
CA CYS A 103 -3.75 -4.10 3.83
C CYS A 103 -5.27 -4.22 3.78
N VAL A 104 -5.84 -3.91 2.62
CA VAL A 104 -7.28 -4.00 2.44
C VAL A 104 -7.78 -5.43 2.62
N LYS A 105 -7.07 -6.38 2.00
CA LYS A 105 -7.44 -7.78 2.10
C LYS A 105 -7.12 -8.33 3.49
N ASP A 106 -6.00 -7.88 4.05
CA ASP A 106 -5.56 -8.32 5.37
C ASP A 106 -5.58 -7.17 6.37
N ASN A 107 -6.63 -7.10 7.17
CA ASN A 107 -6.76 -6.05 8.17
C ASN A 107 -5.69 -6.17 9.25
N ALA A 108 -5.26 -7.40 9.50
CA ALA A 108 -4.23 -7.65 10.52
C ALA A 108 -2.92 -6.94 10.15
N LEU A 109 -2.69 -6.78 8.86
CA LEU A 109 -1.46 -6.12 8.40
C LEU A 109 -1.37 -4.69 8.93
N LEU A 110 -2.52 -4.04 9.08
CA LEU A 110 -2.56 -2.68 9.59
C LEU A 110 -1.95 -2.59 10.98
N THR A 111 -2.05 -3.68 11.74
CA THR A 111 -1.51 -3.73 13.09
C THR A 111 -0.03 -4.08 13.07
N ARG A 112 0.37 -4.89 12.07
CA ARG A 112 1.75 -5.31 11.94
C ARG A 112 2.46 -4.52 10.85
N ARG A 113 3.44 -3.72 11.25
CA ARG A 113 4.19 -2.90 10.31
C ARG A 113 5.38 -3.68 9.74
N ASP A 114 5.95 -4.56 10.56
CA ASP A 114 7.09 -5.37 10.15
C ASP A 114 6.71 -6.30 9.00
N GLU A 115 5.46 -6.73 9.00
CA GLU A 115 4.96 -7.63 7.96
C GLU A 115 4.63 -6.86 6.68
N LEU A 116 3.84 -5.80 6.82
CA LEU A 116 3.44 -4.98 5.69
C LEU A 116 4.66 -4.36 5.01
N PHE A 117 5.66 -4.00 5.81
CA PHE A 117 6.88 -3.38 5.30
C PHE A 117 7.67 -4.38 4.44
N ALA A 118 7.55 -5.66 4.78
CA ALA A 118 8.25 -6.70 4.04
C ALA A 118 7.41 -7.21 2.86
N LEU A 119 6.09 -7.16 3.02
CA LEU A 119 5.20 -7.61 1.97
C LEU A 119 5.18 -6.63 0.80
N ALA A 120 5.20 -5.34 1.11
CA ALA A 120 5.19 -4.31 0.09
C ALA A 120 6.50 -4.31 -0.70
N ARG A 121 7.60 -4.57 -0.02
CA ARG A 121 8.90 -4.60 -0.66
C ARG A 121 8.97 -5.68 -1.74
N GLN A 122 8.20 -6.75 -1.53
CA GLN A 122 8.17 -7.86 -2.49
C GLN A 122 7.67 -7.38 -3.85
N ILE A 123 6.69 -6.48 -3.84
CA ILE A 123 6.13 -5.94 -5.07
C ILE A 123 6.84 -4.66 -5.50
N SER A 124 7.28 -3.89 -4.52
CA SER A 124 7.98 -2.64 -4.79
C SER A 124 9.29 -2.89 -5.53
N ARG A 125 9.90 -4.04 -5.26
CA ARG A 125 11.16 -4.40 -5.89
C ARG A 125 10.92 -5.16 -7.19
N GLU A 126 9.82 -5.90 -7.25
CA GLU A 126 9.47 -6.67 -8.44
C GLU A 126 9.24 -5.75 -9.63
N VAL A 127 8.57 -4.64 -9.39
CA VAL A 127 8.28 -3.67 -10.45
C VAL A 127 9.56 -3.05 -10.99
N THR A 128 10.33 -2.44 -10.09
CA THR A 128 11.58 -1.78 -10.47
C THR A 128 12.53 -2.78 -11.12
N TYR A 129 12.44 -4.04 -10.70
CA TYR A 129 13.31 -5.09 -11.24
C TYR A 129 13.10 -5.24 -12.75
N LYS A 130 11.88 -5.58 -13.14
CA LYS A 130 11.55 -5.75 -14.56
C LYS A 130 10.20 -5.13 -14.88
N TYR A 131 10.21 -4.12 -15.75
CA TYR A 131 8.98 -3.44 -16.14
C TYR A 131 8.11 -4.35 -16.99
N THR A 132 7.10 -3.77 -17.64
CA THR A 132 6.20 -4.54 -18.49
C THR A 132 6.82 -4.78 -19.86
N TYR A 133 6.10 -5.51 -20.71
CA TYR A 133 6.57 -5.81 -22.05
C TYR A 133 6.52 -4.57 -22.95
N ARG A 134 7.29 -4.60 -24.04
CA ARG A 134 7.33 -3.48 -24.98
C ARG A 134 7.44 -3.98 -26.41
N THR A 135 8.51 -4.70 -26.70
CA THR A 135 8.73 -5.23 -28.04
C THR A 135 9.70 -6.41 -28.00
N THR A 136 10.81 -6.24 -27.29
CA THR A 136 11.81 -7.29 -27.17
C THR A 136 12.32 -7.40 -25.73
N SER A 137 11.99 -8.52 -25.10
CA SER A 137 12.41 -8.75 -23.71
C SER A 137 13.59 -9.72 -23.66
N GLY A 138 13.51 -10.78 -24.45
CA GLY A 138 14.58 -11.77 -24.47
C GLY A 138 14.09 -13.15 -24.90
N PRO A 139 14.10 -13.44 -26.21
CA PRO A 139 13.66 -14.74 -26.73
C PRO A 139 14.59 -15.88 -26.32
N SER A 140 15.85 -15.54 -26.07
CA SER A 140 16.85 -16.54 -25.68
C SER A 140 16.55 -17.07 -24.28
N SER A 141 15.89 -18.23 -24.22
CA SER A 141 15.55 -18.85 -22.95
C SER A 141 16.57 -19.90 -22.55
N GLY A 142 16.82 -20.84 -23.46
CA GLY A 142 17.78 -21.90 -23.19
C GLY A 142 17.27 -23.27 -23.60
N GLY A 1 -12.79 6.50 -10.17
CA GLY A 1 -11.82 6.39 -11.30
C GLY A 1 -11.36 7.75 -11.78
N SER A 2 -10.32 8.28 -11.14
CA SER A 2 -9.78 9.58 -11.50
C SER A 2 -9.07 9.52 -12.85
N SER A 3 -8.69 10.67 -13.38
CA SER A 3 -8.00 10.74 -14.65
C SER A 3 -6.71 11.55 -14.54
N GLY A 4 -6.80 12.72 -13.91
CA GLY A 4 -5.64 13.57 -13.74
C GLY A 4 -4.72 13.07 -12.64
N SER A 5 -4.48 13.92 -11.64
CA SER A 5 -3.61 13.56 -10.53
C SER A 5 -4.27 13.90 -9.20
N SER A 6 -4.40 12.90 -8.33
CA SER A 6 -5.02 13.09 -7.02
C SER A 6 -4.91 11.84 -6.18
N GLY A 7 -4.03 11.87 -5.18
CA GLY A 7 -3.83 10.73 -4.31
C GLY A 7 -2.81 9.75 -4.86
N GLU A 8 -3.01 9.32 -6.10
CA GLU A 8 -2.10 8.37 -6.74
C GLU A 8 -0.71 8.97 -6.88
N ALA A 9 0.21 8.19 -7.46
CA ALA A 9 1.58 8.65 -7.64
C ALA A 9 2.25 7.88 -8.78
N LEU A 10 2.29 6.56 -8.66
CA LEU A 10 2.90 5.71 -9.67
C LEU A 10 2.17 5.84 -11.01
N ASP A 11 2.70 5.17 -12.03
CA ASP A 11 2.10 5.21 -13.36
C ASP A 11 1.15 4.03 -13.56
N ALA A 12 0.54 3.97 -14.74
CA ALA A 12 -0.39 2.89 -15.07
C ALA A 12 0.32 1.55 -15.08
N ALA A 13 1.51 1.51 -15.67
CA ALA A 13 2.28 0.27 -15.75
C ALA A 13 2.67 -0.23 -14.36
N ALA A 14 3.33 0.64 -13.59
CA ALA A 14 3.76 0.28 -12.24
C ALA A 14 2.55 0.00 -11.34
N ALA A 15 1.56 0.87 -11.38
CA ALA A 15 0.36 0.71 -10.58
C ALA A 15 -0.34 -0.61 -10.89
N LEU A 16 -0.21 -1.05 -12.14
CA LEU A 16 -0.84 -2.30 -12.56
C LEU A 16 -0.10 -3.51 -11.98
N SER A 17 1.23 -3.43 -11.99
CA SER A 17 2.06 -4.51 -11.47
C SER A 17 1.81 -4.72 -9.98
N VAL A 18 1.49 -3.65 -9.28
CA VAL A 18 1.22 -3.71 -7.85
C VAL A 18 -0.08 -4.46 -7.57
N ALA A 19 -1.06 -4.26 -8.44
CA ALA A 19 -2.36 -4.91 -8.28
C ALA A 19 -2.30 -6.37 -8.73
N GLU A 20 -1.49 -6.64 -9.75
CA GLU A 20 -1.34 -8.00 -10.26
C GLU A 20 -0.50 -8.85 -9.31
N CYS A 21 0.43 -8.22 -8.61
CA CYS A 21 1.30 -8.92 -7.67
C CYS A 21 0.54 -9.25 -6.39
N VAL A 22 -0.14 -8.27 -5.84
CA VAL A 22 -0.91 -8.45 -4.61
C VAL A 22 -1.99 -9.52 -4.79
N GLU A 23 -2.67 -9.47 -5.93
CA GLU A 23 -3.72 -10.43 -6.24
C GLU A 23 -3.14 -11.82 -6.50
N ARG A 24 -1.83 -11.89 -6.73
CA ARG A 24 -1.17 -13.16 -7.00
C ARG A 24 -0.77 -13.85 -5.68
N MET A 25 -0.25 -13.06 -4.75
CA MET A 25 0.19 -13.58 -3.46
C MET A 25 -1.01 -13.82 -2.55
N ALA A 26 -2.10 -13.10 -2.79
CA ALA A 26 -3.31 -13.23 -2.00
C ALA A 26 -3.81 -14.68 -1.95
N PRO A 27 -4.07 -15.28 -3.14
CA PRO A 27 -4.55 -16.66 -3.22
C PRO A 27 -3.53 -17.67 -2.73
N THR A 28 -2.24 -17.34 -2.89
CA THR A 28 -1.17 -18.23 -2.45
C THR A 28 -0.97 -18.15 -0.94
N LEU A 29 -1.27 -16.99 -0.37
CA LEU A 29 -1.12 -16.78 1.07
C LEU A 29 -2.37 -17.24 1.81
N PRO A 30 -2.21 -17.68 3.07
CA PRO A 30 -3.33 -18.16 3.89
C PRO A 30 -4.25 -17.02 4.32
N LYS A 31 -5.36 -17.37 4.96
CA LYS A 31 -6.31 -16.37 5.43
C LYS A 31 -5.92 -15.85 6.81
N SER A 32 -6.76 -14.98 7.37
CA SER A 32 -6.50 -14.41 8.69
C SER A 32 -7.76 -14.43 9.54
N ASP A 33 -7.60 -14.11 10.82
CA ASP A 33 -8.73 -14.09 11.75
C ASP A 33 -8.84 -12.74 12.44
N LEU A 34 -10.04 -12.18 12.45
CA LEU A 34 -10.30 -10.89 13.08
C LEU A 34 -10.53 -11.05 14.58
N ASN A 35 -11.06 -12.20 14.97
CA ASN A 35 -11.34 -12.47 16.38
C ASN A 35 -10.08 -12.36 17.22
N GLU A 36 -8.94 -12.67 16.61
CA GLU A 36 -7.66 -12.60 17.31
C GLU A 36 -7.27 -11.15 17.61
N VAL A 37 -7.41 -10.29 16.61
CA VAL A 37 -7.08 -8.87 16.76
C VAL A 37 -8.16 -8.14 17.55
N LYS A 38 -9.39 -8.63 17.46
CA LYS A 38 -10.51 -8.02 18.16
C LYS A 38 -10.25 -7.97 19.67
N GLU A 39 -9.81 -9.09 20.23
CA GLU A 39 -9.52 -9.17 21.65
C GLU A 39 -8.40 -8.20 22.03
N LEU A 40 -7.49 -7.97 21.10
CA LEU A 40 -6.36 -7.07 21.34
C LEU A 40 -6.84 -5.62 21.46
N LEU A 41 -7.74 -5.23 20.57
CA LEU A 41 -8.28 -3.87 20.59
C LEU A 41 -9.00 -3.59 21.90
N LYS A 42 -9.73 -4.57 22.39
CA LYS A 42 -10.47 -4.44 23.64
C LYS A 42 -9.53 -4.11 24.80
N THR A 43 -8.30 -4.61 24.71
CA THR A 43 -7.31 -4.37 25.75
C THR A 43 -6.42 -3.18 25.40
N ASN A 44 -6.16 -3.00 24.11
CA ASN A 44 -5.33 -1.91 23.64
C ASN A 44 -6.18 -0.74 23.14
N LYS A 45 -6.15 0.36 23.88
CA LYS A 45 -6.92 1.55 23.52
C LYS A 45 -6.28 2.28 22.35
N LYS A 46 -4.96 2.30 22.33
CA LYS A 46 -4.21 2.96 21.26
C LYS A 46 -4.55 2.35 19.90
N LEU A 47 -4.52 1.02 19.84
CA LEU A 47 -4.82 0.32 18.60
C LEU A 47 -6.31 0.41 18.26
N ALA A 48 -7.14 0.35 19.30
CA ALA A 48 -8.59 0.43 19.11
C ALA A 48 -9.02 1.81 18.65
N LYS A 49 -8.23 2.82 19.02
CA LYS A 49 -8.53 4.20 18.64
C LYS A 49 -7.82 4.57 17.34
N MET A 50 -6.69 3.93 17.08
CA MET A 50 -5.92 4.19 15.87
C MET A 50 -6.56 3.52 14.66
N ILE A 51 -6.68 2.19 14.72
CA ILE A 51 -7.28 1.44 13.62
C ILE A 51 -8.27 0.40 14.14
N GLY A 52 -9.01 0.78 15.18
CA GLY A 52 -10.00 -0.12 15.75
C GLY A 52 -11.38 0.05 15.13
N HIS A 53 -11.65 1.25 14.64
CA HIS A 53 -12.94 1.54 14.01
C HIS A 53 -13.02 0.93 12.61
N ILE A 54 -11.86 0.79 11.97
CA ILE A 54 -11.80 0.23 10.63
C ILE A 54 -12.17 -1.25 10.64
N PHE A 55 -11.86 -1.93 11.74
CA PHE A 55 -12.16 -3.35 11.87
C PHE A 55 -13.67 -3.58 11.91
N GLU A 56 -14.38 -2.70 12.60
CA GLU A 56 -15.83 -2.81 12.72
C GLU A 56 -16.52 -2.39 11.42
N MET A 57 -15.87 -1.48 10.68
CA MET A 57 -16.41 -0.99 9.42
C MET A 57 -16.65 -2.14 8.44
N ASN A 58 -17.56 -1.93 7.50
CA ASN A 58 -17.87 -2.95 6.50
C ASN A 58 -16.73 -3.10 5.50
N ASP A 59 -16.92 -3.97 4.52
CA ASP A 59 -15.91 -4.22 3.50
C ASP A 59 -16.24 -3.45 2.22
N ASP A 60 -17.52 -3.21 1.99
CA ASP A 60 -17.96 -2.48 0.80
C ASP A 60 -18.17 -1.01 1.11
N ASP A 61 -17.29 -0.44 1.92
CA ASP A 61 -17.38 0.96 2.31
C ASP A 61 -16.25 1.77 1.68
N PRO A 62 -16.55 2.60 0.67
CA PRO A 62 -15.54 3.42 0.00
C PRO A 62 -14.67 4.19 0.98
N HIS A 63 -15.27 4.60 2.10
CA HIS A 63 -14.54 5.34 3.13
C HIS A 63 -13.42 4.51 3.71
N LYS A 64 -13.61 3.19 3.74
CA LYS A 64 -12.60 2.28 4.28
C LYS A 64 -11.30 2.38 3.49
N GLU A 65 -11.41 2.42 2.17
CA GLU A 65 -10.25 2.52 1.30
C GLU A 65 -9.44 3.78 1.61
N GLU A 66 -10.14 4.85 1.97
CA GLU A 66 -9.50 6.11 2.29
C GLU A 66 -8.79 6.03 3.65
N GLU A 67 -9.35 5.22 4.55
CA GLU A 67 -8.77 5.05 5.87
C GLU A 67 -7.52 4.18 5.83
N ILE A 68 -7.58 3.12 5.02
CA ILE A 68 -6.45 2.21 4.89
C ILE A 68 -5.29 2.88 4.18
N ARG A 69 -5.58 3.55 3.07
CA ARG A 69 -4.55 4.24 2.30
C ARG A 69 -3.87 5.33 3.14
N LYS A 70 -4.64 5.92 4.05
CA LYS A 70 -4.11 6.97 4.93
C LYS A 70 -3.13 6.40 5.94
N TYR A 71 -3.60 5.46 6.75
CA TYR A 71 -2.77 4.83 7.77
C TYR A 71 -1.65 4.00 7.12
N SER A 72 -1.95 3.42 5.97
CA SER A 72 -0.98 2.60 5.25
C SER A 72 -0.20 3.45 4.25
N ALA A 73 0.80 4.17 4.76
CA ALA A 73 1.63 5.02 3.92
C ALA A 73 3.11 4.71 4.11
N ILE A 74 3.54 4.70 5.37
CA ILE A 74 4.93 4.41 5.69
C ILE A 74 5.84 5.55 5.25
N TYR A 75 5.95 5.76 3.94
CA TYR A 75 6.79 6.81 3.39
C TYR A 75 6.03 8.14 3.35
N GLY A 76 6.24 8.97 4.36
CA GLY A 76 5.58 10.25 4.42
C GLY A 76 4.42 10.27 5.41
N ARG A 77 3.28 10.78 4.98
CA ARG A 77 2.10 10.85 5.82
C ARG A 77 0.85 11.14 5.00
N PHE A 78 0.71 12.38 4.55
CA PHE A 78 -0.44 12.78 3.74
C PHE A 78 -0.28 14.21 3.24
N ASP A 79 0.13 15.10 4.14
CA ASP A 79 0.32 16.51 3.79
C ASP A 79 1.46 16.66 2.78
N SER A 80 1.46 17.80 2.07
CA SER A 80 2.49 18.06 1.08
C SER A 80 3.72 18.69 1.75
N LYS A 81 4.91 18.25 1.32
CA LYS A 81 6.15 18.77 1.87
C LYS A 81 7.01 19.38 0.77
N ARG A 82 7.20 20.69 0.84
CA ARG A 82 8.00 21.41 -0.15
C ARG A 82 9.44 21.59 0.34
N LYS A 83 10.19 20.49 0.36
CA LYS A 83 11.57 20.53 0.82
C LYS A 83 12.52 20.69 -0.37
N ASP A 84 12.19 20.03 -1.47
CA ASP A 84 13.02 20.10 -2.68
C ASP A 84 14.42 19.55 -2.41
N GLY A 85 14.69 18.35 -2.89
CA GLY A 85 15.99 17.74 -2.68
C GLY A 85 15.91 16.27 -2.33
N LYS A 86 14.80 15.89 -1.71
CA LYS A 86 14.59 14.50 -1.32
C LYS A 86 13.16 14.28 -0.84
N HIS A 87 12.61 13.12 -1.17
CA HIS A 87 11.24 12.77 -0.78
C HIS A 87 10.91 11.34 -1.17
N LEU A 88 10.81 11.09 -2.47
CA LEU A 88 10.49 9.77 -2.97
C LEU A 88 11.16 9.51 -4.32
N THR A 89 11.78 8.35 -4.47
CA THR A 89 12.46 8.00 -5.70
C THR A 89 11.77 6.82 -6.39
N LEU A 90 10.46 6.95 -6.62
CA LEU A 90 9.67 5.91 -7.26
C LEU A 90 9.52 4.70 -6.36
N HIS A 91 10.64 4.03 -6.06
CA HIS A 91 10.64 2.85 -5.21
C HIS A 91 9.89 3.12 -3.91
N GLU A 92 9.87 4.38 -3.48
CA GLU A 92 9.19 4.76 -2.25
C GLU A 92 7.69 4.90 -2.48
N LEU A 93 7.31 5.27 -3.70
CA LEU A 93 5.90 5.44 -4.05
C LEU A 93 5.20 4.10 -4.20
N THR A 94 5.93 3.11 -4.71
CA THR A 94 5.38 1.78 -4.92
C THR A 94 4.96 1.15 -3.60
N VAL A 95 5.85 1.20 -2.61
CA VAL A 95 5.57 0.64 -1.29
C VAL A 95 4.32 1.26 -0.67
N ASN A 96 4.05 2.51 -1.04
CA ASN A 96 2.89 3.22 -0.51
C ASN A 96 1.59 2.52 -0.93
N GLU A 97 1.40 2.35 -2.23
CA GLU A 97 0.20 1.70 -2.74
C GLU A 97 0.28 0.19 -2.56
N ALA A 98 1.49 -0.34 -2.55
CA ALA A 98 1.69 -1.79 -2.38
C ALA A 98 1.06 -2.28 -1.08
N ALA A 99 1.37 -1.61 0.02
CA ALA A 99 0.83 -1.99 1.32
C ALA A 99 -0.64 -1.64 1.43
N ALA A 100 -1.06 -0.60 0.71
CA ALA A 100 -2.45 -0.16 0.72
C ALA A 100 -3.39 -1.28 0.30
N GLN A 101 -3.17 -1.80 -0.91
CA GLN A 101 -4.00 -2.87 -1.44
C GLN A 101 -3.93 -4.11 -0.55
N LEU A 102 -2.78 -4.32 0.07
CA LEU A 102 -2.58 -5.47 0.96
C LEU A 102 -3.46 -5.36 2.20
N CYS A 103 -3.47 -4.17 2.80
CA CYS A 103 -4.27 -3.94 4.00
C CYS A 103 -5.75 -4.15 3.72
N VAL A 104 -6.18 -3.79 2.51
CA VAL A 104 -7.57 -3.95 2.11
C VAL A 104 -8.00 -5.41 2.16
N LYS A 105 -7.22 -6.27 1.50
CA LYS A 105 -7.52 -7.69 1.47
C LYS A 105 -7.46 -8.30 2.87
N ASP A 106 -6.56 -7.78 3.69
CA ASP A 106 -6.40 -8.27 5.06
C ASP A 106 -6.39 -7.12 6.05
N ASN A 107 -7.43 -7.03 6.87
CA ASN A 107 -7.55 -5.98 7.88
C ASN A 107 -6.47 -6.14 8.95
N ALA A 108 -6.07 -7.38 9.20
CA ALA A 108 -5.06 -7.66 10.21
C ALA A 108 -3.71 -7.08 9.80
N LEU A 109 -3.47 -6.99 8.51
CA LEU A 109 -2.21 -6.45 7.99
C LEU A 109 -1.99 -5.02 8.48
N LEU A 110 -3.09 -4.31 8.72
CA LEU A 110 -3.01 -2.93 9.19
C LEU A 110 -2.22 -2.84 10.49
N THR A 111 -2.52 -3.75 11.42
CA THR A 111 -1.84 -3.76 12.71
C THR A 111 -0.41 -4.25 12.56
N ARG A 112 -0.19 -5.15 11.59
CA ARG A 112 1.14 -5.70 11.34
C ARG A 112 1.93 -4.79 10.42
N ARG A 113 3.01 -4.22 10.94
CA ARG A 113 3.86 -3.33 10.15
C ARG A 113 5.02 -4.09 9.53
N ASP A 114 5.49 -5.12 10.22
CA ASP A 114 6.60 -5.93 9.73
C ASP A 114 6.18 -6.77 8.53
N GLU A 115 5.05 -7.46 8.66
CA GLU A 115 4.54 -8.29 7.57
C GLU A 115 4.16 -7.44 6.36
N LEU A 116 3.66 -6.25 6.62
CA LEU A 116 3.26 -5.34 5.55
C LEU A 116 4.47 -4.70 4.90
N PHE A 117 5.46 -4.36 5.71
CA PHE A 117 6.69 -3.73 5.22
C PHE A 117 7.48 -4.70 4.34
N ALA A 118 7.31 -6.00 4.57
CA ALA A 118 8.00 -7.01 3.80
C ALA A 118 7.29 -7.29 2.47
N LEU A 119 5.99 -7.60 2.56
CA LEU A 119 5.20 -7.88 1.38
C LEU A 119 5.20 -6.71 0.41
N ALA A 120 4.91 -5.53 0.92
CA ALA A 120 4.88 -4.31 0.10
C ALA A 120 6.22 -4.09 -0.59
N ARG A 121 7.28 -4.05 0.21
CA ARG A 121 8.62 -3.83 -0.33
C ARG A 121 8.98 -4.90 -1.37
N GLN A 122 8.43 -6.10 -1.19
CA GLN A 122 8.69 -7.19 -2.10
C GLN A 122 8.17 -6.89 -3.50
N ILE A 123 7.02 -6.24 -3.58
CA ILE A 123 6.41 -5.88 -4.85
C ILE A 123 7.17 -4.74 -5.53
N SER A 124 7.72 -3.85 -4.71
CA SER A 124 8.47 -2.70 -5.23
C SER A 124 9.72 -3.17 -5.97
N ARG A 125 10.26 -4.30 -5.56
CA ARG A 125 11.46 -4.85 -6.17
C ARG A 125 11.14 -5.48 -7.53
N GLU A 126 9.96 -6.10 -7.62
CA GLU A 126 9.53 -6.75 -8.85
C GLU A 126 9.38 -5.73 -9.98
N VAL A 127 8.67 -4.64 -9.70
CA VAL A 127 8.46 -3.59 -10.69
C VAL A 127 9.78 -2.97 -11.13
N THR A 128 10.65 -2.69 -10.17
CA THR A 128 11.94 -2.09 -10.46
C THR A 128 12.82 -3.03 -11.29
N TYR A 129 12.53 -4.33 -11.20
CA TYR A 129 13.29 -5.33 -11.94
C TYR A 129 13.29 -5.02 -13.43
N LYS A 130 12.10 -5.04 -14.04
CA LYS A 130 11.96 -4.77 -15.45
C LYS A 130 11.40 -3.37 -15.69
N TYR A 131 11.94 -2.68 -16.69
CA TYR A 131 11.49 -1.33 -17.01
C TYR A 131 12.22 -0.80 -18.24
N THR A 132 11.48 -0.63 -19.34
CA THR A 132 12.05 -0.13 -20.58
C THR A 132 11.18 0.96 -21.19
N TYR A 133 11.79 2.11 -21.48
CA TYR A 133 11.07 3.24 -22.06
C TYR A 133 11.88 3.88 -23.17
N ARG A 134 11.38 3.78 -24.40
CA ARG A 134 12.06 4.36 -25.55
C ARG A 134 11.60 5.79 -25.80
N THR A 135 12.26 6.74 -25.16
CA THR A 135 11.92 8.14 -25.30
C THR A 135 13.15 8.98 -25.67
N THR A 136 13.02 9.81 -26.69
CA THR A 136 14.12 10.65 -27.13
C THR A 136 13.95 12.09 -26.63
N SER A 137 14.33 12.32 -25.38
CA SER A 137 14.22 13.65 -24.78
C SER A 137 15.32 13.88 -23.76
N GLY A 138 16.47 13.25 -23.98
CA GLY A 138 17.59 13.41 -23.07
C GLY A 138 18.68 12.38 -23.31
N PRO A 139 19.30 12.38 -24.51
CA PRO A 139 20.36 11.43 -24.85
C PRO A 139 21.66 11.72 -24.10
N SER A 140 21.94 13.01 -23.90
CA SER A 140 23.15 13.42 -23.20
C SER A 140 23.12 14.91 -22.90
N SER A 141 24.23 15.44 -22.38
CA SER A 141 24.32 16.85 -22.06
C SER A 141 23.28 17.25 -21.03
N GLY A 142 23.30 18.52 -20.63
CA GLY A 142 22.34 19.00 -19.65
C GLY A 142 22.47 20.49 -19.40
N GLY A 1 12.43 16.24 -16.42
CA GLY A 1 11.24 17.08 -16.12
C GLY A 1 11.27 18.41 -16.83
N SER A 2 10.43 19.35 -16.38
CA SER A 2 10.36 20.67 -16.98
C SER A 2 11.15 21.68 -16.16
N SER A 3 12.27 21.24 -15.60
CA SER A 3 13.11 22.10 -14.78
C SER A 3 12.35 22.63 -13.57
N GLY A 4 11.41 21.83 -13.08
CA GLY A 4 10.62 22.22 -11.93
C GLY A 4 10.24 21.06 -11.05
N SER A 5 9.08 21.15 -10.41
CA SER A 5 8.60 20.08 -9.54
C SER A 5 7.12 19.79 -9.80
N SER A 6 6.67 18.61 -9.38
CA SER A 6 5.28 18.21 -9.58
C SER A 6 4.89 17.13 -8.56
N GLY A 7 5.63 16.03 -8.56
CA GLY A 7 5.34 14.94 -7.64
C GLY A 7 3.98 14.31 -7.90
N GLU A 8 3.99 13.14 -8.53
CA GLU A 8 2.75 12.44 -8.83
C GLU A 8 2.82 10.99 -8.36
N ALA A 9 1.76 10.24 -8.62
CA ALA A 9 1.70 8.84 -8.23
C ALA A 9 2.42 7.95 -9.25
N LEU A 10 2.36 6.64 -9.02
CA LEU A 10 2.99 5.67 -9.92
C LEU A 10 2.41 5.76 -11.32
N ASP A 11 2.89 4.92 -12.22
CA ASP A 11 2.42 4.90 -13.59
C ASP A 11 1.25 3.93 -13.76
N ALA A 12 0.71 3.88 -14.97
CA ALA A 12 -0.41 2.99 -15.26
C ALA A 12 0.05 1.55 -15.43
N ALA A 13 1.28 1.38 -15.92
CA ALA A 13 1.84 0.05 -16.13
C ALA A 13 2.41 -0.52 -14.82
N ALA A 14 3.14 0.32 -14.09
CA ALA A 14 3.73 -0.11 -12.83
C ALA A 14 2.66 -0.49 -11.82
N ALA A 15 1.66 0.37 -11.67
CA ALA A 15 0.57 0.11 -10.73
C ALA A 15 -0.17 -1.17 -11.08
N LEU A 16 -0.23 -1.48 -12.36
CA LEU A 16 -0.91 -2.68 -12.83
C LEU A 16 -0.27 -3.93 -12.24
N SER A 17 1.06 -3.93 -12.16
CA SER A 17 1.80 -5.06 -11.62
C SER A 17 1.59 -5.18 -10.11
N VAL A 18 1.40 -4.03 -9.47
CA VAL A 18 1.19 -4.00 -8.02
C VAL A 18 -0.17 -4.58 -7.64
N ALA A 19 -1.23 -4.01 -8.22
CA ALA A 19 -2.58 -4.47 -7.96
C ALA A 19 -2.75 -5.95 -8.32
N GLU A 20 -1.99 -6.39 -9.32
CA GLU A 20 -2.06 -7.78 -9.77
C GLU A 20 -1.31 -8.69 -8.81
N CYS A 21 -0.18 -8.21 -8.29
CA CYS A 21 0.63 -8.99 -7.37
C CYS A 21 -0.05 -9.11 -6.00
N VAL A 22 -0.55 -7.99 -5.50
CA VAL A 22 -1.23 -7.97 -4.20
C VAL A 22 -2.42 -8.92 -4.18
N GLU A 23 -3.03 -9.12 -5.35
CA GLU A 23 -4.18 -10.01 -5.46
C GLU A 23 -3.74 -11.45 -5.72
N ARG A 24 -2.47 -11.64 -6.07
CA ARG A 24 -1.94 -12.97 -6.33
C ARG A 24 -1.24 -13.54 -5.10
N MET A 25 -0.72 -12.66 -4.26
CA MET A 25 -0.04 -13.08 -3.05
C MET A 25 -1.02 -13.24 -1.89
N ALA A 26 -2.07 -12.43 -1.90
CA ALA A 26 -3.08 -12.48 -0.84
C ALA A 26 -3.73 -13.87 -0.76
N PRO A 27 -4.25 -14.37 -1.89
CA PRO A 27 -4.90 -15.69 -1.94
C PRO A 27 -4.01 -16.79 -1.39
N THR A 28 -2.76 -16.81 -1.86
CA THR A 28 -1.80 -17.82 -1.42
C THR A 28 -1.38 -17.59 0.03
N LEU A 29 -1.33 -16.33 0.44
CA LEU A 29 -0.95 -15.97 1.79
C LEU A 29 -1.94 -16.54 2.80
N PRO A 30 -1.45 -17.18 3.88
CA PRO A 30 -2.31 -17.76 4.91
C PRO A 30 -3.31 -16.75 5.47
N LYS A 31 -4.11 -17.19 6.44
CA LYS A 31 -5.11 -16.33 7.06
C LYS A 31 -4.84 -16.17 8.55
N SER A 32 -5.44 -15.15 9.16
CA SER A 32 -5.26 -14.88 10.57
C SER A 32 -6.61 -14.82 11.29
N ASP A 33 -6.67 -15.37 12.49
CA ASP A 33 -7.90 -15.37 13.28
C ASP A 33 -8.29 -13.95 13.67
N LEU A 34 -9.35 -13.44 13.05
CA LEU A 34 -9.84 -12.10 13.33
C LEU A 34 -10.37 -12.00 14.76
N ASN A 35 -10.91 -13.11 15.26
CA ASN A 35 -11.45 -13.14 16.62
C ASN A 35 -10.37 -12.81 17.65
N GLU A 36 -9.13 -13.17 17.34
CA GLU A 36 -8.02 -12.92 18.24
C GLU A 36 -7.68 -11.42 18.28
N VAL A 37 -7.31 -10.87 17.13
CA VAL A 37 -6.96 -9.46 17.03
C VAL A 37 -8.14 -8.58 17.45
N LYS A 38 -9.35 -9.08 17.23
CA LYS A 38 -10.55 -8.33 17.58
C LYS A 38 -10.63 -8.10 19.08
N GLU A 39 -10.46 -9.15 19.86
CA GLU A 39 -10.52 -9.06 21.31
C GLU A 39 -9.44 -8.10 21.83
N LEU A 40 -8.32 -8.04 21.12
CA LEU A 40 -7.22 -7.16 21.50
C LEU A 40 -7.64 -5.70 21.44
N LEU A 41 -8.51 -5.38 20.48
CA LEU A 41 -8.98 -4.02 20.31
C LEU A 41 -9.97 -3.64 21.42
N LYS A 42 -10.88 -4.56 21.72
CA LYS A 42 -11.88 -4.32 22.76
C LYS A 42 -11.22 -4.04 24.10
N THR A 43 -10.03 -4.60 24.31
CA THR A 43 -9.29 -4.40 25.54
C THR A 43 -8.37 -3.20 25.44
N ASN A 44 -7.87 -2.94 24.24
CA ASN A 44 -6.97 -1.81 24.01
C ASN A 44 -7.71 -0.67 23.30
N LYS A 45 -8.08 0.35 24.08
CA LYS A 45 -8.78 1.50 23.53
C LYS A 45 -7.89 2.29 22.58
N LYS A 46 -6.58 2.26 22.85
CA LYS A 46 -5.63 2.98 22.01
C LYS A 46 -5.60 2.41 20.60
N LEU A 47 -5.29 1.13 20.50
CA LEU A 47 -5.23 0.46 19.20
C LEU A 47 -6.60 0.44 18.53
N ALA A 48 -7.65 0.24 19.33
CA ALA A 48 -9.00 0.20 18.82
C ALA A 48 -9.37 1.51 18.14
N LYS A 49 -8.80 2.60 18.61
CA LYS A 49 -9.06 3.92 18.05
C LYS A 49 -8.17 4.18 16.84
N MET A 50 -6.98 3.59 16.85
CA MET A 50 -6.03 3.76 15.75
C MET A 50 -6.49 2.99 14.51
N ILE A 51 -6.49 1.67 14.61
CA ILE A 51 -6.90 0.83 13.49
C ILE A 51 -7.93 -0.21 13.94
N GLY A 52 -8.91 0.23 14.72
CA GLY A 52 -9.94 -0.67 15.21
C GLY A 52 -11.28 -0.42 14.56
N HIS A 53 -11.51 0.82 14.13
CA HIS A 53 -12.77 1.20 13.50
C HIS A 53 -12.88 0.58 12.10
N ILE A 54 -11.74 0.36 11.47
CA ILE A 54 -11.71 -0.21 10.13
C ILE A 54 -12.13 -1.68 10.16
N PHE A 55 -11.82 -2.35 11.27
CA PHE A 55 -12.17 -3.76 11.42
C PHE A 55 -13.68 -3.97 11.39
N GLU A 56 -14.41 -3.09 12.05
CA GLU A 56 -15.86 -3.17 12.10
C GLU A 56 -16.47 -2.74 10.76
N MET A 57 -15.79 -1.83 10.08
CA MET A 57 -16.28 -1.33 8.79
C MET A 57 -16.44 -2.47 7.79
N ASN A 58 -17.62 -2.57 7.20
CA ASN A 58 -17.90 -3.62 6.22
C ASN A 58 -17.07 -3.42 4.95
N ASP A 59 -16.82 -4.52 4.25
CA ASP A 59 -16.04 -4.47 3.01
C ASP A 59 -16.75 -3.63 1.95
N ASP A 60 -18.07 -3.56 2.05
CA ASP A 60 -18.86 -2.79 1.09
C ASP A 60 -19.02 -1.35 1.54
N ASP A 61 -17.89 -0.70 1.85
CA ASP A 61 -17.91 0.68 2.31
C ASP A 61 -16.82 1.49 1.60
N PRO A 62 -17.18 2.24 0.55
CA PRO A 62 -16.21 3.06 -0.20
C PRO A 62 -15.37 3.95 0.71
N HIS A 63 -15.91 4.25 1.90
CA HIS A 63 -15.20 5.10 2.85
C HIS A 63 -13.98 4.38 3.44
N LYS A 64 -14.04 3.06 3.47
CA LYS A 64 -12.92 2.26 4.00
C LYS A 64 -11.62 2.59 3.28
N GLU A 65 -11.71 2.87 1.98
CA GLU A 65 -10.53 3.20 1.19
C GLU A 65 -9.84 4.45 1.72
N GLU A 66 -10.63 5.34 2.33
CA GLU A 66 -10.09 6.57 2.88
C GLU A 66 -9.42 6.32 4.23
N GLU A 67 -10.00 5.41 5.01
CA GLU A 67 -9.46 5.08 6.32
C GLU A 67 -8.18 4.26 6.20
N ILE A 68 -8.23 3.23 5.36
CA ILE A 68 -7.07 2.37 5.15
C ILE A 68 -5.92 3.12 4.50
N ARG A 69 -6.25 3.93 3.49
CA ARG A 69 -5.24 4.71 2.77
C ARG A 69 -4.66 5.80 3.67
N LYS A 70 -5.52 6.45 4.43
CA LYS A 70 -5.08 7.51 5.33
C LYS A 70 -4.07 7.00 6.33
N TYR A 71 -4.28 5.78 6.81
CA TYR A 71 -3.37 5.17 7.77
C TYR A 71 -2.24 4.42 7.08
N SER A 72 -2.55 3.87 5.90
CA SER A 72 -1.57 3.14 5.13
C SER A 72 -0.42 4.04 4.67
N ALA A 73 0.66 4.06 5.45
CA ALA A 73 1.81 4.88 5.14
C ALA A 73 3.06 4.36 5.84
N ILE A 74 4.12 4.16 5.06
CA ILE A 74 5.38 3.67 5.60
C ILE A 74 6.51 4.67 5.38
N TYR A 75 6.51 5.34 4.23
CA TYR A 75 7.53 6.31 3.91
C TYR A 75 7.06 7.73 4.21
N GLY A 76 5.83 8.04 3.81
CA GLY A 76 5.28 9.36 4.06
C GLY A 76 3.88 9.52 3.50
N ARG A 77 2.88 9.11 4.28
CA ARG A 77 1.49 9.21 3.86
C ARG A 77 1.26 8.47 2.55
N PHE A 78 -0.01 8.30 2.19
CA PHE A 78 -0.36 7.60 0.95
C PHE A 78 -0.20 8.52 -0.25
N ASP A 79 -0.61 9.78 -0.09
CA ASP A 79 -0.50 10.76 -1.17
C ASP A 79 0.40 11.92 -0.76
N SER A 80 0.86 12.68 -1.75
CA SER A 80 1.73 13.82 -1.49
C SER A 80 1.01 14.89 -0.67
N LYS A 81 1.75 15.55 0.21
CA LYS A 81 1.18 16.59 1.06
C LYS A 81 2.23 17.63 1.42
N ARG A 82 1.93 18.89 1.10
CA ARG A 82 2.85 19.99 1.39
C ARG A 82 4.17 19.79 0.66
N LYS A 83 4.29 20.40 -0.52
CA LYS A 83 5.50 20.30 -1.32
C LYS A 83 6.63 21.14 -0.72
N ASP A 84 7.85 20.61 -0.77
CA ASP A 84 9.00 21.31 -0.23
C ASP A 84 10.18 21.23 -1.20
N GLY A 85 10.47 20.04 -1.68
CA GLY A 85 11.57 19.85 -2.61
C GLY A 85 11.81 18.39 -2.94
N LYS A 86 11.69 17.53 -1.93
CA LYS A 86 11.90 16.10 -2.13
C LYS A 86 10.93 15.29 -1.27
N HIS A 87 10.59 14.09 -1.74
CA HIS A 87 9.67 13.21 -1.01
C HIS A 87 9.70 11.81 -1.59
N LEU A 88 9.27 11.69 -2.85
CA LEU A 88 9.24 10.40 -3.53
C LEU A 88 9.71 10.52 -4.96
N THR A 89 10.10 9.40 -5.56
CA THR A 89 10.58 9.39 -6.94
C THR A 89 9.92 8.27 -7.74
N LEU A 90 10.01 7.05 -7.21
CA LEU A 90 9.42 5.90 -7.88
C LEU A 90 9.40 4.69 -6.95
N HIS A 91 10.59 4.19 -6.61
CA HIS A 91 10.70 3.03 -5.73
C HIS A 91 10.09 3.32 -4.37
N GLU A 92 10.15 4.58 -3.95
CA GLU A 92 9.61 5.00 -2.67
C GLU A 92 8.09 5.06 -2.71
N LEU A 93 7.54 5.37 -3.90
CA LEU A 93 6.10 5.46 -4.08
C LEU A 93 5.47 4.07 -4.16
N THR A 94 6.16 3.16 -4.85
CA THR A 94 5.66 1.79 -5.01
C THR A 94 5.47 1.12 -3.66
N VAL A 95 6.31 1.50 -2.69
CA VAL A 95 6.23 0.93 -1.35
C VAL A 95 4.91 1.28 -0.67
N ASN A 96 4.62 2.57 -0.60
CA ASN A 96 3.39 3.05 0.02
C ASN A 96 2.16 2.48 -0.69
N GLU A 97 2.21 2.48 -2.02
CA GLU A 97 1.10 1.96 -2.82
C GLU A 97 0.84 0.49 -2.51
N ALA A 98 1.88 -0.33 -2.63
CA ALA A 98 1.77 -1.76 -2.36
C ALA A 98 1.41 -2.01 -0.90
N ALA A 99 1.92 -1.17 -0.01
CA ALA A 99 1.66 -1.32 1.41
C ALA A 99 0.20 -1.02 1.73
N ALA A 100 -0.40 -0.13 0.96
CA ALA A 100 -1.80 0.24 1.15
C ALA A 100 -2.74 -0.80 0.55
N GLN A 101 -2.41 -1.26 -0.65
CA GLN A 101 -3.22 -2.26 -1.34
C GLN A 101 -3.29 -3.55 -0.52
N LEU A 102 -2.23 -3.84 0.21
CA LEU A 102 -2.17 -5.04 1.04
C LEU A 102 -3.04 -4.88 2.29
N CYS A 103 -2.99 -3.70 2.90
CA CYS A 103 -3.77 -3.43 4.10
C CYS A 103 -5.26 -3.58 3.83
N VAL A 104 -5.67 -3.29 2.60
CA VAL A 104 -7.07 -3.39 2.21
C VAL A 104 -7.54 -4.84 2.27
N LYS A 105 -6.80 -5.73 1.64
CA LYS A 105 -7.15 -7.15 1.62
C LYS A 105 -7.20 -7.72 3.04
N ASP A 106 -6.11 -7.53 3.78
CA ASP A 106 -6.02 -8.02 5.16
C ASP A 106 -5.94 -6.86 6.13
N ASN A 107 -6.98 -6.69 6.94
CA ASN A 107 -7.04 -5.62 7.92
C ASN A 107 -6.00 -5.85 9.03
N ALA A 108 -5.68 -7.11 9.27
CA ALA A 108 -4.70 -7.47 10.30
C ALA A 108 -3.32 -6.94 9.95
N LEU A 109 -3.04 -6.83 8.65
CA LEU A 109 -1.75 -6.34 8.18
C LEU A 109 -1.44 -4.95 8.75
N LEU A 110 -2.50 -4.19 9.02
CA LEU A 110 -2.34 -2.84 9.57
C LEU A 110 -1.55 -2.88 10.87
N THR A 111 -1.67 -3.97 11.61
CA THR A 111 -0.97 -4.13 12.88
C THR A 111 0.49 -4.54 12.65
N ARG A 112 0.69 -5.42 11.67
CA ARG A 112 2.03 -5.89 11.34
C ARG A 112 2.75 -4.93 10.40
N ARG A 113 3.91 -4.45 10.82
CA ARG A 113 4.68 -3.51 10.02
C ARG A 113 5.78 -4.24 9.24
N ASP A 114 6.28 -5.33 9.84
CA ASP A 114 7.34 -6.11 9.20
C ASP A 114 6.80 -6.90 8.02
N GLU A 115 5.62 -7.50 8.20
CA GLU A 115 5.01 -8.28 7.13
C GLU A 115 4.60 -7.39 5.96
N LEU A 116 4.01 -6.25 6.26
CA LEU A 116 3.57 -5.30 5.23
C LEU A 116 4.77 -4.71 4.50
N PHE A 117 5.90 -4.59 5.21
CA PHE A 117 7.11 -4.04 4.62
C PHE A 117 7.83 -5.08 3.77
N ALA A 118 7.67 -6.35 4.11
CA ALA A 118 8.30 -7.44 3.37
C ALA A 118 7.50 -7.79 2.12
N LEU A 119 6.19 -7.64 2.21
CA LEU A 119 5.30 -7.95 1.09
C LEU A 119 5.36 -6.85 0.04
N ALA A 120 5.23 -5.60 0.49
CA ALA A 120 5.26 -4.46 -0.42
C ALA A 120 6.58 -4.40 -1.19
N ARG A 121 7.69 -4.52 -0.48
CA ARG A 121 9.01 -4.48 -1.09
C ARG A 121 9.16 -5.60 -2.13
N GLN A 122 8.48 -6.71 -1.90
CA GLN A 122 8.54 -7.85 -2.81
C GLN A 122 8.05 -7.46 -4.20
N ILE A 123 7.13 -6.50 -4.25
CA ILE A 123 6.58 -6.04 -5.52
C ILE A 123 7.40 -4.89 -6.09
N SER A 124 7.91 -4.04 -5.21
CA SER A 124 8.72 -2.89 -5.62
C SER A 124 9.96 -3.34 -6.37
N ARG A 125 10.46 -4.52 -6.03
CA ARG A 125 11.66 -5.06 -6.67
C ARG A 125 11.32 -5.69 -8.02
N GLU A 126 10.16 -6.35 -8.08
CA GLU A 126 9.73 -7.00 -9.30
C GLU A 126 9.31 -5.97 -10.35
N VAL A 127 8.58 -4.95 -9.91
CA VAL A 127 8.12 -3.90 -10.82
C VAL A 127 9.30 -3.16 -11.44
N THR A 128 10.43 -3.13 -10.74
CA THR A 128 11.62 -2.46 -11.22
C THR A 128 12.57 -3.44 -11.90
N TYR A 129 12.44 -4.72 -11.55
CA TYR A 129 13.30 -5.76 -12.11
C TYR A 129 13.19 -5.78 -13.65
N LYS A 130 11.96 -5.75 -14.14
CA LYS A 130 11.71 -5.77 -15.58
C LYS A 130 11.08 -4.47 -16.06
N TYR A 131 10.20 -3.91 -15.24
CA TYR A 131 9.52 -2.66 -15.57
C TYR A 131 8.64 -2.84 -16.80
N THR A 132 7.33 -2.91 -16.58
CA THR A 132 6.38 -3.08 -17.68
C THR A 132 6.61 -4.39 -18.40
N TYR A 133 5.54 -4.95 -18.96
CA TYR A 133 5.63 -6.22 -19.68
C TYR A 133 5.80 -5.97 -21.18
N ARG A 134 7.05 -5.90 -21.62
CA ARG A 134 7.35 -5.67 -23.03
C ARG A 134 7.02 -6.91 -23.86
N THR A 135 6.66 -6.68 -25.12
CA THR A 135 6.33 -7.78 -26.02
C THR A 135 7.04 -7.62 -27.37
N THR A 136 6.90 -8.63 -28.23
CA THR A 136 7.52 -8.59 -29.54
C THR A 136 6.61 -7.95 -30.57
N SER A 137 6.14 -6.74 -30.26
CA SER A 137 5.26 -6.01 -31.16
C SER A 137 5.95 -4.76 -31.70
N GLY A 138 6.31 -3.84 -30.82
CA GLY A 138 6.97 -2.62 -31.24
C GLY A 138 6.44 -1.40 -30.51
N PRO A 139 7.19 -0.90 -29.50
CA PRO A 139 6.77 0.28 -28.72
C PRO A 139 6.80 1.55 -29.56
N SER A 140 5.62 2.00 -30.00
CA SER A 140 5.50 3.20 -30.81
C SER A 140 6.26 3.05 -32.11
N SER A 141 6.33 1.83 -32.62
CA SER A 141 7.04 1.55 -33.87
C SER A 141 6.06 1.10 -34.95
N GLY A 142 5.47 -0.08 -34.74
CA GLY A 142 4.52 -0.60 -35.71
C GLY A 142 4.89 -2.00 -36.18
N GLY A 1 -4.03 12.44 -13.98
CA GLY A 1 -4.70 13.60 -13.35
C GLY A 1 -3.81 14.35 -12.38
N SER A 2 -2.59 14.64 -12.82
CA SER A 2 -1.63 15.35 -11.99
C SER A 2 -1.98 16.84 -11.89
N SER A 3 -1.21 17.58 -11.09
CA SER A 3 -1.45 19.00 -10.91
C SER A 3 -0.21 19.81 -11.25
N GLY A 4 0.57 19.33 -12.22
CA GLY A 4 1.78 20.02 -12.62
C GLY A 4 3.03 19.28 -12.19
N SER A 5 3.14 19.03 -10.89
CA SER A 5 4.29 18.33 -10.34
C SER A 5 3.97 17.70 -8.99
N SER A 6 3.33 18.46 -8.13
CA SER A 6 2.96 17.98 -6.80
C SER A 6 1.59 17.29 -6.84
N GLY A 7 1.60 15.98 -7.10
CA GLY A 7 0.36 15.24 -7.16
C GLY A 7 0.37 14.18 -8.24
N GLU A 8 1.47 13.41 -8.31
CA GLU A 8 1.61 12.37 -9.30
C GLU A 8 1.80 11.00 -8.64
N ALA A 9 1.15 9.98 -9.19
CA ALA A 9 1.25 8.63 -8.65
C ALA A 9 1.98 7.70 -9.61
N LEU A 10 1.96 6.41 -9.31
CA LEU A 10 2.63 5.42 -10.15
C LEU A 10 2.06 5.44 -11.57
N ASP A 11 2.79 4.83 -12.51
CA ASP A 11 2.36 4.79 -13.90
C ASP A 11 1.36 3.65 -14.13
N ALA A 12 0.94 3.49 -15.38
CA ALA A 12 -0.01 2.43 -15.72
C ALA A 12 0.62 1.06 -15.59
N ALA A 13 1.81 0.90 -16.15
CA ALA A 13 2.52 -0.38 -16.10
C ALA A 13 3.00 -0.67 -14.68
N ALA A 14 3.34 0.39 -13.95
CA ALA A 14 3.81 0.24 -12.57
C ALA A 14 2.66 -0.11 -11.63
N ALA A 15 1.58 0.67 -11.72
CA ALA A 15 0.41 0.45 -10.87
C ALA A 15 -0.18 -0.94 -11.10
N LEU A 16 -0.19 -1.38 -12.36
CA LEU A 16 -0.72 -2.69 -12.71
C LEU A 16 0.05 -3.79 -12.01
N SER A 17 1.37 -3.64 -11.95
CA SER A 17 2.23 -4.64 -11.31
C SER A 17 1.87 -4.79 -9.83
N VAL A 18 1.40 -3.71 -9.22
CA VAL A 18 1.01 -3.73 -7.82
C VAL A 18 -0.27 -4.54 -7.61
N ALA A 19 -1.28 -4.25 -8.42
CA ALA A 19 -2.56 -4.95 -8.34
C ALA A 19 -2.40 -6.42 -8.69
N GLU A 20 -1.46 -6.72 -9.58
CA GLU A 20 -1.22 -8.09 -10.00
C GLU A 20 -0.49 -8.87 -8.91
N CYS A 21 0.38 -8.19 -8.18
CA CYS A 21 1.13 -8.82 -7.10
C CYS A 21 0.24 -9.07 -5.88
N VAL A 22 -0.49 -8.05 -5.48
CA VAL A 22 -1.38 -8.15 -4.32
C VAL A 22 -2.43 -9.25 -4.54
N GLU A 23 -2.84 -9.44 -5.79
CA GLU A 23 -3.82 -10.46 -6.12
C GLU A 23 -3.22 -11.85 -6.06
N ARG A 24 -1.89 -11.94 -6.21
CA ARG A 24 -1.20 -13.22 -6.17
C ARG A 24 -0.80 -13.57 -4.75
N MET A 25 -0.17 -12.62 -4.06
CA MET A 25 0.27 -12.84 -2.69
C MET A 25 -0.92 -12.95 -1.74
N ALA A 26 -2.03 -12.31 -2.11
CA ALA A 26 -3.24 -12.33 -1.28
C ALA A 26 -3.70 -13.76 -1.00
N PRO A 27 -4.03 -14.54 -2.05
CA PRO A 27 -4.50 -15.92 -1.90
C PRO A 27 -3.45 -16.81 -1.23
N THR A 28 -2.19 -16.66 -1.63
CA THR A 28 -1.11 -17.45 -1.07
C THR A 28 -0.90 -17.13 0.41
N LEU A 29 -1.22 -15.89 0.78
CA LEU A 29 -1.08 -15.45 2.16
C LEU A 29 -2.06 -16.18 3.08
N PRO A 30 -1.57 -16.69 4.23
CA PRO A 30 -2.42 -17.41 5.18
C PRO A 30 -3.65 -16.61 5.60
N LYS A 31 -4.35 -17.10 6.63
CA LYS A 31 -5.54 -16.43 7.13
C LYS A 31 -5.49 -16.28 8.65
N SER A 32 -6.25 -15.33 9.17
CA SER A 32 -6.29 -15.09 10.61
C SER A 32 -7.73 -14.94 11.09
N ASP A 33 -7.93 -15.06 12.41
CA ASP A 33 -9.24 -14.94 12.99
C ASP A 33 -9.56 -13.49 13.35
N LEU A 34 -10.73 -13.03 12.94
CA LEU A 34 -11.15 -11.66 13.20
C LEU A 34 -11.47 -11.46 14.68
N ASN A 35 -11.94 -12.53 15.33
CA ASN A 35 -12.28 -12.47 16.74
C ASN A 35 -11.03 -12.24 17.60
N GLU A 36 -9.93 -12.86 17.20
CA GLU A 36 -8.67 -12.73 17.94
C GLU A 36 -8.18 -11.29 17.90
N VAL A 37 -8.05 -10.74 16.68
CA VAL A 37 -7.59 -9.38 16.51
C VAL A 37 -8.49 -8.38 17.23
N LYS A 38 -9.77 -8.74 17.35
CA LYS A 38 -10.74 -7.88 18.02
C LYS A 38 -10.33 -7.60 19.47
N GLU A 39 -9.94 -8.67 20.17
CA GLU A 39 -9.51 -8.54 21.56
C GLU A 39 -8.22 -7.73 21.67
N LEU A 40 -7.39 -7.82 20.64
CA LEU A 40 -6.11 -7.09 20.62
C LEU A 40 -6.35 -5.58 20.72
N LEU A 41 -7.46 -5.12 20.14
CA LEU A 41 -7.80 -3.70 20.17
C LEU A 41 -8.46 -3.33 21.49
N LYS A 42 -9.26 -4.25 22.02
CA LYS A 42 -9.95 -4.02 23.28
C LYS A 42 -8.96 -3.84 24.42
N THR A 43 -7.80 -4.48 24.31
CA THR A 43 -6.78 -4.39 25.34
C THR A 43 -5.97 -3.10 25.19
N ASN A 44 -5.81 -2.65 23.94
CA ASN A 44 -5.06 -1.44 23.66
C ASN A 44 -5.99 -0.24 23.52
N LYS A 45 -5.43 0.96 23.63
CA LYS A 45 -6.22 2.18 23.51
C LYS A 45 -5.86 2.95 22.24
N LYS A 46 -4.60 2.84 21.83
CA LYS A 46 -4.13 3.52 20.64
C LYS A 46 -4.53 2.75 19.37
N LEU A 47 -4.53 1.42 19.47
CA LEU A 47 -4.88 0.57 18.35
C LEU A 47 -6.38 0.65 18.06
N ALA A 48 -7.18 0.68 19.12
CA ALA A 48 -8.63 0.74 18.97
C ALA A 48 -9.08 2.11 18.48
N LYS A 49 -8.25 3.13 18.72
CA LYS A 49 -8.57 4.48 18.31
C LYS A 49 -7.96 4.79 16.93
N MET A 50 -6.84 4.16 16.63
CA MET A 50 -6.17 4.36 15.35
C MET A 50 -6.84 3.56 14.24
N ILE A 51 -6.77 2.23 14.35
CA ILE A 51 -7.37 1.35 13.35
C ILE A 51 -8.37 0.39 13.99
N GLY A 52 -9.10 0.88 14.99
CA GLY A 52 -10.08 0.05 15.66
C GLY A 52 -11.44 0.11 15.01
N HIS A 53 -11.74 1.23 14.35
CA HIS A 53 -13.02 1.41 13.68
C HIS A 53 -13.05 0.62 12.37
N ILE A 54 -11.90 0.48 11.74
CA ILE A 54 -11.81 -0.25 10.48
C ILE A 54 -12.16 -1.72 10.67
N PHE A 55 -11.75 -2.28 11.79
CA PHE A 55 -12.03 -3.69 12.10
C PHE A 55 -13.52 -3.91 12.33
N GLU A 56 -14.18 -2.89 12.86
CA GLU A 56 -15.62 -2.98 13.12
C GLU A 56 -16.43 -2.70 11.86
N MET A 57 -15.90 -1.83 11.00
CA MET A 57 -16.57 -1.48 9.77
C MET A 57 -16.72 -2.69 8.85
N ASN A 58 -17.55 -2.56 7.83
CA ASN A 58 -17.77 -3.66 6.89
C ASN A 58 -16.53 -3.90 6.04
N ASP A 59 -16.68 -4.73 5.00
CA ASP A 59 -15.57 -5.04 4.11
C ASP A 59 -15.92 -4.70 2.66
N ASP A 60 -16.74 -3.67 2.49
CA ASP A 60 -17.15 -3.23 1.16
C ASP A 60 -17.57 -1.77 1.17
N ASP A 61 -16.96 -0.98 2.05
CA ASP A 61 -17.27 0.43 2.16
C ASP A 61 -16.24 1.28 1.42
N PRO A 62 -16.68 2.35 0.75
CA PRO A 62 -15.79 3.24 0.00
C PRO A 62 -14.88 4.06 0.91
N HIS A 63 -15.35 4.33 2.12
CA HIS A 63 -14.58 5.10 3.09
C HIS A 63 -13.50 4.23 3.74
N LYS A 64 -13.76 2.94 3.82
CA LYS A 64 -12.81 2.00 4.42
C LYS A 64 -11.46 2.06 3.70
N GLU A 65 -11.50 2.07 2.37
CA GLU A 65 -10.28 2.13 1.58
C GLU A 65 -9.50 3.41 1.87
N GLU A 66 -10.22 4.47 2.19
CA GLU A 66 -9.60 5.76 2.49
C GLU A 66 -8.83 5.69 3.81
N GLU A 67 -9.46 5.11 4.83
CA GLU A 67 -8.84 4.98 6.14
C GLU A 67 -7.61 4.07 6.08
N ILE A 68 -7.73 2.99 5.32
CA ILE A 68 -6.63 2.03 5.18
C ILE A 68 -5.51 2.62 4.33
N ARG A 69 -5.88 3.45 3.35
CA ARG A 69 -4.90 4.08 2.47
C ARG A 69 -4.19 5.23 3.17
N LYS A 70 -4.96 6.04 3.89
CA LYS A 70 -4.40 7.18 4.62
C LYS A 70 -3.41 6.71 5.68
N TYR A 71 -3.69 5.58 6.29
CA TYR A 71 -2.82 5.03 7.33
C TYR A 71 -1.65 4.27 6.70
N SER A 72 -1.89 3.68 5.54
CA SER A 72 -0.86 2.93 4.84
C SER A 72 0.34 3.82 4.52
N ALA A 73 1.27 3.91 5.46
CA ALA A 73 2.46 4.73 5.28
C ALA A 73 3.67 4.09 5.95
N ILE A 74 4.68 3.77 5.14
CA ILE A 74 5.90 3.15 5.65
C ILE A 74 7.09 4.09 5.53
N TYR A 75 7.10 4.89 4.48
CA TYR A 75 8.18 5.84 4.24
C TYR A 75 7.74 7.26 4.58
N GLY A 76 6.70 7.73 3.92
CA GLY A 76 6.20 9.07 4.17
C GLY A 76 4.72 9.09 4.50
N ARG A 77 4.32 10.00 5.38
CA ARG A 77 2.93 10.13 5.78
C ARG A 77 2.12 10.87 4.71
N PHE A 78 0.95 11.37 5.09
CA PHE A 78 0.09 12.09 4.16
C PHE A 78 0.26 13.59 4.32
N ASP A 79 0.60 14.02 5.53
CA ASP A 79 0.80 15.44 5.80
C ASP A 79 2.22 15.88 5.42
N SER A 80 2.32 17.04 4.79
CA SER A 80 3.62 17.57 4.37
C SER A 80 4.39 18.14 5.56
N LYS A 81 5.71 18.11 5.47
CA LYS A 81 6.56 18.62 6.54
C LYS A 81 7.26 19.91 6.11
N ARG A 82 7.40 20.10 4.80
CA ARG A 82 8.05 21.30 4.28
C ARG A 82 9.53 21.33 4.65
N LYS A 83 10.34 20.59 3.91
CA LYS A 83 11.78 20.54 4.17
C LYS A 83 12.55 20.31 2.87
N ASP A 84 12.36 19.15 2.26
CA ASP A 84 13.04 18.82 1.03
C ASP A 84 12.40 19.54 -0.16
N GLY A 85 11.09 19.76 -0.06
CA GLY A 85 10.37 20.43 -1.13
C GLY A 85 9.87 19.47 -2.19
N LYS A 86 9.60 18.23 -1.78
CA LYS A 86 9.10 17.22 -2.70
C LYS A 86 8.50 16.04 -1.95
N HIS A 87 7.56 15.35 -2.59
CA HIS A 87 6.90 14.20 -1.96
C HIS A 87 7.35 12.91 -2.63
N LEU A 88 8.29 12.22 -1.99
CA LEU A 88 8.81 10.96 -2.52
C LEU A 88 9.43 11.15 -3.89
N THR A 89 9.91 10.06 -4.48
CA THR A 89 10.54 10.12 -5.80
C THR A 89 9.91 9.10 -6.74
N LEU A 90 9.83 7.86 -6.29
CA LEU A 90 9.25 6.78 -7.10
C LEU A 90 9.21 5.47 -6.31
N HIS A 91 10.38 4.99 -5.92
CA HIS A 91 10.48 3.74 -5.17
C HIS A 91 9.68 3.83 -3.87
N GLU A 92 9.91 4.88 -3.10
CA GLU A 92 9.21 5.09 -1.84
C GLU A 92 7.69 5.17 -2.07
N LEU A 93 7.31 5.68 -3.23
CA LEU A 93 5.89 5.82 -3.56
C LEU A 93 5.26 4.44 -3.78
N THR A 94 5.98 3.57 -4.48
CA THR A 94 5.48 2.23 -4.76
C THR A 94 5.30 1.43 -3.48
N VAL A 95 6.13 1.72 -2.48
CA VAL A 95 6.07 1.03 -1.20
C VAL A 95 4.82 1.43 -0.42
N ASN A 96 4.54 2.73 -0.38
CA ASN A 96 3.37 3.23 0.32
C ASN A 96 2.08 2.77 -0.35
N GLU A 97 2.13 2.60 -1.66
CA GLU A 97 0.98 2.16 -2.43
C GLU A 97 0.89 0.63 -2.47
N ALA A 98 2.06 -0.01 -2.50
CA ALA A 98 2.12 -1.47 -2.55
C ALA A 98 1.46 -2.09 -1.32
N ALA A 99 1.64 -1.43 -0.17
CA ALA A 99 1.06 -1.91 1.08
C ALA A 99 -0.26 -1.20 1.39
N ALA A 100 -0.91 -0.69 0.35
CA ALA A 100 -2.19 0.00 0.51
C ALA A 100 -3.36 -0.91 0.17
N GLN A 101 -3.20 -1.68 -0.90
CA GLN A 101 -4.25 -2.59 -1.34
C GLN A 101 -4.26 -3.87 -0.49
N LEU A 102 -3.06 -4.28 -0.07
CA LEU A 102 -2.93 -5.49 0.75
C LEU A 102 -3.74 -5.35 2.04
N CYS A 103 -3.63 -4.20 2.68
CA CYS A 103 -4.35 -3.95 3.93
C CYS A 103 -5.85 -4.07 3.73
N VAL A 104 -6.32 -3.74 2.52
CA VAL A 104 -7.74 -3.82 2.21
C VAL A 104 -8.24 -5.25 2.26
N LYS A 105 -7.52 -6.15 1.61
CA LYS A 105 -7.89 -7.56 1.59
C LYS A 105 -7.79 -8.17 2.98
N ASP A 106 -6.65 -7.96 3.63
CA ASP A 106 -6.42 -8.49 4.97
C ASP A 106 -6.29 -7.36 5.98
N ASN A 107 -7.32 -7.18 6.80
CA ASN A 107 -7.33 -6.14 7.82
C ASN A 107 -6.28 -6.42 8.89
N ALA A 108 -5.93 -7.69 9.07
CA ALA A 108 -4.94 -8.08 10.06
C ALA A 108 -3.56 -7.52 9.71
N LEU A 109 -3.31 -7.34 8.42
CA LEU A 109 -2.03 -6.80 7.97
C LEU A 109 -1.75 -5.43 8.59
N LEU A 110 -2.82 -4.70 8.90
CA LEU A 110 -2.71 -3.38 9.50
C LEU A 110 -1.92 -3.44 10.80
N THR A 111 -2.13 -4.50 11.57
CA THR A 111 -1.44 -4.68 12.84
C THR A 111 -0.04 -5.25 12.62
N ARG A 112 0.11 -6.06 11.58
CA ARG A 112 1.40 -6.66 11.27
C ARG A 112 2.16 -5.82 10.25
N ARG A 113 3.17 -5.09 10.72
CA ARG A 113 3.97 -4.24 9.86
C ARG A 113 5.10 -5.04 9.22
N ASP A 114 5.63 -6.02 9.95
CA ASP A 114 6.71 -6.86 9.45
C ASP A 114 6.26 -7.68 8.24
N GLU A 115 4.98 -8.02 8.21
CA GLU A 115 4.42 -8.80 7.11
C GLU A 115 4.07 -7.90 5.93
N LEU A 116 3.60 -6.69 6.24
CA LEU A 116 3.22 -5.74 5.20
C LEU A 116 4.45 -5.16 4.52
N PHE A 117 5.43 -4.74 5.32
CA PHE A 117 6.65 -4.16 4.79
C PHE A 117 7.39 -5.16 3.90
N ALA A 118 7.24 -6.44 4.22
CA ALA A 118 7.89 -7.49 3.45
C ALA A 118 7.28 -7.61 2.06
N LEU A 119 5.96 -7.58 1.99
CA LEU A 119 5.26 -7.69 0.71
C LEU A 119 5.32 -6.37 -0.05
N ALA A 120 5.18 -5.27 0.66
CA ALA A 120 5.22 -3.94 0.04
C ALA A 120 6.55 -3.70 -0.66
N ARG A 121 7.61 -4.32 -0.14
CA ARG A 121 8.93 -4.17 -0.73
C ARG A 121 9.14 -5.17 -1.87
N GLN A 122 8.50 -6.32 -1.76
CA GLN A 122 8.61 -7.36 -2.79
C GLN A 122 8.11 -6.85 -4.14
N ILE A 123 7.08 -6.02 -4.11
CA ILE A 123 6.51 -5.45 -5.33
C ILE A 123 7.33 -4.29 -5.85
N SER A 124 7.84 -3.48 -4.93
CA SER A 124 8.66 -2.33 -5.30
C SER A 124 9.91 -2.76 -6.05
N ARG A 125 10.40 -3.95 -5.74
CA ARG A 125 11.60 -4.48 -6.39
C ARG A 125 11.28 -4.99 -7.79
N GLU A 126 10.05 -5.46 -7.99
CA GLU A 126 9.62 -5.97 -9.28
C GLU A 126 9.31 -4.83 -10.24
N VAL A 127 8.61 -3.82 -9.74
CA VAL A 127 8.25 -2.67 -10.57
C VAL A 127 9.49 -1.97 -11.11
N THR A 128 10.58 -2.02 -10.35
CA THR A 128 11.83 -1.39 -10.75
C THR A 128 12.56 -2.24 -11.80
N TYR A 129 12.33 -3.55 -11.75
CA TYR A 129 12.97 -4.47 -12.69
C TYR A 129 12.65 -4.08 -14.13
N LYS A 130 11.38 -4.25 -14.52
CA LYS A 130 10.95 -3.92 -15.86
C LYS A 130 10.81 -2.40 -16.04
N TYR A 131 11.78 -1.80 -16.70
CA TYR A 131 11.76 -0.35 -16.94
C TYR A 131 12.83 0.05 -17.94
N THR A 132 14.08 0.07 -17.51
CA THR A 132 15.19 0.43 -18.38
C THR A 132 16.50 -0.16 -17.87
N TYR A 133 17.43 -0.43 -18.79
CA TYR A 133 18.72 -0.99 -18.43
C TYR A 133 19.76 0.09 -18.26
N ARG A 134 19.62 1.17 -19.03
CA ARG A 134 20.56 2.28 -18.96
C ARG A 134 20.49 2.97 -17.60
N THR A 135 21.64 3.48 -17.15
CA THR A 135 21.71 4.15 -15.86
C THR A 135 22.17 5.60 -16.03
N THR A 136 21.75 6.46 -15.12
CA THR A 136 22.12 7.88 -15.17
C THR A 136 23.61 8.05 -14.94
N SER A 137 24.15 9.17 -15.41
CA SER A 137 25.57 9.46 -15.25
C SER A 137 25.78 10.76 -14.46
N GLY A 138 27.04 11.15 -14.30
CA GLY A 138 27.35 12.36 -13.56
C GLY A 138 28.43 13.18 -14.24
N PRO A 139 28.64 14.43 -13.80
CA PRO A 139 29.67 15.32 -14.37
C PRO A 139 31.04 14.66 -14.41
N SER A 140 32.04 15.41 -14.85
CA SER A 140 33.40 14.90 -14.93
C SER A 140 34.08 14.95 -13.57
N SER A 141 33.78 13.96 -12.72
CA SER A 141 34.37 13.88 -11.39
C SER A 141 35.30 12.68 -11.28
N GLY A 142 34.77 11.49 -11.54
CA GLY A 142 35.57 10.29 -11.46
C GLY A 142 34.71 9.03 -11.37
N GLY A 1 7.89 27.64 -16.30
CA GLY A 1 7.50 26.84 -17.51
C GLY A 1 8.57 25.85 -17.91
N SER A 2 8.83 24.88 -17.03
CA SER A 2 9.84 23.86 -17.30
C SER A 2 9.32 22.47 -16.95
N SER A 3 10.03 21.44 -17.39
CA SER A 3 9.64 20.06 -17.12
C SER A 3 10.75 19.33 -16.36
N GLY A 4 10.35 18.28 -15.64
CA GLY A 4 11.33 17.50 -14.89
C GLY A 4 10.67 16.52 -13.94
N SER A 5 11.31 16.29 -12.80
CA SER A 5 10.78 15.37 -11.80
C SER A 5 10.41 16.11 -10.51
N SER A 6 9.19 16.63 -10.47
CA SER A 6 8.71 17.36 -9.29
C SER A 6 8.33 16.39 -8.18
N GLY A 7 7.36 15.52 -8.45
CA GLY A 7 6.91 14.57 -7.46
C GLY A 7 5.55 13.99 -7.78
N GLU A 8 5.55 12.74 -8.24
CA GLU A 8 4.30 12.06 -8.60
C GLU A 8 4.36 10.59 -8.19
N ALA A 9 3.26 10.12 -7.57
CA ALA A 9 3.19 8.73 -7.13
C ALA A 9 3.31 7.77 -8.31
N LEU A 10 3.00 6.51 -8.07
CA LEU A 10 3.08 5.48 -9.11
C LEU A 10 2.17 5.84 -10.29
N ASP A 11 2.27 5.07 -11.36
CA ASP A 11 1.47 5.30 -12.55
C ASP A 11 0.49 4.15 -12.77
N ALA A 12 -0.35 4.28 -13.80
CA ALA A 12 -1.32 3.25 -14.13
C ALA A 12 -0.63 1.97 -14.59
N ALA A 13 0.52 2.12 -15.22
CA ALA A 13 1.28 0.97 -15.71
C ALA A 13 1.98 0.24 -14.58
N ALA A 14 2.35 0.98 -13.53
CA ALA A 14 3.03 0.40 -12.39
C ALA A 14 2.02 -0.10 -11.36
N ALA A 15 0.89 0.58 -11.28
CA ALA A 15 -0.16 0.20 -10.32
C ALA A 15 -0.74 -1.17 -10.66
N LEU A 16 -0.74 -1.50 -11.94
CA LEU A 16 -1.27 -2.79 -12.40
C LEU A 16 -0.49 -3.94 -11.77
N SER A 17 0.84 -3.87 -11.83
CA SER A 17 1.68 -4.92 -11.28
C SER A 17 1.46 -5.06 -9.77
N VAL A 18 1.09 -3.96 -9.12
CA VAL A 18 0.84 -3.96 -7.69
C VAL A 18 -0.47 -4.66 -7.35
N ALA A 19 -1.42 -4.58 -8.27
CA ALA A 19 -2.72 -5.22 -8.08
C ALA A 19 -2.68 -6.70 -8.43
N GLU A 20 -1.79 -7.05 -9.36
CA GLU A 20 -1.66 -8.44 -9.79
C GLU A 20 -0.83 -9.24 -8.80
N CYS A 21 0.16 -8.58 -8.18
CA CYS A 21 1.02 -9.24 -7.21
C CYS A 21 0.30 -9.45 -5.88
N VAL A 22 -0.39 -8.40 -5.42
CA VAL A 22 -1.12 -8.47 -4.17
C VAL A 22 -2.16 -9.58 -4.19
N GLU A 23 -2.67 -9.88 -5.38
CA GLU A 23 -3.68 -10.93 -5.55
C GLU A 23 -3.03 -12.30 -5.75
N ARG A 24 -1.76 -12.30 -6.13
CA ARG A 24 -1.04 -13.55 -6.36
C ARG A 24 -0.46 -14.09 -5.06
N MET A 25 -0.21 -13.19 -4.11
CA MET A 25 0.35 -13.60 -2.81
C MET A 25 -0.76 -13.99 -1.84
N ALA A 26 -1.96 -13.45 -2.05
CA ALA A 26 -3.09 -13.75 -1.18
C ALA A 26 -3.35 -15.25 -1.11
N PRO A 27 -3.51 -15.92 -2.26
CA PRO A 27 -3.76 -17.36 -2.31
C PRO A 27 -2.75 -18.16 -1.49
N THR A 28 -1.52 -17.66 -1.42
CA THR A 28 -0.46 -18.33 -0.67
C THR A 28 -0.49 -17.90 0.79
N LEU A 29 -0.91 -16.66 1.03
CA LEU A 29 -0.98 -16.13 2.39
C LEU A 29 -1.91 -16.97 3.26
N PRO A 30 -1.62 -17.07 4.57
CA PRO A 30 -2.43 -17.85 5.50
C PRO A 30 -3.78 -17.19 5.80
N LYS A 31 -4.76 -18.01 6.16
CA LYS A 31 -6.10 -17.50 6.46
C LYS A 31 -6.09 -16.67 7.73
N SER A 32 -6.47 -15.40 7.61
CA SER A 32 -6.50 -14.51 8.76
C SER A 32 -7.81 -14.66 9.53
N ASP A 33 -7.95 -13.88 10.59
CA ASP A 33 -9.15 -13.92 11.42
C ASP A 33 -9.47 -12.55 11.99
N LEU A 34 -10.76 -12.22 12.06
CA LEU A 34 -11.19 -10.93 12.58
C LEU A 34 -11.43 -11.01 14.08
N ASN A 35 -11.83 -12.19 14.56
CA ASN A 35 -12.09 -12.40 15.98
C ASN A 35 -10.80 -12.42 16.76
N GLU A 36 -9.80 -13.11 16.23
CA GLU A 36 -8.50 -13.22 16.89
C GLU A 36 -7.87 -11.85 17.08
N VAL A 37 -8.16 -10.93 16.16
CA VAL A 37 -7.62 -9.58 16.24
C VAL A 37 -8.51 -8.68 17.09
N LYS A 38 -9.80 -8.99 17.13
CA LYS A 38 -10.75 -8.21 17.91
C LYS A 38 -10.35 -8.18 19.38
N GLU A 39 -10.02 -9.35 19.91
CA GLU A 39 -9.62 -9.46 21.31
C GLU A 39 -8.40 -8.59 21.60
N LEU A 40 -7.60 -8.33 20.57
CA LEU A 40 -6.41 -7.50 20.72
C LEU A 40 -6.73 -6.02 20.57
N LEU A 41 -7.94 -5.72 20.12
CA LEU A 41 -8.37 -4.32 19.94
C LEU A 41 -9.07 -3.79 21.18
N LYS A 42 -10.24 -4.36 21.49
CA LYS A 42 -11.01 -3.93 22.64
C LYS A 42 -10.18 -3.98 23.93
N THR A 43 -9.14 -4.82 23.93
CA THR A 43 -8.28 -4.96 25.09
C THR A 43 -7.27 -3.81 25.16
N ASN A 44 -6.86 -3.31 24.01
CA ASN A 44 -5.90 -2.22 23.94
C ASN A 44 -6.62 -0.88 23.76
N LYS A 45 -5.85 0.20 23.75
CA LYS A 45 -6.40 1.54 23.60
C LYS A 45 -5.77 2.24 22.40
N LYS A 46 -4.46 2.11 22.26
CA LYS A 46 -3.74 2.73 21.15
C LYS A 46 -4.22 2.19 19.81
N LEU A 47 -4.02 0.89 19.59
CA LEU A 47 -4.42 0.24 18.35
C LEU A 47 -5.93 0.37 18.14
N ALA A 48 -6.69 0.22 19.23
CA ALA A 48 -8.14 0.32 19.16
C ALA A 48 -8.58 1.71 18.69
N LYS A 49 -7.74 2.71 18.95
CA LYS A 49 -8.05 4.08 18.56
C LYS A 49 -7.43 4.40 17.20
N MET A 50 -6.23 3.89 16.96
CA MET A 50 -5.55 4.12 15.69
C MET A 50 -6.28 3.46 14.53
N ILE A 51 -6.30 2.13 14.54
CA ILE A 51 -6.98 1.38 13.48
C ILE A 51 -7.94 0.35 14.07
N GLY A 52 -8.62 0.72 15.14
CA GLY A 52 -9.56 -0.18 15.78
C GLY A 52 -10.97 -0.05 15.22
N HIS A 53 -11.29 1.14 14.74
CA HIS A 53 -12.62 1.40 14.17
C HIS A 53 -12.75 0.78 12.78
N ILE A 54 -11.62 0.64 12.09
CA ILE A 54 -11.61 0.06 10.75
C ILE A 54 -12.01 -1.41 10.79
N PHE A 55 -11.54 -2.12 11.82
CA PHE A 55 -11.84 -3.54 11.97
C PHE A 55 -13.33 -3.75 12.21
N GLU A 56 -13.95 -2.82 12.94
CA GLU A 56 -15.38 -2.92 13.25
C GLU A 56 -16.20 -2.39 12.09
N MET A 57 -15.64 -1.47 11.31
CA MET A 57 -16.34 -0.89 10.17
C MET A 57 -16.76 -1.98 9.18
N ASN A 58 -17.50 -1.58 8.16
CA ASN A 58 -17.97 -2.51 7.14
C ASN A 58 -16.80 -3.14 6.39
N ASP A 59 -17.11 -3.86 5.31
CA ASP A 59 -16.09 -4.51 4.51
C ASP A 59 -15.90 -3.79 3.19
N ASP A 60 -16.99 -3.27 2.63
CA ASP A 60 -16.95 -2.56 1.36
C ASP A 60 -17.56 -1.16 1.49
N ASP A 61 -16.86 -0.27 2.19
CA ASP A 61 -17.33 1.09 2.39
C ASP A 61 -16.33 2.10 1.84
N PRO A 62 -16.82 3.21 1.28
CA PRO A 62 -15.96 4.27 0.72
C PRO A 62 -14.93 4.77 1.74
N HIS A 63 -15.37 4.91 2.98
CA HIS A 63 -14.49 5.38 4.05
C HIS A 63 -13.36 4.39 4.30
N LYS A 64 -13.63 3.11 4.06
CA LYS A 64 -12.64 2.06 4.26
C LYS A 64 -11.40 2.30 3.39
N GLU A 65 -11.62 2.47 2.09
CA GLU A 65 -10.54 2.71 1.15
C GLU A 65 -9.85 4.03 1.43
N GLU A 66 -10.60 4.99 1.94
CA GLU A 66 -10.07 6.32 2.25
C GLU A 66 -9.33 6.31 3.60
N GLU A 67 -9.79 5.44 4.50
CA GLU A 67 -9.17 5.34 5.82
C GLU A 67 -7.91 4.48 5.78
N ILE A 68 -8.01 3.34 5.10
CA ILE A 68 -6.88 2.42 4.98
C ILE A 68 -5.75 3.06 4.17
N ARG A 69 -6.11 3.68 3.05
CA ARG A 69 -5.12 4.32 2.18
C ARG A 69 -4.36 5.40 2.93
N LYS A 70 -5.03 6.03 3.89
CA LYS A 70 -4.41 7.09 4.68
C LYS A 70 -3.43 6.51 5.69
N TYR A 71 -3.78 5.36 6.27
CA TYR A 71 -2.94 4.70 7.25
C TYR A 71 -1.79 3.97 6.57
N SER A 72 -2.10 3.22 5.52
CA SER A 72 -1.10 2.46 4.78
C SER A 72 -0.16 3.40 4.03
N ALA A 73 0.77 4.01 4.74
CA ALA A 73 1.73 4.92 4.14
C ALA A 73 2.99 5.05 4.98
N ILE A 74 3.96 4.18 4.72
CA ILE A 74 5.22 4.19 5.46
C ILE A 74 5.97 5.50 5.24
N TYR A 75 5.95 5.99 4.01
CA TYR A 75 6.62 7.24 3.67
C TYR A 75 5.61 8.34 3.35
N GLY A 76 6.13 9.50 2.97
CA GLY A 76 5.26 10.62 2.65
C GLY A 76 4.63 11.24 3.87
N ARG A 77 4.38 12.54 3.82
CA ARG A 77 3.78 13.25 4.94
C ARG A 77 2.27 13.40 4.75
N PHE A 78 1.65 14.21 5.59
CA PHE A 78 0.21 14.45 5.51
C PHE A 78 -0.18 15.73 6.24
N ASP A 79 0.67 16.74 6.13
CA ASP A 79 0.41 18.03 6.78
C ASP A 79 1.23 19.13 6.14
N SER A 80 0.58 19.94 5.30
CA SER A 80 1.27 21.04 4.62
C SER A 80 1.60 22.16 5.60
N LYS A 81 2.74 22.02 6.28
CA LYS A 81 3.18 23.01 7.24
C LYS A 81 4.66 23.34 7.04
N ARG A 82 5.48 22.31 6.89
CA ARG A 82 6.91 22.48 6.70
C ARG A 82 7.34 21.97 5.32
N LYS A 83 8.50 22.43 4.87
CA LYS A 83 9.02 22.02 3.57
C LYS A 83 9.65 20.63 3.64
N ASP A 84 9.11 19.70 2.85
CA ASP A 84 9.63 18.34 2.83
C ASP A 84 9.46 17.71 1.45
N GLY A 85 10.55 17.62 0.71
CA GLY A 85 10.51 17.04 -0.62
C GLY A 85 11.69 16.16 -0.91
N LYS A 86 12.12 15.39 0.09
CA LYS A 86 13.26 14.49 -0.05
C LYS A 86 12.99 13.17 0.64
N HIS A 87 11.73 12.77 0.69
CA HIS A 87 11.33 11.52 1.33
C HIS A 87 10.95 10.48 0.29
N LEU A 88 10.39 10.94 -0.83
CA LEU A 88 9.96 10.05 -1.90
C LEU A 88 10.78 10.30 -3.17
N THR A 89 11.17 9.23 -3.84
CA THR A 89 11.94 9.33 -5.07
C THR A 89 11.42 8.37 -6.14
N LEU A 90 11.28 7.11 -5.77
CA LEU A 90 10.78 6.09 -6.70
C LEU A 90 10.43 4.81 -5.96
N HIS A 91 11.44 4.15 -5.41
CA HIS A 91 11.25 2.90 -4.69
C HIS A 91 10.35 3.12 -3.46
N GLU A 92 10.43 4.31 -2.88
CA GLU A 92 9.63 4.64 -1.71
C GLU A 92 8.14 4.66 -2.06
N LEU A 93 7.80 5.35 -3.15
CA LEU A 93 6.42 5.45 -3.59
C LEU A 93 5.87 4.08 -3.98
N THR A 94 6.71 3.27 -4.62
CA THR A 94 6.31 1.93 -5.04
C THR A 94 5.96 1.06 -3.84
N VAL A 95 6.58 1.34 -2.70
CA VAL A 95 6.33 0.58 -1.48
C VAL A 95 5.20 1.20 -0.66
N ASN A 96 5.06 2.52 -0.75
CA ASN A 96 4.02 3.23 -0.03
C ASN A 96 2.64 2.79 -0.47
N GLU A 97 2.39 2.82 -1.77
CA GLU A 97 1.11 2.43 -2.33
C GLU A 97 0.97 0.90 -2.40
N ALA A 98 2.11 0.22 -2.52
CA ALA A 98 2.13 -1.24 -2.62
C ALA A 98 1.43 -1.87 -1.42
N ALA A 99 1.49 -1.19 -0.28
CA ALA A 99 0.86 -1.70 0.93
C ALA A 99 -0.57 -1.20 1.07
N ALA A 100 -0.88 -0.10 0.40
CA ALA A 100 -2.23 0.48 0.46
C ALA A 100 -3.28 -0.53 0.03
N GLN A 101 -2.96 -1.31 -0.99
CA GLN A 101 -3.88 -2.33 -1.51
C GLN A 101 -3.82 -3.59 -0.66
N LEU A 102 -2.64 -3.87 -0.10
CA LEU A 102 -2.45 -5.06 0.72
C LEU A 102 -3.22 -4.93 2.04
N CYS A 103 -3.36 -3.69 2.52
CA CYS A 103 -4.06 -3.44 3.77
C CYS A 103 -5.57 -3.55 3.57
N VAL A 104 -6.04 -3.21 2.38
CA VAL A 104 -7.46 -3.28 2.07
C VAL A 104 -7.98 -4.71 2.12
N LYS A 105 -7.50 -5.54 1.21
CA LYS A 105 -7.91 -6.95 1.16
C LYS A 105 -7.59 -7.66 2.47
N ASP A 106 -6.53 -7.21 3.13
CA ASP A 106 -6.11 -7.81 4.40
C ASP A 106 -6.13 -6.78 5.52
N ASN A 107 -7.12 -6.86 6.39
CA ASN A 107 -7.25 -5.93 7.50
C ASN A 107 -6.22 -6.24 8.58
N ALA A 108 -5.85 -7.52 8.69
CA ALA A 108 -4.87 -7.94 9.69
C ALA A 108 -3.50 -7.31 9.42
N LEU A 109 -3.23 -7.02 8.16
CA LEU A 109 -1.96 -6.41 7.77
C LEU A 109 -1.82 -5.01 8.36
N LEU A 110 -2.94 -4.34 8.55
CA LEU A 110 -2.95 -2.99 9.11
C LEU A 110 -2.28 -2.96 10.48
N THR A 111 -2.40 -4.07 11.21
CA THR A 111 -1.81 -4.17 12.54
C THR A 111 -0.35 -4.62 12.45
N ARG A 112 -0.06 -5.47 11.47
CA ARG A 112 1.29 -5.98 11.28
C ARG A 112 2.06 -5.10 10.29
N ARG A 113 2.63 -4.01 10.79
CA ARG A 113 3.39 -3.08 9.95
C ARG A 113 4.70 -3.72 9.51
N ASP A 114 5.25 -4.58 10.36
CA ASP A 114 6.51 -5.26 10.05
C ASP A 114 6.35 -6.20 8.86
N GLU A 115 5.28 -6.99 8.87
CA GLU A 115 5.03 -7.93 7.79
C GLU A 115 4.54 -7.21 6.54
N LEU A 116 3.86 -6.08 6.74
CA LEU A 116 3.34 -5.29 5.63
C LEU A 116 4.48 -4.67 4.82
N PHE A 117 5.48 -4.15 5.53
CA PHE A 117 6.63 -3.53 4.89
C PHE A 117 7.42 -4.54 4.08
N ALA A 118 7.39 -5.79 4.51
CA ALA A 118 8.11 -6.87 3.81
C ALA A 118 7.44 -7.21 2.49
N LEU A 119 6.12 -7.38 2.52
CA LEU A 119 5.36 -7.71 1.32
C LEU A 119 5.29 -6.52 0.37
N ALA A 120 5.01 -5.35 0.92
CA ALA A 120 4.90 -4.14 0.12
C ALA A 120 6.22 -3.84 -0.60
N ARG A 121 7.33 -4.25 0.01
CA ARG A 121 8.64 -4.02 -0.58
C ARG A 121 8.94 -5.04 -1.68
N GLN A 122 8.37 -6.24 -1.54
CA GLN A 122 8.57 -7.29 -2.52
C GLN A 122 7.89 -6.95 -3.84
N ILE A 123 6.79 -6.21 -3.76
CA ILE A 123 6.04 -5.82 -4.95
C ILE A 123 6.73 -4.67 -5.68
N SER A 124 7.41 -3.82 -4.92
CA SER A 124 8.11 -2.67 -5.49
C SER A 124 9.30 -3.11 -6.32
N ARG A 125 9.90 -4.24 -5.95
CA ARG A 125 11.06 -4.77 -6.66
C ARG A 125 10.63 -5.51 -7.92
N GLU A 126 9.44 -6.10 -7.88
CA GLU A 126 8.92 -6.84 -9.02
C GLU A 126 8.48 -5.90 -10.13
N VAL A 127 7.95 -4.75 -9.74
CA VAL A 127 7.49 -3.76 -10.72
C VAL A 127 8.66 -3.11 -11.45
N THR A 128 9.65 -2.68 -10.69
CA THR A 128 10.83 -2.04 -11.26
C THR A 128 11.52 -2.96 -12.28
N TYR A 129 11.41 -4.26 -12.04
CA TYR A 129 12.02 -5.25 -12.94
C TYR A 129 11.21 -5.38 -14.23
N LYS A 130 9.91 -5.59 -14.08
CA LYS A 130 9.03 -5.75 -15.24
C LYS A 130 8.67 -4.38 -15.83
N TYR A 131 7.90 -3.61 -15.08
CA TYR A 131 7.48 -2.28 -15.53
C TYR A 131 6.63 -2.37 -16.80
N THR A 132 5.70 -3.33 -16.82
CA THR A 132 4.83 -3.53 -17.97
C THR A 132 3.84 -2.37 -18.10
N TYR A 133 3.15 -2.32 -19.24
CA TYR A 133 2.17 -1.27 -19.49
C TYR A 133 0.75 -1.83 -19.46
N ARG A 134 0.38 -2.54 -20.52
CA ARG A 134 -0.96 -3.13 -20.61
C ARG A 134 -0.88 -4.64 -20.80
N THR A 135 -2.03 -5.28 -20.90
CA THR A 135 -2.09 -6.73 -21.09
C THR A 135 -2.14 -7.08 -22.58
N THR A 136 -3.02 -6.40 -23.31
CA THR A 136 -3.17 -6.63 -24.75
C THR A 136 -3.86 -5.45 -25.41
N SER A 137 -3.09 -4.66 -26.15
CA SER A 137 -3.63 -3.50 -26.86
C SER A 137 -2.93 -3.30 -28.19
N GLY A 138 -3.48 -3.91 -29.24
CA GLY A 138 -2.90 -3.78 -30.56
C GLY A 138 -1.84 -4.84 -30.84
N PRO A 139 -1.51 -5.08 -32.11
CA PRO A 139 -0.50 -6.07 -32.49
C PRO A 139 0.91 -5.65 -32.09
N SER A 140 1.47 -6.35 -31.11
CA SER A 140 2.81 -6.05 -30.63
C SER A 140 3.73 -7.26 -30.79
N SER A 141 3.23 -8.43 -30.38
CA SER A 141 4.01 -9.66 -30.47
C SER A 141 5.29 -9.56 -29.66
N GLY A 142 5.25 -8.80 -28.58
CA GLY A 142 6.41 -8.63 -27.73
C GLY A 142 6.10 -7.89 -26.45
N GLY A 1 -10.81 5.40 -16.28
CA GLY A 1 -10.33 4.34 -15.34
C GLY A 1 -10.91 2.98 -15.66
N SER A 2 -11.17 2.20 -14.61
CA SER A 2 -11.73 0.87 -14.79
C SER A 2 -12.92 0.64 -13.86
N SER A 3 -12.77 1.03 -12.59
CA SER A 3 -13.82 0.87 -11.61
C SER A 3 -14.37 2.24 -11.19
N GLY A 4 -13.53 3.05 -10.58
CA GLY A 4 -13.95 4.37 -10.14
C GLY A 4 -13.21 5.48 -10.85
N SER A 5 -11.94 5.24 -11.17
CA SER A 5 -11.12 6.23 -11.85
C SER A 5 -10.98 7.49 -11.02
N SER A 6 -9.79 7.70 -10.46
CA SER A 6 -9.52 8.87 -9.64
C SER A 6 -8.09 9.35 -9.81
N GLY A 7 -7.14 8.45 -9.59
CA GLY A 7 -5.73 8.79 -9.72
C GLY A 7 -4.94 8.43 -8.48
N GLU A 8 -3.99 7.50 -8.64
CA GLU A 8 -3.16 7.07 -7.53
C GLU A 8 -1.75 7.63 -7.67
N ALA A 9 -0.92 7.40 -6.65
CA ALA A 9 0.45 7.88 -6.66
C ALA A 9 1.26 7.22 -7.78
N LEU A 10 1.22 5.89 -7.83
CA LEU A 10 1.94 5.15 -8.85
C LEU A 10 1.32 5.37 -10.23
N ASP A 11 1.88 4.71 -11.24
CA ASP A 11 1.38 4.84 -12.60
C ASP A 11 0.41 3.71 -12.93
N ALA A 12 -0.05 3.68 -14.18
CA ALA A 12 -0.99 2.65 -14.62
C ALA A 12 -0.29 1.31 -14.79
N ALA A 13 0.98 1.35 -15.14
CA ALA A 13 1.77 0.13 -15.33
C ALA A 13 2.40 -0.33 -14.02
N ALA A 14 2.72 0.63 -13.15
CA ALA A 14 3.32 0.32 -11.87
C ALA A 14 2.29 -0.21 -10.88
N ALA A 15 1.05 0.24 -11.02
CA ALA A 15 -0.03 -0.19 -10.14
C ALA A 15 -0.63 -1.51 -10.62
N LEU A 16 -0.61 -1.72 -11.94
CA LEU A 16 -1.16 -2.95 -12.52
C LEU A 16 -0.43 -4.17 -11.99
N SER A 17 0.86 -4.00 -11.68
CA SER A 17 1.67 -5.10 -11.16
C SER A 17 1.32 -5.39 -9.71
N VAL A 18 1.18 -4.34 -8.91
CA VAL A 18 0.85 -4.48 -7.50
C VAL A 18 -0.58 -5.00 -7.32
N ALA A 19 -1.46 -4.63 -8.25
CA ALA A 19 -2.86 -5.06 -8.19
C ALA A 19 -2.99 -6.55 -8.53
N GLU A 20 -2.09 -7.04 -9.38
CA GLU A 20 -2.11 -8.44 -9.79
C GLU A 20 -1.33 -9.30 -8.81
N CYS A 21 -0.29 -8.72 -8.21
CA CYS A 21 0.55 -9.44 -7.26
C CYS A 21 -0.15 -9.55 -5.90
N VAL A 22 -0.80 -8.47 -5.49
CA VAL A 22 -1.50 -8.44 -4.20
C VAL A 22 -2.57 -9.54 -4.15
N GLU A 23 -3.15 -9.85 -5.31
CA GLU A 23 -4.19 -10.86 -5.39
C GLU A 23 -3.59 -12.25 -5.58
N ARG A 24 -2.34 -12.30 -6.05
CA ARG A 24 -1.66 -13.57 -6.28
C ARG A 24 -0.97 -14.05 -5.00
N MET A 25 -0.59 -13.11 -4.14
CA MET A 25 0.08 -13.44 -2.89
C MET A 25 -0.92 -13.71 -1.78
N ALA A 26 -2.10 -13.10 -1.88
CA ALA A 26 -3.14 -13.27 -0.88
C ALA A 26 -3.49 -14.75 -0.69
N PRO A 27 -3.80 -15.46 -1.78
CA PRO A 27 -4.16 -16.89 -1.72
C PRO A 27 -3.07 -17.73 -1.06
N THR A 28 -1.81 -17.44 -1.39
CA THR A 28 -0.68 -18.16 -0.82
C THR A 28 -0.46 -17.76 0.63
N LEU A 29 -0.76 -16.51 0.95
CA LEU A 29 -0.60 -16.01 2.31
C LEU A 29 -1.40 -16.84 3.31
N PRO A 30 -0.98 -16.84 4.59
CA PRO A 30 -1.66 -17.61 5.64
C PRO A 30 -3.04 -17.03 5.97
N LYS A 31 -3.81 -17.77 6.76
CA LYS A 31 -5.15 -17.34 7.15
C LYS A 31 -5.14 -16.79 8.58
N SER A 32 -5.85 -15.68 8.79
CA SER A 32 -5.93 -15.06 10.10
C SER A 32 -7.38 -14.95 10.56
N ASP A 33 -7.63 -15.34 11.81
CA ASP A 33 -8.97 -15.28 12.37
C ASP A 33 -9.27 -13.88 12.93
N LEU A 34 -10.31 -13.25 12.40
CA LEU A 34 -10.70 -11.92 12.85
C LEU A 34 -11.07 -11.93 14.32
N ASN A 35 -11.59 -13.05 14.80
CA ASN A 35 -11.98 -13.19 16.19
C ASN A 35 -10.80 -12.94 17.13
N GLU A 36 -9.66 -13.55 16.81
CA GLU A 36 -8.45 -13.38 17.60
C GLU A 36 -8.02 -11.92 17.65
N VAL A 37 -7.76 -11.35 16.49
CA VAL A 37 -7.34 -9.95 16.40
C VAL A 37 -8.39 -9.02 16.99
N LYS A 38 -9.65 -9.41 16.88
CA LYS A 38 -10.75 -8.60 17.41
C LYS A 38 -10.62 -8.45 18.92
N GLU A 39 -10.08 -9.47 19.58
CA GLU A 39 -9.91 -9.44 21.02
C GLU A 39 -8.73 -8.56 21.42
N LEU A 40 -7.73 -8.49 20.55
CA LEU A 40 -6.54 -7.67 20.81
C LEU A 40 -6.91 -6.19 20.88
N LEU A 41 -7.93 -5.80 20.13
CA LEU A 41 -8.37 -4.41 20.10
C LEU A 41 -9.08 -4.05 21.40
N LYS A 42 -9.86 -4.98 21.93
CA LYS A 42 -10.59 -4.77 23.17
C LYS A 42 -9.64 -4.63 24.35
N THR A 43 -8.46 -5.23 24.23
CA THR A 43 -7.45 -5.17 25.29
C THR A 43 -6.70 -3.86 25.24
N ASN A 44 -6.51 -3.32 24.04
CA ASN A 44 -5.80 -2.06 23.86
C ASN A 44 -6.78 -0.91 23.67
N LYS A 45 -6.27 0.32 23.81
CA LYS A 45 -7.09 1.50 23.65
C LYS A 45 -6.60 2.36 22.47
N LYS A 46 -5.30 2.64 22.46
CA LYS A 46 -4.71 3.44 21.40
C LYS A 46 -4.91 2.78 20.03
N LEU A 47 -4.74 1.46 20.00
CA LEU A 47 -4.90 0.70 18.76
C LEU A 47 -6.38 0.60 18.38
N ALA A 48 -7.23 0.49 19.38
CA ALA A 48 -8.67 0.38 19.16
C ALA A 48 -9.22 1.62 18.46
N LYS A 49 -8.63 2.77 18.77
CA LYS A 49 -9.06 4.02 18.17
C LYS A 49 -8.32 4.29 16.86
N MET A 50 -7.10 3.76 16.75
CA MET A 50 -6.30 3.93 15.55
C MET A 50 -6.90 3.19 14.37
N ILE A 51 -6.89 1.86 14.44
CA ILE A 51 -7.45 1.04 13.37
C ILE A 51 -8.56 0.12 13.87
N GLY A 52 -8.81 0.15 15.18
CA GLY A 52 -9.85 -0.68 15.76
C GLY A 52 -11.22 -0.37 15.19
N HIS A 53 -11.42 0.87 14.75
CA HIS A 53 -12.69 1.29 14.19
C HIS A 53 -12.83 0.82 12.74
N ILE A 54 -11.70 0.69 12.06
CA ILE A 54 -11.70 0.25 10.67
C ILE A 54 -12.13 -1.21 10.55
N PHE A 55 -11.84 -2.00 11.58
CA PHE A 55 -12.20 -3.41 11.59
C PHE A 55 -13.71 -3.58 11.61
N GLU A 56 -14.40 -2.74 12.37
CA GLU A 56 -15.85 -2.79 12.46
C GLU A 56 -16.50 -2.38 11.15
N MET A 57 -15.84 -1.49 10.43
CA MET A 57 -16.36 -1.00 9.14
C MET A 57 -16.54 -2.16 8.17
N ASN A 58 -17.54 -2.03 7.29
CA ASN A 58 -17.82 -3.06 6.30
C ASN A 58 -16.79 -3.04 5.17
N ASP A 59 -16.81 -4.08 4.35
CA ASP A 59 -15.87 -4.17 3.22
C ASP A 59 -16.35 -3.32 2.05
N ASP A 60 -17.66 -3.17 1.92
CA ASP A 60 -18.24 -2.37 0.85
C ASP A 60 -18.48 -0.94 1.30
N ASP A 61 -17.47 -0.34 1.93
CA ASP A 61 -17.57 1.03 2.41
C ASP A 61 -16.49 1.91 1.79
N PRO A 62 -16.87 2.73 0.78
CA PRO A 62 -15.93 3.62 0.10
C PRO A 62 -15.08 4.44 1.07
N HIS A 63 -15.63 4.68 2.26
CA HIS A 63 -14.93 5.44 3.29
C HIS A 63 -13.80 4.61 3.90
N LYS A 64 -13.95 3.29 3.88
CA LYS A 64 -12.95 2.40 4.44
C LYS A 64 -11.59 2.63 3.80
N GLU A 65 -11.56 2.64 2.47
CA GLU A 65 -10.31 2.85 1.73
C GLU A 65 -9.73 4.23 2.05
N GLU A 66 -10.60 5.19 2.32
CA GLU A 66 -10.17 6.55 2.64
C GLU A 66 -9.44 6.59 3.97
N GLU A 67 -9.85 5.73 4.89
CA GLU A 67 -9.23 5.67 6.21
C GLU A 67 -7.95 4.85 6.17
N ILE A 68 -8.00 3.73 5.46
CA ILE A 68 -6.83 2.84 5.34
C ILE A 68 -5.72 3.51 4.54
N ARG A 69 -6.12 4.31 3.55
CA ARG A 69 -5.16 5.01 2.70
C ARG A 69 -4.29 5.96 3.53
N LYS A 70 -4.89 6.57 4.55
CA LYS A 70 -4.17 7.50 5.41
C LYS A 70 -3.01 6.80 6.11
N TYR A 71 -3.29 5.66 6.72
CA TYR A 71 -2.27 4.89 7.43
C TYR A 71 -1.29 4.26 6.44
N SER A 72 -1.78 3.96 5.24
CA SER A 72 -0.94 3.35 4.21
C SER A 72 0.09 4.34 3.69
N ALA A 73 1.06 4.68 4.54
CA ALA A 73 2.11 5.62 4.17
C ALA A 73 3.34 5.46 5.07
N ILE A 74 4.44 5.04 4.48
CA ILE A 74 5.67 4.83 5.23
C ILE A 74 6.76 5.81 4.77
N TYR A 75 6.79 6.06 3.46
CA TYR A 75 7.78 6.98 2.89
C TYR A 75 7.19 8.37 2.71
N GLY A 76 6.02 8.44 2.07
CA GLY A 76 5.38 9.72 1.85
C GLY A 76 4.23 9.96 2.81
N ARG A 77 3.95 11.23 3.08
CA ARG A 77 2.87 11.59 3.98
C ARG A 77 1.65 12.09 3.20
N PHE A 78 0.67 12.63 3.92
CA PHE A 78 -0.54 13.13 3.29
C PHE A 78 -0.58 14.66 3.31
N ASP A 79 0.00 15.25 4.35
CA ASP A 79 0.04 16.70 4.49
C ASP A 79 1.47 17.21 4.47
N SER A 80 1.69 18.33 3.79
CA SER A 80 3.02 18.93 3.71
C SER A 80 3.33 19.74 4.96
N LYS A 81 4.58 19.66 5.42
CA LYS A 81 5.01 20.39 6.60
C LYS A 81 6.08 21.42 6.25
N ARG A 82 5.87 22.67 6.67
CA ARG A 82 6.81 23.74 6.40
C ARG A 82 6.90 24.03 4.90
N LYS A 83 7.60 23.17 4.18
CA LYS A 83 7.76 23.33 2.74
C LYS A 83 8.06 22.00 2.06
N ASP A 84 7.16 21.55 1.21
CA ASP A 84 7.33 20.28 0.51
C ASP A 84 7.11 20.46 -1.00
N GLY A 85 7.68 19.54 -1.78
CA GLY A 85 7.54 19.62 -3.22
C GLY A 85 8.25 18.49 -3.93
N LYS A 86 9.41 18.09 -3.41
CA LYS A 86 10.18 17.01 -3.99
C LYS A 86 10.73 16.08 -2.91
N HIS A 87 10.32 14.81 -2.97
CA HIS A 87 10.77 13.82 -2.00
C HIS A 87 10.87 12.45 -2.64
N LEU A 88 9.77 11.95 -3.17
CA LEU A 88 9.74 10.64 -3.82
C LEU A 88 10.28 10.73 -5.24
N THR A 89 10.42 9.57 -5.89
CA THR A 89 10.93 9.52 -7.25
C THR A 89 10.22 8.43 -8.05
N LEU A 90 10.13 7.24 -7.47
CA LEU A 90 9.48 6.11 -8.12
C LEU A 90 9.47 4.89 -7.21
N HIS A 91 10.65 4.40 -6.86
CA HIS A 91 10.77 3.23 -5.99
C HIS A 91 10.17 3.51 -4.62
N GLU A 92 10.42 4.71 -4.09
CA GLU A 92 9.91 5.09 -2.79
C GLU A 92 8.38 5.14 -2.80
N LEU A 93 7.81 5.47 -3.94
CA LEU A 93 6.37 5.56 -4.09
C LEU A 93 5.74 4.17 -4.22
N THR A 94 6.46 3.27 -4.87
CA THR A 94 5.99 1.90 -5.07
C THR A 94 5.94 1.12 -3.75
N VAL A 95 6.63 1.65 -2.73
CA VAL A 95 6.66 1.00 -1.43
C VAL A 95 5.41 1.32 -0.61
N ASN A 96 5.07 2.60 -0.54
CA ASN A 96 3.90 3.04 0.22
C ASN A 96 2.61 2.70 -0.52
N GLU A 97 2.67 2.69 -1.85
CA GLU A 97 1.50 2.39 -2.67
C GLU A 97 1.26 0.89 -2.72
N ALA A 98 2.34 0.11 -2.66
CA ALA A 98 2.24 -1.34 -2.72
C ALA A 98 1.56 -1.90 -1.47
N ALA A 99 1.92 -1.35 -0.31
CA ALA A 99 1.35 -1.79 0.96
C ALA A 99 -0.08 -1.27 1.12
N ALA A 100 -0.38 -0.15 0.47
CA ALA A 100 -1.71 0.45 0.55
C ALA A 100 -2.79 -0.55 0.13
N GLN A 101 -2.68 -1.04 -1.11
CA GLN A 101 -3.64 -1.99 -1.63
C GLN A 101 -3.68 -3.26 -0.78
N LEU A 102 -2.53 -3.66 -0.26
CA LEU A 102 -2.43 -4.85 0.56
C LEU A 102 -3.28 -4.70 1.83
N CYS A 103 -3.15 -3.56 2.49
CA CYS A 103 -3.91 -3.29 3.71
C CYS A 103 -5.41 -3.36 3.45
N VAL A 104 -5.82 -2.88 2.28
CA VAL A 104 -7.23 -2.89 1.91
C VAL A 104 -7.76 -4.32 1.79
N LYS A 105 -7.04 -5.15 1.05
CA LYS A 105 -7.44 -6.53 0.85
C LYS A 105 -7.35 -7.31 2.16
N ASP A 106 -6.41 -6.93 3.02
CA ASP A 106 -6.22 -7.58 4.30
C ASP A 106 -6.09 -6.56 5.43
N ASN A 107 -7.15 -6.41 6.21
CA ASN A 107 -7.16 -5.46 7.32
C ASN A 107 -6.17 -5.89 8.40
N ALA A 108 -5.95 -7.20 8.52
CA ALA A 108 -5.02 -7.72 9.52
C ALA A 108 -3.63 -7.15 9.34
N LEU A 109 -3.30 -6.76 8.12
CA LEU A 109 -1.99 -6.20 7.81
C LEU A 109 -1.78 -4.86 8.54
N LEU A 110 -2.88 -4.16 8.79
CA LEU A 110 -2.81 -2.87 9.48
C LEU A 110 -2.09 -3.01 10.82
N THR A 111 -2.21 -4.17 11.43
CA THR A 111 -1.57 -4.43 12.73
C THR A 111 -0.13 -4.87 12.54
N ARG A 112 0.11 -5.66 11.50
CA ARG A 112 1.45 -6.16 11.21
C ARG A 112 2.25 -5.13 10.40
N ARG A 113 3.38 -4.71 10.95
CA ARG A 113 4.24 -3.73 10.29
C ARG A 113 5.36 -4.42 9.51
N ASP A 114 6.03 -5.35 10.16
CA ASP A 114 7.13 -6.09 9.53
C ASP A 114 6.64 -6.85 8.30
N GLU A 115 5.40 -7.32 8.36
CA GLU A 115 4.81 -8.07 7.25
C GLU A 115 4.40 -7.14 6.13
N LEU A 116 3.93 -5.95 6.50
CA LEU A 116 3.49 -4.95 5.51
C LEU A 116 4.70 -4.35 4.79
N PHE A 117 5.65 -3.84 5.56
CA PHE A 117 6.84 -3.22 4.99
C PHE A 117 7.61 -4.23 4.14
N ALA A 118 7.53 -5.51 4.51
CA ALA A 118 8.22 -6.56 3.78
C ALA A 118 7.52 -6.88 2.47
N LEU A 119 6.21 -7.13 2.55
CA LEU A 119 5.43 -7.45 1.37
C LEU A 119 5.49 -6.32 0.33
N ALA A 120 5.29 -5.09 0.80
CA ALA A 120 5.31 -3.93 -0.07
C ALA A 120 6.67 -3.78 -0.75
N ARG A 121 7.72 -4.26 -0.09
CA ARG A 121 9.07 -4.19 -0.64
C ARG A 121 9.28 -5.27 -1.69
N GLN A 122 8.61 -6.40 -1.51
CA GLN A 122 8.73 -7.51 -2.46
C GLN A 122 8.26 -7.11 -3.84
N ILE A 123 7.01 -6.64 -3.93
CA ILE A 123 6.43 -6.22 -5.20
C ILE A 123 7.19 -5.04 -5.79
N SER A 124 7.75 -4.21 -4.92
CA SER A 124 8.50 -3.03 -5.34
C SER A 124 9.69 -3.44 -6.21
N ARG A 125 10.23 -4.63 -5.96
CA ARG A 125 11.37 -5.12 -6.72
C ARG A 125 10.91 -5.75 -8.04
N GLU A 126 9.72 -6.34 -8.03
CA GLU A 126 9.17 -6.97 -9.22
C GLU A 126 8.77 -5.94 -10.26
N VAL A 127 8.37 -4.76 -9.80
CA VAL A 127 7.96 -3.68 -10.69
C VAL A 127 9.18 -3.01 -11.33
N THR A 128 10.29 -3.01 -10.61
CA THR A 128 11.52 -2.40 -11.10
C THR A 128 12.13 -3.24 -12.22
N TYR A 129 11.97 -4.55 -12.12
CA TYR A 129 12.51 -5.47 -13.13
C TYR A 129 11.76 -5.32 -14.45
N LYS A 130 10.44 -5.44 -14.39
CA LYS A 130 9.62 -5.33 -15.59
C LYS A 130 9.00 -3.94 -15.68
N TYR A 131 9.34 -3.21 -16.74
CA TYR A 131 8.81 -1.86 -16.96
C TYR A 131 9.01 -1.43 -18.40
N THR A 132 7.91 -1.34 -19.14
CA THR A 132 7.96 -0.93 -20.55
C THR A 132 7.04 0.25 -20.80
N TYR A 133 7.58 1.31 -21.40
CA TYR A 133 6.80 2.50 -21.71
C TYR A 133 6.46 2.56 -23.20
N ARG A 134 7.43 2.19 -24.03
CA ARG A 134 7.24 2.21 -25.48
C ARG A 134 7.88 0.99 -26.13
N THR A 135 7.58 0.78 -27.41
CA THR A 135 8.13 -0.35 -28.15
C THR A 135 8.44 0.03 -29.59
N THR A 136 7.43 0.56 -30.28
CA THR A 136 7.59 0.97 -31.67
C THR A 136 8.12 -0.19 -32.52
N SER A 137 7.44 -1.32 -32.44
CA SER A 137 7.83 -2.51 -33.20
C SER A 137 7.61 -2.28 -34.70
N GLY A 138 6.35 -2.34 -35.13
CA GLY A 138 6.04 -2.15 -36.52
C GLY A 138 6.49 -3.31 -37.39
N PRO A 139 5.97 -3.42 -38.62
CA PRO A 139 6.33 -4.50 -39.54
C PRO A 139 7.83 -4.62 -39.72
N SER A 140 8.44 -5.51 -38.94
CA SER A 140 9.88 -5.73 -39.01
C SER A 140 10.22 -6.86 -39.99
N SER A 141 11.23 -6.63 -40.83
CA SER A 141 11.65 -7.63 -41.80
C SER A 141 12.86 -8.39 -41.30
N GLY A 142 12.94 -8.59 -39.99
CA GLY A 142 14.05 -9.32 -39.41
C GLY A 142 13.63 -10.65 -38.81
N GLY A 1 14.23 21.30 -18.39
CA GLY A 1 13.11 20.52 -17.81
C GLY A 1 11.77 21.21 -17.98
N SER A 2 10.94 20.68 -18.88
CA SER A 2 9.63 21.26 -19.13
C SER A 2 8.77 21.23 -17.87
N SER A 3 7.71 22.05 -17.86
CA SER A 3 6.81 22.11 -16.72
C SER A 3 5.76 21.01 -16.80
N GLY A 4 4.86 21.00 -15.82
CA GLY A 4 3.81 20.00 -15.79
C GLY A 4 4.14 18.83 -14.89
N SER A 5 5.37 18.33 -15.00
CA SER A 5 5.81 17.21 -14.19
C SER A 5 6.67 17.69 -13.01
N SER A 6 6.13 17.57 -11.81
CA SER A 6 6.83 18.00 -10.61
C SER A 6 6.69 16.97 -9.49
N GLY A 7 5.47 16.51 -9.27
CA GLY A 7 5.22 15.52 -8.23
C GLY A 7 3.86 14.85 -8.39
N GLU A 8 3.86 13.53 -8.39
CA GLU A 8 2.61 12.77 -8.53
C GLU A 8 2.79 11.35 -8.00
N ALA A 9 1.74 10.54 -8.14
CA ALA A 9 1.77 9.16 -7.67
C ALA A 9 2.19 8.21 -8.79
N LEU A 10 2.05 6.92 -8.54
CA LEU A 10 2.41 5.90 -9.53
C LEU A 10 1.55 6.04 -10.79
N ASP A 11 1.99 5.43 -11.88
CA ASP A 11 1.26 5.48 -13.14
C ASP A 11 0.20 4.39 -13.18
N ALA A 12 -0.53 4.33 -14.30
CA ALA A 12 -1.58 3.33 -14.48
C ALA A 12 -1.00 1.95 -14.71
N ALA A 13 0.17 1.90 -15.36
CA ALA A 13 0.83 0.63 -15.64
C ALA A 13 1.67 0.17 -14.45
N ALA A 14 2.23 1.14 -13.72
CA ALA A 14 3.05 0.84 -12.55
C ALA A 14 2.24 0.11 -11.48
N ALA A 15 1.19 0.77 -11.01
CA ALA A 15 0.32 0.19 -9.99
C ALA A 15 -0.31 -1.12 -10.46
N LEU A 16 -0.48 -1.25 -11.77
CA LEU A 16 -1.07 -2.45 -12.35
C LEU A 16 -0.29 -3.69 -11.95
N SER A 17 1.04 -3.57 -11.90
CA SER A 17 1.89 -4.68 -11.52
C SER A 17 1.75 -5.01 -10.04
N VAL A 18 1.45 -3.99 -9.24
CA VAL A 18 1.28 -4.17 -7.81
C VAL A 18 -0.05 -4.82 -7.48
N ALA A 19 -1.12 -4.28 -8.04
CA ALA A 19 -2.46 -4.82 -7.81
C ALA A 19 -2.56 -6.28 -8.23
N GLU A 20 -1.75 -6.65 -9.23
CA GLU A 20 -1.74 -8.02 -9.73
C GLU A 20 -0.93 -8.93 -8.80
N CYS A 21 0.08 -8.37 -8.16
CA CYS A 21 0.93 -9.14 -7.26
C CYS A 21 0.24 -9.37 -5.92
N VAL A 22 -0.34 -8.30 -5.37
CA VAL A 22 -1.03 -8.40 -4.09
C VAL A 22 -2.18 -9.41 -4.16
N GLU A 23 -2.75 -9.57 -5.35
CA GLU A 23 -3.85 -10.50 -5.55
C GLU A 23 -3.35 -11.94 -5.61
N ARG A 24 -2.08 -12.11 -5.92
CA ARG A 24 -1.47 -13.44 -6.01
C ARG A 24 -1.01 -13.92 -4.64
N MET A 25 -0.25 -13.07 -3.95
CA MET A 25 0.26 -13.42 -2.62
C MET A 25 -0.87 -13.47 -1.59
N ALA A 26 -1.96 -12.76 -1.87
CA ALA A 26 -3.10 -12.72 -0.97
C ALA A 26 -3.63 -14.13 -0.67
N PRO A 27 -4.08 -14.85 -1.71
CA PRO A 27 -4.62 -16.21 -1.55
C PRO A 27 -3.56 -17.21 -1.08
N THR A 28 -2.32 -16.99 -1.50
CA THR A 28 -1.23 -17.88 -1.12
C THR A 28 -0.89 -17.71 0.36
N LEU A 29 -1.11 -16.51 0.87
CA LEU A 29 -0.82 -16.21 2.28
C LEU A 29 -1.92 -16.78 3.19
N PRO A 30 -1.62 -16.98 4.48
CA PRO A 30 -2.57 -17.51 5.45
C PRO A 30 -3.69 -16.52 5.75
N LYS A 31 -4.85 -17.06 6.13
CA LYS A 31 -6.01 -16.22 6.45
C LYS A 31 -6.17 -16.08 7.96
N SER A 32 -6.54 -14.89 8.40
CA SER A 32 -6.73 -14.62 9.83
C SER A 32 -8.21 -14.46 10.15
N ASP A 33 -8.51 -14.21 11.43
CA ASP A 33 -9.88 -14.03 11.87
C ASP A 33 -10.07 -12.66 12.51
N LEU A 34 -11.19 -12.00 12.17
CA LEU A 34 -11.49 -10.69 12.71
C LEU A 34 -11.69 -10.75 14.22
N ASN A 35 -12.22 -11.87 14.69
CA ASN A 35 -12.47 -12.05 16.12
C ASN A 35 -11.15 -12.06 16.90
N GLU A 36 -10.10 -12.57 16.27
CA GLU A 36 -8.79 -12.64 16.91
C GLU A 36 -8.21 -11.25 17.11
N VAL A 37 -8.38 -10.40 16.11
CA VAL A 37 -7.88 -9.03 16.17
C VAL A 37 -8.84 -8.12 16.94
N LYS A 38 -10.12 -8.39 16.81
CA LYS A 38 -11.14 -7.60 17.49
C LYS A 38 -10.99 -7.70 19.00
N GLU A 39 -10.81 -8.92 19.49
CA GLU A 39 -10.65 -9.16 20.92
C GLU A 39 -9.41 -8.44 21.46
N LEU A 40 -8.41 -8.31 20.61
CA LEU A 40 -7.17 -7.64 21.00
C LEU A 40 -7.39 -6.14 21.20
N LEU A 41 -8.31 -5.58 20.43
CA LEU A 41 -8.62 -4.16 20.53
C LEU A 41 -9.32 -3.85 21.84
N LYS A 42 -10.22 -4.73 22.26
CA LYS A 42 -10.95 -4.55 23.51
C LYS A 42 -10.01 -4.49 24.71
N THR A 43 -8.88 -5.18 24.58
CA THR A 43 -7.88 -5.21 25.65
C THR A 43 -6.86 -4.10 25.49
N ASN A 44 -6.55 -3.77 24.23
CA ASN A 44 -5.59 -2.72 23.93
C ASN A 44 -6.28 -1.37 23.82
N LYS A 45 -5.53 -0.35 23.41
CA LYS A 45 -6.07 1.00 23.27
C LYS A 45 -5.57 1.65 21.97
N LYS A 46 -4.24 1.80 21.87
CA LYS A 46 -3.65 2.41 20.69
C LYS A 46 -4.00 1.63 19.43
N LEU A 47 -3.95 0.30 19.52
CA LEU A 47 -4.28 -0.56 18.39
C LEU A 47 -5.71 -0.32 17.91
N ALA A 48 -6.58 0.06 18.84
CA ALA A 48 -7.98 0.32 18.51
C ALA A 48 -8.20 1.80 18.21
N LYS A 49 -7.39 2.65 18.81
CA LYS A 49 -7.51 4.10 18.60
C LYS A 49 -6.94 4.51 17.26
N MET A 50 -5.99 3.73 16.75
CA MET A 50 -5.37 4.01 15.46
C MET A 50 -6.20 3.45 14.32
N ILE A 51 -6.28 2.12 14.24
CA ILE A 51 -7.05 1.47 13.18
C ILE A 51 -8.06 0.48 13.77
N GLY A 52 -8.77 0.92 14.80
CA GLY A 52 -9.75 0.07 15.44
C GLY A 52 -11.15 0.29 14.88
N HIS A 53 -11.41 1.51 14.44
CA HIS A 53 -12.72 1.87 13.89
C HIS A 53 -12.96 1.14 12.57
N ILE A 54 -11.88 0.90 11.84
CA ILE A 54 -11.97 0.21 10.55
C ILE A 54 -12.40 -1.24 10.73
N PHE A 55 -12.00 -1.84 11.84
CA PHE A 55 -12.34 -3.23 12.13
C PHE A 55 -13.82 -3.36 12.49
N GLU A 56 -14.36 -2.34 13.15
CA GLU A 56 -15.76 -2.34 13.56
C GLU A 56 -16.65 -1.89 12.40
N MET A 57 -16.11 -1.02 11.55
CA MET A 57 -16.85 -0.51 10.41
C MET A 57 -17.29 -1.64 9.48
N ASN A 58 -17.97 -1.29 8.40
CA ASN A 58 -18.44 -2.29 7.44
C ASN A 58 -17.34 -2.64 6.44
N ASP A 59 -17.48 -3.81 5.81
CA ASP A 59 -16.50 -4.27 4.84
C ASP A 59 -16.85 -3.77 3.43
N ASP A 60 -18.14 -3.61 3.18
CA ASP A 60 -18.61 -3.15 1.88
C ASP A 60 -18.89 -1.64 1.91
N ASP A 61 -17.87 -0.87 2.29
CA ASP A 61 -18.00 0.58 2.36
C ASP A 61 -16.87 1.27 1.60
N PRO A 62 -17.16 2.43 0.97
CA PRO A 62 -16.16 3.19 0.21
C PRO A 62 -15.12 3.84 1.12
N HIS A 63 -15.56 4.25 2.31
CA HIS A 63 -14.66 4.89 3.27
C HIS A 63 -13.60 3.92 3.77
N LYS A 64 -13.93 2.63 3.76
CA LYS A 64 -13.01 1.60 4.21
C LYS A 64 -11.69 1.67 3.44
N GLU A 65 -11.77 1.59 2.12
CA GLU A 65 -10.58 1.65 1.27
C GLU A 65 -9.85 2.97 1.45
N GLU A 66 -10.60 4.03 1.74
CA GLU A 66 -10.03 5.36 1.93
C GLU A 66 -9.32 5.44 3.27
N GLU A 67 -9.92 4.88 4.31
CA GLU A 67 -9.34 4.89 5.65
C GLU A 67 -8.02 4.14 5.67
N ILE A 68 -8.02 2.92 5.12
CA ILE A 68 -6.83 2.09 5.09
C ILE A 68 -5.74 2.74 4.24
N ARG A 69 -6.14 3.33 3.13
CA ARG A 69 -5.19 3.99 2.23
C ARG A 69 -4.51 5.17 2.92
N LYS A 70 -5.23 5.79 3.86
CA LYS A 70 -4.68 6.93 4.59
C LYS A 70 -3.53 6.50 5.49
N TYR A 71 -3.79 5.52 6.35
CA TYR A 71 -2.78 5.02 7.26
C TYR A 71 -1.68 4.25 6.52
N SER A 72 -2.05 3.69 5.36
CA SER A 72 -1.10 2.93 4.55
C SER A 72 0.07 3.80 4.13
N ALA A 73 1.08 3.88 4.99
CA ALA A 73 2.27 4.69 4.70
C ALA A 73 3.45 4.24 5.56
N ILE A 74 4.54 3.86 4.90
CA ILE A 74 5.74 3.42 5.60
C ILE A 74 6.98 4.20 5.15
N TYR A 75 6.75 5.36 4.54
CA TYR A 75 7.84 6.20 4.07
C TYR A 75 7.52 7.68 4.24
N GLY A 76 7.96 8.23 5.37
CA GLY A 76 7.70 9.64 5.64
C GLY A 76 6.23 9.98 5.64
N ARG A 77 5.92 11.27 5.55
CA ARG A 77 4.53 11.72 5.54
C ARG A 77 4.03 11.88 4.11
N PHE A 78 2.80 12.36 3.98
CA PHE A 78 2.20 12.57 2.66
C PHE A 78 1.98 14.05 2.38
N ASP A 79 1.63 14.80 3.42
CA ASP A 79 1.40 16.23 3.28
C ASP A 79 2.38 17.03 4.13
N SER A 80 2.40 18.34 3.94
CA SER A 80 3.28 19.22 4.68
C SER A 80 2.60 20.55 5.02
N LYS A 81 3.36 21.48 5.58
CA LYS A 81 2.83 22.79 5.94
C LYS A 81 3.92 23.86 5.87
N ARG A 82 4.87 23.79 6.78
CA ARG A 82 5.96 24.74 6.83
C ARG A 82 7.26 24.11 6.32
N LYS A 83 7.87 23.27 7.16
CA LYS A 83 9.12 22.61 6.80
C LYS A 83 8.84 21.28 6.09
N ASP A 84 9.85 20.77 5.40
CA ASP A 84 9.72 19.50 4.69
C ASP A 84 8.67 19.62 3.57
N GLY A 85 9.10 19.35 2.34
CA GLY A 85 8.19 19.42 1.22
C GLY A 85 8.28 18.20 0.32
N LYS A 86 7.84 17.06 0.83
CA LYS A 86 7.87 15.81 0.06
C LYS A 86 9.30 15.41 -0.27
N HIS A 87 9.57 14.12 -0.21
CA HIS A 87 10.91 13.60 -0.49
C HIS A 87 10.86 12.10 -0.82
N LEU A 88 9.75 11.67 -1.39
CA LEU A 88 9.56 10.27 -1.76
C LEU A 88 10.10 10.00 -3.16
N THR A 89 11.05 9.07 -3.26
CA THR A 89 11.64 8.73 -4.55
C THR A 89 10.75 7.75 -5.30
N LEU A 90 11.28 7.20 -6.39
CA LEU A 90 10.53 6.24 -7.20
C LEU A 90 10.19 4.98 -6.40
N HIS A 91 11.22 4.31 -5.90
CA HIS A 91 11.02 3.10 -5.12
C HIS A 91 10.16 3.37 -3.88
N GLU A 92 10.23 4.59 -3.37
CA GLU A 92 9.47 4.98 -2.20
C GLU A 92 7.98 5.07 -2.53
N LEU A 93 7.67 5.74 -3.64
CA LEU A 93 6.29 5.91 -4.07
C LEU A 93 5.61 4.56 -4.28
N THR A 94 6.40 3.55 -4.66
CA THR A 94 5.88 2.21 -4.90
C THR A 94 5.51 1.53 -3.58
N VAL A 95 6.38 1.66 -2.59
CA VAL A 95 6.14 1.05 -1.28
C VAL A 95 4.94 1.69 -0.60
N ASN A 96 4.78 3.00 -0.78
CA ASN A 96 3.67 3.72 -0.16
C ASN A 96 2.33 3.14 -0.61
N GLU A 97 2.29 2.65 -1.84
CA GLU A 97 1.07 2.06 -2.39
C GLU A 97 1.12 0.54 -2.31
N ALA A 98 2.31 -0.02 -2.34
CA ALA A 98 2.49 -1.46 -2.28
C ALA A 98 1.88 -2.04 -0.99
N ALA A 99 2.01 -1.29 0.09
CA ALA A 99 1.47 -1.72 1.38
C ALA A 99 0.07 -1.15 1.62
N ALA A 100 -0.58 -0.69 0.56
CA ALA A 100 -1.91 -0.12 0.66
C ALA A 100 -2.97 -1.13 0.23
N GLN A 101 -2.67 -1.90 -0.81
CA GLN A 101 -3.59 -2.90 -1.31
C GLN A 101 -3.62 -4.12 -0.41
N LEU A 102 -2.47 -4.46 0.18
CA LEU A 102 -2.37 -5.60 1.06
C LEU A 102 -3.20 -5.39 2.33
N CYS A 103 -3.33 -4.13 2.74
CA CYS A 103 -4.09 -3.80 3.94
C CYS A 103 -5.59 -3.93 3.68
N VAL A 104 -5.99 -3.67 2.44
CA VAL A 104 -7.41 -3.76 2.08
C VAL A 104 -7.94 -5.17 2.28
N LYS A 105 -7.36 -6.12 1.55
CA LYS A 105 -7.78 -7.52 1.64
C LYS A 105 -7.61 -8.05 3.06
N ASP A 106 -6.43 -7.82 3.63
CA ASP A 106 -6.14 -8.27 4.99
C ASP A 106 -6.00 -7.09 5.94
N ASN A 107 -7.02 -6.89 6.78
CA ASN A 107 -7.01 -5.79 7.73
C ASN A 107 -5.98 -6.02 8.83
N ALA A 108 -5.73 -7.29 9.14
CA ALA A 108 -4.76 -7.66 10.17
C ALA A 108 -3.37 -7.12 9.82
N LEU A 109 -3.09 -7.02 8.53
CA LEU A 109 -1.79 -6.53 8.07
C LEU A 109 -1.54 -5.11 8.57
N LEU A 110 -2.62 -4.37 8.83
CA LEU A 110 -2.51 -3.00 9.30
C LEU A 110 -1.72 -2.94 10.62
N THR A 111 -1.87 -3.97 11.44
CA THR A 111 -1.17 -4.05 12.71
C THR A 111 0.26 -4.54 12.53
N ARG A 112 0.46 -5.40 11.52
CA ARG A 112 1.78 -5.95 11.24
C ARG A 112 2.52 -5.07 10.25
N ARG A 113 3.32 -4.14 10.76
CA ARG A 113 4.10 -3.24 9.92
C ARG A 113 5.33 -3.94 9.36
N ASP A 114 5.84 -4.92 10.10
CA ASP A 114 7.01 -5.67 9.67
C ASP A 114 6.67 -6.64 8.55
N GLU A 115 5.49 -7.24 8.64
CA GLU A 115 5.03 -8.19 7.62
C GLU A 115 4.55 -7.47 6.38
N LEU A 116 3.83 -6.37 6.57
CA LEU A 116 3.30 -5.58 5.46
C LEU A 116 4.43 -4.94 4.68
N PHE A 117 5.40 -4.36 5.39
CA PHE A 117 6.53 -3.71 4.75
C PHE A 117 7.40 -4.73 4.02
N ALA A 118 7.43 -5.95 4.52
CA ALA A 118 8.22 -7.00 3.90
C ALA A 118 7.59 -7.47 2.59
N LEU A 119 6.28 -7.40 2.51
CA LEU A 119 5.55 -7.80 1.31
C LEU A 119 5.57 -6.70 0.26
N ALA A 120 5.37 -5.46 0.71
CA ALA A 120 5.37 -4.31 -0.19
C ALA A 120 6.69 -4.17 -0.92
N ARG A 121 7.79 -4.38 -0.19
CA ARG A 121 9.12 -4.27 -0.77
C ARG A 121 9.31 -5.30 -1.88
N GLN A 122 8.70 -6.47 -1.72
CA GLN A 122 8.81 -7.54 -2.70
C GLN A 122 8.18 -7.13 -4.03
N ILE A 123 7.16 -6.26 -3.95
CA ILE A 123 6.48 -5.79 -5.15
C ILE A 123 7.16 -4.55 -5.71
N SER A 124 7.78 -3.78 -4.84
CA SER A 124 8.47 -2.55 -5.25
C SER A 124 9.53 -2.84 -6.30
N ARG A 125 10.15 -4.01 -6.20
CA ARG A 125 11.20 -4.41 -7.15
C ARG A 125 10.58 -4.94 -8.44
N GLU A 126 9.39 -5.53 -8.33
CA GLU A 126 8.70 -6.09 -9.49
C GLU A 126 8.23 -4.97 -10.41
N VAL A 127 7.91 -3.82 -9.84
CA VAL A 127 7.45 -2.68 -10.62
C VAL A 127 8.61 -1.92 -11.26
N THR A 128 9.65 -1.68 -10.47
CA THR A 128 10.83 -0.98 -10.96
C THR A 128 11.44 -1.69 -12.16
N TYR A 129 11.26 -3.00 -12.21
CA TYR A 129 11.80 -3.80 -13.31
C TYR A 129 11.28 -3.31 -14.65
N LYS A 130 9.97 -3.47 -14.88
CA LYS A 130 9.36 -3.04 -16.12
C LYS A 130 8.49 -1.80 -15.91
N TYR A 131 8.90 -0.68 -16.52
CA TYR A 131 8.16 0.57 -16.39
C TYR A 131 7.83 1.14 -17.76
N THR A 132 8.87 1.56 -18.48
CA THR A 132 8.69 2.13 -19.81
C THR A 132 8.59 1.03 -20.86
N TYR A 133 7.91 1.34 -21.97
CA TYR A 133 7.73 0.39 -23.05
C TYR A 133 8.92 0.44 -24.01
N ARG A 134 9.52 1.61 -24.14
CA ARG A 134 10.66 1.79 -25.03
C ARG A 134 11.82 0.88 -24.62
N THR A 135 12.87 0.88 -25.42
CA THR A 135 14.05 0.06 -25.14
C THR A 135 15.09 0.85 -24.37
N THR A 136 15.48 2.00 -24.91
CA THR A 136 16.48 2.84 -24.28
C THR A 136 16.58 4.19 -24.97
N SER A 137 17.57 4.99 -24.59
CA SER A 137 17.77 6.31 -25.18
C SER A 137 19.01 6.97 -24.61
N GLY A 138 19.02 7.19 -23.30
CA GLY A 138 20.15 7.82 -22.65
C GLY A 138 20.09 9.33 -22.71
N PRO A 139 20.57 10.03 -21.67
CA PRO A 139 20.56 11.50 -21.63
C PRO A 139 21.61 12.10 -22.55
N SER A 140 21.73 13.43 -22.51
CA SER A 140 22.71 14.13 -23.34
C SER A 140 24.05 14.25 -22.63
N SER A 141 25.09 14.60 -23.38
CA SER A 141 26.43 14.74 -22.82
C SER A 141 26.91 13.43 -22.22
N GLY A 142 27.51 12.59 -23.04
CA GLY A 142 28.01 11.30 -22.57
C GLY A 142 28.07 10.26 -23.67
N GLY A 1 4.95 24.69 -14.40
CA GLY A 1 4.96 25.07 -15.85
C GLY A 1 4.18 24.09 -16.71
N SER A 2 4.91 23.26 -17.46
CA SER A 2 4.27 22.27 -18.34
C SER A 2 3.69 21.13 -17.52
N SER A 3 3.13 20.13 -18.22
CA SER A 3 2.54 18.98 -17.56
C SER A 3 3.54 17.84 -17.46
N GLY A 4 3.29 16.92 -16.52
CA GLY A 4 4.19 15.80 -16.35
C GLY A 4 3.73 14.86 -15.25
N SER A 5 2.84 13.92 -15.60
CA SER A 5 2.31 12.97 -14.63
C SER A 5 1.59 13.68 -13.50
N SER A 6 0.30 13.91 -13.68
CA SER A 6 -0.51 14.59 -12.66
C SER A 6 -1.61 13.66 -12.15
N GLY A 7 -2.30 14.10 -11.10
CA GLY A 7 -3.37 13.30 -10.53
C GLY A 7 -2.86 12.25 -9.57
N GLU A 8 -2.63 11.04 -10.08
CA GLU A 8 -2.15 9.94 -9.27
C GLU A 8 -0.63 10.00 -9.14
N ALA A 9 -0.06 8.98 -8.48
CA ALA A 9 1.39 8.91 -8.28
C ALA A 9 2.03 7.93 -9.26
N LEU A 10 1.76 6.65 -9.06
CA LEU A 10 2.31 5.61 -9.92
C LEU A 10 1.67 5.64 -11.30
N ASP A 11 2.08 4.72 -12.17
CA ASP A 11 1.54 4.65 -13.52
C ASP A 11 0.50 3.54 -13.64
N ALA A 12 -0.20 3.52 -14.77
CA ALA A 12 -1.23 2.53 -15.01
C ALA A 12 -0.63 1.12 -15.11
N ALA A 13 0.50 1.02 -15.80
CA ALA A 13 1.18 -0.26 -15.97
C ALA A 13 1.88 -0.68 -14.69
N ALA A 14 2.32 0.30 -13.91
CA ALA A 14 3.00 0.02 -12.65
C ALA A 14 2.01 -0.34 -11.55
N ALA A 15 0.85 0.32 -11.57
CA ALA A 15 -0.18 0.06 -10.56
C ALA A 15 -0.86 -1.28 -10.81
N LEU A 16 -0.94 -1.67 -12.08
CA LEU A 16 -1.56 -2.94 -12.44
C LEU A 16 -0.83 -4.12 -11.81
N SER A 17 0.50 -4.09 -11.89
CA SER A 17 1.32 -5.15 -11.32
C SER A 17 1.09 -5.28 -9.82
N VAL A 18 0.84 -4.16 -9.16
CA VAL A 18 0.60 -4.14 -7.73
C VAL A 18 -0.69 -4.87 -7.38
N ALA A 19 -1.65 -4.84 -8.29
CA ALA A 19 -2.94 -5.51 -8.07
C ALA A 19 -2.86 -6.98 -8.46
N GLU A 20 -2.00 -7.30 -9.42
CA GLU A 20 -1.84 -8.67 -9.88
C GLU A 20 -0.92 -9.45 -8.96
N CYS A 21 0.03 -8.76 -8.34
CA CYS A 21 0.98 -9.39 -7.44
C CYS A 21 0.35 -9.63 -6.07
N VAL A 22 -0.36 -8.62 -5.57
CA VAL A 22 -1.01 -8.72 -4.27
C VAL A 22 -1.99 -9.88 -4.23
N GLU A 23 -2.59 -10.19 -5.38
CA GLU A 23 -3.54 -11.29 -5.47
C GLU A 23 -2.83 -12.63 -5.57
N ARG A 24 -1.60 -12.61 -6.09
CA ARG A 24 -0.82 -13.83 -6.24
C ARG A 24 -0.10 -14.19 -4.94
N MET A 25 0.29 -13.18 -4.17
CA MET A 25 0.98 -13.39 -2.91
C MET A 25 -0.02 -13.57 -1.77
N ALA A 26 -1.22 -13.05 -1.94
CA ALA A 26 -2.26 -13.15 -0.92
C ALA A 26 -2.47 -14.60 -0.49
N PRO A 27 -2.73 -15.50 -1.46
CA PRO A 27 -2.95 -16.91 -1.18
C PRO A 27 -1.85 -17.52 -0.30
N THR A 28 -0.60 -17.22 -0.67
CA THR A 28 0.54 -17.74 0.09
C THR A 28 0.64 -17.07 1.46
N LEU A 29 0.22 -15.82 1.55
CA LEU A 29 0.25 -15.08 2.80
C LEU A 29 -0.67 -15.73 3.83
N PRO A 30 -0.30 -15.63 5.12
CA PRO A 30 -1.12 -16.21 6.21
C PRO A 30 -2.57 -15.74 6.16
N LYS A 31 -3.44 -16.49 6.82
CA LYS A 31 -4.86 -16.15 6.85
C LYS A 31 -5.30 -15.79 8.28
N SER A 32 -5.54 -14.51 8.52
CA SER A 32 -5.97 -14.04 9.83
C SER A 32 -7.43 -13.60 9.80
N ASP A 33 -8.23 -14.16 10.69
CA ASP A 33 -9.65 -13.82 10.77
C ASP A 33 -9.84 -12.45 11.41
N LEU A 34 -10.96 -11.80 11.08
CA LEU A 34 -11.27 -10.48 11.63
C LEU A 34 -11.88 -10.60 13.02
N ASN A 35 -12.56 -11.71 13.28
CA ASN A 35 -13.20 -11.94 14.57
C ASN A 35 -12.16 -11.91 15.70
N GLU A 36 -10.94 -12.33 15.39
CA GLU A 36 -9.87 -12.35 16.38
C GLU A 36 -9.42 -10.94 16.72
N VAL A 37 -8.99 -10.20 15.70
CA VAL A 37 -8.52 -8.83 15.89
C VAL A 37 -9.62 -7.96 16.50
N LYS A 38 -10.87 -8.30 16.19
CA LYS A 38 -12.01 -7.54 16.70
C LYS A 38 -12.12 -7.67 18.22
N GLU A 39 -11.69 -8.82 18.74
CA GLU A 39 -11.74 -9.07 20.17
C GLU A 39 -10.49 -8.52 20.87
N LEU A 40 -9.38 -8.49 20.14
CA LEU A 40 -8.12 -7.98 20.68
C LEU A 40 -8.26 -6.53 21.13
N LEU A 41 -9.17 -5.81 20.48
CA LEU A 41 -9.39 -4.40 20.82
C LEU A 41 -10.07 -4.27 22.17
N LYS A 42 -10.94 -5.23 22.50
CA LYS A 42 -11.65 -5.22 23.77
C LYS A 42 -10.69 -5.38 24.94
N THR A 43 -9.58 -6.07 24.70
CA THR A 43 -8.58 -6.29 25.74
C THR A 43 -7.56 -5.16 25.76
N ASN A 44 -7.29 -4.58 24.60
CA ASN A 44 -6.34 -3.48 24.50
C ASN A 44 -7.06 -2.14 24.39
N LYS A 45 -6.29 -1.08 24.17
CA LYS A 45 -6.85 0.26 24.06
C LYS A 45 -6.20 1.03 22.92
N LYS A 46 -4.86 1.00 22.88
CA LYS A 46 -4.11 1.70 21.84
C LYS A 46 -4.49 1.17 20.45
N LEU A 47 -4.82 -0.11 20.39
CA LEU A 47 -5.20 -0.74 19.13
C LEU A 47 -6.63 -0.36 18.73
N ALA A 48 -7.49 -0.23 19.73
CA ALA A 48 -8.89 0.13 19.48
C ALA A 48 -9.02 1.61 19.18
N LYS A 49 -8.12 2.42 19.74
CA LYS A 49 -8.14 3.85 19.53
C LYS A 49 -7.42 4.23 18.23
N MET A 50 -6.48 3.39 17.81
CA MET A 50 -5.71 3.63 16.60
C MET A 50 -6.49 3.15 15.37
N ILE A 51 -6.68 1.84 15.28
CA ILE A 51 -7.41 1.25 14.15
C ILE A 51 -8.54 0.36 14.62
N GLY A 52 -9.25 0.80 15.66
CA GLY A 52 -10.35 0.02 16.19
C GLY A 52 -11.66 0.29 15.47
N HIS A 53 -11.79 1.51 14.94
CA HIS A 53 -13.00 1.89 14.22
C HIS A 53 -13.04 1.23 12.84
N ILE A 54 -11.87 1.01 12.25
CA ILE A 54 -11.77 0.39 10.94
C ILE A 54 -11.99 -1.12 11.03
N PHE A 55 -11.59 -1.71 12.15
CA PHE A 55 -11.75 -3.14 12.36
C PHE A 55 -13.21 -3.55 12.29
N GLU A 56 -14.07 -2.79 12.98
CA GLU A 56 -15.50 -3.07 13.00
C GLU A 56 -16.16 -2.58 11.72
N MET A 57 -15.56 -1.58 11.08
CA MET A 57 -16.10 -1.01 9.85
C MET A 57 -16.33 -2.10 8.80
N ASN A 58 -17.24 -1.82 7.87
CA ASN A 58 -17.54 -2.77 6.81
C ASN A 58 -16.65 -2.56 5.60
N ASP A 59 -16.79 -3.43 4.61
CA ASP A 59 -15.98 -3.34 3.40
C ASP A 59 -16.63 -2.39 2.38
N ASP A 60 -17.95 -2.41 2.33
CA ASP A 60 -18.69 -1.55 1.42
C ASP A 60 -18.39 -0.07 1.69
N ASP A 61 -18.03 0.24 2.92
CA ASP A 61 -17.71 1.61 3.30
C ASP A 61 -16.59 2.18 2.44
N PRO A 62 -16.86 3.26 1.68
CA PRO A 62 -15.86 3.88 0.81
C PRO A 62 -14.77 4.61 1.61
N HIS A 63 -15.15 5.12 2.78
CA HIS A 63 -14.21 5.85 3.63
C HIS A 63 -13.08 4.93 4.10
N LYS A 64 -13.34 3.62 4.12
CA LYS A 64 -12.33 2.66 4.54
C LYS A 64 -11.04 2.81 3.74
N GLU A 65 -11.18 2.98 2.42
CA GLU A 65 -10.03 3.13 1.55
C GLU A 65 -9.20 4.35 1.95
N GLU A 66 -9.86 5.35 2.51
CA GLU A 66 -9.19 6.57 2.93
C GLU A 66 -8.45 6.36 4.26
N GLU A 67 -9.06 5.56 5.14
CA GLU A 67 -8.46 5.28 6.44
C GLU A 67 -7.27 4.33 6.30
N ILE A 68 -7.43 3.32 5.44
CA ILE A 68 -6.36 2.35 5.21
C ILE A 68 -5.15 3.00 4.57
N ARG A 69 -5.38 3.73 3.49
CA ARG A 69 -4.30 4.41 2.77
C ARG A 69 -3.60 5.41 3.68
N LYS A 70 -4.36 6.03 4.57
CA LYS A 70 -3.80 7.01 5.50
C LYS A 70 -2.86 6.35 6.50
N TYR A 71 -3.29 5.20 7.02
CA TYR A 71 -2.49 4.45 7.99
C TYR A 71 -1.36 3.68 7.30
N SER A 72 -1.50 3.47 6.00
CA SER A 72 -0.49 2.74 5.23
C SER A 72 0.47 3.71 4.54
N ALA A 73 0.82 4.78 5.24
CA ALA A 73 1.74 5.79 4.70
C ALA A 73 3.13 5.63 5.28
N ILE A 74 3.82 4.57 4.88
CA ILE A 74 5.17 4.30 5.37
C ILE A 74 6.20 5.19 4.67
N TYR A 75 6.03 5.38 3.37
CA TYR A 75 6.93 6.21 2.59
C TYR A 75 6.35 7.60 2.36
N GLY A 76 5.06 7.65 2.06
CA GLY A 76 4.40 8.92 1.83
C GLY A 76 4.03 9.63 3.12
N ARG A 77 2.89 10.31 3.11
CA ARG A 77 2.42 11.04 4.28
C ARG A 77 0.91 11.22 4.24
N PHE A 78 0.34 11.69 5.35
CA PHE A 78 -1.10 11.90 5.44
C PHE A 78 -1.57 12.87 4.35
N ASP A 79 -0.70 13.78 3.95
CA ASP A 79 -1.03 14.76 2.93
C ASP A 79 -0.99 14.12 1.55
N SER A 80 -2.16 13.92 0.95
CA SER A 80 -2.25 13.32 -0.38
C SER A 80 -2.99 14.24 -1.34
N LYS A 81 -2.85 15.54 -1.13
CA LYS A 81 -3.51 16.53 -1.98
C LYS A 81 -2.56 17.03 -3.07
N ARG A 82 -1.28 17.11 -2.72
CA ARG A 82 -0.26 17.58 -3.67
C ARG A 82 1.08 16.90 -3.40
N LYS A 83 1.67 16.34 -4.45
CA LYS A 83 2.95 15.65 -4.33
C LYS A 83 3.99 16.29 -5.26
N ASP A 84 4.95 16.98 -4.66
CA ASP A 84 6.01 17.63 -5.43
C ASP A 84 7.36 16.97 -5.17
N GLY A 85 7.69 16.80 -3.90
CA GLY A 85 8.95 16.18 -3.53
C GLY A 85 9.30 16.37 -2.06
N LYS A 86 8.50 15.76 -1.19
CA LYS A 86 8.72 15.87 0.25
C LYS A 86 9.37 14.60 0.79
N HIS A 87 9.04 13.47 0.17
CA HIS A 87 9.59 12.19 0.60
C HIS A 87 9.60 11.19 -0.57
N LEU A 88 8.46 11.06 -1.23
CA LEU A 88 8.33 10.14 -2.36
C LEU A 88 8.99 10.72 -3.61
N THR A 89 9.23 9.86 -4.59
CA THR A 89 9.84 10.30 -5.84
C THR A 89 9.51 9.34 -6.98
N LEU A 90 9.71 8.04 -6.73
CA LEU A 90 9.41 7.03 -7.74
C LEU A 90 9.27 5.65 -7.09
N HIS A 91 10.39 5.09 -6.66
CA HIS A 91 10.38 3.77 -6.02
C HIS A 91 9.61 3.80 -4.71
N GLU A 92 9.62 4.95 -4.04
CA GLU A 92 8.91 5.10 -2.78
C GLU A 92 7.40 5.06 -2.98
N LEU A 93 6.95 5.50 -4.15
CA LEU A 93 5.53 5.51 -4.47
C LEU A 93 5.02 4.09 -4.72
N THR A 94 5.85 3.27 -5.35
CA THR A 94 5.48 1.89 -5.66
C THR A 94 5.24 1.10 -4.37
N VAL A 95 5.91 1.48 -3.30
CA VAL A 95 5.77 0.80 -2.02
C VAL A 95 4.60 1.38 -1.22
N ASN A 96 4.47 2.70 -1.23
CA ASN A 96 3.40 3.37 -0.52
C ASN A 96 2.03 2.91 -1.02
N GLU A 97 1.94 2.64 -2.31
CA GLU A 97 0.69 2.20 -2.93
C GLU A 97 0.52 0.69 -2.78
N ALA A 98 1.64 -0.03 -2.76
CA ALA A 98 1.61 -1.48 -2.65
C ALA A 98 1.19 -1.91 -1.25
N ALA A 99 1.75 -1.26 -0.23
CA ALA A 99 1.42 -1.58 1.15
C ALA A 99 -0.06 -1.39 1.43
N ALA A 100 -0.68 -0.45 0.72
CA ALA A 100 -2.10 -0.18 0.89
C ALA A 100 -2.96 -1.32 0.35
N GLN A 101 -2.64 -1.77 -0.86
CA GLN A 101 -3.39 -2.85 -1.48
C GLN A 101 -3.34 -4.12 -0.63
N LEU A 102 -2.24 -4.29 0.10
CA LEU A 102 -2.07 -5.45 0.96
C LEU A 102 -2.81 -5.27 2.28
N CYS A 103 -2.90 -4.04 2.75
CA CYS A 103 -3.58 -3.72 4.00
C CYS A 103 -5.08 -3.90 3.86
N VAL A 104 -5.61 -3.58 2.68
CA VAL A 104 -7.03 -3.71 2.42
C VAL A 104 -7.49 -5.17 2.51
N LYS A 105 -6.79 -6.03 1.79
CA LYS A 105 -7.12 -7.45 1.77
C LYS A 105 -7.03 -8.04 3.19
N ASP A 106 -6.13 -7.50 3.99
CA ASP A 106 -5.93 -7.96 5.36
C ASP A 106 -5.81 -6.78 6.32
N ASN A 107 -6.83 -6.59 7.15
CA ASN A 107 -6.84 -5.51 8.12
C ASN A 107 -5.77 -5.72 9.19
N ALA A 108 -5.43 -6.98 9.45
CA ALA A 108 -4.43 -7.32 10.46
C ALA A 108 -3.06 -6.74 10.08
N LEU A 109 -2.83 -6.57 8.79
CA LEU A 109 -1.56 -6.02 8.31
C LEU A 109 -1.29 -4.65 8.90
N LEU A 110 -2.37 -3.92 9.25
CA LEU A 110 -2.24 -2.60 9.82
C LEU A 110 -1.38 -2.62 11.08
N THR A 111 -1.54 -3.67 11.88
CA THR A 111 -0.78 -3.82 13.11
C THR A 111 0.64 -4.32 12.82
N ARG A 112 0.77 -5.11 11.76
CA ARG A 112 2.07 -5.64 11.37
C ARG A 112 2.84 -4.65 10.51
N ARG A 113 4.04 -4.28 10.95
CA ARG A 113 4.87 -3.33 10.22
C ARG A 113 5.94 -4.05 9.41
N ASP A 114 6.76 -4.85 10.08
CA ASP A 114 7.83 -5.59 9.43
C ASP A 114 7.27 -6.51 8.34
N GLU A 115 6.04 -6.97 8.53
CA GLU A 115 5.39 -7.85 7.57
C GLU A 115 4.97 -7.08 6.32
N LEU A 116 4.15 -6.05 6.52
CA LEU A 116 3.67 -5.24 5.41
C LEU A 116 4.81 -4.62 4.63
N PHE A 117 5.93 -4.38 5.31
CA PHE A 117 7.10 -3.78 4.69
C PHE A 117 7.80 -4.79 3.77
N ALA A 118 7.65 -6.07 4.08
CA ALA A 118 8.27 -7.13 3.29
C ALA A 118 7.41 -7.51 2.08
N LEU A 119 6.14 -7.12 2.12
CA LEU A 119 5.23 -7.44 1.03
C LEU A 119 5.23 -6.34 -0.03
N ALA A 120 4.88 -5.13 0.36
CA ALA A 120 4.85 -3.99 -0.56
C ALA A 120 6.19 -3.81 -1.26
N ARG A 121 7.26 -4.25 -0.62
CA ARG A 121 8.59 -4.13 -1.19
C ARG A 121 8.85 -5.20 -2.24
N GLN A 122 8.18 -6.34 -2.11
CA GLN A 122 8.34 -7.45 -3.04
C GLN A 122 7.87 -7.06 -4.43
N ILE A 123 6.83 -6.23 -4.50
CA ILE A 123 6.28 -5.79 -5.77
C ILE A 123 7.08 -4.63 -6.35
N SER A 124 7.66 -3.82 -5.47
CA SER A 124 8.46 -2.67 -5.90
C SER A 124 9.66 -3.11 -6.72
N ARG A 125 10.12 -4.34 -6.49
CA ARG A 125 11.28 -4.87 -7.21
C ARG A 125 10.88 -5.37 -8.60
N GLU A 126 9.65 -5.85 -8.71
CA GLU A 126 9.15 -6.37 -9.98
C GLU A 126 8.63 -5.24 -10.87
N VAL A 127 7.94 -4.27 -10.26
CA VAL A 127 7.39 -3.15 -11.00
C VAL A 127 8.49 -2.30 -11.63
N THR A 128 9.66 -2.31 -11.00
CA THR A 128 10.80 -1.54 -11.50
C THR A 128 11.43 -2.23 -12.71
N TYR A 129 11.52 -3.55 -12.66
CA TYR A 129 12.10 -4.33 -13.75
C TYR A 129 11.34 -4.11 -15.05
N LYS A 130 10.12 -4.61 -15.11
CA LYS A 130 9.29 -4.47 -16.29
C LYS A 130 8.74 -3.05 -16.42
N TYR A 131 9.32 -2.28 -17.34
CA TYR A 131 8.90 -0.90 -17.55
C TYR A 131 9.20 -0.46 -18.98
N THR A 132 10.41 -0.74 -19.44
CA THR A 132 10.82 -0.37 -20.79
C THR A 132 10.74 -1.56 -21.74
N TYR A 133 11.16 -1.35 -22.98
CA TYR A 133 11.14 -2.41 -23.98
C TYR A 133 12.38 -2.35 -24.87
N ARG A 134 13.50 -1.88 -24.29
CA ARG A 134 14.74 -1.77 -25.03
C ARG A 134 15.78 -2.75 -24.48
N THR A 135 15.75 -2.97 -23.18
CA THR A 135 16.70 -3.88 -22.53
C THR A 135 16.10 -5.28 -22.42
N THR A 136 14.81 -5.35 -22.10
CA THR A 136 14.11 -6.63 -21.96
C THR A 136 13.32 -6.96 -23.22
N SER A 137 13.95 -7.68 -24.14
CA SER A 137 13.28 -8.05 -25.39
C SER A 137 13.50 -9.53 -25.69
N GLY A 138 14.75 -9.88 -26.02
CA GLY A 138 15.07 -11.28 -26.32
C GLY A 138 16.22 -11.80 -25.49
N PRO A 139 17.00 -12.76 -26.02
CA PRO A 139 18.14 -13.34 -25.31
C PRO A 139 19.29 -12.35 -25.16
N SER A 140 20.45 -12.85 -24.74
CA SER A 140 21.62 -12.02 -24.55
C SER A 140 22.56 -12.11 -25.76
N SER A 141 23.20 -11.01 -26.10
CA SER A 141 24.11 -10.96 -27.23
C SER A 141 25.42 -10.28 -26.85
N GLY A 142 25.81 -10.41 -25.58
CA GLY A 142 27.04 -9.81 -25.12
C GLY A 142 27.81 -10.70 -24.17
N GLY A 1 11.58 14.63 -3.35
CA GLY A 1 10.88 15.93 -3.23
C GLY A 1 11.04 16.79 -4.47
N SER A 2 9.93 17.09 -5.13
CA SER A 2 9.95 17.90 -6.33
C SER A 2 8.55 18.42 -6.67
N SER A 3 8.44 19.72 -6.87
CA SER A 3 7.16 20.35 -7.20
C SER A 3 7.36 21.59 -8.05
N GLY A 4 6.36 21.90 -8.88
CA GLY A 4 6.46 23.06 -9.75
C GLY A 4 5.85 22.82 -11.11
N SER A 5 6.07 21.64 -11.66
CA SER A 5 5.54 21.28 -12.97
C SER A 5 4.76 19.97 -12.91
N SER A 6 4.07 19.74 -11.79
CA SER A 6 3.29 18.52 -11.60
C SER A 6 4.19 17.30 -11.66
N GLY A 7 3.59 16.13 -11.44
CA GLY A 7 4.36 14.89 -11.47
C GLY A 7 4.50 14.27 -10.10
N GLU A 8 3.42 13.64 -9.62
CA GLU A 8 3.43 13.00 -8.30
C GLU A 8 2.82 11.61 -8.38
N ALA A 9 3.03 10.82 -7.33
CA ALA A 9 2.50 9.46 -7.27
C ALA A 9 3.05 8.61 -8.40
N LEU A 10 2.85 7.30 -8.31
CA LEU A 10 3.32 6.38 -9.33
C LEU A 10 2.56 6.57 -10.63
N ASP A 11 2.82 5.69 -11.60
CA ASP A 11 2.16 5.76 -12.90
C ASP A 11 1.02 4.75 -12.99
N ALA A 12 0.44 4.62 -14.18
CA ALA A 12 -0.65 3.69 -14.39
C ALA A 12 -0.17 2.25 -14.35
N ALA A 13 0.85 1.95 -15.15
CA ALA A 13 1.41 0.60 -15.21
C ALA A 13 1.94 0.17 -13.84
N ALA A 14 2.55 1.11 -13.12
CA ALA A 14 3.10 0.83 -11.80
C ALA A 14 2.01 0.43 -10.82
N ALA A 15 0.90 1.16 -10.86
CA ALA A 15 -0.23 0.88 -9.98
C ALA A 15 -0.90 -0.44 -10.34
N LEU A 16 -1.07 -0.67 -11.63
CA LEU A 16 -1.71 -1.90 -12.11
C LEU A 16 -0.85 -3.12 -11.78
N SER A 17 0.46 -2.92 -11.75
CA SER A 17 1.39 -4.01 -11.44
C SER A 17 1.22 -4.48 -10.00
N VAL A 18 0.83 -3.56 -9.12
CA VAL A 18 0.64 -3.87 -7.71
C VAL A 18 -0.66 -4.64 -7.50
N ALA A 19 -1.67 -4.32 -8.30
CA ALA A 19 -2.97 -4.98 -8.19
C ALA A 19 -2.91 -6.39 -8.77
N GLU A 20 -2.06 -6.58 -9.77
CA GLU A 20 -1.90 -7.89 -10.41
C GLU A 20 -1.06 -8.83 -9.54
N CYS A 21 -0.13 -8.26 -8.78
CA CYS A 21 0.73 -9.04 -7.91
C CYS A 21 0.01 -9.41 -6.62
N VAL A 22 -0.62 -8.42 -5.99
CA VAL A 22 -1.34 -8.64 -4.74
C VAL A 22 -2.39 -9.73 -4.90
N GLU A 23 -3.10 -9.71 -6.01
CA GLU A 23 -4.15 -10.69 -6.29
C GLU A 23 -3.55 -12.08 -6.45
N ARG A 24 -2.25 -12.16 -6.70
CA ARG A 24 -1.57 -13.44 -6.88
C ARG A 24 -1.02 -13.96 -5.56
N MET A 25 -0.63 -13.05 -4.68
CA MET A 25 -0.09 -13.42 -3.37
C MET A 25 -1.19 -13.55 -2.33
N ALA A 26 -2.26 -12.78 -2.52
CA ALA A 26 -3.39 -12.81 -1.59
C ALA A 26 -3.96 -14.22 -1.45
N PRO A 27 -4.29 -14.87 -2.57
CA PRO A 27 -4.84 -16.23 -2.56
C PRO A 27 -3.94 -17.22 -1.84
N THR A 28 -2.63 -16.97 -1.91
CA THR A 28 -1.66 -17.84 -1.26
C THR A 28 -1.46 -17.47 0.21
N LEU A 29 -1.69 -16.20 0.52
CA LEU A 29 -1.54 -15.71 1.89
C LEU A 29 -2.43 -16.50 2.85
N PRO A 30 -1.82 -17.15 3.86
CA PRO A 30 -2.57 -17.95 4.84
C PRO A 30 -3.70 -17.15 5.49
N LYS A 31 -4.41 -17.78 6.41
CA LYS A 31 -5.52 -17.13 7.11
C LYS A 31 -5.11 -16.70 8.51
N SER A 32 -5.76 -15.66 9.01
CA SER A 32 -5.46 -15.14 10.35
C SER A 32 -6.68 -15.24 11.26
N ASP A 33 -6.46 -15.05 12.55
CA ASP A 33 -7.53 -15.12 13.53
C ASP A 33 -7.97 -13.73 13.96
N LEU A 34 -9.14 -13.32 13.48
CA LEU A 34 -9.69 -12.00 13.81
C LEU A 34 -9.94 -11.87 15.32
N ASN A 35 -10.22 -13.00 15.96
CA ASN A 35 -10.48 -13.01 17.39
C ASN A 35 -9.29 -12.46 18.17
N GLU A 36 -8.09 -12.65 17.62
CA GLU A 36 -6.87 -12.18 18.27
C GLU A 36 -6.81 -10.65 18.25
N VAL A 37 -6.78 -10.08 17.04
CA VAL A 37 -6.71 -8.64 16.89
C VAL A 37 -7.89 -7.95 17.55
N LYS A 38 -9.03 -8.65 17.61
CA LYS A 38 -10.24 -8.12 18.22
C LYS A 38 -10.01 -7.79 19.69
N GLU A 39 -9.43 -8.75 20.42
CA GLU A 39 -9.16 -8.56 21.84
C GLU A 39 -8.04 -7.53 22.06
N LEU A 40 -7.13 -7.45 21.10
CA LEU A 40 -6.02 -6.50 21.19
C LEU A 40 -6.52 -5.07 21.31
N LEU A 41 -7.68 -4.80 20.72
CA LEU A 41 -8.27 -3.47 20.76
C LEU A 41 -8.72 -3.11 22.18
N LYS A 42 -9.36 -4.05 22.84
CA LYS A 42 -9.84 -3.84 24.20
C LYS A 42 -8.70 -3.53 25.15
N THR A 43 -7.51 -4.05 24.82
CA THR A 43 -6.33 -3.82 25.64
C THR A 43 -5.60 -2.55 25.22
N ASN A 44 -5.63 -2.25 23.93
CA ASN A 44 -4.97 -1.06 23.39
C ASN A 44 -5.99 -0.08 22.83
N LYS A 45 -6.27 0.98 23.59
CA LYS A 45 -7.23 1.99 23.17
C LYS A 45 -6.71 2.77 21.96
N LYS A 46 -5.39 2.95 21.90
CA LYS A 46 -4.77 3.67 20.80
C LYS A 46 -4.95 2.92 19.49
N LEU A 47 -4.57 1.64 19.48
CA LEU A 47 -4.69 0.81 18.29
C LEU A 47 -6.15 0.70 17.85
N ALA A 48 -7.06 0.69 18.83
CA ALA A 48 -8.49 0.59 18.55
C ALA A 48 -9.02 1.89 17.95
N LYS A 49 -8.40 3.01 18.32
CA LYS A 49 -8.80 4.31 17.81
C LYS A 49 -8.11 4.62 16.49
N MET A 50 -6.92 4.09 16.31
CA MET A 50 -6.15 4.33 15.09
C MET A 50 -6.67 3.46 13.95
N ILE A 51 -6.46 2.15 14.06
CA ILE A 51 -6.91 1.22 13.03
C ILE A 51 -7.85 0.16 13.62
N GLY A 52 -8.74 0.60 14.50
CA GLY A 52 -9.69 -0.30 15.11
C GLY A 52 -11.09 -0.17 14.55
N HIS A 53 -11.49 1.06 14.26
CA HIS A 53 -12.81 1.32 13.71
C HIS A 53 -12.95 0.71 12.31
N ILE A 54 -11.83 0.58 11.61
CA ILE A 54 -11.83 0.01 10.27
C ILE A 54 -12.15 -1.48 10.31
N PHE A 55 -11.75 -2.13 11.39
CA PHE A 55 -11.99 -3.56 11.56
C PHE A 55 -13.49 -3.87 11.50
N GLU A 56 -14.25 -3.24 12.38
CA GLU A 56 -15.70 -3.45 12.42
C GLU A 56 -16.35 -3.01 11.13
N MET A 57 -15.72 -2.06 10.44
CA MET A 57 -16.25 -1.55 9.18
C MET A 57 -16.44 -2.68 8.17
N ASN A 58 -17.36 -2.47 7.23
CA ASN A 58 -17.65 -3.47 6.20
C ASN A 58 -16.52 -3.53 5.18
N ASP A 59 -16.51 -4.59 4.38
CA ASP A 59 -15.49 -4.78 3.36
C ASP A 59 -15.97 -4.24 2.01
N ASP A 60 -17.27 -4.30 1.78
CA ASP A 60 -17.86 -3.82 0.54
C ASP A 60 -18.27 -2.36 0.66
N ASP A 61 -17.36 -1.53 1.14
CA ASP A 61 -17.63 -0.10 1.31
C ASP A 61 -16.55 0.74 0.62
N PRO A 62 -16.94 1.86 -0.02
CA PRO A 62 -16.00 2.75 -0.70
C PRO A 62 -15.12 3.53 0.27
N HIS A 63 -15.72 3.99 1.36
CA HIS A 63 -14.99 4.75 2.37
C HIS A 63 -13.86 3.92 2.98
N LYS A 64 -14.04 2.60 2.99
CA LYS A 64 -13.04 1.71 3.55
C LYS A 64 -11.70 1.87 2.83
N GLU A 65 -11.77 2.10 1.52
CA GLU A 65 -10.57 2.27 0.71
C GLU A 65 -9.81 3.53 1.13
N GLU A 66 -10.55 4.61 1.35
CA GLU A 66 -9.95 5.87 1.76
C GLU A 66 -9.41 5.79 3.18
N GLU A 67 -10.05 4.98 4.01
CA GLU A 67 -9.64 4.81 5.40
C GLU A 67 -8.32 4.05 5.48
N ILE A 68 -8.22 2.96 4.73
CA ILE A 68 -7.01 2.13 4.72
C ILE A 68 -5.88 2.84 3.96
N ARG A 69 -6.25 3.61 2.94
CA ARG A 69 -5.26 4.33 2.14
C ARG A 69 -4.56 5.40 2.98
N LYS A 70 -5.29 5.95 3.95
CA LYS A 70 -4.74 6.99 4.82
C LYS A 70 -3.77 6.39 5.82
N TYR A 71 -4.08 5.20 6.32
CA TYR A 71 -3.22 4.53 7.29
C TYR A 71 -2.14 3.73 6.60
N SER A 72 -2.43 3.26 5.39
CA SER A 72 -1.47 2.47 4.63
C SER A 72 -0.29 3.33 4.20
N ALA A 73 0.60 3.63 5.15
CA ALA A 73 1.77 4.44 4.88
C ALA A 73 2.94 4.04 5.78
N ILE A 74 3.87 3.27 5.22
CA ILE A 74 5.04 2.82 5.97
C ILE A 74 6.28 3.63 5.62
N TYR A 75 6.07 4.79 4.99
CA TYR A 75 7.18 5.65 4.60
C TYR A 75 6.78 7.12 4.67
N GLY A 76 7.42 7.86 5.57
CA GLY A 76 7.11 9.27 5.71
C GLY A 76 6.01 9.52 6.72
N ARG A 77 5.87 10.77 7.15
CA ARG A 77 4.84 11.14 8.13
C ARG A 77 3.68 11.86 7.45
N PHE A 78 2.70 12.25 8.24
CA PHE A 78 1.53 12.96 7.72
C PHE A 78 1.32 14.29 8.44
N ASP A 79 2.42 14.91 8.85
CA ASP A 79 2.36 16.18 9.56
C ASP A 79 3.75 16.80 9.68
N SER A 80 3.79 18.06 10.11
CA SER A 80 5.06 18.76 10.28
C SER A 80 5.58 18.63 11.70
N LYS A 81 6.82 18.17 11.83
CA LYS A 81 7.43 18.01 13.15
C LYS A 81 8.34 19.19 13.48
N ARG A 82 8.97 19.74 12.46
CA ARG A 82 9.87 20.89 12.65
C ARG A 82 9.86 21.79 11.42
N LYS A 83 10.11 21.20 10.25
CA LYS A 83 10.12 21.96 9.00
C LYS A 83 9.36 21.21 7.91
N ASP A 84 9.90 20.07 7.49
CA ASP A 84 9.27 19.26 6.45
C ASP A 84 9.56 17.79 6.67
N GLY A 85 8.66 16.93 6.16
CA GLY A 85 8.84 15.50 6.31
C GLY A 85 8.39 14.73 5.08
N LYS A 86 8.57 15.34 3.90
CA LYS A 86 8.19 14.70 2.65
C LYS A 86 9.40 14.44 1.78
N HIS A 87 10.13 13.37 2.08
CA HIS A 87 11.31 13.01 1.33
C HIS A 87 11.19 11.61 0.73
N LEU A 88 10.01 11.32 0.18
CA LEU A 88 9.76 10.01 -0.42
C LEU A 88 10.53 9.86 -1.73
N THR A 89 11.50 8.95 -1.73
CA THR A 89 12.31 8.70 -2.92
C THR A 89 11.50 7.97 -3.98
N LEU A 90 12.19 7.50 -5.02
CA LEU A 90 11.53 6.78 -6.11
C LEU A 90 11.10 5.39 -5.66
N HIS A 91 11.86 4.81 -4.74
CA HIS A 91 11.55 3.48 -4.23
C HIS A 91 10.54 3.55 -3.08
N GLU A 92 10.73 4.54 -2.22
CA GLU A 92 9.84 4.73 -1.08
C GLU A 92 8.41 5.03 -1.54
N LEU A 93 8.28 5.68 -2.70
CA LEU A 93 6.98 6.01 -3.25
C LEU A 93 6.19 4.75 -3.61
N THR A 94 6.90 3.75 -4.15
CA THR A 94 6.27 2.50 -4.53
C THR A 94 5.93 1.65 -3.30
N VAL A 95 6.78 1.74 -2.28
CA VAL A 95 6.57 0.99 -1.06
C VAL A 95 5.24 1.37 -0.39
N ASN A 96 4.92 2.65 -0.44
CA ASN A 96 3.68 3.15 0.15
C ASN A 96 2.46 2.52 -0.53
N GLU A 97 2.34 2.75 -1.84
CA GLU A 97 1.22 2.21 -2.61
C GLU A 97 1.32 0.69 -2.72
N ALA A 98 2.54 0.16 -2.60
CA ALA A 98 2.76 -1.28 -2.68
C ALA A 98 1.95 -2.02 -1.63
N ALA A 99 2.03 -1.55 -0.38
CA ALA A 99 1.32 -2.17 0.72
C ALA A 99 0.03 -1.41 1.04
N ALA A 100 -0.61 -0.88 0.01
CA ALA A 100 -1.85 -0.13 0.19
C ALA A 100 -3.06 -1.01 -0.11
N GLN A 101 -2.97 -1.81 -1.15
CA GLN A 101 -4.06 -2.70 -1.54
C GLN A 101 -4.04 -3.97 -0.70
N LEU A 102 -2.85 -4.40 -0.29
CA LEU A 102 -2.70 -5.60 0.51
C LEU A 102 -3.46 -5.47 1.82
N CYS A 103 -3.54 -4.25 2.35
CA CYS A 103 -4.24 -4.00 3.60
C CYS A 103 -5.76 -4.06 3.40
N VAL A 104 -6.20 -3.65 2.22
CA VAL A 104 -7.62 -3.65 1.90
C VAL A 104 -8.19 -5.07 1.94
N LYS A 105 -7.61 -5.96 1.14
CA LYS A 105 -8.06 -7.34 1.09
C LYS A 105 -7.95 -8.00 2.46
N ASP A 106 -6.93 -7.60 3.22
CA ASP A 106 -6.71 -8.15 4.55
C ASP A 106 -6.62 -7.03 5.59
N ASN A 107 -7.71 -6.84 6.33
CA ASN A 107 -7.75 -5.80 7.35
C ASN A 107 -6.79 -6.11 8.49
N ALA A 108 -6.55 -7.41 8.72
CA ALA A 108 -5.63 -7.84 9.77
C ALA A 108 -4.20 -7.39 9.49
N LEU A 109 -3.87 -7.28 8.20
CA LEU A 109 -2.53 -6.87 7.79
C LEU A 109 -2.21 -5.47 8.33
N LEU A 110 -3.24 -4.67 8.55
CA LEU A 110 -3.07 -3.31 9.06
C LEU A 110 -2.27 -3.32 10.35
N THR A 111 -2.53 -4.30 11.21
CA THR A 111 -1.84 -4.43 12.49
C THR A 111 -0.46 -5.04 12.29
N ARG A 112 -0.34 -5.91 11.30
CA ARG A 112 0.93 -6.58 11.01
C ARG A 112 1.90 -5.61 10.31
N ARG A 113 2.86 -5.10 11.06
CA ARG A 113 3.84 -4.17 10.51
C ARG A 113 5.03 -4.91 9.92
N ASP A 114 5.28 -6.12 10.42
CA ASP A 114 6.39 -6.93 9.94
C ASP A 114 6.01 -7.72 8.69
N GLU A 115 4.73 -8.12 8.62
CA GLU A 115 4.24 -8.88 7.48
C GLU A 115 4.03 -7.98 6.26
N LEU A 116 3.56 -6.76 6.52
CA LEU A 116 3.30 -5.80 5.44
C LEU A 116 4.61 -5.24 4.90
N PHE A 117 5.63 -5.17 5.75
CA PHE A 117 6.93 -4.64 5.35
C PHE A 117 7.61 -5.58 4.35
N ALA A 118 7.55 -6.87 4.62
CA ALA A 118 8.17 -7.87 3.74
C ALA A 118 7.47 -7.91 2.38
N LEU A 119 6.15 -8.01 2.41
CA LEU A 119 5.36 -8.06 1.18
C LEU A 119 5.51 -6.77 0.37
N ALA A 120 5.56 -5.65 1.09
CA ALA A 120 5.69 -4.35 0.45
C ALA A 120 6.97 -4.26 -0.38
N ARG A 121 8.11 -4.50 0.29
CA ARG A 121 9.40 -4.45 -0.38
C ARG A 121 9.48 -5.48 -1.51
N GLN A 122 8.75 -6.58 -1.36
CA GLN A 122 8.73 -7.63 -2.36
C GLN A 122 8.27 -7.10 -3.72
N ILE A 123 7.13 -6.41 -3.71
CA ILE A 123 6.58 -5.85 -4.93
C ILE A 123 7.31 -4.58 -5.34
N SER A 124 7.81 -3.85 -4.36
CA SER A 124 8.53 -2.60 -4.62
C SER A 124 9.71 -2.84 -5.55
N ARG A 125 10.58 -3.78 -5.18
CA ARG A 125 11.75 -4.11 -6.00
C ARG A 125 11.33 -4.58 -7.39
N GLU A 126 10.16 -5.19 -7.49
CA GLU A 126 9.65 -5.69 -8.76
C GLU A 126 9.20 -4.54 -9.66
N VAL A 127 8.35 -3.68 -9.12
CA VAL A 127 7.84 -2.54 -9.87
C VAL A 127 8.98 -1.65 -10.36
N THR A 128 10.01 -1.51 -9.53
CA THR A 128 11.16 -0.68 -9.87
C THR A 128 12.07 -1.39 -10.87
N TYR A 129 12.36 -2.66 -10.60
CA TYR A 129 13.22 -3.44 -11.48
C TYR A 129 12.56 -3.67 -12.83
N LYS A 130 11.48 -4.44 -12.84
CA LYS A 130 10.76 -4.74 -14.08
C LYS A 130 9.73 -3.65 -14.38
N TYR A 131 9.58 -3.34 -15.66
CA TYR A 131 8.63 -2.31 -16.09
C TYR A 131 8.13 -2.59 -17.50
N THR A 132 7.39 -1.64 -18.06
CA THR A 132 6.84 -1.78 -19.41
C THR A 132 7.95 -1.72 -20.45
N TYR A 133 7.65 -2.15 -21.67
CA TYR A 133 8.62 -2.15 -22.75
C TYR A 133 8.47 -0.89 -23.61
N ARG A 134 9.08 0.20 -23.16
CA ARG A 134 9.01 1.46 -23.89
C ARG A 134 9.81 1.38 -25.18
N THR A 135 9.88 2.50 -25.90
CA THR A 135 10.60 2.57 -27.16
C THR A 135 12.02 3.10 -26.95
N THR A 136 12.12 4.37 -26.58
CA THR A 136 13.42 5.00 -26.35
C THR A 136 14.05 4.47 -25.07
N SER A 137 15.36 4.63 -24.95
CA SER A 137 16.09 4.17 -23.77
C SER A 137 17.52 4.70 -23.77
N GLY A 138 17.83 5.56 -22.81
CA GLY A 138 19.15 6.13 -22.72
C GLY A 138 19.72 6.07 -21.31
N PRO A 139 20.97 6.52 -21.11
CA PRO A 139 21.61 6.52 -19.79
C PRO A 139 20.75 7.18 -18.72
N SER A 140 20.43 6.43 -17.68
CA SER A 140 19.61 6.94 -16.58
C SER A 140 20.10 6.40 -15.24
N SER A 141 21.40 6.21 -15.12
CA SER A 141 21.99 5.70 -13.88
C SER A 141 22.51 6.84 -13.01
N GLY A 142 23.29 7.74 -13.61
CA GLY A 142 23.83 8.86 -12.88
C GLY A 142 23.88 10.12 -13.71
#